data_8GFA
#
_entry.id   8GFA
#
_cell.length_a   1.00
_cell.length_b   1.00
_cell.length_c   1.00
_cell.angle_alpha   90.00
_cell.angle_beta   90.00
_cell.angle_gamma   90.00
#
_symmetry.space_group_name_H-M   'P 1'
#
loop_
_entity.id
_entity.type
_entity.pdbx_description
1 polymer 'Transient receptor potential cation channel subfamily V member 1'
2 non-polymer '(2S)-3-(hexadecanoyloxy)-2-[(9Z)-octadec-9-enoyloxy]propyl 2-(trimethylammonio)ethyl phosphate'
3 non-polymer (2E)-3-(4-chlorophenyl)-N-(3-methoxyphenyl)prop-2-enamide
4 non-polymer "2-[2-[(1~{S},2~{S},4~{S},5'~{R},6~{R},7~{S},8~{R},9~{S},12~{S},13~{R},16~{S})-5',7,9,13-tetramethylspiro[5-oxapentacyclo[10.8.0.0^{2,9}.0^{4,8}.0^{13,18}]icos-18-ene-6,2'-oxane]-16-yl]oxyethyl]propane-1,3-diol"
5 non-polymer 'SODIUM ION'
6 water water
#
_entity_poly.entity_id   1
_entity_poly.type   'polypeptide(L)'
_entity_poly.pdbx_seq_one_letter_code
;MTSKKWSSTDLGAAADPLQKDTCPDPLDGDPNSRPPPAKPQLSTAKSRTRLFGKGDSEEAFPVDCPHEEGELDSCPTITV
SPVITIQRPGDGPTGARLLSQDSVAASTEKTLRLYDRRSIFEAVAQNNCQDLESLLLFLQKSKKHLTDNEFKDPETGKTC
LLKAMLNLHDGQNTTIPLLLEIARQTDSLKELVNASYTDSYYKGQTALHIAIERRNMALVTLLVENGADVQAAAHGDFFK
KTKGRPGFYFGELPLSLAACTNQLGIVKFLLQNSWQTADISARDSVGNTVLHALVEVADNTADNTKFVTSMYNEILMLGA
KLHPTLKLEELTNKKGMTPLALAAGTGKIGVLAYILQREIQEPECRHLSRKFTEWAYGPVHSSLYDLSCIDTCEKNSVLE
VIAYSSSETPNRHDMLLVEPLNRLLQDKWDRFVKRIFYFNFLVYCLYMIIFTMAAYYRPVDGLPPFKMEKTGDYFRVTGE
ILSVLGGVYFFFRGIQYFLQRRPSMKTLFVDSYSEMLFFLQSLFMLATVVLYFSHLKEYVASMVFSLALGWTNMLYYTRG
FQQMGIYAVMIEKMILRDLCRFMFVYIVFLFGFSTAVVTLIEDGKNDSLPSESTSHRWRGPACRPPDSSYNSLYSTCLEL
FKFTIGMGDLEFTENYDFKAVFIILLLAYVILTYILLLNMLIALMGETVNKIAQESKNIWKLQRAITILDTEKSFLKCMR
KAFRSGKLLQVGYTPDGKDDYRWCFRVDEVNWTTWNTNVGIINEDPGNCEGVKRTLSFSLRSSRVSGRHWKNFALVPLLR
EASARDRQSAQPEEVYLRQFSGSLKPEDAEVFKSPAASGEKLVPRGSAAAAVSKGEELFTGVVPILVELDGDVNGHKFSV
SGEGEGDATYGKLTLKFICTTGKLPVPWPTLVTTLTYGVQCFSRYPDHMKQHDFFKSAMPEGYVQERTIFFKDDGNYKTR
AEVKFEGDTLVNRIELKGIDFKEDGNILGHKLEYNYNSHNVYIMADKQKNGIKVNFKIRHNIEDGSVQLADHYQQNTPIG
DGPVLLPDNHYLSTQSKLSKDPNEKRDHMVLLEFVTAAGITLGMDELYKSGLRSWSHPQFEK
;
_entity_poly.pdbx_strand_id   A,B,C,D
#
loop_
_chem_comp.id
_chem_comp.type
_chem_comp.name
_chem_comp.formula
DU0 non-polymer 2-[2-[(1~{S},2~{S},4~{S},5'~{R},6~{R},7~{S},8~{R},9~{S},12~{S},13~{R},16~{S})-5',7,9,13-tetramethylspiro[5-oxapentacyclo[10.8.0.0^{2,9}.0^{4,8}.0^{13,18}]icos-18-ene-6,2'-oxane]-16-yl]oxyethyl]propane-1,3-diol 'C32 H52 O5'
NA non-polymer 'SODIUM ION' 'Na 1'
POV non-polymer '(2S)-3-(hexadecanoyloxy)-2-[(9Z)-octadec-9-enoyloxy]propyl 2-(trimethylammonio)ethyl phosphate' 'C42 H82 N O8 P'
ZEI non-polymer (2E)-3-(4-chlorophenyl)-N-(3-methoxyphenyl)prop-2-enamide 'C16 H14 Cl N O2'
#
# COMPACT_ATOMS: atom_id res chain seq x y z
N TYR A 201 24.50 -41.84 22.80
CA TYR A 201 23.48 -41.35 21.83
C TYR A 201 22.11 -41.38 22.48
N TYR A 202 21.80 -42.53 23.06
CA TYR A 202 20.64 -42.72 23.92
C TYR A 202 21.03 -42.87 25.38
N LYS A 203 22.25 -42.47 25.72
CA LYS A 203 22.87 -42.76 27.01
C LYS A 203 22.04 -42.27 28.19
N GLY A 204 21.54 -43.20 28.99
CA GLY A 204 20.73 -42.92 30.15
C GLY A 204 19.26 -43.25 30.00
N GLN A 205 18.85 -43.80 28.86
CA GLN A 205 17.44 -44.03 28.58
C GLN A 205 16.92 -45.24 29.34
N THR A 206 15.61 -45.23 29.59
CA THR A 206 14.92 -46.32 30.25
C THR A 206 13.66 -46.67 29.47
N ALA A 207 13.16 -47.89 29.72
CA ALA A 207 11.90 -48.31 29.13
C ALA A 207 10.72 -47.53 29.67
N LEU A 208 10.90 -46.84 30.81
CA LEU A 208 9.88 -45.92 31.27
C LEU A 208 9.75 -44.73 30.32
N HIS A 209 10.89 -44.21 29.85
CA HIS A 209 10.86 -43.12 28.90
C HIS A 209 10.15 -43.52 27.63
N ILE A 210 10.32 -44.77 27.21
CA ILE A 210 9.61 -45.31 26.06
C ILE A 210 8.11 -45.11 26.23
N ALA A 211 7.57 -45.58 27.37
CA ALA A 211 6.13 -45.67 27.53
C ALA A 211 5.46 -44.30 27.52
N ILE A 212 6.16 -43.28 28.01
CA ILE A 212 5.58 -41.94 28.04
C ILE A 212 5.45 -41.41 26.63
N GLU A 213 6.43 -41.71 25.79
CA GLU A 213 6.46 -41.22 24.44
C GLU A 213 5.59 -42.05 23.51
N ARG A 214 5.44 -43.36 23.78
CA ARG A 214 4.59 -44.23 22.98
C ARG A 214 3.13 -44.24 23.45
N ARG A 215 2.70 -43.22 24.21
CA ARG A 215 1.28 -43.05 24.54
C ARG A 215 0.76 -44.20 25.38
N ASN A 216 1.52 -44.57 26.41
CA ASN A 216 1.30 -45.83 27.12
C ASN A 216 1.42 -45.58 28.62
N MET A 217 0.33 -45.15 29.24
CA MET A 217 0.30 -45.02 30.70
C MET A 217 0.03 -46.35 31.38
N ALA A 218 -0.61 -47.28 30.68
CA ALA A 218 -0.83 -48.60 31.24
C ALA A 218 0.48 -49.29 31.61
N LEU A 219 1.56 -48.99 30.88
CA LEU A 219 2.85 -49.59 31.14
C LEU A 219 3.79 -48.69 31.94
N VAL A 220 3.52 -47.38 32.01
CA VAL A 220 4.26 -46.54 32.94
C VAL A 220 3.97 -46.98 34.36
N THR A 221 2.69 -47.16 34.68
CA THR A 221 2.32 -47.69 35.99
C THR A 221 2.85 -49.10 36.18
N LEU A 222 3.04 -49.84 35.09
CA LEU A 222 3.62 -51.18 35.18
C LEU A 222 5.09 -51.13 35.56
N LEU A 223 5.83 -50.18 35.00
CA LEU A 223 7.27 -50.16 35.20
C LEU A 223 7.63 -49.56 36.55
N VAL A 224 6.93 -48.50 36.95
CA VAL A 224 7.22 -47.85 38.22
C VAL A 224 6.96 -48.80 39.38
N GLU A 225 5.87 -49.55 39.31
CA GLU A 225 5.49 -50.40 40.43
C GLU A 225 6.47 -51.54 40.62
N ASN A 226 7.04 -52.05 39.54
CA ASN A 226 8.11 -53.03 39.61
C ASN A 226 9.46 -52.41 39.98
N GLY A 227 9.51 -51.11 40.24
CA GLY A 227 10.72 -50.46 40.73
C GLY A 227 11.48 -49.64 39.73
N ALA A 228 10.91 -49.34 38.56
CA ALA A 228 11.58 -48.50 37.59
C ALA A 228 11.75 -47.10 38.17
N ASP A 229 13.00 -46.69 38.35
CA ASP A 229 13.29 -45.37 38.90
C ASP A 229 12.66 -44.26 38.06
N VAL A 230 12.18 -43.23 38.77
CA VAL A 230 11.57 -42.06 38.15
C VAL A 230 12.40 -40.83 38.45
N GLN A 231 13.72 -41.01 38.53
CA GLN A 231 14.69 -39.92 38.58
C GLN A 231 15.71 -40.03 37.47
N ALA A 232 15.51 -40.95 36.53
CA ALA A 232 16.56 -41.33 35.60
C ALA A 232 16.91 -40.17 34.67
N ALA A 233 18.19 -39.96 34.47
CA ALA A 233 18.70 -38.89 33.63
C ALA A 233 19.01 -39.46 32.26
N ALA A 234 18.20 -39.09 31.27
CA ALA A 234 18.50 -39.37 29.86
C ALA A 234 19.58 -38.41 29.38
N HIS A 235 20.80 -38.62 29.89
CA HIS A 235 21.93 -37.74 29.62
C HIS A 235 22.70 -38.23 28.39
N GLY A 236 21.94 -38.41 27.31
CA GLY A 236 22.46 -38.90 26.05
C GLY A 236 22.34 -37.86 24.96
N ASP A 237 23.12 -38.05 23.90
CA ASP A 237 23.32 -37.01 22.91
C ASP A 237 22.01 -36.65 22.21
N PHE A 238 21.18 -37.64 21.92
CA PHE A 238 19.89 -37.38 21.30
C PHE A 238 18.98 -36.58 22.20
N PHE A 239 19.20 -36.63 23.51
CA PHE A 239 18.31 -36.05 24.49
C PHE A 239 18.75 -34.67 24.96
N LYS A 240 19.81 -34.12 24.37
CA LYS A 240 20.29 -32.79 24.70
C LYS A 240 19.72 -31.79 23.72
N LYS A 241 20.13 -30.54 23.88
CA LYS A 241 19.69 -29.45 23.02
C LYS A 241 19.98 -29.78 21.56
N THR A 242 18.98 -29.51 20.71
CA THR A 242 19.08 -29.86 19.30
C THR A 242 20.27 -29.19 18.65
N LYS A 243 20.28 -27.85 18.58
CA LYS A 243 21.37 -27.09 18.00
C LYS A 243 21.71 -27.60 16.60
N GLY A 244 20.66 -27.86 15.82
CA GLY A 244 20.82 -28.38 14.48
C GLY A 244 20.67 -29.89 14.40
N ARG A 245 21.15 -30.61 15.42
CA ARG A 245 21.08 -32.05 15.39
C ARG A 245 19.62 -32.52 15.51
N PRO A 246 19.29 -33.70 14.96
CA PRO A 246 17.91 -34.17 15.03
C PRO A 246 17.56 -34.78 16.38
N GLY A 247 17.14 -33.94 17.33
CA GLY A 247 16.93 -34.36 18.69
C GLY A 247 15.62 -33.84 19.25
N PHE A 248 15.35 -34.23 20.50
CA PHE A 248 14.27 -33.63 21.28
C PHE A 248 14.75 -33.52 22.71
N TYR A 249 14.95 -32.28 23.15
CA TYR A 249 15.22 -32.02 24.55
C TYR A 249 13.90 -31.82 25.28
N PHE A 250 13.80 -32.42 26.46
CA PHE A 250 12.61 -32.33 27.28
C PHE A 250 12.88 -32.05 28.74
N GLY A 251 14.09 -32.31 29.23
CA GLY A 251 14.43 -32.05 30.61
C GLY A 251 15.25 -33.12 31.29
N GLU A 252 15.53 -34.23 30.59
CA GLU A 252 16.44 -35.24 31.11
C GLU A 252 15.89 -35.84 32.40
N LEU A 253 14.57 -36.04 32.44
CA LEU A 253 13.92 -36.57 33.61
C LEU A 253 12.56 -37.08 33.16
N PRO A 254 12.03 -38.17 33.75
CA PRO A 254 10.76 -38.72 33.22
C PRO A 254 9.58 -37.77 33.32
N LEU A 255 9.34 -37.22 34.51
CA LEU A 255 8.31 -36.21 34.71
C LEU A 255 8.42 -35.08 33.70
N SER A 256 9.63 -34.66 33.37
CA SER A 256 9.81 -33.58 32.41
C SER A 256 9.28 -33.95 31.04
N LEU A 257 9.44 -35.22 30.65
CA LEU A 257 8.98 -35.66 29.34
C LEU A 257 7.47 -35.59 29.25
N ALA A 258 6.77 -36.06 30.27
CA ALA A 258 5.32 -36.09 30.24
C ALA A 258 4.73 -34.68 30.20
N ALA A 259 5.41 -33.73 30.82
CA ALA A 259 4.96 -32.35 30.81
C ALA A 259 5.15 -31.73 29.43
N CYS A 260 6.25 -32.07 28.75
CA CYS A 260 6.54 -31.59 27.41
C CYS A 260 5.90 -32.43 26.32
N THR A 261 5.10 -33.42 26.70
CA THR A 261 4.54 -34.37 25.77
C THR A 261 3.02 -34.38 25.81
N ASN A 262 2.41 -33.58 26.70
CA ASN A 262 0.97 -33.41 26.79
C ASN A 262 0.28 -34.74 27.11
N GLN A 263 0.60 -35.27 28.30
CA GLN A 263 -0.27 -36.19 29.01
C GLN A 263 -0.29 -35.68 30.46
N LEU A 264 -1.17 -34.72 30.76
CA LEU A 264 -1.30 -34.28 32.14
C LEU A 264 -1.77 -35.41 33.03
N GLY A 265 -2.57 -36.32 32.48
CA GLY A 265 -2.95 -37.51 33.24
C GLY A 265 -1.74 -38.29 33.73
N ILE A 266 -0.77 -38.52 32.85
CA ILE A 266 0.45 -39.20 33.27
C ILE A 266 1.18 -38.39 34.33
N VAL A 267 1.29 -37.08 34.10
CA VAL A 267 2.13 -36.21 34.94
C VAL A 267 1.69 -36.31 36.40
N LYS A 268 0.39 -36.16 36.65
CA LYS A 268 -0.11 -36.26 38.01
C LYS A 268 0.16 -37.64 38.58
N PHE A 269 0.05 -38.67 37.74
CA PHE A 269 0.27 -40.03 38.23
C PHE A 269 1.69 -40.22 38.77
N LEU A 270 2.67 -39.51 38.19
CA LEU A 270 4.05 -39.68 38.62
C LEU A 270 4.29 -39.17 40.03
N LEU A 271 3.41 -38.29 40.53
CA LEU A 271 3.67 -37.57 41.77
C LEU A 271 2.87 -38.03 42.96
N GLN A 272 1.73 -38.70 42.77
CA GLN A 272 1.04 -39.39 43.86
C GLN A 272 1.08 -40.91 43.74
N ASN A 273 1.76 -41.46 42.74
CA ASN A 273 1.99 -42.90 42.71
C ASN A 273 2.66 -43.34 44.01
N SER A 274 2.13 -44.40 44.61
CA SER A 274 2.53 -44.76 45.96
C SER A 274 3.90 -45.40 46.02
N TRP A 275 4.31 -46.09 44.94
CA TRP A 275 5.58 -46.80 44.96
C TRP A 275 6.74 -45.82 45.08
N GLN A 276 6.75 -44.80 44.22
CA GLN A 276 7.76 -43.76 44.30
C GLN A 276 7.31 -42.57 43.49
N THR A 277 7.53 -41.38 44.04
CA THR A 277 7.10 -40.13 43.44
C THR A 277 8.30 -39.34 42.99
N ALA A 278 8.22 -38.74 41.81
CA ALA A 278 9.29 -37.89 41.33
C ALA A 278 9.47 -36.69 42.24
N ASP A 279 10.72 -36.33 42.49
CA ASP A 279 11.02 -35.09 43.20
C ASP A 279 10.67 -33.90 42.30
N ILE A 280 9.79 -33.03 42.80
CA ILE A 280 9.25 -31.97 41.95
C ILE A 280 10.34 -30.98 41.57
N SER A 281 11.24 -30.67 42.51
CA SER A 281 12.35 -29.76 42.26
C SER A 281 13.58 -30.47 41.76
N ALA A 282 13.43 -31.66 41.18
CA ALA A 282 14.59 -32.38 40.66
C ALA A 282 15.01 -31.78 39.33
N ARG A 283 16.29 -31.49 39.21
CA ARG A 283 16.84 -30.84 38.03
C ARG A 283 17.80 -31.77 37.32
N ASP A 284 18.20 -31.33 36.14
CA ASP A 284 19.01 -32.11 35.22
C ASP A 284 20.46 -31.63 35.24
N SER A 285 21.27 -32.18 34.33
CA SER A 285 22.66 -31.77 34.22
C SER A 285 22.79 -30.31 33.85
N VAL A 286 21.89 -29.81 33.00
CA VAL A 286 21.83 -28.39 32.71
C VAL A 286 21.32 -27.58 33.89
N GLY A 287 20.76 -28.24 34.90
CA GLY A 287 20.11 -27.58 36.01
C GLY A 287 18.66 -27.27 35.79
N ASN A 288 18.12 -27.57 34.61
CA ASN A 288 16.75 -27.23 34.30
C ASN A 288 15.80 -28.18 35.01
N THR A 289 14.93 -27.61 35.83
CA THR A 289 13.77 -28.32 36.33
C THR A 289 12.77 -28.54 35.20
N VAL A 290 11.66 -29.20 35.54
CA VAL A 290 10.56 -29.38 34.59
C VAL A 290 10.09 -28.04 34.05
N LEU A 291 10.04 -27.01 34.89
CA LEU A 291 9.52 -25.74 34.42
C LEU A 291 10.53 -25.05 33.52
N HIS A 292 11.81 -25.12 33.88
CA HIS A 292 12.87 -24.69 32.98
C HIS A 292 12.74 -25.39 31.63
N ALA A 293 12.73 -26.72 31.65
CA ALA A 293 12.66 -27.49 30.42
C ALA A 293 11.38 -27.23 29.66
N LEU A 294 10.29 -27.03 30.39
CA LEU A 294 9.02 -26.67 29.78
C LEU A 294 9.04 -25.33 29.08
N VAL A 295 10.01 -24.47 29.41
CA VAL A 295 10.18 -23.23 28.65
C VAL A 295 10.96 -23.50 27.38
N GLU A 296 12.07 -24.23 27.50
CA GLU A 296 12.97 -24.44 26.37
C GLU A 296 12.31 -25.21 25.23
N VAL A 297 11.20 -25.90 25.49
CA VAL A 297 10.46 -26.58 24.44
C VAL A 297 9.44 -25.65 23.79
N ALA A 298 9.15 -24.51 24.39
CA ALA A 298 8.23 -23.57 23.77
C ALA A 298 8.83 -22.99 22.50
N ASP A 299 7.96 -22.71 21.53
CA ASP A 299 8.36 -22.23 20.22
C ASP A 299 7.50 -21.07 19.74
N ASN A 300 6.58 -20.58 20.57
CA ASN A 300 5.78 -19.40 20.24
C ASN A 300 4.91 -19.66 19.02
N THR A 301 4.29 -20.83 19.00
CA THR A 301 3.15 -21.14 18.18
C THR A 301 1.95 -21.31 19.10
N ALA A 302 0.78 -20.92 18.62
CA ALA A 302 -0.41 -20.88 19.47
C ALA A 302 -0.73 -22.26 20.04
N ASP A 303 -0.70 -23.29 19.20
CA ASP A 303 -0.93 -24.64 19.68
C ASP A 303 0.11 -25.07 20.71
N ASN A 304 1.34 -24.59 20.58
CA ASN A 304 2.35 -24.86 21.61
C ASN A 304 2.15 -23.95 22.81
N THR A 305 1.85 -22.69 22.56
CA THR A 305 1.80 -21.71 23.63
C THR A 305 0.58 -21.95 24.51
N LYS A 306 -0.55 -22.26 23.90
CA LYS A 306 -1.72 -22.65 24.69
C LYS A 306 -1.40 -23.81 25.61
N PHE A 307 -0.57 -24.75 25.14
CA PHE A 307 -0.32 -25.94 25.94
C PHE A 307 0.66 -25.64 27.07
N VAL A 308 1.80 -25.07 26.73
CA VAL A 308 2.88 -24.89 27.71
C VAL A 308 2.38 -24.08 28.89
N THR A 309 1.59 -23.05 28.61
CA THR A 309 0.97 -22.28 29.69
C THR A 309 -0.05 -23.12 30.42
N SER A 310 -0.80 -23.94 29.69
CA SER A 310 -1.78 -24.80 30.33
C SER A 310 -1.10 -25.82 31.23
N MET A 311 0.04 -26.33 30.79
CA MET A 311 0.80 -27.29 31.58
C MET A 311 1.60 -26.63 32.68
N TYR A 312 2.31 -25.55 32.34
CA TYR A 312 3.12 -24.84 33.32
C TYR A 312 2.30 -24.46 34.53
N ASN A 313 1.07 -24.04 34.28
CA ASN A 313 0.15 -23.73 35.36
C ASN A 313 0.02 -24.89 36.33
N GLU A 314 -0.08 -26.10 35.80
CA GLU A 314 -0.60 -27.21 36.58
C GLU A 314 0.47 -27.86 37.44
N ILE A 315 1.72 -27.87 36.99
CA ILE A 315 2.81 -28.32 37.86
C ILE A 315 2.96 -27.41 39.06
N LEU A 316 2.61 -26.13 38.92
CA LEU A 316 2.79 -25.23 40.04
C LEU A 316 1.83 -25.55 41.16
N MET A 317 0.53 -25.63 40.86
CA MET A 317 -0.44 -25.99 41.88
C MET A 317 -0.11 -27.34 42.48
N LEU A 318 0.18 -28.32 41.63
CA LEU A 318 0.57 -29.66 42.10
C LEU A 318 1.74 -29.58 43.06
N GLY A 319 2.78 -28.85 42.69
CA GLY A 319 3.88 -28.63 43.59
C GLY A 319 3.47 -27.83 44.82
N ALA A 320 2.46 -26.97 44.68
CA ALA A 320 1.95 -26.25 45.83
C ALA A 320 1.12 -27.15 46.73
N LYS A 321 0.30 -28.01 46.13
CA LYS A 321 -0.49 -28.96 46.91
C LYS A 321 0.42 -29.95 47.62
N LEU A 322 1.37 -30.54 46.88
CA LEU A 322 2.39 -31.36 47.50
C LEU A 322 3.20 -30.56 48.50
N HIS A 323 3.65 -29.39 48.10
CA HIS A 323 4.65 -28.61 48.84
C HIS A 323 4.23 -27.15 48.81
N PRO A 324 3.37 -26.73 49.73
CA PRO A 324 3.03 -25.30 49.80
C PRO A 324 4.22 -24.41 50.12
N THR A 325 5.32 -24.96 50.63
CA THR A 325 6.47 -24.18 51.07
C THR A 325 7.59 -24.10 50.04
N LEU A 326 7.78 -25.13 49.20
CA LEU A 326 8.82 -25.04 48.19
C LEU A 326 8.46 -23.99 47.15
N LYS A 327 9.48 -23.28 46.67
CA LYS A 327 9.32 -22.24 45.65
C LYS A 327 9.96 -22.74 44.37
N LEU A 328 9.13 -23.00 43.37
CA LEU A 328 9.62 -23.61 42.14
C LEU A 328 10.17 -22.57 41.18
N GLU A 329 9.40 -21.51 40.94
CA GLU A 329 9.80 -20.51 39.96
C GLU A 329 11.05 -19.76 40.36
N GLU A 330 11.47 -19.85 41.60
CA GLU A 330 12.71 -19.24 42.06
C GLU A 330 13.91 -20.12 41.78
N LEU A 331 13.70 -21.36 41.39
CA LEU A 331 14.82 -22.27 41.17
C LEU A 331 15.58 -21.85 39.94
N THR A 332 16.89 -22.03 39.99
CA THR A 332 17.81 -21.58 38.97
C THR A 332 18.59 -22.76 38.43
N ASN A 333 18.82 -22.74 37.11
CA ASN A 333 19.55 -23.81 36.45
C ASN A 333 21.04 -23.64 36.68
N LYS A 334 21.84 -24.37 35.89
CA LYS A 334 23.28 -24.31 36.04
C LYS A 334 23.80 -22.92 35.71
N LYS A 335 23.24 -22.28 34.69
CA LYS A 335 23.75 -20.99 34.24
C LYS A 335 23.47 -19.90 35.27
N GLY A 336 22.29 -19.92 35.87
CA GLY A 336 21.87 -18.90 36.82
C GLY A 336 20.57 -18.25 36.39
N MET A 337 19.74 -18.98 35.67
CA MET A 337 18.53 -18.47 35.07
C MET A 337 17.32 -19.19 35.64
N THR A 338 16.24 -18.45 35.83
CA THR A 338 14.97 -18.99 36.29
C THR A 338 14.08 -19.28 35.11
N PRO A 339 12.96 -19.98 35.32
CA PRO A 339 12.00 -20.18 34.23
C PRO A 339 11.47 -18.89 33.65
N LEU A 340 11.37 -17.85 34.46
CA LEU A 340 10.96 -16.54 33.98
C LEU A 340 12.06 -15.87 33.19
N ALA A 341 13.28 -15.89 33.71
CA ALA A 341 14.40 -15.28 33.00
C ALA A 341 14.73 -16.04 31.74
N LEU A 342 14.56 -17.36 31.79
CA LEU A 342 14.81 -18.21 30.63
C LEU A 342 13.82 -17.92 29.52
N ALA A 343 12.57 -17.64 29.87
CA ALA A 343 11.56 -17.33 28.88
C ALA A 343 11.86 -16.01 28.20
N ALA A 344 12.34 -15.05 28.96
CA ALA A 344 12.67 -13.75 28.42
C ALA A 344 14.00 -13.80 27.69
N GLY A 345 14.98 -14.50 28.26
CA GLY A 345 16.28 -14.62 27.63
C GLY A 345 16.30 -15.46 26.37
N THR A 346 15.20 -16.14 26.06
CA THR A 346 15.14 -17.09 24.97
C THR A 346 14.02 -16.78 23.99
N GLY A 347 13.21 -15.77 24.27
CA GLY A 347 12.29 -15.23 23.30
C GLY A 347 10.87 -15.71 23.43
N LYS A 348 10.47 -16.15 24.61
CA LYS A 348 9.26 -16.94 24.76
C LYS A 348 8.15 -16.00 25.23
N ILE A 349 7.50 -15.39 24.24
CA ILE A 349 6.57 -14.30 24.47
C ILE A 349 5.33 -14.80 25.19
N GLY A 350 4.82 -15.97 24.82
CA GLY A 350 3.58 -16.43 25.39
C GLY A 350 3.74 -16.96 26.79
N VAL A 351 4.84 -17.65 27.04
CA VAL A 351 5.17 -18.08 28.39
C VAL A 351 5.33 -16.88 29.30
N LEU A 352 6.12 -15.91 28.86
CA LEU A 352 6.34 -14.70 29.65
C LEU A 352 5.04 -13.95 29.85
N ALA A 353 4.25 -13.82 28.78
CA ALA A 353 2.97 -13.17 28.89
C ALA A 353 2.04 -13.91 29.81
N TYR A 354 2.24 -15.22 29.98
CA TYR A 354 1.46 -15.96 30.94
C TYR A 354 1.93 -15.71 32.37
N ILE A 355 3.23 -15.84 32.61
CA ILE A 355 3.78 -15.82 33.96
C ILE A 355 3.52 -14.47 34.62
N LEU A 356 3.56 -13.39 33.84
CA LEU A 356 3.41 -12.06 34.40
C LEU A 356 1.96 -11.77 34.73
N GLN A 357 1.07 -12.24 33.87
CA GLN A 357 -0.37 -12.04 34.00
C GLN A 357 -1.05 -13.19 34.72
N ARG A 358 -0.32 -13.91 35.57
CA ARG A 358 -0.83 -15.15 36.16
C ARG A 358 -1.77 -14.80 37.30
N GLU A 359 -3.06 -14.74 36.99
CA GLU A 359 -4.12 -14.64 37.99
C GLU A 359 -4.76 -16.01 38.12
N ILE A 360 -4.68 -16.57 39.32
CA ILE A 360 -5.25 -17.87 39.65
C ILE A 360 -6.35 -17.63 40.66
N GLN A 361 -7.47 -18.35 40.52
CA GLN A 361 -8.61 -18.25 41.42
C GLN A 361 -8.82 -19.62 42.05
N GLU A 362 -8.19 -19.83 43.20
CA GLU A 362 -8.30 -21.05 43.99
C GLU A 362 -8.04 -20.67 45.43
N PRO A 363 -8.54 -21.44 46.40
CA PRO A 363 -8.39 -21.00 47.79
C PRO A 363 -6.95 -21.04 48.27
N GLU A 364 -6.21 -22.08 47.90
CA GLU A 364 -4.85 -22.28 48.38
C GLU A 364 -3.78 -21.87 47.38
N CYS A 365 -4.16 -21.58 46.14
CA CYS A 365 -3.22 -21.32 45.07
C CYS A 365 -3.44 -19.94 44.46
N ARG A 366 -3.46 -18.91 45.33
CA ARG A 366 -3.32 -17.52 44.91
C ARG A 366 -1.99 -16.92 45.29
N HIS A 367 -1.29 -17.50 46.26
CA HIS A 367 0.07 -17.06 46.57
C HIS A 367 1.03 -17.25 45.41
N LEU A 368 0.66 -18.06 44.43
CA LEU A 368 1.44 -18.21 43.20
C LEU A 368 1.03 -17.18 42.16
N SER A 369 -0.26 -16.86 42.13
CA SER A 369 -0.75 -15.86 41.18
C SER A 369 0.04 -14.58 41.33
N ARG A 370 0.18 -13.87 40.23
CA ARG A 370 0.98 -12.67 40.14
C ARG A 370 0.19 -11.43 39.80
N LYS A 371 -0.84 -11.55 38.98
CA LYS A 371 -1.69 -10.44 38.62
C LYS A 371 -2.90 -10.46 39.56
N PHE A 372 -2.85 -9.59 40.56
CA PHE A 372 -3.89 -9.50 41.57
C PHE A 372 -4.82 -8.32 41.30
N THR A 373 -6.11 -8.55 41.53
CA THR A 373 -7.09 -7.47 41.60
C THR A 373 -7.27 -7.04 43.04
N GLU A 374 -6.98 -5.78 43.33
CA GLU A 374 -7.10 -5.28 44.69
C GLU A 374 -8.52 -4.83 45.00
N TRP A 375 -9.13 -4.07 44.10
CA TRP A 375 -10.49 -3.62 44.27
C TRP A 375 -11.20 -3.63 42.92
N ALA A 376 -12.49 -3.34 42.98
CA ALA A 376 -13.39 -3.36 41.84
C ALA A 376 -14.62 -2.56 42.20
N TYR A 377 -15.13 -1.79 41.26
CA TYR A 377 -16.33 -0.99 41.50
C TYR A 377 -17.07 -0.87 40.17
N GLY A 378 -17.98 -1.80 39.94
CA GLY A 378 -18.77 -1.79 38.74
C GLY A 378 -17.92 -2.22 37.55
N PRO A 379 -17.90 -1.43 36.47
CA PRO A 379 -17.02 -1.78 35.34
C PRO A 379 -15.56 -1.52 35.62
N VAL A 380 -15.25 -0.60 36.52
CA VAL A 380 -13.89 -0.30 36.90
C VAL A 380 -13.34 -1.43 37.76
N HIS A 381 -12.16 -1.92 37.43
CA HIS A 381 -11.40 -2.79 38.31
C HIS A 381 -9.92 -2.42 38.24
N SER A 382 -9.27 -2.44 39.40
CA SER A 382 -7.88 -2.01 39.54
C SER A 382 -7.00 -3.20 39.86
N SER A 383 -6.27 -3.67 38.85
CA SER A 383 -5.38 -4.80 38.95
C SER A 383 -4.12 -4.47 39.75
N LEU A 384 -3.31 -5.49 39.97
CA LEU A 384 -1.98 -5.34 40.56
C LEU A 384 -1.09 -6.43 39.99
N TYR A 385 0.00 -6.04 39.36
CA TYR A 385 1.03 -6.94 38.94
C TYR A 385 2.11 -7.01 40.00
N ASP A 386 2.76 -8.15 40.09
CA ASP A 386 3.96 -8.25 40.91
C ASP A 386 5.15 -7.80 40.08
N LEU A 387 6.18 -7.35 40.79
CA LEU A 387 7.42 -6.91 40.17
C LEU A 387 8.61 -7.67 40.71
N SER A 388 8.36 -8.81 41.35
CA SER A 388 9.44 -9.58 41.93
C SER A 388 10.26 -10.23 40.84
N CYS A 389 11.54 -9.87 40.80
CA CYS A 389 12.50 -10.37 39.84
C CYS A 389 12.13 -9.95 38.42
N ILE A 390 11.63 -8.73 38.29
CA ILE A 390 11.33 -8.12 37.01
C ILE A 390 12.09 -6.81 36.80
N ASP A 391 12.16 -5.98 37.84
CA ASP A 391 12.89 -4.72 37.80
C ASP A 391 14.16 -4.76 38.62
N THR A 392 14.14 -5.47 39.74
CA THR A 392 15.27 -5.53 40.66
C THR A 392 15.49 -6.96 41.11
N CYS A 393 15.57 -7.89 40.17
CA CYS A 393 16.12 -9.19 40.51
C CYS A 393 17.59 -9.01 40.81
N GLU A 394 18.07 -9.68 41.83
CA GLU A 394 19.50 -9.69 42.08
C GLU A 394 20.24 -10.31 40.90
N LYS A 395 19.64 -11.29 40.25
CA LYS A 395 20.20 -11.95 39.08
C LYS A 395 19.14 -11.95 38.00
N ASN A 396 19.45 -11.30 36.88
CA ASN A 396 18.72 -11.47 35.63
C ASN A 396 17.26 -11.05 35.78
N SER A 397 17.06 -9.78 36.10
CA SER A 397 15.74 -9.19 35.97
C SER A 397 15.25 -9.34 34.54
N VAL A 398 13.93 -9.39 34.41
CA VAL A 398 13.31 -9.60 33.11
C VAL A 398 13.65 -8.47 32.17
N LEU A 399 13.65 -7.25 32.69
CA LEU A 399 14.04 -6.09 31.91
C LEU A 399 15.48 -6.19 31.47
N GLU A 400 16.37 -6.57 32.38
CA GLU A 400 17.78 -6.72 32.10
C GLU A 400 18.11 -7.97 31.31
N VAL A 401 17.10 -8.75 30.91
CA VAL A 401 17.31 -9.96 30.12
C VAL A 401 16.67 -9.78 28.76
N ILE A 402 15.62 -8.98 28.71
CA ILE A 402 15.07 -8.57 27.42
C ILE A 402 15.98 -7.58 26.72
N ALA A 403 16.56 -6.65 27.48
CA ALA A 403 17.27 -5.53 26.89
C ALA A 403 18.75 -5.77 26.69
N TYR A 404 19.39 -6.54 27.55
CA TYR A 404 20.80 -6.86 27.41
C TYR A 404 21.01 -8.14 26.63
N SER A 405 20.07 -8.47 25.75
CA SER A 405 20.06 -9.71 25.00
C SER A 405 20.52 -9.43 23.58
N SER A 406 20.53 -10.48 22.77
CA SER A 406 21.00 -10.43 21.39
C SER A 406 19.84 -10.57 20.44
N SER A 407 19.92 -9.82 19.33
CA SER A 407 18.88 -9.84 18.31
C SER A 407 18.59 -11.23 17.77
N GLU A 408 19.52 -12.17 17.91
CA GLU A 408 19.23 -13.56 17.63
C GLU A 408 18.02 -14.03 18.43
N THR A 409 17.94 -13.63 19.69
CA THR A 409 16.80 -13.96 20.53
C THR A 409 15.54 -13.37 19.92
N PRO A 410 14.57 -14.18 19.49
CA PRO A 410 13.39 -13.62 18.84
C PRO A 410 12.56 -12.79 19.81
N ASN A 411 11.86 -11.81 19.24
CA ASN A 411 10.81 -11.09 19.92
C ASN A 411 11.34 -10.28 21.10
N ARG A 412 12.54 -9.71 20.93
CA ARG A 412 12.99 -8.72 21.89
C ARG A 412 12.07 -7.52 21.88
N HIS A 413 11.72 -7.05 20.70
CA HIS A 413 10.92 -5.85 20.58
C HIS A 413 9.45 -6.08 20.87
N ASP A 414 9.00 -7.34 20.90
CA ASP A 414 7.62 -7.64 21.26
C ASP A 414 7.44 -7.92 22.75
N MET A 415 8.48 -8.40 23.42
CA MET A 415 8.34 -8.75 24.83
C MET A 415 8.01 -7.56 25.73
N LEU A 416 8.54 -6.37 25.43
CA LEU A 416 8.25 -5.24 26.29
C LEU A 416 6.83 -4.72 26.12
N LEU A 417 6.11 -5.16 25.11
CA LEU A 417 4.71 -4.83 24.95
C LEU A 417 3.82 -5.68 25.84
N VAL A 418 4.37 -6.72 26.43
CA VAL A 418 3.66 -7.47 27.44
C VAL A 418 3.42 -6.57 28.65
N GLU A 419 2.22 -6.58 29.13
CA GLU A 419 1.95 -5.92 30.39
C GLU A 419 2.56 -6.72 31.53
N PRO A 420 3.06 -6.05 32.58
CA PRO A 420 3.13 -4.64 32.93
C PRO A 420 4.36 -3.90 32.42
N LEU A 421 5.16 -4.55 31.58
CA LEU A 421 6.48 -4.01 31.26
C LEU A 421 6.37 -2.64 30.62
N ASN A 422 5.48 -2.50 29.64
CA ASN A 422 5.31 -1.23 28.95
C ASN A 422 4.92 -0.13 29.93
N ARG A 423 3.87 -0.38 30.70
CA ARG A 423 3.44 0.58 31.71
C ARG A 423 4.52 0.85 32.75
N LEU A 424 5.36 -0.14 33.02
CA LEU A 424 6.37 0.00 34.05
C LEU A 424 7.49 0.91 33.61
N LEU A 425 7.84 0.87 32.34
CA LEU A 425 8.93 1.66 31.82
C LEU A 425 8.52 3.10 31.63
N GLN A 426 7.32 3.31 31.10
CA GLN A 426 6.72 4.63 31.06
C GLN A 426 6.53 5.22 32.45
N ASP A 427 6.54 4.41 33.49
CA ASP A 427 6.48 4.93 34.85
C ASP A 427 7.85 5.37 35.33
N LYS A 428 8.89 4.64 34.94
CA LYS A 428 10.25 5.06 35.25
C LYS A 428 10.61 6.28 34.45
N TRP A 429 10.15 6.31 33.20
CA TRP A 429 10.37 7.45 32.32
C TRP A 429 9.78 8.71 32.91
N ASP A 430 8.49 8.68 33.20
CA ASP A 430 7.80 9.84 33.71
C ASP A 430 8.29 10.27 35.09
N ARG A 431 8.81 9.34 35.89
CA ARG A 431 9.16 9.67 37.27
C ARG A 431 10.55 10.30 37.37
N PHE A 432 11.57 9.63 36.85
CA PHE A 432 12.95 10.08 37.03
C PHE A 432 13.85 10.01 35.81
N VAL A 433 13.56 9.21 34.79
CA VAL A 433 14.52 9.02 33.71
C VAL A 433 14.40 10.13 32.68
N LYS A 434 13.20 10.61 32.43
CA LYS A 434 12.98 11.65 31.45
C LYS A 434 13.75 12.92 31.80
N ARG A 435 13.74 13.32 33.06
CA ARG A 435 14.49 14.50 33.47
C ARG A 435 15.98 14.29 33.26
N ILE A 436 16.48 13.12 33.60
CA ILE A 436 17.91 12.86 33.51
C ILE A 436 18.34 12.77 32.06
N PHE A 437 17.46 12.28 31.21
CA PHE A 437 17.78 12.12 29.80
C PHE A 437 17.83 13.47 29.12
N TYR A 438 16.85 14.31 29.40
CA TYR A 438 16.89 15.68 28.93
C TYR A 438 18.11 16.40 29.46
N PHE A 439 18.53 16.06 30.67
CA PHE A 439 19.75 16.64 31.20
C PHE A 439 20.96 16.09 30.48
N ASN A 440 21.00 14.78 30.27
CA ASN A 440 22.06 14.19 29.47
C ASN A 440 22.08 14.77 28.06
N PHE A 441 20.91 15.07 27.53
CA PHE A 441 20.81 15.70 26.24
C PHE A 441 21.35 17.11 26.23
N LEU A 442 21.13 17.85 27.32
CA LEU A 442 21.61 19.22 27.40
C LEU A 442 23.12 19.26 27.46
N VAL A 443 23.71 18.39 28.27
CA VAL A 443 25.15 18.37 28.44
C VAL A 443 25.82 18.01 27.14
N TYR A 444 25.24 17.11 26.39
CA TYR A 444 25.83 16.72 25.13
C TYR A 444 25.71 17.83 24.10
N CYS A 445 24.60 18.56 24.13
CA CYS A 445 24.47 19.75 23.30
C CYS A 445 25.42 20.84 23.71
N LEU A 446 25.70 20.98 25.00
CA LEU A 446 26.71 21.95 25.42
C LEU A 446 28.09 21.45 25.08
N TYR A 447 28.28 20.14 25.12
CA TYR A 447 29.53 19.54 24.70
C TYR A 447 29.82 19.86 23.24
N MET A 448 28.84 19.62 22.39
CA MET A 448 29.05 19.79 20.98
C MET A 448 29.10 21.25 20.58
N ILE A 449 28.40 22.10 21.31
CA ILE A 449 28.58 23.55 21.13
C ILE A 449 30.01 23.94 21.43
N ILE A 450 30.60 23.31 22.43
CA ILE A 450 31.94 23.67 22.86
C ILE A 450 32.98 23.05 21.97
N PHE A 451 32.82 21.78 21.63
CA PHE A 451 33.72 21.17 20.68
C PHE A 451 33.61 21.78 19.29
N THR A 452 32.44 22.33 18.97
CA THR A 452 32.28 23.01 17.70
C THR A 452 33.10 24.30 17.64
N MET A 453 32.98 25.13 18.66
CA MET A 453 33.68 26.41 18.67
C MET A 453 35.18 26.23 18.80
N ALA A 454 35.62 25.30 19.64
CA ALA A 454 37.05 25.07 19.78
C ALA A 454 37.65 24.54 18.50
N ALA A 455 36.83 23.90 17.69
CA ALA A 455 37.23 23.42 16.38
C ALA A 455 37.21 24.53 15.35
N TYR A 456 36.13 25.32 15.33
CA TYR A 456 36.02 26.43 14.41
C TYR A 456 37.14 27.43 14.62
N TYR A 457 37.44 27.75 15.87
CA TYR A 457 38.48 28.72 16.20
C TYR A 457 39.82 28.06 16.41
N ARG A 458 40.08 26.97 15.71
CA ARG A 458 41.36 26.32 15.81
C ARG A 458 42.45 27.24 15.29
N PRO A 459 43.65 27.16 15.86
CA PRO A 459 44.78 27.85 15.25
C PRO A 459 45.06 27.35 13.85
N VAL A 460 45.52 28.27 13.02
CA VAL A 460 45.78 28.02 11.62
C VAL A 460 47.22 28.30 11.22
N ASP A 461 48.02 28.94 12.09
CA ASP A 461 49.36 29.40 11.77
C ASP A 461 50.33 28.75 12.74
N GLY A 462 51.07 27.76 12.23
CA GLY A 462 52.04 27.01 12.98
C GLY A 462 51.78 25.53 12.83
N LEU A 463 52.38 24.77 13.74
CA LEU A 463 52.10 23.35 13.91
C LEU A 463 51.69 23.13 15.36
N PRO A 464 50.92 22.10 15.64
CA PRO A 464 50.52 21.86 17.00
C PRO A 464 51.67 21.27 17.80
N PRO A 465 51.56 21.24 19.13
CA PRO A 465 50.54 21.85 19.95
C PRO A 465 50.77 23.35 20.05
N PHE A 466 49.68 24.10 20.08
CA PHE A 466 49.73 25.55 19.95
C PHE A 466 49.89 26.20 21.32
N LYS A 467 50.10 27.51 21.28
CA LYS A 467 50.53 28.27 22.44
C LYS A 467 49.39 29.11 22.99
N MET A 468 49.31 29.18 24.31
CA MET A 468 48.38 30.09 24.99
C MET A 468 49.03 31.47 25.03
N GLU A 469 48.55 32.37 24.18
CA GLU A 469 49.11 33.71 24.06
C GLU A 469 48.11 34.77 24.49
N LYS A 470 46.96 34.83 23.84
CA LYS A 470 45.91 35.77 24.19
C LYS A 470 44.90 35.07 25.09
N THR A 471 43.89 35.82 25.53
CA THR A 471 42.92 35.27 26.46
C THR A 471 41.97 34.29 25.80
N GLY A 472 41.60 34.55 24.55
CA GLY A 472 40.73 33.62 23.85
C GLY A 472 41.32 32.25 23.71
N ASP A 473 42.65 32.16 23.68
CA ASP A 473 43.32 30.85 23.63
C ASP A 473 43.05 30.07 24.91
N TYR A 474 43.17 30.73 26.05
CA TYR A 474 42.89 30.08 27.32
C TYR A 474 41.43 29.61 27.36
N PHE A 475 40.51 30.49 26.99
CA PHE A 475 39.11 30.14 26.95
C PHE A 475 38.75 29.23 25.79
N ARG A 476 39.69 28.95 24.89
CA ARG A 476 39.49 27.95 23.84
C ARG A 476 40.06 26.60 24.22
N VAL A 477 41.28 26.58 24.74
CA VAL A 477 41.92 25.32 25.12
C VAL A 477 41.06 24.61 26.13
N THR A 478 40.42 25.38 27.01
CA THR A 478 39.38 24.88 27.90
C THR A 478 38.38 24.02 27.16
N GLY A 479 37.73 24.60 26.15
CA GLY A 479 36.87 23.83 25.27
C GLY A 479 37.56 22.65 24.63
N GLU A 480 38.84 22.77 24.36
CA GLU A 480 39.56 21.66 23.77
C GLU A 480 39.82 20.58 24.80
N ILE A 481 40.10 20.98 26.05
CA ILE A 481 40.16 20.01 27.13
C ILE A 481 38.81 19.31 27.26
N LEU A 482 37.76 20.09 27.53
CA LEU A 482 36.42 19.57 27.68
C LEU A 482 35.98 18.72 26.48
N SER A 483 36.46 19.07 25.29
CA SER A 483 36.18 18.25 24.12
C SER A 483 36.74 16.84 24.29
N VAL A 484 37.99 16.73 24.71
CA VAL A 484 38.64 15.43 24.86
C VAL A 484 37.98 14.60 25.95
N LEU A 485 37.65 15.23 27.08
CA LEU A 485 37.07 14.52 28.21
C LEU A 485 35.81 13.75 27.82
N GLY A 486 34.93 14.39 27.06
CA GLY A 486 33.80 13.67 26.50
C GLY A 486 34.20 12.48 25.66
N GLY A 487 35.26 12.63 24.87
CA GLY A 487 35.75 11.51 24.10
C GLY A 487 36.22 10.38 24.96
N VAL A 488 36.92 10.69 26.05
CA VAL A 488 37.34 9.67 26.99
C VAL A 488 36.12 9.00 27.60
N TYR A 489 35.16 9.81 28.03
CA TYR A 489 33.91 9.28 28.55
C TYR A 489 33.26 8.36 27.54
N PHE A 490 33.01 8.84 26.33
CA PHE A 490 32.39 8.01 25.33
C PHE A 490 33.28 6.85 24.92
N PHE A 491 34.59 6.97 25.10
CA PHE A 491 35.48 5.84 24.90
C PHE A 491 35.28 4.78 25.96
N PHE A 492 35.48 5.14 27.23
CA PHE A 492 35.25 4.20 28.32
C PHE A 492 33.82 3.71 28.32
N ARG A 493 32.86 4.60 28.12
CA ARG A 493 31.46 4.23 28.10
C ARG A 493 31.13 3.30 26.95
N GLY A 494 32.02 3.17 25.97
CA GLY A 494 31.83 2.27 24.86
C GLY A 494 32.55 0.96 25.06
N ILE A 495 33.77 1.04 25.61
CA ILE A 495 34.47 -0.17 26.04
C ILE A 495 33.61 -0.96 26.99
N GLN A 496 33.08 -0.27 28.00
CA GLN A 496 32.12 -0.84 28.94
C GLN A 496 31.04 -1.62 28.21
N TYR A 497 30.33 -0.95 27.30
CA TYR A 497 29.28 -1.58 26.51
C TYR A 497 29.79 -2.83 25.80
N PHE A 498 30.88 -2.71 25.05
CA PHE A 498 31.32 -3.82 24.22
C PHE A 498 32.07 -4.90 24.98
N LEU A 499 32.15 -4.80 26.31
CA LEU A 499 32.58 -5.90 27.15
C LEU A 499 31.40 -6.61 27.79
N GLN A 500 30.59 -5.88 28.55
CA GLN A 500 29.46 -6.46 29.25
C GLN A 500 28.28 -6.79 28.33
N ARG A 501 28.43 -6.57 27.02
CA ARG A 501 27.45 -6.97 26.03
C ARG A 501 28.20 -7.55 24.83
N ARG A 502 28.97 -8.63 25.08
CA ARG A 502 29.95 -9.22 24.16
C ARG A 502 29.33 -9.31 22.77
N PRO A 503 29.72 -8.45 21.83
CA PRO A 503 28.87 -8.20 20.67
C PRO A 503 29.08 -9.24 19.58
N SER A 504 27.98 -9.80 19.09
CA SER A 504 28.05 -10.63 17.91
C SER A 504 28.41 -9.78 16.70
N MET A 505 29.39 -10.23 15.93
CA MET A 505 30.01 -9.40 14.89
C MET A 505 29.02 -8.87 13.88
N LYS A 506 27.88 -9.55 13.70
CA LYS A 506 26.82 -9.07 12.85
C LYS A 506 25.86 -8.15 13.59
N THR A 507 25.61 -8.42 14.86
CA THR A 507 24.68 -7.65 15.69
C THR A 507 25.14 -6.21 15.92
N LEU A 508 26.38 -5.87 15.58
CA LEU A 508 26.89 -4.52 15.83
C LEU A 508 26.00 -3.47 15.19
N PHE A 509 25.61 -3.69 13.95
CA PHE A 509 24.88 -2.70 13.18
C PHE A 509 23.40 -2.68 13.48
N VAL A 510 22.86 -3.79 13.97
CA VAL A 510 21.42 -3.90 14.17
C VAL A 510 21.02 -3.37 15.55
N ASP A 511 21.67 -3.85 16.60
CA ASP A 511 21.30 -3.50 17.95
C ASP A 511 22.06 -2.30 18.48
N SER A 512 23.21 -1.99 17.90
CA SER A 512 24.19 -1.13 18.52
C SER A 512 24.78 -0.15 17.52
N TYR A 513 23.97 0.34 16.60
CA TYR A 513 24.47 1.21 15.56
C TYR A 513 24.93 2.55 16.13
N SER A 514 24.24 3.05 17.13
CA SER A 514 24.55 4.33 17.71
C SER A 514 25.76 4.26 18.63
N GLU A 515 25.78 3.25 19.49
CA GLU A 515 26.93 2.98 20.34
C GLU A 515 28.21 2.87 19.54
N MET A 516 28.10 2.29 18.35
CA MET A 516 29.23 2.19 17.46
C MET A 516 29.72 3.55 17.03
N LEU A 517 28.80 4.50 16.84
CA LEU A 517 29.18 5.82 16.36
C LEU A 517 29.70 6.71 17.47
N PHE A 518 29.12 6.64 18.66
CA PHE A 518 29.71 7.34 19.80
C PHE A 518 31.10 6.84 20.10
N PHE A 519 31.32 5.53 20.00
CA PHE A 519 32.64 4.99 20.20
C PHE A 519 33.58 5.46 19.11
N LEU A 520 33.14 5.37 17.87
CA LEU A 520 33.92 5.83 16.74
C LEU A 520 34.21 7.32 16.83
N GLN A 521 33.23 8.09 17.27
CA GLN A 521 33.42 9.48 17.59
C GLN A 521 34.53 9.68 18.60
N SER A 522 34.55 8.84 19.62
CA SER A 522 35.60 8.89 20.63
C SER A 522 36.97 8.62 20.03
N LEU A 523 37.05 7.63 19.15
CA LEU A 523 38.34 7.26 18.57
C LEU A 523 38.94 8.39 17.78
N PHE A 524 38.12 9.08 17.01
CA PHE A 524 38.59 10.23 16.27
C PHE A 524 39.03 11.33 17.21
N MET A 525 38.42 11.44 18.38
CA MET A 525 38.88 12.41 19.35
C MET A 525 40.24 12.04 19.91
N LEU A 526 40.45 10.77 20.18
CA LEU A 526 41.70 10.34 20.79
C LEU A 526 42.82 10.38 19.78
N ALA A 527 42.55 9.97 18.54
CA ALA A 527 43.49 10.20 17.45
C ALA A 527 43.79 11.68 17.28
N THR A 528 42.85 12.55 17.65
CA THR A 528 43.06 13.98 17.51
C THR A 528 43.98 14.50 18.60
N VAL A 529 44.13 13.77 19.69
CA VAL A 529 45.07 14.12 20.74
C VAL A 529 46.43 13.49 20.49
N VAL A 530 46.44 12.29 19.92
CA VAL A 530 47.69 11.64 19.57
C VAL A 530 48.42 12.46 18.51
N LEU A 531 47.67 13.08 17.62
CA LEU A 531 48.23 13.81 16.49
C LEU A 531 48.45 15.28 16.78
N TYR A 532 47.89 15.79 17.87
CA TYR A 532 48.10 17.18 18.27
C TYR A 532 49.36 17.36 19.08
N PHE A 533 49.77 16.32 19.79
CA PHE A 533 51.03 16.32 20.51
C PHE A 533 52.13 15.65 19.71
N SER A 534 51.77 14.89 18.69
CA SER A 534 52.70 14.43 17.69
C SER A 534 52.94 15.46 16.60
N HIS A 535 52.49 16.70 16.79
CA HIS A 535 52.80 17.86 15.98
C HIS A 535 52.19 17.81 14.60
N LEU A 536 51.39 16.80 14.28
CA LEU A 536 50.86 16.62 12.95
C LEU A 536 49.56 17.39 12.80
N LYS A 537 49.43 18.08 11.67
CA LYS A 537 48.21 18.82 11.36
C LYS A 537 47.02 17.92 11.11
N GLU A 538 47.23 16.63 10.97
CA GLU A 538 46.17 15.68 10.67
C GLU A 538 45.20 15.47 11.81
N TYR A 539 45.41 16.11 12.96
CA TYR A 539 44.41 16.11 14.02
C TYR A 539 43.08 16.63 13.52
N VAL A 540 43.10 17.53 12.55
CA VAL A 540 41.89 18.17 12.08
C VAL A 540 41.03 17.17 11.34
N ALA A 541 41.64 16.34 10.50
CA ALA A 541 40.94 15.27 9.82
C ALA A 541 40.12 14.44 10.78
N SER A 542 40.78 13.88 11.77
CA SER A 542 40.09 13.19 12.85
C SER A 542 39.06 14.07 13.52
N MET A 543 39.42 15.30 13.85
CA MET A 543 38.53 16.17 14.61
C MET A 543 37.23 16.44 13.86
N VAL A 544 37.28 16.56 12.54
CA VAL A 544 36.07 16.91 11.80
C VAL A 544 35.14 15.74 11.67
N PHE A 545 35.66 14.51 11.68
CA PHE A 545 34.78 13.36 11.69
C PHE A 545 34.11 13.19 13.04
N SER A 546 34.78 13.61 14.11
CA SER A 546 34.18 13.60 15.43
C SER A 546 33.00 14.56 15.52
N LEU A 547 33.18 15.77 15.00
CA LEU A 547 32.09 16.74 14.94
C LEU A 547 30.91 16.22 14.18
N ALA A 548 31.15 15.76 12.95
CA ALA A 548 30.06 15.29 12.11
C ALA A 548 29.36 14.10 12.73
N LEU A 549 30.11 13.17 13.28
CA LEU A 549 29.51 12.12 14.07
C LEU A 549 28.86 12.68 15.32
N GLY A 550 29.55 13.61 15.97
CA GLY A 550 29.04 14.20 17.19
C GLY A 550 27.68 14.83 17.05
N TRP A 551 27.48 15.61 15.99
CA TRP A 551 26.20 16.24 15.80
C TRP A 551 25.15 15.28 15.30
N THR A 552 25.54 14.30 14.49
CA THR A 552 24.58 13.31 14.04
C THR A 552 24.13 12.40 15.15
N ASN A 553 24.98 12.21 16.14
CA ASN A 553 24.65 11.46 17.32
C ASN A 553 23.71 12.18 18.26
N MET A 554 23.28 13.39 17.93
CA MET A 554 22.07 13.95 18.49
C MET A 554 20.87 13.06 18.27
N LEU A 555 20.80 12.40 17.13
CA LEU A 555 19.72 11.49 16.84
C LEU A 555 19.59 10.37 17.85
N TYR A 556 20.64 10.08 18.60
CA TYR A 556 20.49 9.28 19.79
C TYR A 556 19.36 9.78 20.65
N TYR A 557 19.38 11.06 20.97
CA TYR A 557 18.46 11.60 21.94
C TYR A 557 17.03 11.75 21.43
N THR A 558 16.78 11.46 20.16
CA THR A 558 15.43 11.27 19.66
C THR A 558 14.67 10.18 20.39
N ARG A 559 15.35 9.24 21.01
CA ARG A 559 14.67 8.12 21.65
C ARG A 559 13.97 8.50 22.93
N GLY A 560 14.12 9.70 23.40
CA GLY A 560 13.23 10.24 24.39
C GLY A 560 11.94 10.78 23.85
N PHE A 561 11.73 10.67 22.54
CA PHE A 561 10.59 11.23 21.88
C PHE A 561 10.10 10.23 20.85
N GLN A 562 8.82 9.94 20.92
CA GLN A 562 8.28 8.80 20.21
C GLN A 562 8.40 8.96 18.71
N GLN A 563 7.86 10.04 18.17
CA GLN A 563 7.73 10.14 16.74
C GLN A 563 9.04 10.50 16.08
N MET A 564 9.93 11.13 16.83
CA MET A 564 11.28 11.37 16.36
C MET A 564 12.17 10.14 16.50
N GLY A 565 12.01 9.41 17.58
CA GLY A 565 12.79 8.20 17.78
C GLY A 565 12.43 7.10 16.82
N ILE A 566 11.15 6.99 16.48
CA ILE A 566 10.72 6.06 15.47
C ILE A 566 11.27 6.45 14.13
N TYR A 567 11.44 7.74 13.91
CA TYR A 567 11.98 8.22 12.67
C TYR A 567 13.47 7.90 12.57
N ALA A 568 14.19 8.05 13.67
CA ALA A 568 15.58 7.69 13.69
C ALA A 568 15.79 6.20 13.60
N VAL A 569 14.82 5.41 14.04
CA VAL A 569 14.90 3.97 13.84
C VAL A 569 14.73 3.65 12.37
N MET A 570 13.80 4.31 11.70
CA MET A 570 13.63 4.11 10.28
C MET A 570 14.87 4.53 9.51
N ILE A 571 15.53 5.59 9.94
CA ILE A 571 16.76 6.03 9.31
C ILE A 571 17.81 4.94 9.38
N GLU A 572 18.05 4.38 10.55
CA GLU A 572 19.12 3.42 10.68
C GLU A 572 18.78 2.12 9.98
N LYS A 573 17.50 1.79 9.82
CA LYS A 573 17.12 0.63 9.03
C LYS A 573 17.36 0.86 7.55
N MET A 574 16.90 2.00 7.03
CA MET A 574 17.14 2.34 5.62
C MET A 574 18.61 2.33 5.27
N ILE A 575 19.44 2.79 6.19
CA ILE A 575 20.88 2.79 5.95
C ILE A 575 21.38 1.38 5.74
N LEU A 576 20.99 0.48 6.64
CA LEU A 576 21.54 -0.84 6.66
C LEU A 576 20.87 -1.74 5.63
N ARG A 577 19.61 -1.47 5.34
CA ARG A 577 18.87 -2.28 4.39
C ARG A 577 18.90 -1.69 2.99
N ASP A 578 18.28 -0.54 2.81
CA ASP A 578 17.95 -0.07 1.47
C ASP A 578 19.11 0.65 0.82
N LEU A 579 19.85 1.43 1.61
CA LEU A 579 20.94 2.23 1.10
C LEU A 579 22.18 1.41 0.80
N CYS A 580 22.50 0.45 1.65
CA CYS A 580 23.66 -0.39 1.41
C CYS A 580 23.48 -1.25 0.17
N ARG A 581 22.31 -1.85 0.01
CA ARG A 581 22.01 -2.52 -1.24
C ARG A 581 22.15 -1.57 -2.43
N PHE A 582 21.57 -0.39 -2.30
CA PHE A 582 21.65 0.63 -3.35
C PHE A 582 23.08 0.97 -3.69
N MET A 583 23.84 1.41 -2.69
CA MET A 583 25.16 1.97 -2.95
C MET A 583 26.10 0.94 -3.50
N PHE A 584 25.92 -0.31 -3.13
CA PHE A 584 26.66 -1.39 -3.75
C PHE A 584 26.45 -1.39 -5.25
N VAL A 585 25.20 -1.54 -5.68
CA VAL A 585 24.87 -1.57 -7.09
C VAL A 585 25.22 -0.26 -7.75
N TYR A 586 25.03 0.84 -7.05
CA TYR A 586 25.37 2.14 -7.60
C TYR A 586 26.85 2.24 -7.93
N ILE A 587 27.71 1.74 -7.05
CA ILE A 587 29.15 1.84 -7.22
C ILE A 587 29.65 0.89 -8.30
N VAL A 588 28.98 -0.23 -8.47
CA VAL A 588 29.26 -1.11 -9.59
C VAL A 588 29.04 -0.41 -10.90
N PHE A 589 27.90 0.28 -11.00
CA PHE A 589 27.58 1.08 -12.17
C PHE A 589 28.52 2.25 -12.30
N LEU A 590 28.72 2.98 -11.23
CA LEU A 590 29.59 4.15 -11.23
C LEU A 590 30.99 3.79 -11.69
N PHE A 591 31.51 2.71 -11.15
CA PHE A 591 32.84 2.27 -11.49
C PHE A 591 32.87 1.55 -12.83
N GLY A 592 31.82 0.80 -13.13
CA GLY A 592 31.69 0.22 -14.46
C GLY A 592 31.73 1.22 -15.59
N PHE A 593 30.88 2.24 -15.51
CA PHE A 593 30.79 3.23 -16.58
C PHE A 593 31.91 4.24 -16.54
N SER A 594 32.54 4.44 -15.39
CA SER A 594 33.63 5.38 -15.30
C SER A 594 34.85 4.86 -16.05
N THR A 595 35.23 3.64 -15.75
CA THR A 595 36.33 2.98 -16.42
C THR A 595 36.16 2.99 -17.92
N ALA A 596 34.98 2.60 -18.37
CA ALA A 596 34.57 2.76 -19.75
C ALA A 596 34.81 4.16 -20.28
N VAL A 597 34.39 5.17 -19.52
CA VAL A 597 34.52 6.54 -19.97
C VAL A 597 35.98 6.96 -20.01
N VAL A 598 36.72 6.67 -18.95
CA VAL A 598 38.09 7.16 -18.86
C VAL A 598 39.01 6.38 -19.76
N THR A 599 38.63 5.18 -20.15
CA THR A 599 39.32 4.44 -21.19
C THR A 599 39.12 5.07 -22.56
N LEU A 600 38.02 5.77 -22.76
CA LEU A 600 37.72 6.43 -24.00
C LEU A 600 38.34 7.80 -24.09
N ILE A 601 38.67 8.39 -22.96
CA ILE A 601 39.22 9.74 -22.91
C ILE A 601 40.68 9.70 -23.34
N GLU A 602 41.08 10.70 -24.13
CA GLU A 602 42.43 10.85 -24.66
C GLU A 602 42.84 12.30 -24.56
N ASP A 603 43.89 12.57 -23.79
CA ASP A 603 44.54 13.88 -23.82
C ASP A 603 45.94 13.79 -23.22
N SER A 629 41.61 18.31 -17.35
CA SER A 629 41.82 16.95 -17.84
C SER A 629 41.12 15.92 -16.97
N TYR A 630 40.14 15.23 -17.56
CA TYR A 630 39.38 14.18 -16.90
C TYR A 630 39.93 12.80 -17.19
N ASN A 631 41.21 12.70 -17.55
CA ASN A 631 41.83 11.42 -17.88
C ASN A 631 42.31 10.75 -16.59
N SER A 632 41.35 10.53 -15.72
CA SER A 632 41.60 10.04 -14.39
C SER A 632 40.32 9.39 -13.90
N LEU A 633 40.49 8.30 -13.18
CA LEU A 633 39.35 7.56 -12.70
C LEU A 633 38.68 8.27 -11.54
N TYR A 634 39.40 9.13 -10.83
CA TYR A 634 38.74 9.90 -9.80
C TYR A 634 37.76 10.89 -10.40
N SER A 635 38.24 11.68 -11.34
CA SER A 635 37.49 12.82 -11.84
C SER A 635 36.29 12.36 -12.64
N THR A 636 36.47 11.30 -13.40
CA THR A 636 35.37 10.71 -14.14
C THR A 636 34.34 10.12 -13.20
N CYS A 637 34.79 9.40 -12.18
CA CYS A 637 33.89 8.92 -11.16
C CYS A 637 33.28 10.07 -10.39
N LEU A 638 34.03 11.13 -10.24
CA LEU A 638 33.52 12.31 -9.59
C LEU A 638 32.56 13.07 -10.48
N GLU A 639 32.79 13.08 -11.78
CA GLU A 639 31.84 13.71 -12.69
C GLU A 639 30.58 12.87 -12.88
N LEU A 640 30.71 11.56 -12.85
CA LEU A 640 29.55 10.71 -13.00
C LEU A 640 28.74 10.60 -11.73
N PHE A 641 29.32 10.90 -10.58
CA PHE A 641 28.52 11.01 -9.38
C PHE A 641 27.68 12.26 -9.36
N LYS A 642 28.03 13.24 -10.15
CA LYS A 642 27.28 14.46 -10.18
C LYS A 642 25.95 14.30 -10.86
N PHE A 643 25.83 13.36 -11.81
CA PHE A 643 24.56 13.08 -12.45
C PHE A 643 23.51 12.67 -11.43
N THR A 644 23.91 11.98 -10.39
CA THR A 644 22.95 11.47 -9.43
C THR A 644 22.57 12.49 -8.38
N ILE A 645 23.37 13.54 -8.22
CA ILE A 645 23.01 14.69 -7.43
C ILE A 645 22.58 15.86 -8.30
N GLY A 646 22.13 15.60 -9.52
CA GLY A 646 21.53 16.60 -10.34
C GLY A 646 22.48 17.61 -10.90
N MET A 647 23.75 17.26 -11.01
CA MET A 647 24.78 18.19 -11.45
C MET A 647 25.66 17.60 -12.52
N GLY A 648 25.09 16.73 -13.33
CA GLY A 648 25.79 16.13 -14.44
C GLY A 648 25.84 16.93 -15.72
N ASP A 649 27.04 17.10 -16.22
CA ASP A 649 27.29 17.68 -17.53
C ASP A 649 27.52 16.55 -18.51
N LEU A 650 26.77 16.55 -19.58
CA LEU A 650 26.93 15.56 -20.62
C LEU A 650 28.05 15.90 -21.58
N GLU A 651 28.81 16.93 -21.26
CA GLU A 651 29.80 17.54 -22.11
C GLU A 651 31.03 17.89 -21.28
N PHE A 652 31.28 17.15 -20.21
CA PHE A 652 32.40 17.47 -19.36
C PHE A 652 33.73 17.17 -20.02
N THR A 653 33.74 16.37 -21.07
CA THR A 653 34.90 16.25 -21.93
C THR A 653 34.48 16.39 -23.38
N GLU A 654 35.38 16.98 -24.13
CA GLU A 654 35.45 16.87 -25.57
C GLU A 654 36.65 16.03 -25.97
N ASN A 655 37.45 15.60 -25.01
CA ASN A 655 38.73 14.97 -25.25
C ASN A 655 38.49 13.49 -25.38
N TYR A 656 38.23 13.08 -26.59
CA TYR A 656 37.93 11.70 -26.95
C TYR A 656 37.89 11.65 -28.46
N ASP A 657 37.66 10.46 -28.99
CA ASP A 657 37.57 10.24 -30.43
C ASP A 657 36.17 9.92 -30.91
N PHE A 658 35.32 9.38 -30.04
CA PHE A 658 34.04 8.83 -30.45
C PHE A 658 32.93 9.37 -29.55
N LYS A 659 32.29 10.45 -30.02
CA LYS A 659 31.21 11.07 -29.29
C LYS A 659 30.00 10.16 -29.14
N ALA A 660 29.69 9.35 -30.15
CA ALA A 660 28.59 8.43 -30.03
C ALA A 660 28.77 7.53 -28.83
N VAL A 661 29.99 7.07 -28.61
CA VAL A 661 30.26 6.13 -27.54
C VAL A 661 30.09 6.83 -26.20
N PHE A 662 30.70 8.01 -26.08
CA PHE A 662 30.69 8.80 -24.86
C PHE A 662 29.28 9.13 -24.41
N ILE A 663 28.38 9.37 -25.36
CA ILE A 663 27.01 9.78 -25.08
C ILE A 663 26.12 8.60 -24.79
N ILE A 664 26.17 7.57 -25.65
CA ILE A 664 25.45 6.33 -25.41
C ILE A 664 25.76 5.79 -24.03
N LEU A 665 27.03 5.87 -23.66
CA LEU A 665 27.51 5.33 -22.42
C LEU A 665 27.05 6.14 -21.21
N LEU A 666 27.10 7.48 -21.32
CA LEU A 666 26.60 8.31 -20.23
C LEU A 666 25.11 8.24 -20.09
N LEU A 667 24.40 8.23 -21.19
CA LEU A 667 22.96 8.03 -21.16
C LEU A 667 22.58 6.70 -20.56
N ALA A 668 23.30 5.66 -20.92
CA ALA A 668 23.11 4.38 -20.27
C ALA A 668 23.39 4.47 -18.78
N TYR A 669 24.47 5.15 -18.39
CA TYR A 669 24.72 5.43 -16.99
C TYR A 669 23.57 6.20 -16.35
N VAL A 670 23.13 7.26 -17.00
CA VAL A 670 22.10 8.12 -16.43
C VAL A 670 20.79 7.37 -16.30
N ILE A 671 20.37 6.69 -17.36
CA ILE A 671 19.13 5.94 -17.36
C ILE A 671 19.15 4.87 -16.29
N LEU A 672 20.24 4.13 -16.21
CA LEU A 672 20.35 3.06 -15.24
C LEU A 672 20.44 3.58 -13.82
N THR A 673 21.17 4.65 -13.59
CA THR A 673 21.42 5.15 -12.24
C THR A 673 20.46 6.23 -11.80
N TYR A 674 20.22 7.25 -12.60
CA TYR A 674 19.43 8.38 -12.15
C TYR A 674 17.95 8.10 -12.32
N ILE A 675 17.56 7.62 -13.48
CA ILE A 675 16.16 7.48 -13.81
C ILE A 675 15.60 6.23 -13.15
N LEU A 676 16.35 5.15 -13.19
CA LEU A 676 15.91 3.88 -12.65
C LEU A 676 16.26 3.72 -11.18
N LEU A 677 17.52 3.71 -10.86
CA LEU A 677 17.98 3.17 -9.60
C LEU A 677 17.72 4.08 -8.42
N LEU A 678 17.91 5.38 -8.57
CA LEU A 678 17.51 6.29 -7.51
C LEU A 678 16.02 6.26 -7.28
N ASN A 679 15.25 6.17 -8.34
CA ASN A 679 13.82 6.21 -8.22
C ASN A 679 13.28 4.88 -7.77
N MET A 680 13.99 3.82 -8.10
CA MET A 680 13.75 2.52 -7.54
C MET A 680 13.98 2.50 -6.04
N LEU A 681 15.02 3.19 -5.58
CA LEU A 681 15.28 3.29 -4.15
C LEU A 681 14.15 3.95 -3.40
N ILE A 682 13.64 5.04 -3.94
CA ILE A 682 12.46 5.69 -3.39
C ILE A 682 11.34 4.68 -3.25
N ALA A 683 11.16 3.89 -4.29
CA ALA A 683 10.17 2.84 -4.31
C ALA A 683 10.48 1.74 -3.31
N LEU A 684 11.75 1.37 -3.19
CA LEU A 684 12.12 0.39 -2.18
C LEU A 684 11.88 0.90 -0.77
N MET A 685 12.27 2.14 -0.51
CA MET A 685 12.05 2.76 0.79
C MET A 685 10.58 2.74 1.17
N GLY A 686 9.70 3.07 0.24
CA GLY A 686 8.28 3.06 0.52
C GLY A 686 7.77 1.70 0.90
N GLU A 687 8.31 0.66 0.28
CA GLU A 687 7.96 -0.69 0.67
C GLU A 687 8.44 -0.97 2.08
N THR A 688 9.64 -0.52 2.38
CA THR A 688 10.22 -0.70 3.70
C THR A 688 9.41 0.04 4.77
N VAL A 689 9.02 1.27 4.49
CA VAL A 689 8.28 2.08 5.44
C VAL A 689 6.94 1.44 5.78
N ASN A 690 6.30 0.81 4.81
CA ASN A 690 5.04 0.15 5.10
C ASN A 690 5.24 -1.08 5.96
N LYS A 691 6.46 -1.62 5.98
CA LYS A 691 6.79 -2.81 6.75
C LYS A 691 7.36 -2.52 8.14
N ILE A 692 8.34 -1.63 8.23
CA ILE A 692 9.06 -1.45 9.49
C ILE A 692 8.35 -0.47 10.40
N ALA A 693 7.15 -0.03 10.01
CA ALA A 693 6.45 1.00 10.77
C ALA A 693 6.17 0.55 12.20
N GLN A 694 5.66 -0.66 12.37
CA GLN A 694 5.42 -1.22 13.68
C GLN A 694 6.71 -1.70 14.33
N GLU A 695 7.51 -2.41 13.57
CA GLU A 695 8.84 -2.84 14.01
C GLU A 695 9.64 -1.70 14.59
N SER A 696 9.51 -0.51 14.00
CA SER A 696 10.31 0.62 14.43
C SER A 696 9.76 1.25 15.68
N LYS A 697 8.45 1.18 15.89
CA LYS A 697 7.89 1.61 17.16
C LYS A 697 8.35 0.72 18.29
N ASN A 698 8.55 -0.55 18.02
CA ASN A 698 8.90 -1.50 19.05
C ASN A 698 10.38 -1.54 19.28
N ILE A 699 11.17 -1.26 18.24
CA ILE A 699 12.59 -1.02 18.44
C ILE A 699 12.80 0.28 19.17
N TRP A 700 11.92 1.25 18.99
CA TRP A 700 12.03 2.50 19.74
C TRP A 700 11.83 2.27 21.23
N LYS A 701 10.76 1.58 21.61
CA LYS A 701 10.48 1.32 23.01
C LYS A 701 11.60 0.55 23.68
N LEU A 702 12.28 -0.29 22.92
CA LEU A 702 13.41 -1.04 23.42
C LEU A 702 14.63 -0.15 23.58
N GLN A 703 14.83 0.79 22.66
CA GLN A 703 15.87 1.78 22.83
C GLN A 703 15.66 2.58 24.09
N ARG A 704 14.44 3.02 24.33
CA ARG A 704 14.13 3.77 25.53
C ARG A 704 14.28 2.93 26.78
N ALA A 705 13.90 1.67 26.69
CA ALA A 705 14.08 0.73 27.80
C ALA A 705 15.53 0.63 28.22
N ILE A 706 16.44 0.53 27.26
CA ILE A 706 17.86 0.43 27.56
C ILE A 706 18.35 1.72 28.19
N THR A 707 17.75 2.84 27.83
CA THR A 707 18.09 4.08 28.48
C THR A 707 17.61 4.09 29.92
N ILE A 708 16.41 3.58 30.16
CA ILE A 708 15.85 3.51 31.49
C ILE A 708 16.69 2.62 32.39
N LEU A 709 17.22 1.54 31.83
CA LEU A 709 18.01 0.60 32.60
C LEU A 709 19.44 1.08 32.78
N ASP A 710 20.08 1.56 31.71
CA ASP A 710 21.41 2.14 31.86
C ASP A 710 21.38 3.35 32.77
N THR A 711 20.25 4.04 32.84
CA THR A 711 20.13 5.19 33.71
C THR A 711 20.04 4.78 35.18
N GLU A 712 19.02 3.97 35.51
CA GLU A 712 18.77 3.67 36.91
C GLU A 712 19.92 2.91 37.55
N LYS A 713 20.73 2.23 36.75
CA LYS A 713 21.98 1.69 37.25
C LYS A 713 22.93 2.82 37.57
N SER A 714 23.31 3.55 36.53
CA SER A 714 24.39 4.53 36.66
C SER A 714 24.08 5.60 37.67
N PHE A 715 22.88 6.19 37.59
CA PHE A 715 22.54 7.32 38.45
C PHE A 715 22.58 6.94 39.92
N LEU A 716 21.74 5.98 40.32
CA LEU A 716 21.76 5.56 41.70
C LEU A 716 23.08 4.89 42.06
N LYS A 717 23.27 3.67 41.56
CA LYS A 717 24.45 2.82 41.72
C LYS A 717 24.98 2.65 43.16
N CYS A 718 24.26 3.13 44.17
CA CYS A 718 24.63 2.91 45.57
C CYS A 718 23.42 2.64 46.46
N MET A 719 22.34 3.38 46.22
CA MET A 719 21.18 3.43 47.10
C MET A 719 20.02 2.62 46.55
N ARG A 720 19.67 2.86 45.29
CA ARG A 720 18.69 2.09 44.54
C ARG A 720 17.37 1.97 45.32
N LYS A 721 16.84 3.14 45.68
CA LYS A 721 15.66 3.27 46.53
C LYS A 721 14.64 4.25 46.01
N ALA A 722 15.03 5.22 45.19
CA ALA A 722 14.10 6.22 44.69
C ALA A 722 13.39 5.77 43.43
N PHE A 723 13.97 4.84 42.66
CA PHE A 723 13.29 4.34 41.47
C PHE A 723 12.36 3.17 41.75
N ARG A 724 12.01 2.92 43.01
CA ARG A 724 11.24 1.72 43.32
C ARG A 724 9.84 1.86 42.76
N SER A 725 9.67 1.35 41.55
CA SER A 725 8.36 1.26 40.94
C SER A 725 7.47 0.32 41.74
N GLY A 726 6.25 0.78 42.00
CA GLY A 726 5.36 0.07 42.89
C GLY A 726 5.56 0.46 44.34
N LYS A 727 5.06 -0.40 45.22
CA LYS A 727 5.05 -0.14 46.64
C LYS A 727 4.81 -1.47 47.35
N LEU A 728 5.10 -1.52 48.64
CA LEU A 728 4.67 -2.66 49.45
C LEU A 728 3.15 -2.70 49.48
N LEU A 729 2.59 -3.68 48.80
CA LEU A 729 1.16 -3.98 48.86
C LEU A 729 0.99 -5.41 49.34
N GLN A 730 0.45 -5.58 50.55
CA GLN A 730 0.05 -6.89 51.03
C GLN A 730 -1.09 -7.42 50.16
N VAL A 731 -0.84 -8.51 49.44
CA VAL A 731 -1.82 -9.05 48.49
C VAL A 731 -2.61 -10.23 49.07
N GLY A 732 -2.02 -10.99 49.98
CA GLY A 732 -2.63 -12.21 50.44
C GLY A 732 -1.83 -12.79 51.58
N TYR A 733 -1.60 -14.09 51.55
CA TYR A 733 -0.92 -14.76 52.66
C TYR A 733 -0.03 -15.87 52.14
N THR A 734 1.05 -16.07 52.86
CA THR A 734 1.84 -17.27 52.74
C THR A 734 0.92 -18.46 53.01
N PRO A 735 1.04 -19.57 52.27
CA PRO A 735 0.14 -20.71 52.52
C PRO A 735 0.31 -21.30 53.92
N ASP A 736 1.43 -21.05 54.58
CA ASP A 736 1.54 -21.33 56.00
C ASP A 736 0.66 -20.40 56.81
N GLY A 737 0.59 -19.12 56.43
CA GLY A 737 -0.24 -18.15 57.10
C GLY A 737 0.36 -16.77 57.26
N LYS A 738 1.65 -16.62 56.99
CA LYS A 738 2.27 -15.29 57.06
C LYS A 738 1.64 -14.37 56.02
N ASP A 739 1.92 -13.08 56.18
CA ASP A 739 1.45 -12.09 55.23
C ASP A 739 2.26 -12.16 53.94
N ASP A 740 1.60 -11.81 52.83
CA ASP A 740 2.21 -11.83 51.50
C ASP A 740 2.43 -10.39 51.05
N TYR A 741 3.59 -9.85 51.41
CA TYR A 741 4.01 -8.53 50.94
C TYR A 741 4.76 -8.66 49.63
N ARG A 742 4.36 -7.88 48.63
CA ARG A 742 5.00 -7.89 47.33
C ARG A 742 5.04 -6.50 46.72
N TRP A 743 6.21 -6.11 46.25
CA TRP A 743 6.33 -4.93 45.40
C TRP A 743 5.47 -5.13 44.17
N CYS A 744 4.51 -4.24 43.98
CA CYS A 744 3.47 -4.45 42.98
C CYS A 744 3.17 -3.16 42.25
N PHE A 745 2.77 -3.31 41.00
CA PHE A 745 2.53 -2.21 40.09
C PHE A 745 1.05 -2.13 39.80
N ARG A 746 0.45 -1.01 40.15
CA ARG A 746 -0.96 -0.81 39.97
C ARG A 746 -1.31 -0.41 38.54
N VAL A 747 -2.39 -0.98 38.04
CA VAL A 747 -2.90 -0.68 36.72
C VAL A 747 -4.42 -0.58 36.80
N ASP A 748 -4.96 0.52 36.31
CA ASP A 748 -6.39 0.79 36.36
C ASP A 748 -7.00 0.46 35.01
N GLU A 749 -8.13 -0.25 35.04
CA GLU A 749 -8.69 -0.84 33.85
C GLU A 749 -10.21 -0.81 33.94
N VAL A 750 -10.85 -0.92 32.78
CA VAL A 750 -12.30 -0.84 32.66
C VAL A 750 -12.78 -1.95 31.73
N ASN A 751 -13.94 -2.50 32.05
CA ASN A 751 -14.60 -3.47 31.18
C ASN A 751 -16.09 -3.16 31.11
N TRP A 752 -16.68 -3.54 29.98
CA TRP A 752 -18.12 -3.36 29.75
C TRP A 752 -18.77 -4.64 29.27
N THR A 753 -18.11 -5.79 29.44
CA THR A 753 -18.70 -7.10 29.20
C THR A 753 -18.40 -8.11 30.30
N THR A 754 -17.58 -7.78 31.29
CA THR A 754 -17.26 -8.64 32.43
C THR A 754 -18.13 -8.26 33.62
N TRP A 755 -19.42 -8.05 33.31
CA TRP A 755 -20.38 -7.43 34.20
C TRP A 755 -20.40 -8.04 35.60
N ASN A 756 -19.99 -9.30 35.74
CA ASN A 756 -19.94 -9.93 37.05
C ASN A 756 -18.74 -9.44 37.83
N TYR B 201 -13.40 10.82 50.72
CA TYR B 201 -12.94 9.81 49.73
C TYR B 201 -14.13 9.01 49.25
N TYR B 202 -14.90 8.51 50.21
CA TYR B 202 -16.19 7.89 49.98
C TYR B 202 -17.34 8.76 50.46
N LYS B 203 -17.07 10.05 50.68
CA LYS B 203 -17.97 10.97 51.36
C LYS B 203 -19.34 11.05 50.70
N GLY B 204 -20.36 10.59 51.42
CA GLY B 204 -21.74 10.58 50.96
C GLY B 204 -22.28 9.22 50.61
N GLN B 205 -21.49 8.16 50.77
CA GLN B 205 -21.89 6.83 50.33
C GLN B 205 -22.90 6.21 51.28
N THR B 206 -23.70 5.30 50.73
CA THR B 206 -24.71 4.57 51.48
C THR B 206 -24.59 3.09 51.17
N ALA B 207 -25.15 2.27 52.07
CA ALA B 207 -25.22 0.84 51.83
C ALA B 207 -26.16 0.49 50.68
N LEU B 208 -27.02 1.42 50.28
CA LEU B 208 -27.81 1.22 49.08
C LEU B 208 -26.91 1.24 47.84
N HIS B 209 -25.94 2.16 47.82
CA HIS B 209 -24.99 2.20 46.71
C HIS B 209 -24.21 0.91 46.60
N ILE B 210 -23.88 0.32 47.75
CA ILE B 210 -23.23 -0.98 47.77
C ILE B 210 -24.03 -2.00 46.97
N ALA B 211 -25.31 -2.13 47.29
CA ALA B 211 -26.10 -3.24 46.77
C ALA B 211 -26.25 -3.16 45.27
N ILE B 212 -26.30 -1.95 44.71
CA ILE B 212 -26.46 -1.81 43.27
C ILE B 212 -25.21 -2.28 42.57
N GLU B 213 -24.06 -2.01 43.16
CA GLU B 213 -22.79 -2.36 42.56
C GLU B 213 -22.43 -3.82 42.83
N ARG B 214 -22.85 -4.39 43.95
CA ARG B 214 -22.59 -5.80 44.26
C ARG B 214 -23.66 -6.74 43.71
N ARG B 215 -24.43 -6.30 42.70
CA ARG B 215 -25.34 -7.19 41.97
C ARG B 215 -26.43 -7.74 42.89
N ASN B 216 -27.03 -6.87 43.67
CA ASN B 216 -27.89 -7.27 44.78
C ASN B 216 -29.15 -6.42 44.79
N MET B 217 -30.16 -6.82 44.01
CA MET B 217 -31.45 -6.15 44.06
C MET B 217 -32.31 -6.64 45.21
N ALA B 218 -32.05 -7.86 45.68
CA ALA B 218 -32.77 -8.38 46.83
C ALA B 218 -32.58 -7.49 48.06
N LEU B 219 -31.42 -6.83 48.17
CA LEU B 219 -31.14 -5.96 49.29
C LEU B 219 -31.36 -4.48 48.99
N VAL B 220 -31.41 -4.09 47.72
CA VAL B 220 -31.83 -2.73 47.40
C VAL B 220 -33.28 -2.53 47.84
N THR B 221 -34.15 -3.48 47.49
CA THR B 221 -35.53 -3.44 47.96
C THR B 221 -35.59 -3.56 49.48
N LEU B 222 -34.60 -4.21 50.09
CA LEU B 222 -34.56 -4.31 51.55
C LEU B 222 -34.23 -2.96 52.18
N LEU B 223 -33.32 -2.21 51.59
CA LEU B 223 -32.86 -0.98 52.22
C LEU B 223 -33.85 0.16 51.99
N VAL B 224 -34.42 0.25 50.80
CA VAL B 224 -35.36 1.32 50.49
C VAL B 224 -36.60 1.20 51.36
N GLU B 225 -37.09 -0.03 51.56
CA GLU B 225 -38.34 -0.20 52.29
C GLU B 225 -38.18 0.15 53.76
N ASN B 226 -37.00 -0.10 54.33
CA ASN B 226 -36.69 0.35 55.68
C ASN B 226 -36.37 1.84 55.75
N GLY B 227 -36.45 2.57 54.65
CA GLY B 227 -36.30 4.00 54.65
C GLY B 227 -34.98 4.53 54.13
N ALA B 228 -34.18 3.71 53.46
CA ALA B 228 -32.93 4.18 52.88
C ALA B 228 -33.24 5.18 51.77
N ASP B 229 -32.82 6.43 51.97
CA ASP B 229 -33.05 7.48 50.99
C ASP B 229 -32.49 7.11 49.63
N VAL B 230 -33.22 7.49 48.59
CA VAL B 230 -32.84 7.25 47.19
C VAL B 230 -32.61 8.57 46.49
N GLN B 231 -32.13 9.57 47.23
CA GLN B 231 -31.65 10.83 46.68
C GLN B 231 -30.20 11.10 47.09
N ALA B 232 -29.54 10.13 47.71
CA ALA B 232 -28.28 10.38 48.38
C ALA B 232 -27.20 10.76 47.39
N ALA B 233 -26.43 11.78 47.74
CA ALA B 233 -25.35 12.28 46.90
C ALA B 233 -24.04 11.68 47.38
N ALA B 234 -23.49 10.77 46.57
CA ALA B 234 -22.13 10.27 46.79
C ALA B 234 -21.13 11.33 46.33
N HIS B 235 -21.07 12.41 47.11
CA HIS B 235 -20.23 13.57 46.78
C HIS B 235 -18.85 13.42 47.40
N GLY B 236 -18.24 12.28 47.11
CA GLY B 236 -16.94 11.93 47.61
C GLY B 236 -15.92 11.83 46.50
N ASP B 237 -14.64 11.88 46.88
CA ASP B 237 -13.57 12.06 45.92
C ASP B 237 -13.49 10.90 44.94
N PHE B 238 -13.70 9.68 45.44
CA PHE B 238 -13.68 8.51 44.57
C PHE B 238 -14.83 8.53 43.57
N PHE B 239 -15.90 9.26 43.87
CA PHE B 239 -17.12 9.23 43.08
C PHE B 239 -17.22 10.40 42.10
N LYS B 240 -16.17 11.22 41.99
CA LYS B 240 -16.12 12.32 41.06
C LYS B 240 -15.40 11.89 39.79
N LYS B 241 -15.25 12.84 38.87
CA LYS B 241 -14.57 12.58 37.61
C LYS B 241 -13.18 12.03 37.85
N THR B 242 -12.84 11.00 37.07
CA THR B 242 -11.57 10.31 37.26
C THR B 242 -10.39 11.26 37.10
N LYS B 243 -10.21 11.82 35.90
CA LYS B 243 -9.13 12.76 35.62
C LYS B 243 -7.78 12.19 36.04
N GLY B 244 -7.57 10.92 35.74
CA GLY B 244 -6.35 10.22 36.11
C GLY B 244 -6.49 9.41 37.38
N ARG B 245 -7.26 9.91 38.35
CA ARG B 245 -7.39 9.21 39.61
C ARG B 245 -8.19 7.92 39.41
N PRO B 246 -7.96 6.90 40.25
CA PRO B 246 -8.67 5.63 40.08
C PRO B 246 -10.08 5.67 40.64
N GLY B 247 -11.04 6.12 39.82
CA GLY B 247 -12.40 6.37 40.27
C GLY B 247 -13.42 5.81 39.32
N PHE B 248 -14.70 5.97 39.69
CA PHE B 248 -15.81 5.73 38.79
C PHE B 248 -16.86 6.79 39.06
N TYR B 249 -17.05 7.68 38.11
CA TYR B 249 -18.16 8.62 38.15
C TYR B 249 -19.37 7.98 37.49
N PHE B 250 -20.53 8.16 38.13
CA PHE B 250 -21.78 7.62 37.63
C PHE B 250 -22.94 8.58 37.69
N GLY B 251 -22.86 9.63 38.49
CA GLY B 251 -23.91 10.61 38.57
C GLY B 251 -24.26 11.08 39.97
N GLU B 252 -23.62 10.52 40.99
CA GLU B 252 -23.77 11.01 42.37
C GLU B 252 -25.23 10.88 42.80
N LEU B 253 -25.85 9.77 42.42
CA LEU B 253 -27.24 9.54 42.76
C LEU B 253 -27.48 8.04 42.58
N PRO B 254 -28.34 7.41 43.38
CA PRO B 254 -28.48 5.94 43.26
C PRO B 254 -29.01 5.47 41.92
N LEU B 255 -30.12 6.05 41.46
CA LEU B 255 -30.67 5.77 40.14
C LEU B 255 -29.61 5.90 39.05
N SER B 256 -28.74 6.90 39.17
CA SER B 256 -27.71 7.10 38.16
C SER B 256 -26.75 5.92 38.10
N LEU B 257 -26.45 5.31 39.25
CA LEU B 257 -25.53 4.19 39.29
C LEU B 257 -26.10 3.00 38.55
N ALA B 258 -27.38 2.70 38.80
CA ALA B 258 -27.99 1.52 38.19
C ALA B 258 -28.09 1.66 36.69
N ALA B 259 -28.24 2.89 36.20
CA ALA B 259 -28.30 3.13 34.77
C ALA B 259 -26.93 2.96 34.13
N CYS B 260 -25.88 3.37 34.82
CA CYS B 260 -24.51 3.23 34.36
C CYS B 260 -23.90 1.88 34.71
N THR B 261 -24.69 0.98 35.28
CA THR B 261 -24.19 -0.29 35.78
C THR B 261 -24.89 -1.46 35.13
N ASN B 262 -25.88 -1.20 34.26
CA ASN B 262 -26.59 -2.22 33.51
C ASN B 262 -27.30 -3.21 34.44
N GLN B 263 -28.27 -2.67 35.18
CA GLN B 263 -29.38 -3.45 35.71
C GLN B 263 -30.63 -2.60 35.43
N LEU B 264 -31.19 -2.75 34.23
CA LEU B 264 -32.44 -2.05 33.95
C LEU B 264 -33.55 -2.53 34.87
N GLY B 265 -33.50 -3.81 35.26
CA GLY B 265 -34.44 -4.29 36.25
C GLY B 265 -34.43 -3.48 37.52
N ILE B 266 -33.24 -3.18 38.04
CA ILE B 266 -33.14 -2.35 39.24
C ILE B 266 -33.68 -0.96 38.96
N VAL B 267 -33.32 -0.39 37.80
CA VAL B 267 -33.61 1.00 37.49
C VAL B 267 -35.11 1.26 37.57
N LYS B 268 -35.89 0.41 36.91
CA LYS B 268 -37.33 0.57 36.94
C LYS B 268 -37.86 0.42 38.36
N PHE B 269 -37.26 -0.49 39.14
CA PHE B 269 -37.71 -0.69 40.51
C PHE B 269 -37.58 0.56 41.35
N LEU B 270 -36.57 1.39 41.07
CA LEU B 270 -36.35 2.59 41.86
C LEU B 270 -37.46 3.62 41.68
N LEU B 271 -38.22 3.53 40.59
CA LEU B 271 -39.14 4.60 40.20
C LEU B 271 -40.60 4.28 40.42
N GLN B 272 -41.00 3.01 40.50
CA GLN B 272 -42.34 2.64 40.95
C GLN B 272 -42.35 1.94 42.30
N ASN B 273 -41.21 1.80 42.97
CA ASN B 273 -41.23 1.34 44.36
C ASN B 273 -42.11 2.24 45.19
N SER B 274 -42.99 1.62 45.98
CA SER B 274 -44.05 2.36 46.64
C SER B 274 -43.56 3.18 47.82
N TRP B 275 -42.49 2.73 48.48
CA TRP B 275 -42.01 3.42 49.66
C TRP B 275 -41.49 4.82 49.30
N GLN B 276 -40.64 4.90 48.30
CA GLN B 276 -40.17 6.19 47.82
C GLN B 276 -39.54 6.00 46.45
N THR B 277 -39.81 6.94 45.55
CA THR B 277 -39.35 6.88 44.18
C THR B 277 -38.35 7.99 43.94
N ALA B 278 -37.28 7.67 43.22
CA ALA B 278 -36.29 8.67 42.87
C ALA B 278 -36.92 9.74 41.98
N ASP B 279 -36.54 10.99 42.24
CA ASP B 279 -36.94 12.08 41.35
C ASP B 279 -36.19 11.93 40.03
N ILE B 280 -36.93 11.85 38.93
CA ILE B 280 -36.31 11.52 37.65
C ILE B 280 -35.40 12.65 37.18
N SER B 281 -35.81 13.90 37.41
CA SER B 281 -35.01 15.06 37.04
C SER B 281 -34.09 15.50 38.16
N ALA B 282 -33.74 14.61 39.08
CA ALA B 282 -32.84 14.98 40.15
C ALA B 282 -31.41 14.98 39.64
N ARG B 283 -30.70 16.06 39.92
CA ARG B 283 -29.36 16.27 39.44
C ARG B 283 -28.38 16.31 40.60
N ASP B 284 -27.11 16.31 40.25
CA ASP B 284 -26.00 16.19 41.18
C ASP B 284 -25.33 17.56 41.37
N SER B 285 -24.22 17.56 42.10
CA SER B 285 -23.46 18.78 42.33
C SER B 285 -22.94 19.36 41.03
N VAL B 286 -22.54 18.50 40.10
CA VAL B 286 -22.17 18.95 38.75
C VAL B 286 -23.38 19.42 37.96
N GLY B 287 -24.59 19.13 38.43
CA GLY B 287 -25.79 19.40 37.70
C GLY B 287 -26.21 18.29 36.77
N ASN B 288 -25.43 17.23 36.66
CA ASN B 288 -25.73 16.16 35.73
C ASN B 288 -26.87 15.31 36.24
N THR B 289 -27.94 15.23 35.46
CA THR B 289 -28.96 14.23 35.65
C THR B 289 -28.41 12.85 35.28
N VAL B 290 -29.27 11.84 35.43
CA VAL B 290 -28.93 10.49 35.00
C VAL B 290 -28.52 10.47 33.54
N LEU B 291 -29.21 11.24 32.69
CA LEU B 291 -28.90 11.21 31.28
C LEU B 291 -27.58 11.90 30.99
N HIS B 292 -27.34 13.03 31.65
CA HIS B 292 -26.03 13.65 31.61
C HIS B 292 -24.95 12.67 32.03
N ALA B 293 -25.10 12.08 33.21
CA ALA B 293 -24.10 11.15 33.72
C ALA B 293 -23.97 9.93 32.83
N LEU B 294 -25.08 9.48 32.27
CA LEU B 294 -25.07 8.36 31.33
C LEU B 294 -24.30 8.67 30.05
N VAL B 295 -24.09 9.95 29.74
CA VAL B 295 -23.23 10.31 28.63
C VAL B 295 -21.77 10.25 29.05
N GLU B 296 -21.46 10.85 30.20
CA GLU B 296 -20.08 10.97 30.63
C GLU B 296 -19.42 9.62 30.90
N VAL B 297 -20.21 8.56 31.06
CA VAL B 297 -19.65 7.22 31.21
C VAL B 297 -19.45 6.54 29.87
N ALA B 298 -19.99 7.07 28.80
CA ALA B 298 -19.77 6.51 27.48
C ALA B 298 -18.31 6.68 27.08
N ASP B 299 -17.81 5.68 26.33
CA ASP B 299 -16.42 5.65 25.91
C ASP B 299 -16.26 5.27 24.45
N ASN B 300 -17.35 5.12 23.71
CA ASN B 300 -17.31 4.88 22.28
C ASN B 300 -16.64 3.54 21.97
N THR B 301 -17.00 2.54 22.77
CA THR B 301 -16.81 1.14 22.43
C THR B 301 -18.17 0.53 22.18
N ALA B 302 -18.23 -0.43 21.27
CA ALA B 302 -19.50 -0.97 20.82
C ALA B 302 -20.28 -1.58 21.99
N ASP B 303 -19.61 -2.38 22.82
CA ASP B 303 -20.27 -2.95 23.99
C ASP B 303 -20.77 -1.87 24.94
N ASN B 304 -20.07 -0.75 25.03
CA ASN B 304 -20.56 0.37 25.83
C ASN B 304 -21.63 1.13 25.08
N THR B 305 -21.41 1.34 23.79
CA THR B 305 -22.31 2.19 23.03
C THR B 305 -23.66 1.53 22.82
N LYS B 306 -23.65 0.23 22.54
CA LYS B 306 -24.90 -0.51 22.48
C LYS B 306 -25.68 -0.37 23.76
N PHE B 307 -24.99 -0.34 24.89
CA PHE B 307 -25.70 -0.31 26.16
C PHE B 307 -26.26 1.07 26.46
N VAL B 308 -25.39 2.09 26.40
CA VAL B 308 -25.78 3.43 26.83
C VAL B 308 -26.97 3.91 26.02
N THR B 309 -26.98 3.62 24.74
CA THR B 309 -28.13 3.94 23.92
C THR B 309 -29.32 3.09 24.31
N SER B 310 -29.08 1.82 24.63
CA SER B 310 -30.17 0.95 25.05
C SER B 310 -30.76 1.43 26.36
N MET B 311 -29.91 1.90 27.27
CA MET B 311 -30.37 2.41 28.55
C MET B 311 -30.93 3.82 28.44
N TYR B 312 -30.22 4.71 27.74
CA TYR B 312 -30.66 6.09 27.57
C TYR B 312 -32.08 6.14 27.02
N ASN B 313 -32.36 5.24 26.08
CA ASN B 313 -33.70 5.13 25.54
C ASN B 313 -34.74 4.94 26.63
N GLU B 314 -34.41 4.09 27.61
CA GLU B 314 -35.44 3.53 28.47
C GLU B 314 -35.79 4.46 29.63
N ILE B 315 -34.84 5.26 30.12
CA ILE B 315 -35.17 6.28 31.10
C ILE B 315 -36.09 7.33 30.50
N LEU B 316 -36.01 7.55 29.19
CA LEU B 316 -36.84 8.58 28.58
C LEU B 316 -38.30 8.17 28.61
N MET B 317 -38.60 6.99 28.07
CA MET B 317 -39.98 6.50 28.10
C MET B 317 -40.50 6.43 29.52
N LEU B 318 -39.69 5.86 30.43
CA LEU B 318 -40.07 5.78 31.83
C LEU B 318 -40.41 7.16 32.38
N GLY B 319 -39.53 8.13 32.14
CA GLY B 319 -39.85 9.49 32.53
C GLY B 319 -41.04 10.05 31.79
N ALA B 320 -41.29 9.57 30.57
CA ALA B 320 -42.47 10.00 29.84
C ALA B 320 -43.72 9.34 30.40
N LYS B 321 -43.63 8.05 30.74
CA LYS B 321 -44.76 7.35 31.33
C LYS B 321 -45.09 7.94 32.70
N LEU B 322 -44.06 8.10 33.54
CA LEU B 322 -44.24 8.82 34.80
C LEU B 322 -44.71 10.24 34.56
N HIS B 323 -44.03 10.94 33.66
CA HIS B 323 -44.18 12.38 33.49
C HIS B 323 -44.21 12.68 31.99
N PRO B 324 -45.38 12.59 31.36
CA PRO B 324 -45.45 12.98 29.95
C PRO B 324 -45.13 14.45 29.70
N THR B 325 -45.15 15.29 30.73
CA THR B 325 -44.95 16.73 30.59
C THR B 325 -43.53 17.19 30.88
N LEU B 326 -42.80 16.53 31.77
CA LEU B 326 -41.43 16.96 32.02
C LEU B 326 -40.56 16.67 30.80
N LYS B 327 -39.62 17.58 30.55
CA LYS B 327 -38.69 17.46 29.43
C LYS B 327 -37.30 17.20 30.00
N LEU B 328 -36.80 15.99 29.75
CA LEU B 328 -35.54 15.57 30.35
C LEU B 328 -34.35 16.03 29.54
N GLU B 329 -34.37 15.80 28.23
CA GLU B 329 -33.23 16.13 27.40
C GLU B 329 -32.95 17.62 27.32
N GLU B 330 -33.90 18.45 27.73
CA GLU B 330 -33.70 19.88 27.78
C GLU B 330 -33.00 20.32 29.05
N LEU B 331 -32.86 19.44 30.03
CA LEU B 331 -32.25 19.82 31.29
C LEU B 331 -30.77 20.08 31.10
N THR B 332 -30.27 21.04 31.84
CA THR B 332 -28.91 21.51 31.70
C THR B 332 -28.18 21.38 33.03
N ASN B 333 -26.91 21.00 32.95
CA ASN B 333 -26.09 20.80 34.13
C ASN B 333 -25.62 22.15 34.66
N LYS B 334 -24.64 22.12 35.57
CA LYS B 334 -24.12 23.34 36.15
C LYS B 334 -23.47 24.22 35.09
N LYS B 335 -22.74 23.60 34.15
CA LYS B 335 -22.00 24.38 33.17
C LYS B 335 -22.93 25.09 32.20
N GLY B 336 -24.00 24.42 31.78
CA GLY B 336 -24.93 24.95 30.81
C GLY B 336 -25.07 24.03 29.61
N MET B 337 -24.86 22.74 29.82
CA MET B 337 -24.81 21.75 28.76
C MET B 337 -25.93 20.74 28.95
N THR B 338 -26.51 20.29 27.85
CA THR B 338 -27.53 19.27 27.83
C THR B 338 -26.90 17.91 27.55
N PRO B 339 -27.65 16.83 27.72
CA PRO B 339 -27.11 15.51 27.37
C PRO B 339 -26.71 15.40 25.91
N LEU B 340 -27.38 16.14 25.03
CA LEU B 340 -27.01 16.18 23.63
C LEU B 340 -25.75 16.99 23.41
N ALA B 341 -25.68 18.17 24.02
CA ALA B 341 -24.50 19.02 23.88
C ALA B 341 -23.30 18.38 24.54
N LEU B 342 -23.54 17.69 25.66
CA LEU B 342 -22.48 17.01 26.38
C LEU B 342 -21.90 15.88 25.55
N ALA B 343 -22.75 15.17 24.81
CA ALA B 343 -22.27 14.08 23.97
C ALA B 343 -21.41 14.60 22.84
N ALA B 344 -21.79 15.73 22.29
CA ALA B 344 -21.03 16.33 21.21
C ALA B 344 -19.80 17.03 21.74
N GLY B 345 -19.94 17.74 22.85
CA GLY B 345 -18.83 18.44 23.45
C GLY B 345 -17.77 17.54 24.05
N THR B 346 -18.03 16.24 24.15
CA THR B 346 -17.18 15.29 24.83
C THR B 346 -16.77 14.13 23.95
N GLY B 347 -17.28 14.05 22.74
CA GLY B 347 -16.78 13.15 21.74
C GLY B 347 -17.56 11.89 21.57
N LYS B 348 -18.84 11.89 21.93
CA LYS B 348 -19.58 10.65 22.13
C LYS B 348 -20.39 10.40 20.88
N ILE B 349 -19.75 9.73 19.92
CA ILE B 349 -20.27 9.57 18.58
C ILE B 349 -21.50 8.69 18.57
N GLY B 350 -21.50 7.62 19.35
CA GLY B 350 -22.61 6.69 19.30
C GLY B 350 -23.84 7.19 20.01
N VAL B 351 -23.63 7.87 21.12
CA VAL B 351 -24.73 8.51 21.82
C VAL B 351 -25.36 9.57 20.93
N LEU B 352 -24.53 10.42 20.35
CA LEU B 352 -25.02 11.47 19.47
C LEU B 352 -25.70 10.87 18.25
N ALA B 353 -25.09 9.85 17.67
CA ALA B 353 -25.68 9.17 16.53
C ALA B 353 -27.00 8.51 16.91
N TYR B 354 -27.17 8.17 18.19
CA TYR B 354 -28.45 7.65 18.64
C TYR B 354 -29.49 8.75 18.78
N ILE B 355 -29.14 9.82 19.49
CA ILE B 355 -30.10 10.84 19.87
C ILE B 355 -30.68 11.52 18.64
N LEU B 356 -29.87 11.69 17.60
CA LEU B 356 -30.31 12.40 16.41
C LEU B 356 -31.21 11.54 15.56
N GLN B 357 -30.89 10.25 15.50
CA GLN B 357 -31.62 9.27 14.71
C GLN B 357 -32.68 8.55 15.53
N ARG B 358 -33.18 9.17 16.59
CA ARG B 358 -34.04 8.48 17.55
C ARG B 358 -35.44 8.38 16.97
N GLU B 359 -35.73 7.28 16.32
CA GLU B 359 -37.08 6.93 15.90
C GLU B 359 -37.60 5.87 16.86
N ILE B 360 -38.69 6.20 17.54
CA ILE B 360 -39.36 5.33 18.48
C ILE B 360 -40.74 5.01 17.92
N GLN B 361 -41.16 3.76 18.06
CA GLN B 361 -42.46 3.30 17.59
C GLN B 361 -43.25 2.80 18.80
N GLU B 362 -44.01 3.71 19.40
CA GLU B 362 -44.88 3.42 20.54
C GLU B 362 -46.02 4.43 20.48
N PRO B 363 -47.17 4.11 21.07
CA PRO B 363 -48.30 5.03 20.92
C PRO B 363 -48.09 6.35 21.63
N GLU B 364 -47.53 6.32 22.84
CA GLU B 364 -47.39 7.50 23.68
C GLU B 364 -45.99 8.09 23.64
N CYS B 365 -45.02 7.38 23.06
CA CYS B 365 -43.61 7.77 23.11
C CYS B 365 -43.05 7.94 21.71
N ARG B 366 -43.74 8.74 20.89
CA ARG B 366 -43.18 9.28 19.65
C ARG B 366 -42.86 10.76 19.73
N HIS B 367 -43.47 11.49 20.68
CA HIS B 367 -43.11 12.88 20.91
C HIS B 367 -41.67 13.04 21.36
N LEU B 368 -41.02 11.97 21.80
CA LEU B 368 -39.61 11.99 22.12
C LEU B 368 -38.76 11.66 20.90
N SER B 369 -39.27 10.78 20.05
CA SER B 369 -38.55 10.42 18.83
C SER B 369 -38.22 11.67 18.04
N ARG B 370 -37.11 11.60 17.33
CA ARG B 370 -36.56 12.73 16.60
C ARG B 370 -36.49 12.50 15.11
N LYS B 371 -36.23 11.28 14.68
CA LYS B 371 -36.18 10.95 13.26
C LYS B 371 -37.55 10.40 12.87
N PHE B 372 -38.34 11.25 12.24
CA PHE B 372 -39.70 10.92 11.82
C PHE B 372 -39.75 10.58 10.35
N THR B 373 -40.56 9.57 10.01
CA THR B 373 -40.94 9.31 8.65
C THR B 373 -42.27 9.98 8.36
N GLU B 374 -42.29 10.89 7.39
CA GLU B 374 -43.51 11.61 7.06
C GLU B 374 -44.36 10.82 6.08
N TRP B 375 -43.76 10.29 5.03
CA TRP B 375 -44.48 9.49 4.05
C TRP B 375 -43.59 8.35 3.59
N ALA B 376 -44.19 7.48 2.78
CA ALA B 376 -43.57 6.27 2.27
C ALA B 376 -44.37 5.82 1.07
N TYR B 377 -43.67 5.35 0.04
CA TYR B 377 -44.34 4.86 -1.16
C TYR B 377 -43.47 3.75 -1.75
N GLY B 378 -43.76 2.53 -1.34
CA GLY B 378 -43.03 1.39 -1.84
C GLY B 378 -41.65 1.35 -1.23
N PRO B 379 -40.59 1.24 -2.05
CA PRO B 379 -39.24 1.29 -1.50
C PRO B 379 -38.81 2.67 -1.06
N VAL B 380 -39.39 3.70 -1.65
CA VAL B 380 -39.09 5.08 -1.28
C VAL B 380 -39.74 5.37 0.07
N HIS B 381 -38.96 5.96 0.98
CA HIS B 381 -39.49 6.56 2.19
C HIS B 381 -38.74 7.84 2.50
N SER B 382 -39.48 8.85 2.94
CA SER B 382 -38.95 10.19 3.18
C SER B 382 -38.96 10.49 4.66
N SER B 383 -37.79 10.43 5.26
CA SER B 383 -37.59 10.67 6.68
C SER B 383 -37.70 12.16 7.02
N LEU B 384 -37.64 12.44 8.31
CA LEU B 384 -37.56 13.81 8.83
C LEU B 384 -36.77 13.77 10.11
N TYR B 385 -35.68 14.53 10.15
CA TYR B 385 -34.94 14.76 11.36
C TYR B 385 -35.41 16.04 12.01
N ASP B 386 -35.31 16.10 13.32
CA ASP B 386 -35.51 17.35 14.03
C ASP B 386 -34.21 18.12 14.05
N LEU B 387 -34.34 19.44 14.18
CA LEU B 387 -33.20 20.34 14.24
C LEU B 387 -33.23 21.17 15.52
N SER B 388 -34.01 20.75 16.49
CA SER B 388 -34.13 21.51 17.72
C SER B 388 -32.84 21.40 18.53
N CYS B 389 -32.22 22.55 18.74
CA CYS B 389 -30.98 22.66 19.49
C CYS B 389 -29.84 21.94 18.79
N ILE B 390 -29.83 22.02 17.47
CA ILE B 390 -28.77 21.49 16.63
C ILE B 390 -28.13 22.57 15.78
N ASP B 391 -28.93 23.45 15.19
CA ASP B 391 -28.46 24.55 14.38
C ASP B 391 -28.64 25.90 15.04
N THR B 392 -29.71 26.06 15.82
CA THR B 392 -30.05 27.31 16.47
C THR B 392 -30.47 27.06 17.91
N CYS B 393 -29.69 26.30 18.65
CA CYS B 393 -29.88 26.31 20.09
C CYS B 393 -29.46 27.67 20.60
N GLU B 394 -30.23 28.20 21.54
CA GLU B 394 -29.82 29.43 22.19
C GLU B 394 -28.50 29.23 22.92
N LYS B 395 -28.28 28.03 23.46
CA LYS B 395 -27.05 27.67 24.15
C LYS B 395 -26.54 26.38 23.56
N ASN B 396 -25.35 26.42 22.97
CA ASN B 396 -24.57 25.23 22.65
C ASN B 396 -25.32 24.32 21.67
N SER B 397 -25.58 24.87 20.49
CA SER B 397 -25.99 24.04 19.38
C SER B 397 -24.95 22.96 19.12
N VAL B 398 -25.41 21.85 18.58
CA VAL B 398 -24.55 20.69 18.34
C VAL B 398 -23.45 21.05 17.36
N LEU B 399 -23.81 21.81 16.33
CA LEU B 399 -22.83 22.30 15.37
C LEU B 399 -21.81 23.19 16.05
N GLU B 400 -22.27 24.11 16.87
CA GLU B 400 -21.41 25.04 17.58
C GLU B 400 -20.67 24.40 18.74
N VAL B 401 -20.82 23.09 18.95
CA VAL B 401 -20.16 22.39 20.03
C VAL B 401 -19.21 21.37 19.42
N ILE B 402 -19.54 20.87 18.25
CA ILE B 402 -18.60 20.06 17.49
C ILE B 402 -17.49 20.91 16.92
N ALA B 403 -17.81 22.09 16.43
CA ALA B 403 -16.89 22.89 15.66
C ALA B 403 -16.06 23.86 16.50
N TYR B 404 -16.62 24.40 17.57
CA TYR B 404 -15.91 25.31 18.45
C TYR B 404 -15.24 24.57 19.58
N SER B 405 -14.89 23.30 19.36
CA SER B 405 -14.33 22.42 20.36
C SER B 405 -12.84 22.28 20.15
N SER B 406 -12.21 21.49 21.01
CA SER B 406 -10.78 21.28 21.00
C SER B 406 -10.44 19.88 20.50
N SER B 407 -9.36 19.79 19.73
CA SER B 407 -8.90 18.53 19.16
C SER B 407 -8.70 17.45 20.21
N GLU B 408 -8.48 17.84 21.48
CA GLU B 408 -8.49 16.86 22.56
C GLU B 408 -9.79 16.06 22.56
N THR B 409 -10.91 16.72 22.31
CA THR B 409 -12.18 16.04 22.21
C THR B 409 -12.15 15.04 21.07
N PRO B 410 -12.27 13.75 21.32
CA PRO B 410 -12.16 12.79 20.23
C PRO B 410 -13.32 12.90 19.25
N ASN B 411 -13.02 12.56 18.00
CA ASN B 411 -14.03 12.34 16.97
C ASN B 411 -14.76 13.62 16.63
N ARG B 412 -14.04 14.75 16.63
CA ARG B 412 -14.60 15.96 16.05
C ARG B 412 -14.89 15.75 14.58
N HIS B 413 -13.95 15.17 13.87
CA HIS B 413 -14.09 15.02 12.44
C HIS B 413 -15.01 13.89 12.05
N ASP B 414 -15.35 12.99 12.97
CA ASP B 414 -16.32 11.94 12.69
C ASP B 414 -17.74 12.31 13.04
N MET B 415 -17.94 13.22 14.00
CA MET B 415 -19.28 13.57 14.42
C MET B 415 -20.12 14.22 13.32
N LEU B 416 -19.51 15.03 12.46
CA LEU B 416 -20.30 15.67 11.43
C LEU B 416 -20.73 14.71 10.33
N LEU B 417 -20.19 13.51 10.29
CA LEU B 417 -20.64 12.49 9.36
C LEU B 417 -21.89 11.81 9.84
N VAL B 418 -22.28 12.04 11.10
CA VAL B 418 -23.58 11.59 11.57
C VAL B 418 -24.67 12.32 10.81
N GLU B 419 -25.64 11.58 10.36
CA GLU B 419 -26.81 12.21 9.80
C GLU B 419 -27.63 12.84 10.92
N PRO B 420 -28.28 13.99 10.67
CA PRO B 420 -28.43 14.82 9.48
C PRO B 420 -27.37 15.87 9.30
N LEU B 421 -26.32 15.86 10.12
CA LEU B 421 -25.40 16.99 10.17
C LEU B 421 -24.75 17.23 8.82
N ASN B 422 -24.27 16.16 8.19
CA ASN B 422 -23.60 16.29 6.90
C ASN B 422 -24.54 16.89 5.86
N ARG B 423 -25.72 16.29 5.72
CA ARG B 423 -26.73 16.82 4.80
C ARG B 423 -27.14 18.23 5.16
N LEU B 424 -27.10 18.57 6.44
CA LEU B 424 -27.57 19.88 6.88
C LEU B 424 -26.60 20.97 6.49
N LEU B 425 -25.31 20.66 6.53
CA LEU B 425 -24.29 21.65 6.24
C LEU B 425 -24.16 21.88 4.75
N GLN B 426 -24.21 20.80 3.98
CA GLN B 426 -24.31 20.89 2.53
C GLN B 426 -25.58 21.61 2.09
N ASP B 427 -26.59 21.71 2.94
CA ASP B 427 -27.78 22.48 2.62
C ASP B 427 -27.55 23.96 2.88
N LYS B 428 -26.82 24.28 3.93
CA LYS B 428 -26.46 25.67 4.18
C LYS B 428 -25.45 26.14 3.15
N TRP B 429 -24.55 25.25 2.77
CA TRP B 429 -23.56 25.55 1.75
C TRP B 429 -24.23 25.89 0.44
N ASP B 430 -25.06 24.99 -0.06
CA ASP B 430 -25.72 25.19 -1.34
C ASP B 430 -26.69 26.36 -1.34
N ARG B 431 -27.26 26.70 -0.19
CA ARG B 431 -28.30 27.72 -0.16
C ARG B 431 -27.72 29.13 -0.12
N PHE B 432 -26.87 29.42 0.86
CA PHE B 432 -26.38 30.79 1.09
C PHE B 432 -24.90 30.92 1.39
N VAL B 433 -24.20 29.90 1.85
CA VAL B 433 -22.82 30.10 2.31
C VAL B 433 -21.85 30.05 1.14
N LYS B 434 -22.13 29.20 0.15
CA LYS B 434 -21.23 29.07 -0.99
C LYS B 434 -21.08 30.38 -1.74
N ARG B 435 -22.19 31.10 -1.94
CA ARG B 435 -22.11 32.38 -2.63
C ARG B 435 -21.29 33.37 -1.83
N ILE B 436 -21.48 33.39 -0.51
CA ILE B 436 -20.78 34.36 0.32
C ILE B 436 -19.32 34.03 0.40
N PHE B 437 -18.99 32.75 0.36
CA PHE B 437 -17.61 32.32 0.47
C PHE B 437 -16.85 32.66 -0.79
N TYR B 438 -17.45 32.38 -1.94
CA TYR B 438 -16.89 32.80 -3.21
C TYR B 438 -16.75 34.31 -3.26
N PHE B 439 -17.67 35.02 -2.62
CA PHE B 439 -17.56 36.47 -2.55
C PHE B 439 -16.43 36.86 -1.61
N ASN B 440 -16.35 36.22 -0.45
CA ASN B 440 -15.23 36.44 0.43
C ASN B 440 -13.91 36.10 -0.25
N PHE B 441 -13.93 35.08 -1.09
CA PHE B 441 -12.75 34.72 -1.86
C PHE B 441 -12.38 35.77 -2.88
N LEU B 442 -13.37 36.39 -3.50
CA LEU B 442 -13.11 37.40 -4.50
C LEU B 442 -12.49 38.64 -3.87
N VAL B 443 -13.03 39.07 -2.75
CA VAL B 443 -12.55 40.27 -2.08
C VAL B 443 -11.12 40.07 -1.63
N TYR B 444 -10.80 38.88 -1.17
CA TYR B 444 -9.45 38.63 -0.72
C TYR B 444 -8.48 38.58 -1.89
N CYS B 445 -8.93 38.04 -3.02
CA CYS B 445 -8.14 38.10 -4.23
C CYS B 445 -7.98 39.51 -4.75
N LEU B 446 -8.99 40.35 -4.60
CA LEU B 446 -8.83 41.74 -4.98
C LEU B 446 -7.96 42.46 -3.97
N TYR B 447 -8.04 42.05 -2.72
CA TYR B 447 -7.16 42.60 -1.70
C TYR B 447 -5.71 42.32 -2.02
N MET B 448 -5.40 41.08 -2.34
CA MET B 448 -4.04 40.71 -2.57
C MET B 448 -3.52 41.22 -3.90
N ILE B 449 -4.40 41.36 -4.88
CA ILE B 449 -4.03 42.05 -6.12
C ILE B 449 -3.64 43.47 -5.81
N ILE B 450 -4.32 44.10 -4.88
CA ILE B 450 -4.09 45.50 -4.56
C ILE B 450 -2.87 45.66 -3.66
N PHE B 451 -2.76 44.83 -2.64
CA PHE B 451 -1.57 44.86 -1.81
C PHE B 451 -0.33 44.42 -2.58
N THR B 452 -0.51 43.61 -3.61
CA THR B 452 0.62 43.24 -4.45
C THR B 452 1.15 44.41 -5.25
N MET B 453 0.27 45.13 -5.94
CA MET B 453 0.70 46.25 -6.76
C MET B 453 1.21 47.41 -5.94
N ALA B 454 0.58 47.70 -4.82
CA ALA B 454 1.06 48.79 -3.97
C ALA B 454 2.42 48.47 -3.39
N ALA B 455 2.72 47.19 -3.27
CA ALA B 455 4.01 46.72 -2.84
C ALA B 455 5.04 46.76 -3.97
N TYR B 456 4.65 46.23 -5.13
CA TYR B 456 5.53 46.24 -6.29
C TYR B 456 5.93 47.65 -6.67
N TYR B 457 4.98 48.57 -6.68
CA TYR B 457 5.23 49.95 -7.05
C TYR B 457 5.57 50.82 -5.86
N ARG B 458 6.21 50.24 -4.85
CA ARG B 458 6.64 50.99 -3.70
C ARG B 458 7.66 52.03 -4.12
N PRO B 459 7.68 53.18 -3.46
CA PRO B 459 8.79 54.11 -3.67
C PRO B 459 10.11 53.50 -3.27
N VAL B 460 11.14 53.90 -3.99
CA VAL B 460 12.49 53.39 -3.82
C VAL B 460 13.51 54.48 -3.49
N ASP B 461 13.14 55.76 -3.62
CA ASP B 461 14.07 56.87 -3.49
C ASP B 461 13.57 57.78 -2.37
N GLY B 462 14.25 57.70 -1.23
CA GLY B 462 13.94 58.45 -0.05
C GLY B 462 13.82 57.54 1.14
N LEU B 463 13.21 58.06 2.20
CA LEU B 463 12.79 57.30 3.36
C LEU B 463 11.31 57.51 3.56
N PRO B 464 10.62 56.58 4.18
CA PRO B 464 9.20 56.76 4.38
C PRO B 464 8.94 57.74 5.51
N PRO B 465 7.71 58.23 5.65
CA PRO B 465 6.58 58.04 4.75
C PRO B 465 6.74 58.92 3.53
N PHE B 466 6.30 58.41 2.40
CA PHE B 466 6.57 59.03 1.11
C PHE B 466 5.48 60.04 0.76
N LYS B 467 5.72 60.77 -0.32
CA LYS B 467 4.95 61.94 -0.67
C LYS B 467 4.03 61.65 -1.85
N MET B 468 2.82 62.20 -1.80
CA MET B 468 1.90 62.17 -2.92
C MET B 468 2.28 63.30 -3.86
N GLU B 469 2.91 62.95 -4.97
CA GLU B 469 3.39 63.92 -5.95
C GLU B 469 2.65 63.79 -7.28
N LYS B 470 2.74 62.63 -7.91
CA LYS B 470 2.05 62.37 -9.16
C LYS B 470 0.73 61.67 -8.86
N THR B 471 -0.04 61.40 -9.92
CA THR B 471 -1.35 60.80 -9.74
C THR B 471 -1.27 59.34 -9.36
N GLY B 472 -0.30 58.61 -9.89
CA GLY B 472 -0.14 57.22 -9.53
C GLY B 472 0.12 57.02 -8.06
N ASP B 473 0.73 58.00 -7.40
CA ASP B 473 0.94 57.93 -5.96
C ASP B 473 -0.39 57.93 -5.23
N TYR B 474 -1.30 58.82 -5.62
CA TYR B 474 -2.62 58.85 -5.01
C TYR B 474 -3.34 57.53 -5.21
N PHE B 475 -3.33 57.03 -6.44
CA PHE B 475 -3.94 55.76 -6.74
C PHE B 475 -3.15 54.57 -6.22
N ARG B 476 -1.96 54.80 -5.67
CA ARG B 476 -1.21 53.75 -5.01
C ARG B 476 -1.43 53.76 -3.50
N VAL B 477 -1.34 54.94 -2.89
CA VAL B 477 -1.51 55.05 -1.45
C VAL B 477 -2.87 54.50 -1.06
N THR B 478 -3.87 54.72 -1.92
CA THR B 478 -5.17 54.08 -1.81
C THR B 478 -5.03 52.59 -1.57
N GLY B 479 -4.36 51.89 -2.48
CA GLY B 479 -4.03 50.50 -2.28
C GLY B 479 -3.27 50.23 -1.01
N GLU B 480 -2.44 51.18 -0.59
CA GLU B 480 -1.70 51.00 0.65
C GLU B 480 -2.61 51.18 1.84
N ILE B 481 -3.56 52.12 1.76
CA ILE B 481 -4.59 52.21 2.78
C ILE B 481 -5.36 50.90 2.84
N LEU B 482 -6.00 50.53 1.73
CA LEU B 482 -6.77 49.31 1.62
C LEU B 482 -5.98 48.08 2.05
N SER B 483 -4.67 48.09 1.79
CA SER B 483 -3.83 47.00 2.28
C SER B 483 -3.87 46.89 3.79
N VAL B 484 -3.69 48.01 4.48
CA VAL B 484 -3.66 48.02 5.94
C VAL B 484 -5.00 47.60 6.53
N LEU B 485 -6.10 48.11 5.97
CA LEU B 485 -7.43 47.83 6.49
C LEU B 485 -7.71 46.34 6.58
N GLY B 486 -7.36 45.60 5.53
CA GLY B 486 -7.43 44.15 5.61
C GLY B 486 -6.61 43.58 6.75
N GLY B 487 -5.43 44.12 6.98
CA GLY B 487 -4.62 43.68 8.10
C GLY B 487 -5.28 43.93 9.43
N VAL B 488 -5.91 45.10 9.57
CA VAL B 488 -6.67 45.38 10.79
C VAL B 488 -7.82 44.40 10.93
N TYR B 489 -8.55 44.18 9.84
CA TYR B 489 -9.61 43.20 9.83
C TYR B 489 -9.09 41.84 10.26
N PHE B 490 -8.09 41.33 9.56
CA PHE B 490 -7.53 40.04 9.92
C PHE B 490 -6.88 40.06 11.29
N PHE B 491 -6.46 41.21 11.77
CA PHE B 491 -5.98 41.33 13.15
C PHE B 491 -7.12 41.17 14.14
N PHE B 492 -8.13 42.03 14.06
CA PHE B 492 -9.29 41.91 14.93
C PHE B 492 -9.97 40.57 14.75
N ARG B 493 -10.14 40.13 13.51
CA ARG B 493 -10.76 38.86 13.23
C ARG B 493 -9.97 37.68 13.78
N GLY B 494 -8.72 37.89 14.16
CA GLY B 494 -7.90 36.88 14.75
C GLY B 494 -7.88 36.95 16.26
N ILE B 495 -7.82 38.17 16.78
CA ILE B 495 -8.00 38.39 18.21
C ILE B 495 -9.31 37.78 18.66
N GLN B 496 -10.38 38.11 17.95
CA GLN B 496 -11.69 37.51 18.14
C GLN B 496 -11.60 36.00 18.29
N TYR B 497 -11.04 35.35 17.27
CA TYR B 497 -10.85 33.90 17.29
C TYR B 497 -10.11 33.43 18.54
N PHE B 498 -8.95 34.02 18.81
CA PHE B 498 -8.11 33.51 19.89
C PHE B 498 -8.57 33.96 21.27
N LEU B 499 -9.70 34.66 21.38
CA LEU B 499 -10.37 34.87 22.65
C LEU B 499 -11.53 33.90 22.85
N GLN B 500 -12.49 33.92 21.93
CA GLN B 500 -13.67 33.07 22.06
C GLN B 500 -13.40 31.62 21.73
N ARG B 501 -12.15 31.25 21.43
CA ARG B 501 -11.73 29.88 21.25
C ARG B 501 -10.39 29.69 21.95
N ARG B 502 -10.37 29.94 23.27
CA ARG B 502 -9.17 30.04 24.11
C ARG B 502 -8.21 28.91 23.76
N PRO B 503 -7.12 29.19 23.04
CA PRO B 503 -6.44 28.12 22.33
C PRO B 503 -5.47 27.36 23.21
N SER B 504 -5.57 26.03 23.17
CA SER B 504 -4.56 25.21 23.80
C SER B 504 -3.26 25.33 23.03
N MET B 505 -2.17 25.56 23.77
CA MET B 505 -0.89 25.98 23.18
C MET B 505 -0.38 24.98 22.15
N LYS B 506 -0.78 23.72 22.25
CA LYS B 506 -0.45 22.71 21.25
C LYS B 506 -1.45 22.70 20.10
N THR B 507 -2.73 22.94 20.39
CA THR B 507 -3.80 22.91 19.40
C THR B 507 -3.67 23.99 18.34
N LEU B 508 -2.79 24.98 18.54
CA LEU B 508 -2.66 26.07 17.58
C LEU B 508 -2.39 25.56 16.18
N PHE B 509 -1.46 24.62 16.06
CA PHE B 509 -1.01 24.15 14.76
C PHE B 509 -1.93 23.11 14.15
N VAL B 510 -2.72 22.42 14.95
CA VAL B 510 -3.54 21.34 14.46
C VAL B 510 -4.89 21.85 13.99
N ASP B 511 -5.59 22.60 14.82
CA ASP B 511 -6.93 23.06 14.51
C ASP B 511 -6.96 24.41 13.83
N SER B 512 -5.90 25.20 13.97
CA SER B 512 -5.94 26.62 13.71
C SER B 512 -4.69 27.08 12.98
N TYR B 513 -4.19 26.25 12.07
CA TYR B 513 -2.95 26.58 11.38
C TYR B 513 -3.13 27.78 10.45
N SER B 514 -4.30 27.88 9.83
CA SER B 514 -4.54 28.95 8.88
C SER B 514 -4.84 30.27 9.59
N GLU B 515 -5.70 30.22 10.60
CA GLU B 515 -5.97 31.37 11.45
C GLU B 515 -4.70 31.97 12.00
N MET B 516 -3.74 31.12 12.33
CA MET B 516 -2.45 31.58 12.80
C MET B 516 -1.72 32.38 11.73
N LEU B 517 -1.88 32.00 10.47
CA LEU B 517 -1.15 32.64 9.40
C LEU B 517 -1.83 33.94 8.97
N PHE B 518 -3.15 33.97 8.91
CA PHE B 518 -3.85 35.23 8.69
C PHE B 518 -3.55 36.24 9.78
N PHE B 519 -3.48 35.78 11.02
CA PHE B 519 -3.12 36.68 12.11
C PHE B 519 -1.70 37.15 11.96
N LEU B 520 -0.79 36.22 11.69
CA LEU B 520 0.60 36.55 11.48
C LEU B 520 0.79 37.47 10.29
N GLN B 521 0.04 37.22 9.24
CA GLN B 521 -0.04 38.13 8.11
C GLN B 521 -0.43 39.53 8.55
N SER B 522 -1.42 39.62 9.42
CA SER B 522 -1.84 40.90 9.96
C SER B 522 -0.73 41.61 10.72
N LEU B 523 0.01 40.85 11.53
CA LEU B 523 1.06 41.44 12.35
C LEU B 523 2.13 42.07 11.50
N PHE B 524 2.53 41.38 10.44
CA PHE B 524 3.50 41.94 9.52
C PHE B 524 2.96 43.19 8.85
N MET B 525 1.66 43.26 8.62
CA MET B 525 1.08 44.47 8.08
C MET B 525 1.16 45.62 9.06
N LEU B 526 0.88 45.35 10.33
CA LEU B 526 0.86 46.40 11.31
C LEU B 526 2.25 46.87 11.65
N ALA B 527 3.20 45.93 11.74
CA ALA B 527 4.61 46.30 11.81
C ALA B 527 5.03 47.11 10.60
N THR B 528 4.36 46.92 9.47
CA THR B 528 4.71 47.65 8.26
C THR B 528 4.21 49.08 8.33
N VAL B 529 3.22 49.35 9.17
CA VAL B 529 2.73 50.69 9.39
C VAL B 529 3.50 51.37 10.52
N VAL B 530 3.91 50.61 11.53
CA VAL B 530 4.72 51.15 12.60
C VAL B 530 6.06 51.62 12.05
N LEU B 531 6.59 50.91 11.07
CA LEU B 531 7.90 51.19 10.53
C LEU B 531 7.87 52.12 9.35
N TYR B 532 6.70 52.39 8.78
CA TYR B 532 6.56 53.33 7.67
C TYR B 532 6.42 54.76 8.15
N PHE B 533 5.86 54.94 9.35
CA PHE B 533 5.79 56.23 9.98
C PHE B 533 6.93 56.46 10.96
N SER B 534 7.61 55.40 11.36
CA SER B 534 8.87 55.49 12.06
C SER B 534 10.05 55.66 11.10
N HIS B 535 9.78 55.94 9.83
CA HIS B 535 10.75 56.34 8.82
C HIS B 535 11.71 55.23 8.43
N LEU B 536 11.54 54.03 8.94
CA LEU B 536 12.48 52.95 8.73
C LEU B 536 12.11 52.20 7.45
N LYS B 537 13.12 51.90 6.64
CA LYS B 537 12.93 51.14 5.42
C LYS B 537 12.54 49.70 5.67
N GLU B 538 12.64 49.23 6.90
CA GLU B 538 12.36 47.85 7.25
C GLU B 538 10.88 47.50 7.16
N TYR B 539 10.01 48.44 6.81
CA TYR B 539 8.63 48.12 6.52
C TYR B 539 8.52 47.09 5.42
N VAL B 540 9.48 47.09 4.51
CA VAL B 540 9.44 46.20 3.35
C VAL B 540 9.61 44.77 3.77
N ALA B 541 10.55 44.52 4.68
CA ALA B 541 10.77 43.20 5.25
C ALA B 541 9.47 42.60 5.75
N SER B 542 8.82 43.31 6.67
CA SER B 542 7.49 42.93 7.11
C SER B 542 6.51 42.80 5.96
N MET B 543 6.50 43.77 5.06
CA MET B 543 5.51 43.79 3.99
C MET B 543 5.62 42.56 3.09
N VAL B 544 6.84 42.07 2.85
CA VAL B 544 6.98 40.96 1.93
C VAL B 544 6.59 39.65 2.56
N PHE B 545 6.70 39.53 3.87
CA PHE B 545 6.18 38.33 4.52
C PHE B 545 4.67 38.32 4.55
N SER B 546 4.06 39.50 4.58
CA SER B 546 2.60 39.60 4.50
C SER B 546 2.10 39.13 3.14
N LEU B 547 2.76 39.57 2.07
CA LEU B 547 2.41 39.13 0.74
C LEU B 547 2.53 37.63 0.59
N ALA B 548 3.67 37.08 0.95
CA ALA B 548 3.91 35.66 0.81
C ALA B 548 2.93 34.85 1.64
N LEU B 549 2.69 35.27 2.87
CA LEU B 549 1.61 34.69 3.64
C LEU B 549 0.27 34.97 3.01
N GLY B 550 0.08 36.20 2.55
CA GLY B 550 -1.18 36.59 1.96
C GLY B 550 -1.59 35.73 0.79
N TRP B 551 -0.67 35.46 -0.12
CA TRP B 551 -1.01 34.64 -1.27
C TRP B 551 -1.11 33.18 -0.92
N THR B 552 -0.32 32.70 0.01
CA THR B 552 -0.43 31.31 0.44
C THR B 552 -1.70 31.05 1.19
N ASN B 553 -2.22 32.07 1.84
CA ASN B 553 -3.50 31.99 2.52
C ASN B 553 -4.68 31.98 1.59
N MET B 554 -4.46 32.04 0.28
CA MET B 554 -5.45 31.58 -0.68
C MET B 554 -5.87 30.14 -0.43
N LEU B 555 -4.94 29.31 -0.01
CA LEU B 555 -5.25 27.93 0.29
C LEU B 555 -6.30 27.77 1.36
N TYR B 556 -6.54 28.79 2.17
CA TYR B 556 -7.73 28.84 2.97
C TYR B 556 -8.96 28.55 2.14
N TYR B 557 -9.11 29.26 1.04
CA TYR B 557 -10.34 29.20 0.28
C TYR B 557 -10.50 27.94 -0.54
N THR B 558 -9.51 27.06 -0.55
CA THR B 558 -9.68 25.69 -1.02
C THR B 558 -10.76 24.93 -0.28
N ARG B 559 -11.11 25.32 0.92
CA ARG B 559 -12.08 24.57 1.71
C ARG B 559 -13.50 24.75 1.22
N GLY B 560 -13.73 25.60 0.26
CA GLY B 560 -14.97 25.56 -0.48
C GLY B 560 -15.00 24.55 -1.57
N PHE B 561 -13.94 23.77 -1.73
CA PHE B 561 -13.80 22.83 -2.82
C PHE B 561 -13.20 21.57 -2.25
N GLN B 562 -13.84 20.46 -2.54
CA GLN B 562 -13.56 19.23 -1.84
C GLN B 562 -12.15 18.73 -2.11
N GLN B 563 -11.82 18.55 -3.37
CA GLN B 563 -10.59 17.87 -3.70
C GLN B 563 -9.39 18.78 -3.54
N MET B 564 -9.60 20.08 -3.63
CA MET B 564 -8.56 21.04 -3.30
C MET B 564 -8.40 21.24 -1.80
N GLY B 565 -9.51 21.28 -1.08
CA GLY B 565 -9.45 21.44 0.35
C GLY B 565 -8.86 20.26 1.06
N ILE B 566 -9.13 19.05 0.57
CA ILE B 566 -8.51 17.86 1.09
C ILE B 566 -7.03 17.89 0.82
N TYR B 567 -6.64 18.49 -0.29
CA TYR B 567 -5.24 18.59 -0.63
C TYR B 567 -4.53 19.57 0.28
N ALA B 568 -5.18 20.68 0.59
CA ALA B 568 -4.61 21.63 1.52
C ALA B 568 -4.58 21.10 2.94
N VAL B 569 -5.48 20.18 3.27
CA VAL B 569 -5.40 19.52 4.56
C VAL B 569 -4.19 18.62 4.60
N MET B 570 -3.95 17.88 3.53
CA MET B 570 -2.77 17.03 3.46
C MET B 570 -1.50 17.86 3.53
N ILE B 571 -1.49 19.04 2.90
CA ILE B 571 -0.34 19.93 2.97
C ILE B 571 -0.04 20.29 4.42
N GLU B 572 -1.04 20.74 5.16
CA GLU B 572 -0.77 21.21 6.50
C GLU B 572 -0.41 20.08 7.44
N LYS B 573 -0.86 18.86 7.15
CA LYS B 573 -0.43 17.71 7.93
C LYS B 573 1.02 17.35 7.64
N MET B 574 1.38 17.26 6.36
CA MET B 574 2.77 16.98 5.99
C MET B 574 3.73 17.99 6.60
N ILE B 575 3.33 19.24 6.66
CA ILE B 575 4.17 20.27 7.25
C ILE B 575 4.44 19.95 8.70
N LEU B 576 3.40 19.64 9.44
CA LEU B 576 3.50 19.50 10.87
C LEU B 576 4.03 18.13 11.26
N ARG B 577 3.76 17.13 10.44
CA ARG B 577 4.21 15.78 10.73
C ARG B 577 5.53 15.46 10.04
N ASP B 578 5.52 15.38 8.72
CA ASP B 578 6.61 14.76 8.00
C ASP B 578 7.77 15.71 7.77
N LEU B 579 7.47 16.97 7.49
CA LEU B 579 8.48 17.96 7.19
C LEU B 579 9.22 18.44 8.42
N CYS B 580 8.51 18.63 9.53
CA CYS B 580 9.16 19.08 10.75
C CYS B 580 10.10 18.02 11.29
N ARG B 581 9.68 16.76 11.30
CA ARG B 581 10.61 15.69 11.61
C ARG B 581 11.80 15.70 10.68
N PHE B 582 11.55 15.82 9.38
CA PHE B 582 12.61 15.87 8.38
C PHE B 582 13.59 17.00 8.65
N MET B 583 13.06 18.23 8.72
CA MET B 583 13.93 19.40 8.75
C MET B 583 14.74 19.45 10.02
N PHE B 584 14.21 18.92 11.10
CA PHE B 584 14.99 18.75 12.31
C PHE B 584 16.25 17.93 12.03
N VAL B 585 16.06 16.70 11.57
CA VAL B 585 17.16 15.81 11.29
C VAL B 585 18.04 16.37 10.19
N TYR B 586 17.43 17.01 9.20
CA TYR B 586 18.19 17.61 8.13
C TYR B 586 19.15 18.67 8.64
N ILE B 587 18.70 19.50 9.57
CA ILE B 587 19.50 20.61 10.08
C ILE B 587 20.59 20.12 11.00
N VAL B 588 20.34 19.03 11.70
CA VAL B 588 21.38 18.37 12.49
C VAL B 588 22.52 17.93 11.58
N PHE B 589 22.17 17.29 10.47
CA PHE B 589 23.13 16.89 9.47
C PHE B 589 23.80 18.08 8.82
N LEU B 590 22.99 19.03 8.38
CA LEU B 590 23.48 20.23 7.72
C LEU B 590 24.48 20.96 8.60
N PHE B 591 24.12 21.13 9.84
CA PHE B 591 24.97 21.84 10.78
C PHE B 591 26.11 20.96 11.26
N GLY B 592 25.86 19.67 11.45
CA GLY B 592 26.92 18.74 11.75
C GLY B 592 28.04 18.73 10.73
N PHE B 593 27.70 18.53 9.45
CA PHE B 593 28.69 18.44 8.41
C PHE B 593 29.25 19.77 7.99
N SER B 594 28.52 20.86 8.22
CA SER B 594 29.02 22.18 7.87
C SER B 594 30.18 22.57 8.77
N THR B 595 29.96 22.46 10.06
CA THR B 595 30.98 22.75 11.05
C THR B 595 32.25 21.96 10.78
N ALA B 596 32.09 20.67 10.57
CA ALA B 596 33.15 19.81 10.07
C ALA B 596 33.86 20.39 8.87
N VAL B 597 33.10 20.84 7.88
CA VAL B 597 33.68 21.35 6.66
C VAL B 597 34.40 22.66 6.91
N VAL B 598 33.76 23.58 7.61
CA VAL B 598 34.32 24.90 7.77
C VAL B 598 35.46 24.90 8.76
N THR B 599 35.53 23.90 9.63
CA THR B 599 36.70 23.66 10.46
C THR B 599 37.89 23.20 9.65
N LEU B 600 37.64 22.54 8.52
CA LEU B 600 38.68 22.06 7.65
C LEU B 600 39.16 23.12 6.68
N ILE B 601 38.36 24.13 6.43
CA ILE B 601 38.68 25.17 5.48
C ILE B 601 39.71 26.11 6.09
N GLU B 602 40.68 26.51 5.27
CA GLU B 602 41.76 27.41 5.66
C GLU B 602 41.99 28.41 4.54
N ASP B 603 41.80 29.69 4.86
CA ASP B 603 42.23 30.77 3.97
C ASP B 603 42.31 32.09 4.72
N SER B 629 35.57 33.24 -0.47
CA SER B 629 35.98 32.58 0.77
C SER B 629 34.80 31.96 1.50
N TYR B 630 34.83 30.63 1.62
CA TYR B 630 33.79 29.87 2.31
C TYR B 630 34.17 29.56 3.74
N ASN B 631 35.05 30.36 4.34
CA ASN B 631 35.50 30.15 5.71
C ASN B 631 34.50 30.79 6.67
N SER B 632 33.28 30.31 6.57
CA SER B 632 32.15 30.88 7.27
C SER B 632 31.10 29.81 7.36
N LEU B 633 30.43 29.77 8.49
CA LEU B 633 29.42 28.75 8.71
C LEU B 633 28.16 29.04 7.94
N TYR B 634 27.93 30.30 7.56
CA TYR B 634 26.79 30.56 6.71
C TYR B 634 26.99 29.96 5.34
N SER B 635 28.11 30.29 4.71
CA SER B 635 28.33 29.98 3.32
C SER B 635 28.47 28.49 3.11
N THR B 636 29.13 27.83 4.04
CA THR B 636 29.24 26.39 4.01
C THR B 636 27.89 25.73 4.20
N CYS B 637 27.12 26.21 5.17
CA CYS B 637 25.76 25.73 5.33
C CYS B 637 24.92 26.09 4.14
N LEU B 638 25.21 27.22 3.52
CA LEU B 638 24.52 27.63 2.33
C LEU B 638 24.95 26.81 1.13
N GLU B 639 26.21 26.43 1.06
CA GLU B 639 26.66 25.56 -0.02
C GLU B 639 26.20 24.13 0.16
N LEU B 640 26.11 23.66 1.38
CA LEU B 640 25.64 22.31 1.62
C LEU B 640 24.15 22.17 1.52
N PHE B 641 23.40 23.27 1.64
CA PHE B 641 21.99 23.21 1.36
C PHE B 641 21.73 23.10 -0.13
N LYS B 642 22.68 23.47 -0.94
CA LYS B 642 22.48 23.40 -2.37
C LYS B 642 22.48 21.99 -2.88
N PHE B 643 23.18 21.07 -2.20
CA PHE B 643 23.18 19.67 -2.59
C PHE B 643 21.77 19.11 -2.56
N THR B 644 20.94 19.57 -1.64
CA THR B 644 19.61 19.01 -1.48
C THR B 644 18.61 19.63 -2.43
N ILE B 645 18.92 20.78 -2.99
CA ILE B 645 18.16 21.35 -4.08
C ILE B 645 18.85 21.15 -5.43
N GLY B 646 19.71 20.15 -5.53
CA GLY B 646 20.28 19.76 -6.78
C GLY B 646 21.28 20.71 -7.35
N MET B 647 21.93 21.50 -6.50
CA MET B 647 22.85 22.52 -6.93
C MET B 647 24.15 22.50 -6.16
N GLY B 648 24.53 21.31 -5.72
CA GLY B 648 25.78 21.11 -5.02
C GLY B 648 27.01 20.94 -5.86
N ASP B 649 28.01 21.75 -5.57
CA ASP B 649 29.34 21.63 -6.13
C ASP B 649 30.21 20.88 -5.15
N LEU B 650 30.84 19.82 -5.60
CA LEU B 650 31.74 19.06 -4.76
C LEU B 650 33.12 19.68 -4.71
N GLU B 651 33.28 20.87 -5.26
CA GLU B 651 34.52 21.54 -5.47
C GLU B 651 34.36 23.02 -5.15
N PHE B 652 33.44 23.36 -4.26
CA PHE B 652 33.22 24.76 -3.96
C PHE B 652 34.37 25.38 -3.19
N THR B 653 35.23 24.58 -2.60
CA THR B 653 36.50 25.06 -2.09
C THR B 653 37.61 24.17 -2.57
N GLU B 654 38.74 24.80 -2.80
CA GLU B 654 40.04 24.18 -2.86
C GLU B 654 40.86 24.57 -1.63
N ASN B 655 40.31 25.43 -0.78
CA ASN B 655 41.04 26.07 0.31
C ASN B 655 40.91 25.17 1.52
N TYR B 656 41.84 24.25 1.62
CA TYR B 656 41.90 23.26 2.68
C TYR B 656 43.23 22.53 2.52
N ASP B 657 43.48 21.60 3.42
CA ASP B 657 44.70 20.82 3.39
C ASP B 657 44.48 19.37 3.03
N PHE B 658 43.28 18.84 3.24
CA PHE B 658 43.02 17.42 3.12
C PHE B 658 41.79 17.17 2.28
N LYS B 659 42.03 16.94 0.98
CA LYS B 659 40.96 16.68 0.04
C LYS B 659 40.20 15.39 0.35
N ALA B 660 40.89 14.36 0.82
CA ALA B 660 40.20 13.14 1.17
C ALA B 660 39.14 13.40 2.20
N VAL B 661 39.44 14.25 3.18
CA VAL B 661 38.50 14.53 4.25
C VAL B 661 37.30 15.28 3.71
N PHE B 662 37.57 16.34 2.94
CA PHE B 662 36.56 17.20 2.39
C PHE B 662 35.57 16.43 1.53
N ILE B 663 36.03 15.42 0.82
CA ILE B 663 35.22 14.65 -0.10
C ILE B 663 34.45 13.55 0.59
N ILE B 664 35.14 12.77 1.42
CA ILE B 664 34.50 11.76 2.25
C ILE B 664 33.36 12.37 3.04
N LEU B 665 33.60 13.56 3.56
CA LEU B 665 32.64 14.24 4.41
C LEU B 665 31.44 14.76 3.62
N LEU B 666 31.69 15.34 2.44
CA LEU B 666 30.57 15.80 1.61
C LEU B 666 29.77 14.66 1.04
N LEU B 667 30.45 13.60 0.61
CA LEU B 667 29.77 12.40 0.17
C LEU B 667 28.94 11.78 1.27
N ALA B 668 29.47 11.73 2.47
CA ALA B 668 28.69 11.30 3.61
C ALA B 668 27.49 12.21 3.83
N TYR B 669 27.69 13.53 3.73
CA TYR B 669 26.58 14.46 3.77
C TYR B 669 25.58 14.17 2.67
N VAL B 670 26.06 14.01 1.45
CA VAL B 670 25.18 13.82 0.29
C VAL B 670 24.40 12.52 0.42
N ILE B 671 25.11 11.44 0.72
CA ILE B 671 24.49 10.14 0.85
C ILE B 671 23.44 10.15 1.94
N LEU B 672 23.79 10.71 3.08
CA LEU B 672 22.87 10.75 4.20
C LEU B 672 21.68 11.66 3.95
N THR B 673 21.91 12.80 3.34
CA THR B 673 20.87 13.80 3.16
C THR B 673 20.14 13.72 1.84
N TYR B 674 20.85 13.64 0.73
CA TYR B 674 20.20 13.71 -0.56
C TYR B 674 19.67 12.35 -0.98
N ILE B 675 20.49 11.33 -0.86
CA ILE B 675 20.14 10.01 -1.38
C ILE B 675 19.20 9.32 -0.43
N LEU B 676 19.47 9.41 0.86
CA LEU B 676 18.67 8.75 1.87
C LEU B 676 17.50 9.58 2.34
N LEU B 677 17.77 10.72 2.93
CA LEU B 677 16.80 11.38 3.77
C LEU B 677 15.72 12.09 2.99
N LEU B 678 16.05 12.75 1.88
CA LEU B 678 15.02 13.30 1.02
C LEU B 678 14.16 12.22 0.43
N ASN B 679 14.76 11.11 0.06
CA ASN B 679 14.01 10.05 -0.58
C ASN B 679 13.24 9.25 0.42
N MET B 680 13.75 9.20 1.64
CA MET B 680 13.04 8.67 2.77
C MET B 680 11.79 9.50 3.07
N LEU B 681 11.90 10.82 2.96
CA LEU B 681 10.76 11.69 3.16
C LEU B 681 9.64 11.42 2.16
N ILE B 682 10.00 11.26 0.90
CA ILE B 682 9.04 10.87 -0.13
C ILE B 682 8.34 9.59 0.31
N ALA B 683 9.11 8.67 0.82
CA ALA B 683 8.59 7.41 1.32
C ALA B 683 7.75 7.61 2.57
N LEU B 684 8.15 8.49 3.46
CA LEU B 684 7.33 8.79 4.62
C LEU B 684 6.02 9.44 4.23
N MET B 685 6.07 10.41 3.32
CA MET B 685 4.87 11.07 2.83
C MET B 685 3.87 10.08 2.26
N GLY B 686 4.35 9.13 1.46
CA GLY B 686 3.48 8.13 0.90
C GLY B 686 2.77 7.30 1.94
N GLU B 687 3.47 6.99 3.03
CA GLU B 687 2.85 6.29 4.13
C GLU B 687 1.77 7.16 4.75
N THR B 688 2.08 8.43 4.92
CA THR B 688 1.14 9.38 5.48
C THR B 688 -0.10 9.54 4.60
N VAL B 689 0.10 9.65 3.29
CA VAL B 689 -1.02 9.84 2.37
C VAL B 689 -1.96 8.66 2.39
N ASN B 690 -1.44 7.44 2.57
CA ASN B 690 -2.32 6.29 2.65
C ASN B 690 -3.11 6.28 3.94
N LYS B 691 -2.65 7.01 4.95
CA LYS B 691 -3.30 7.09 6.25
C LYS B 691 -4.25 8.26 6.41
N ILE B 692 -3.82 9.47 6.05
CA ILE B 692 -4.60 10.66 6.35
C ILE B 692 -5.64 10.93 5.28
N ALA B 693 -5.79 10.02 4.32
CA ALA B 693 -6.68 10.25 3.19
C ALA B 693 -8.11 10.45 3.64
N GLN B 694 -8.60 9.60 4.53
CA GLN B 694 -9.94 9.73 5.08
C GLN B 694 -9.98 10.81 6.14
N GLU B 695 -9.01 10.80 7.04
CA GLU B 695 -8.87 11.84 8.05
C GLU B 695 -8.92 13.23 7.44
N SER B 696 -8.35 13.40 6.25
CA SER B 696 -8.26 14.70 5.65
C SER B 696 -9.57 15.10 4.99
N LYS B 697 -10.33 14.12 4.52
CA LYS B 697 -11.68 14.43 4.05
C LYS B 697 -12.57 14.89 5.18
N ASN B 698 -12.36 14.37 6.36
CA ASN B 698 -13.21 14.68 7.48
C ASN B 698 -12.75 15.92 8.20
N ILE B 699 -11.46 16.21 8.17
CA ILE B 699 -10.99 17.52 8.58
C ILE B 699 -11.42 18.58 7.60
N TRP B 700 -11.56 18.23 6.32
CA TRP B 700 -12.06 19.19 5.36
C TRP B 700 -13.50 19.59 5.66
N LYS B 701 -14.38 18.61 5.86
CA LYS B 701 -15.78 18.88 6.13
C LYS B 701 -15.95 19.71 7.38
N LEU B 702 -15.06 19.55 8.34
CA LEU B 702 -15.07 20.33 9.56
C LEU B 702 -14.58 21.74 9.32
N GLN B 703 -13.60 21.92 8.45
CA GLN B 703 -13.19 23.25 8.04
C GLN B 703 -14.34 23.98 7.38
N ARG B 704 -15.05 23.32 6.49
CA ARG B 704 -16.18 23.93 5.82
C ARG B 704 -17.31 24.22 6.80
N ALA B 705 -17.53 23.33 7.76
CA ALA B 705 -18.51 23.54 8.80
C ALA B 705 -18.25 24.82 9.57
N ILE B 706 -17.00 25.07 9.94
CA ILE B 706 -16.65 26.27 10.67
C ILE B 706 -16.87 27.50 9.81
N THR B 707 -16.73 27.36 8.52
CA THR B 707 -17.04 28.46 7.63
C THR B 707 -18.53 28.71 7.58
N ILE B 708 -19.32 27.65 7.55
CA ILE B 708 -20.76 27.75 7.53
C ILE B 708 -21.27 28.41 8.79
N LEU B 709 -20.64 28.11 9.92
CA LEU B 709 -21.06 28.66 11.20
C LEU B 709 -20.55 30.07 11.41
N ASP B 710 -19.27 30.31 11.13
CA ASP B 710 -18.76 31.68 11.20
C ASP B 710 -19.47 32.59 10.23
N THR B 711 -19.97 32.04 9.13
CA THR B 711 -20.71 32.82 8.15
C THR B 711 -22.07 33.21 8.66
N GLU B 712 -22.91 32.20 8.98
CA GLU B 712 -24.29 32.47 9.32
C GLU B 712 -24.42 33.33 10.57
N LYS B 713 -23.41 33.31 11.42
CA LYS B 713 -23.36 34.27 12.51
C LYS B 713 -23.12 35.66 11.95
N SER B 714 -21.96 35.83 11.33
CA SER B 714 -21.49 37.17 10.95
C SER B 714 -22.45 37.83 9.97
N PHE B 715 -22.85 37.11 8.93
CA PHE B 715 -23.65 37.71 7.87
C PHE B 715 -24.99 38.22 8.41
N LEU B 716 -25.80 37.31 8.95
CA LEU B 716 -27.08 37.75 9.50
C LEU B 716 -26.87 38.65 10.71
N LYS B 717 -26.44 38.04 11.83
CA LYS B 717 -26.14 38.67 13.12
C LYS B 717 -27.22 39.62 13.67
N CYS B 718 -28.39 39.72 13.06
CA CYS B 718 -29.48 40.52 13.58
C CYS B 718 -30.84 39.84 13.41
N MET B 719 -31.05 39.21 12.25
CA MET B 719 -32.34 38.70 11.80
C MET B 719 -32.43 37.20 11.98
N ARG B 720 -31.45 36.48 11.45
CA ARG B 720 -31.29 35.04 11.61
C ARG B 720 -32.57 34.28 11.25
N LYS B 721 -33.02 34.55 10.02
CA LYS B 721 -34.29 34.05 9.50
C LYS B 721 -34.18 33.45 8.11
N ALA B 722 -33.19 33.83 7.32
CA ALA B 722 -33.06 33.31 5.96
C ALA B 722 -32.29 32.02 5.89
N PHE B 723 -31.44 31.71 6.89
CA PHE B 723 -30.72 30.45 6.89
C PHE B 723 -31.49 29.33 7.57
N ARG B 724 -32.80 29.50 7.80
CA ARG B 724 -33.51 28.50 8.57
C ARG B 724 -33.62 27.21 7.77
N SER B 725 -32.67 26.33 8.01
CA SER B 725 -32.71 25.00 7.44
C SER B 725 -33.91 24.24 8.00
N GLY B 726 -34.63 23.59 7.10
CA GLY B 726 -35.89 22.97 7.45
C GLY B 726 -37.06 23.92 7.36
N LYS B 727 -38.14 23.53 8.03
CA LYS B 727 -39.40 24.26 7.96
C LYS B 727 -40.25 23.80 9.13
N LEU B 728 -41.28 24.57 9.46
CA LEU B 728 -42.29 24.08 10.39
C LEU B 728 -43.01 22.88 9.78
N LEU B 729 -42.74 21.70 10.32
CA LEU B 729 -43.45 20.49 9.98
C LEU B 729 -44.09 19.92 11.24
N GLN B 730 -45.43 19.96 11.31
CA GLN B 730 -46.14 19.27 12.36
C GLN B 730 -45.93 17.77 12.23
N VAL B 731 -45.27 17.17 13.22
CA VAL B 731 -44.92 15.75 13.17
C VAL B 731 -45.88 14.87 13.95
N GLY B 732 -46.51 15.40 14.99
CA GLY B 732 -47.31 14.58 15.89
C GLY B 732 -48.02 15.45 16.88
N TYR B 733 -48.01 15.04 18.14
CA TYR B 733 -48.76 15.76 19.16
C TYR B 733 -48.02 15.75 20.48
N THR B 734 -48.19 16.83 21.22
CA THR B 734 -47.85 16.86 22.62
C THR B 734 -48.61 15.73 23.31
N PRO B 735 -47.99 15.01 24.27
CA PRO B 735 -48.72 13.92 24.92
C PRO B 735 -49.95 14.40 25.68
N ASP B 736 -50.02 15.68 26.04
CA ASP B 736 -51.27 16.26 26.51
C ASP B 736 -52.29 16.34 25.38
N GLY B 737 -51.86 16.67 24.17
CA GLY B 737 -52.75 16.74 23.03
C GLY B 737 -52.49 17.89 22.07
N LYS B 738 -51.66 18.86 22.46
CA LYS B 738 -51.34 19.95 21.56
C LYS B 738 -50.59 19.42 20.34
N ASP B 739 -50.49 20.27 19.33
CA ASP B 739 -49.76 19.91 18.11
C ASP B 739 -48.26 19.96 18.38
N ASP B 740 -47.53 19.12 17.65
CA ASP B 740 -46.07 19.00 17.77
C ASP B 740 -45.44 19.62 16.52
N TYR B 741 -45.19 20.92 16.57
CA TYR B 741 -44.48 21.62 15.52
C TYR B 741 -42.99 21.59 15.82
N ARG B 742 -42.20 21.18 14.81
CA ARG B 742 -40.75 21.11 14.95
C ARG B 742 -40.06 21.49 13.65
N TRP B 743 -39.09 22.38 13.74
CA TRP B 743 -38.17 22.62 12.64
C TRP B 743 -37.47 21.32 12.30
N CYS B 744 -37.64 20.87 11.06
CA CYS B 744 -37.23 19.53 10.68
C CYS B 744 -36.59 19.55 9.30
N PHE B 745 -35.67 18.61 9.12
CA PHE B 745 -34.86 18.52 7.93
C PHE B 745 -35.24 17.26 7.17
N ARG B 746 -35.71 17.45 5.96
CA ARG B 746 -36.17 16.33 5.14
C ARG B 746 -35.01 15.62 4.48
N VAL B 747 -35.09 14.30 4.45
CA VAL B 747 -34.11 13.45 3.79
C VAL B 747 -34.85 12.35 3.06
N ASP B 748 -34.55 12.18 1.79
CA ASP B 748 -35.20 11.22 0.93
C ASP B 748 -34.30 10.00 0.80
N GLU B 749 -34.88 8.81 0.95
CA GLU B 749 -34.12 7.58 1.08
C GLU B 749 -34.88 6.45 0.41
N VAL B 750 -34.14 5.40 0.09
CA VAL B 750 -34.66 4.23 -0.63
C VAL B 750 -34.15 2.97 0.05
N ASN B 751 -35.00 1.95 0.08
CA ASN B 751 -34.61 0.63 0.55
C ASN B 751 -35.17 -0.43 -0.38
N TRP B 752 -34.47 -1.55 -0.43
CA TRP B 752 -34.88 -2.70 -1.25
C TRP B 752 -34.85 -4.00 -0.44
N THR B 753 -34.82 -3.91 0.90
CA THR B 753 -35.00 -5.04 1.78
C THR B 753 -35.94 -4.77 2.95
N THR B 754 -36.43 -3.55 3.13
CA THR B 754 -37.38 -3.19 4.17
C THR B 754 -38.78 -3.19 3.59
N TRP B 755 -39.06 -4.24 2.82
CA TRP B 755 -40.23 -4.33 1.95
C TRP B 755 -41.54 -4.02 2.66
N ASN B 756 -41.60 -4.19 3.98
CA ASN B 756 -42.81 -3.85 4.73
C ASN B 756 -42.93 -2.35 4.90
N TYR C 201 -50.10 16.35 -9.40
CA TYR C 201 -49.11 15.83 -8.42
C TYR C 201 -49.28 14.33 -8.28
N TYR C 202 -50.53 13.93 -8.05
CA TYR C 202 -50.95 12.55 -8.08
C TYR C 202 -51.80 12.25 -9.30
N LYS C 203 -51.76 13.11 -10.31
CA LYS C 203 -52.67 13.11 -11.44
C LYS C 203 -52.68 11.78 -12.18
N GLY C 204 -53.83 11.09 -12.12
CA GLY C 204 -54.02 9.81 -12.77
C GLY C 204 -54.08 8.62 -11.83
N GLN C 205 -53.99 8.85 -10.53
CA GLN C 205 -53.89 7.76 -9.56
C GLN C 205 -55.24 7.10 -9.35
N THR C 206 -55.20 5.83 -8.94
CA THR C 206 -56.38 5.06 -8.63
C THR C 206 -56.19 4.35 -7.30
N ALA C 207 -57.31 3.95 -6.70
CA ALA C 207 -57.27 3.17 -5.48
C ALA C 207 -56.70 1.77 -5.72
N LEU C 208 -56.64 1.33 -6.97
CA LEU C 208 -55.92 0.10 -7.28
C LEU C 208 -54.43 0.28 -7.05
N HIS C 209 -53.88 1.43 -7.45
CA HIS C 209 -52.47 1.70 -7.22
C HIS C 209 -52.16 1.71 -5.74
N ILE C 210 -53.09 2.20 -4.92
CA ILE C 210 -52.95 2.16 -3.47
C ILE C 210 -52.69 0.73 -3.01
N ALA C 211 -53.56 -0.19 -3.41
CA ALA C 211 -53.54 -1.53 -2.84
C ALA C 211 -52.26 -2.28 -3.15
N ILE C 212 -51.66 -2.02 -4.31
CA ILE C 212 -50.45 -2.72 -4.69
C ILE C 212 -49.30 -2.24 -3.81
N GLU C 213 -49.30 -0.96 -3.48
CA GLU C 213 -48.24 -0.38 -2.68
C GLU C 213 -48.45 -0.62 -1.19
N ARG C 214 -49.70 -0.72 -0.73
CA ARG C 214 -49.99 -1.00 0.67
C ARG C 214 -50.06 -2.50 0.98
N ARG C 215 -49.46 -3.35 0.13
CA ARG C 215 -49.30 -4.77 0.45
C ARG C 215 -50.64 -5.47 0.58
N ASN C 216 -51.53 -5.21 -0.38
CA ASN C 216 -52.93 -5.59 -0.24
C ASN C 216 -53.42 -6.19 -1.56
N MET C 217 -53.21 -7.49 -1.73
CA MET C 217 -53.76 -8.18 -2.89
C MET C 217 -55.21 -8.59 -2.67
N ALA C 218 -55.64 -8.70 -1.42
CA ALA C 218 -57.03 -9.00 -1.13
C ALA C 218 -57.95 -7.93 -1.69
N LEU C 219 -57.48 -6.68 -1.77
CA LEU C 219 -58.28 -5.58 -2.29
C LEU C 219 -57.97 -5.24 -3.74
N VAL C 220 -56.81 -5.66 -4.27
CA VAL C 220 -56.59 -5.53 -5.71
C VAL C 220 -57.60 -6.39 -6.45
N THR C 221 -57.77 -7.64 -6.03
CA THR C 221 -58.79 -8.49 -6.61
C THR C 221 -60.18 -7.94 -6.34
N LEU C 222 -60.35 -7.18 -5.26
CA LEU C 222 -61.64 -6.55 -4.98
C LEU C 222 -61.93 -5.44 -5.97
N LEU C 223 -60.93 -4.63 -6.31
CA LEU C 223 -61.17 -3.46 -7.14
C LEU C 223 -61.30 -3.84 -8.60
N VAL C 224 -60.48 -4.76 -9.08
CA VAL C 224 -60.53 -5.15 -10.48
C VAL C 224 -61.86 -5.80 -10.80
N GLU C 225 -62.36 -6.65 -9.90
CA GLU C 225 -63.59 -7.38 -10.19
C GLU C 225 -64.79 -6.46 -10.26
N ASN C 226 -64.80 -5.41 -9.46
CA ASN C 226 -65.83 -4.37 -9.56
C ASN C 226 -65.61 -3.43 -10.74
N GLY C 227 -64.59 -3.65 -11.56
CA GLY C 227 -64.39 -2.90 -12.78
C GLY C 227 -63.29 -1.87 -12.74
N ALA C 228 -62.42 -1.89 -11.73
CA ALA C 228 -61.31 -0.96 -11.69
C ALA C 228 -60.36 -1.24 -12.85
N ASP C 229 -60.22 -0.27 -13.75
CA ASP C 229 -59.36 -0.41 -14.91
C ASP C 229 -57.93 -0.74 -14.50
N VAL C 230 -57.29 -1.61 -15.28
CA VAL C 230 -55.90 -2.02 -15.07
C VAL C 230 -55.04 -1.56 -16.24
N GLN C 231 -55.40 -0.42 -16.83
CA GLN C 231 -54.57 0.28 -17.80
C GLN C 231 -54.27 1.70 -17.37
N ALA C 232 -54.63 2.07 -16.15
CA ALA C 232 -54.65 3.47 -15.74
C ALA C 232 -53.24 4.04 -15.73
N ALA C 233 -53.11 5.25 -16.26
CA ALA C 233 -51.85 5.94 -16.35
C ALA C 233 -51.74 6.91 -15.19
N ALA C 234 -50.87 6.60 -14.23
CA ALA C 234 -50.51 7.54 -13.17
C ALA C 234 -49.56 8.59 -13.74
N HIS C 235 -50.13 9.46 -14.58
CA HIS C 235 -49.36 10.47 -15.29
C HIS C 235 -49.30 11.77 -14.49
N GLY C 236 -48.88 11.61 -13.23
CA GLY C 236 -48.79 12.71 -12.29
C GLY C 236 -47.36 12.98 -11.88
N ASP C 237 -47.13 14.18 -11.34
CA ASP C 237 -45.77 14.66 -11.15
C ASP C 237 -44.99 13.79 -10.20
N PHE C 238 -45.63 13.30 -9.14
CA PHE C 238 -44.97 12.42 -8.20
C PHE C 238 -44.57 11.11 -8.83
N PHE C 239 -45.25 10.71 -9.91
CA PHE C 239 -45.08 9.40 -10.51
C PHE C 239 -44.15 9.41 -11.71
N LYS C 240 -43.50 10.54 -12.00
CA LYS C 240 -42.55 10.66 -13.08
C LYS C 240 -41.14 10.48 -12.53
N LYS C 241 -40.16 10.62 -13.42
CA LYS C 241 -38.76 10.49 -13.05
C LYS C 241 -38.41 11.43 -11.92
N THR C 242 -37.66 10.91 -10.95
CA THR C 242 -37.33 11.68 -9.76
C THR C 242 -36.59 12.96 -10.12
N LYS C 243 -35.39 12.82 -10.69
CA LYS C 243 -34.56 13.96 -11.08
C LYS C 243 -34.39 14.95 -9.95
N GLY C 244 -34.14 14.42 -8.75
CA GLY C 244 -34.00 15.24 -7.55
C GLY C 244 -35.28 15.33 -6.75
N ARG C 245 -36.44 15.37 -7.41
CA ARG C 245 -37.69 15.50 -6.69
C ARG C 245 -37.98 14.22 -5.91
N PRO C 246 -38.73 14.32 -4.79
CA PRO C 246 -39.01 13.12 -3.99
C PRO C 246 -40.13 12.28 -4.58
N GLY C 247 -39.79 11.37 -5.50
CA GLY C 247 -40.77 10.62 -6.24
C GLY C 247 -40.41 9.15 -6.31
N PHE C 248 -41.29 8.39 -6.96
CA PHE C 248 -41.00 7.01 -7.33
C PHE C 248 -41.62 6.76 -8.69
N TYR C 249 -40.76 6.59 -9.69
CA TYR C 249 -41.21 6.16 -11.01
C TYR C 249 -41.22 4.64 -11.04
N PHE C 250 -42.28 4.09 -11.63
CA PHE C 250 -42.44 2.65 -11.74
C PHE C 250 -42.90 2.19 -13.10
N GLY C 251 -43.50 3.07 -13.90
CA GLY C 251 -43.94 2.71 -15.24
C GLY C 251 -45.29 3.25 -15.64
N GLU C 252 -45.97 3.96 -14.73
CA GLU C 252 -47.22 4.65 -15.07
C GLU C 252 -48.27 3.64 -15.53
N LEU C 253 -48.31 2.50 -14.86
CA LEU C 253 -49.25 1.45 -15.21
C LEU C 253 -49.33 0.52 -14.01
N PRO C 254 -50.50 -0.08 -13.71
CA PRO C 254 -50.60 -0.89 -12.48
C PRO C 254 -49.66 -2.10 -12.45
N LEU C 255 -49.71 -2.91 -13.51
CA LEU C 255 -48.79 -4.04 -13.65
C LEU C 255 -47.34 -3.63 -13.44
N SER C 256 -46.96 -2.46 -13.94
CA SER C 256 -45.59 -2.00 -13.80
C SER C 256 -45.22 -1.79 -12.34
N LEU C 257 -46.17 -1.32 -11.53
CA LEU C 257 -45.91 -1.07 -10.12
C LEU C 257 -45.62 -2.38 -9.40
N ALA C 258 -46.42 -3.40 -9.64
CA ALA C 258 -46.27 -4.66 -8.94
C ALA C 258 -44.96 -5.33 -9.28
N ALA C 259 -44.48 -5.13 -10.52
CA ALA C 259 -43.20 -5.69 -10.92
C ALA C 259 -42.05 -4.97 -10.24
N CYS C 260 -42.16 -3.67 -10.08
CA CYS C 260 -41.15 -2.85 -9.41
C CYS C 260 -41.32 -2.82 -7.91
N THR C 261 -42.27 -3.58 -7.37
CA THR C 261 -42.61 -3.53 -5.96
C THR C 261 -42.46 -4.89 -5.30
N ASN C 262 -42.09 -5.93 -6.06
CA ASN C 262 -41.83 -7.25 -5.55
C ASN C 262 -43.06 -7.84 -4.86
N GLN C 263 -44.11 -8.03 -5.68
CA GLN C 263 -45.15 -9.02 -5.40
C GLN C 263 -45.37 -9.75 -6.73
N LEU C 264 -44.57 -10.78 -6.99
CA LEU C 264 -44.80 -11.58 -8.19
C LEU C 264 -46.15 -12.26 -8.13
N GLY C 265 -46.61 -12.61 -6.93
CA GLY C 265 -47.95 -13.13 -6.78
C GLY C 265 -49.01 -12.20 -7.35
N ILE C 266 -48.91 -10.91 -7.03
CA ILE C 266 -49.85 -9.94 -7.59
C ILE C 266 -49.70 -9.88 -9.10
N VAL C 267 -48.46 -9.84 -9.58
CA VAL C 267 -48.19 -9.60 -11.00
C VAL C 267 -48.89 -10.63 -11.87
N LYS C 268 -48.73 -11.91 -11.53
CA LYS C 268 -49.38 -12.96 -12.29
C LYS C 268 -50.90 -12.81 -12.21
N PHE C 269 -51.41 -12.40 -11.05
CA PHE C 269 -52.85 -12.25 -10.91
C PHE C 269 -53.43 -11.23 -11.87
N LEU C 270 -52.65 -10.20 -12.20
CA LEU C 270 -53.15 -9.15 -13.09
C LEU C 270 -53.38 -9.64 -14.51
N LEU C 271 -52.76 -10.76 -14.88
CA LEU C 271 -52.70 -11.18 -16.28
C LEU C 271 -53.58 -12.37 -16.61
N GLN C 272 -53.94 -13.20 -15.64
CA GLN C 272 -54.98 -14.22 -15.84
C GLN C 272 -56.26 -13.95 -15.06
N ASN C 273 -56.36 -12.82 -14.35
CA ASN C 273 -57.65 -12.44 -13.78
C ASN C 273 -58.71 -12.37 -14.86
N SER C 274 -59.85 -12.98 -14.59
CA SER C 274 -60.83 -13.21 -15.64
C SER C 274 -61.59 -11.94 -16.01
N TRP C 275 -61.75 -11.01 -15.08
CA TRP C 275 -62.52 -9.81 -15.34
C TRP C 275 -61.85 -8.96 -16.41
N GLN C 276 -60.56 -8.68 -16.23
CA GLN C 276 -59.80 -7.96 -17.24
C GLN C 276 -58.32 -8.14 -16.95
N THR C 277 -57.55 -8.33 -18.02
CA THR C 277 -56.12 -8.61 -17.94
C THR C 277 -55.37 -7.43 -18.52
N ALA C 278 -54.28 -7.04 -17.85
CA ALA C 278 -53.44 -5.98 -18.36
C ALA C 278 -52.82 -6.39 -19.69
N ASP C 279 -52.76 -5.44 -20.62
CA ASP C 279 -52.04 -5.65 -21.87
C ASP C 279 -50.54 -5.70 -21.57
N ILE C 280 -49.90 -6.81 -21.95
CA ILE C 280 -48.52 -7.03 -21.54
C ILE C 280 -47.59 -6.02 -22.21
N SER C 281 -47.86 -5.68 -23.47
CA SER C 281 -47.07 -4.71 -24.20
C SER C 281 -47.61 -3.30 -24.06
N ALA C 282 -48.37 -3.02 -23.01
CA ALA C 282 -48.89 -1.69 -22.82
C ALA C 282 -47.80 -0.79 -22.27
N ARG C 283 -47.63 0.37 -22.89
CA ARG C 283 -46.59 1.30 -22.55
C ARG C 283 -47.19 2.60 -22.02
N ASP C 284 -46.30 3.43 -21.50
CA ASP C 284 -46.66 4.66 -20.82
C ASP C 284 -46.40 5.87 -21.71
N SER C 285 -46.56 7.06 -21.14
CA SER C 285 -46.31 8.30 -21.88
C SER C 285 -44.87 8.39 -22.33
N VAL C 286 -43.94 7.93 -21.49
CA VAL C 286 -42.54 7.82 -21.91
C VAL C 286 -42.33 6.75 -22.95
N GLY C 287 -43.30 5.87 -23.15
CA GLY C 287 -43.16 4.71 -24.00
C GLY C 287 -42.62 3.50 -23.31
N ASN C 288 -42.28 3.60 -22.03
CA ASN C 288 -41.67 2.48 -21.33
C ASN C 288 -42.73 1.44 -20.99
N THR C 289 -42.51 0.22 -21.49
CA THR C 289 -43.23 -0.94 -21.01
C THR C 289 -42.79 -1.27 -19.59
N VAL C 290 -43.40 -2.33 -19.03
CA VAL C 290 -42.99 -2.85 -17.74
C VAL C 290 -41.50 -3.18 -17.72
N LEU C 291 -40.99 -3.74 -18.81
CA LEU C 291 -39.58 -4.13 -18.81
C LEU C 291 -38.68 -2.92 -18.89
N HIS C 292 -39.07 -1.94 -19.71
CA HIS C 292 -38.39 -0.65 -19.71
C HIS C 292 -38.36 -0.06 -18.31
N ALA C 293 -39.53 0.08 -17.71
CA ALA C 293 -39.65 0.67 -16.39
C ALA C 293 -38.92 -0.15 -15.34
N LEU C 294 -38.95 -1.46 -15.48
CA LEU C 294 -38.21 -2.35 -14.60
C LEU C 294 -36.70 -2.17 -14.70
N VAL C 295 -36.21 -1.58 -15.79
CA VAL C 295 -34.80 -1.23 -15.86
C VAL C 295 -34.54 0.07 -15.12
N GLU C 296 -35.37 1.08 -15.39
CA GLU C 296 -35.13 2.41 -14.84
C GLU C 296 -35.21 2.45 -13.32
N VAL C 297 -35.80 1.43 -12.69
CA VAL C 297 -35.81 1.34 -11.25
C VAL C 297 -34.59 0.63 -10.70
N ALA C 298 -33.83 -0.05 -11.55
CA ALA C 298 -32.62 -0.69 -11.10
C ALA C 298 -31.59 0.35 -10.67
N ASP C 299 -30.79 -0.02 -9.66
CA ASP C 299 -29.81 0.87 -9.07
C ASP C 299 -28.47 0.20 -8.84
N ASN C 300 -28.31 -1.05 -9.27
CA ASN C 300 -27.03 -1.76 -9.21
C ASN C 300 -26.59 -1.95 -7.76
N THR C 301 -27.55 -2.33 -6.93
CA THR C 301 -27.30 -2.93 -5.63
C THR C 301 -27.76 -4.39 -5.71
N ALA C 302 -27.03 -5.25 -4.99
CA ALA C 302 -27.27 -6.68 -5.11
C ALA C 302 -28.70 -7.05 -4.77
N ASP C 303 -29.23 -6.52 -3.66
CA ASP C 303 -30.62 -6.77 -3.30
C ASP C 303 -31.58 -6.27 -4.36
N ASN C 304 -31.25 -5.19 -5.05
CA ASN C 304 -32.06 -4.74 -6.16
C ASN C 304 -31.81 -5.57 -7.40
N THR C 305 -30.54 -5.87 -7.65
CA THR C 305 -30.17 -6.52 -8.90
C THR C 305 -30.65 -7.97 -8.91
N LYS C 306 -30.52 -8.66 -7.79
CA LYS C 306 -31.08 -9.99 -7.66
C LYS C 306 -32.57 -9.99 -7.98
N PHE C 307 -33.26 -8.94 -7.58
CA PHE C 307 -34.71 -8.92 -7.76
C PHE C 307 -35.08 -8.62 -9.19
N VAL C 308 -34.56 -7.53 -9.73
CA VAL C 308 -34.98 -7.04 -11.04
C VAL C 308 -34.75 -8.12 -12.09
N THR C 309 -33.63 -8.82 -11.99
CA THR C 309 -33.38 -9.94 -12.88
C THR C 309 -34.33 -11.08 -12.58
N SER C 310 -34.63 -11.31 -11.31
CA SER C 310 -35.57 -12.36 -10.94
C SER C 310 -36.96 -12.03 -11.47
N MET C 311 -37.35 -10.76 -11.43
CA MET C 311 -38.64 -10.34 -11.93
C MET C 311 -38.65 -10.21 -13.44
N TYR C 312 -37.63 -9.57 -14.01
CA TYR C 312 -37.55 -9.39 -15.45
C TYR C 312 -37.68 -10.71 -16.17
N ASN C 313 -37.06 -11.74 -15.62
CA ASN C 313 -37.18 -13.08 -16.16
C ASN C 313 -38.63 -13.49 -16.30
N GLU C 314 -39.43 -13.19 -15.29
CA GLU C 314 -40.72 -13.85 -15.14
C GLU C 314 -41.81 -13.23 -15.98
N ILE C 315 -41.75 -11.91 -16.22
CA ILE C 315 -42.68 -11.30 -17.16
C ILE C 315 -42.44 -11.82 -18.56
N LEU C 316 -41.22 -12.23 -18.88
CA LEU C 316 -40.95 -12.70 -20.23
C LEU C 316 -41.65 -14.01 -20.50
N MET C 317 -41.43 -15.00 -19.64
CA MET C 317 -42.11 -16.28 -19.80
C MET C 317 -43.61 -16.09 -19.79
N LEU C 318 -44.11 -15.32 -18.83
CA LEU C 318 -45.54 -15.04 -18.75
C LEU C 318 -46.05 -14.46 -20.05
N GLY C 319 -45.36 -13.45 -20.58
CA GLY C 319 -45.72 -12.92 -21.88
C GLY C 319 -45.54 -13.94 -22.98
N ALA C 320 -44.60 -14.88 -22.81
CA ALA C 320 -44.44 -15.93 -23.79
C ALA C 320 -45.55 -16.96 -23.68
N LYS C 321 -45.93 -17.32 -22.45
CA LYS C 321 -47.03 -18.25 -22.25
C LYS C 321 -48.33 -17.64 -22.74
N LEU C 322 -48.61 -16.41 -22.35
CA LEU C 322 -49.75 -15.68 -22.91
C LEU C 322 -49.60 -15.53 -24.42
N HIS C 323 -48.43 -15.07 -24.85
CA HIS C 323 -48.21 -14.64 -26.23
C HIS C 323 -46.86 -15.17 -26.68
N PRO C 324 -46.82 -16.41 -27.19
CA PRO C 324 -45.56 -16.91 -27.74
C PRO C 324 -45.06 -16.12 -28.93
N THR C 325 -45.90 -15.32 -29.58
CA THR C 325 -45.55 -14.59 -30.79
C THR C 325 -45.14 -13.14 -30.56
N LEU C 326 -45.67 -12.47 -29.54
CA LEU C 326 -45.25 -11.10 -29.29
C LEU C 326 -43.81 -11.07 -28.80
N LYS C 327 -43.08 -10.05 -29.24
CA LYS C 327 -41.68 -9.86 -28.86
C LYS C 327 -41.60 -8.64 -27.96
N LEU C 328 -41.27 -8.88 -26.70
CA LEU C 328 -41.29 -7.82 -25.70
C LEU C 328 -39.99 -7.03 -25.69
N GLU C 329 -38.86 -7.73 -25.65
CA GLU C 329 -37.59 -7.05 -25.54
C GLU C 329 -37.24 -6.21 -26.77
N GLU C 330 -37.95 -6.40 -27.87
CA GLU C 330 -37.77 -5.59 -29.05
C GLU C 330 -38.55 -4.29 -28.99
N LEU C 331 -39.45 -4.15 -28.03
CA LEU C 331 -40.25 -2.96 -27.96
C LEU C 331 -39.41 -1.77 -27.56
N THR C 332 -39.76 -0.63 -28.12
CA THR C 332 -38.99 0.58 -27.96
C THR C 332 -39.86 1.68 -27.37
N ASN C 333 -39.27 2.48 -26.49
CA ASN C 333 -39.98 3.54 -25.81
C ASN C 333 -40.11 4.74 -26.75
N LYS C 334 -40.49 5.88 -26.18
CA LYS C 334 -40.67 7.09 -26.99
C LYS C 334 -39.35 7.53 -27.60
N LYS C 335 -38.25 7.42 -26.86
CA LYS C 335 -36.97 7.91 -27.35
C LYS C 335 -36.45 7.07 -28.50
N GLY C 336 -36.61 5.75 -28.41
CA GLY C 336 -36.10 4.83 -29.40
C GLY C 336 -35.18 3.80 -28.80
N MET C 337 -35.40 3.49 -27.53
CA MET C 337 -34.52 2.62 -26.76
C MET C 337 -35.28 1.38 -26.31
N THR C 338 -34.61 0.26 -26.29
CA THR C 338 -35.14 -1.01 -25.83
C THR C 338 -34.74 -1.24 -24.37
N PRO C 339 -35.34 -2.22 -23.71
CA PRO C 339 -34.90 -2.54 -22.34
C PRO C 339 -33.43 -2.90 -22.26
N LEU C 340 -32.88 -3.49 -23.31
CA LEU C 340 -31.46 -3.80 -23.36
C LEU C 340 -30.63 -2.54 -23.56
N ALA C 341 -31.03 -1.70 -24.50
CA ALA C 341 -30.30 -0.47 -24.75
C ALA C 341 -30.43 0.49 -23.59
N LEU C 342 -31.59 0.48 -22.94
CA LEU C 342 -31.83 1.32 -21.79
C LEU C 342 -30.94 0.92 -20.62
N ALA C 343 -30.72 -0.37 -20.45
CA ALA C 343 -29.87 -0.85 -19.38
C ALA C 343 -28.43 -0.43 -19.60
N ALA C 344 -27.99 -0.48 -20.84
CA ALA C 344 -26.64 -0.10 -21.18
C ALA C 344 -26.50 1.41 -21.21
N GLY C 345 -27.49 2.10 -21.77
CA GLY C 345 -27.46 3.54 -21.83
C GLY C 345 -27.62 4.24 -20.50
N THR C 346 -27.95 3.50 -19.45
CA THR C 346 -28.27 4.06 -18.14
C THR C 346 -27.41 3.47 -17.03
N GLY C 347 -26.56 2.51 -17.33
CA GLY C 347 -25.53 2.07 -16.43
C GLY C 347 -25.85 0.83 -15.66
N LYS C 348 -26.74 -0.01 -16.17
CA LYS C 348 -27.35 -1.06 -15.37
C LYS C 348 -26.62 -2.36 -15.64
N ILE C 349 -25.55 -2.55 -14.88
CA ILE C 349 -24.60 -3.62 -15.13
C ILE C 349 -25.22 -4.98 -14.88
N GLY C 350 -26.02 -5.11 -13.83
CA GLY C 350 -26.55 -6.42 -13.48
C GLY C 350 -27.68 -6.85 -14.38
N VAL C 351 -28.52 -5.90 -14.76
CA VAL C 351 -29.57 -6.18 -15.74
C VAL C 351 -28.94 -6.59 -17.05
N LEU C 352 -27.98 -5.81 -17.53
CA LEU C 352 -27.31 -6.13 -18.78
C LEU C 352 -26.59 -7.45 -18.69
N ALA C 353 -25.90 -7.68 -17.58
CA ALA C 353 -25.22 -8.94 -17.36
C ALA C 353 -26.20 -10.10 -17.31
N TYR C 354 -27.44 -9.83 -16.92
CA TYR C 354 -28.46 -10.86 -16.96
C TYR C 354 -28.94 -11.13 -18.38
N ILE C 355 -29.32 -10.07 -19.09
CA ILE C 355 -29.99 -10.21 -20.38
C ILE C 355 -29.08 -10.91 -21.38
N LEU C 356 -27.78 -10.65 -21.31
CA LEU C 356 -26.84 -11.20 -22.28
C LEU C 356 -26.57 -12.66 -22.00
N GLN C 357 -26.49 -13.01 -20.72
CA GLN C 357 -26.21 -14.35 -20.26
C GLN C 357 -27.48 -15.14 -19.97
N ARG C 358 -28.59 -14.79 -20.61
CA ARG C 358 -29.88 -15.35 -20.26
C ARG C 358 -30.00 -16.75 -20.85
N GLU C 359 -29.65 -17.75 -20.07
CA GLU C 359 -29.90 -19.14 -20.39
C GLU C 359 -31.09 -19.60 -19.57
N ILE C 360 -32.16 -20.01 -20.25
CA ILE C 360 -33.37 -20.51 -19.64
C ILE C 360 -33.51 -21.98 -20.02
N GLN C 361 -33.94 -22.80 -19.07
CA GLN C 361 -34.14 -24.23 -19.28
C GLN C 361 -35.61 -24.53 -19.04
N GLU C 362 -36.40 -24.47 -20.10
CA GLU C 362 -37.82 -24.78 -20.10
C GLU C 362 -38.19 -25.26 -21.49
N PRO C 363 -39.25 -26.04 -21.64
CA PRO C 363 -39.53 -26.59 -22.98
C PRO C 363 -39.94 -25.53 -23.97
N GLU C 364 -40.78 -24.58 -23.56
CA GLU C 364 -41.34 -23.58 -24.44
C GLU C 364 -40.63 -22.24 -24.37
N CYS C 365 -39.76 -22.05 -23.38
CA CYS C 365 -39.14 -20.76 -23.11
C CYS C 365 -37.63 -20.85 -23.19
N ARG C 366 -37.13 -21.39 -24.30
CA ARG C 366 -35.73 -21.25 -24.69
C ARG C 366 -35.52 -20.32 -25.86
N HIS C 367 -36.56 -20.06 -26.66
CA HIS C 367 -36.47 -19.06 -27.72
C HIS C 367 -36.22 -17.67 -27.19
N LEU C 368 -36.43 -17.44 -25.89
CA LEU C 368 -36.09 -16.19 -25.26
C LEU C 368 -34.66 -16.19 -24.74
N SER C 369 -34.20 -17.35 -24.28
CA SER C 369 -32.84 -17.48 -23.80
C SER C 369 -31.86 -17.02 -24.86
N ARG C 370 -30.75 -16.48 -24.40
CA ARG C 370 -29.75 -15.87 -25.26
C ARG C 370 -28.41 -16.57 -25.20
N LYS C 371 -28.02 -17.09 -24.06
CA LYS C 371 -26.77 -17.82 -23.90
C LYS C 371 -27.08 -19.30 -24.05
N PHE C 372 -26.80 -19.83 -25.24
CA PHE C 372 -27.05 -21.21 -25.58
C PHE C 372 -25.80 -22.06 -25.49
N THR C 373 -25.95 -23.27 -24.97
CA THR C 373 -24.92 -24.31 -25.06
C THR C 373 -25.19 -25.17 -26.28
N GLU C 374 -24.24 -25.20 -27.21
CA GLU C 374 -24.42 -25.99 -28.42
C GLU C 374 -24.00 -27.43 -28.22
N TRP C 375 -22.85 -27.65 -27.60
CA TRP C 375 -22.38 -28.99 -27.32
C TRP C 375 -21.67 -29.00 -25.96
N ALA C 376 -21.31 -30.21 -25.55
CA ALA C 376 -20.69 -30.46 -24.26
C ALA C 376 -20.02 -31.83 -24.34
N TYR C 377 -18.84 -31.93 -23.75
CA TYR C 377 -18.11 -33.21 -23.75
C TYR C 377 -17.31 -33.27 -22.46
N GLY C 378 -17.91 -33.85 -21.44
CA GLY C 378 -17.26 -33.99 -20.17
C GLY C 378 -17.18 -32.66 -19.45
N PRO C 379 -16.00 -32.24 -18.99
CA PRO C 379 -15.89 -30.91 -18.38
C PRO C 379 -15.96 -29.78 -19.38
N VAL C 380 -15.59 -30.03 -20.63
CA VAL C 380 -15.65 -29.04 -21.68
C VAL C 380 -17.12 -28.82 -22.06
N HIS C 381 -17.53 -27.56 -22.14
CA HIS C 381 -18.79 -27.18 -22.75
C HIS C 381 -18.60 -25.89 -23.54
N SER C 382 -19.23 -25.84 -24.71
CA SER C 382 -19.07 -24.73 -25.65
C SER C 382 -20.37 -23.96 -25.74
N SER C 383 -20.40 -22.80 -25.10
CA SER C 383 -21.55 -21.92 -25.06
C SER C 383 -21.77 -21.21 -26.40
N LEU C 384 -22.86 -20.46 -26.47
CA LEU C 384 -23.15 -19.58 -27.59
C LEU C 384 -23.95 -18.41 -27.06
N TYR C 385 -23.43 -17.21 -27.26
CA TYR C 385 -24.16 -15.99 -27.00
C TYR C 385 -24.83 -15.52 -28.27
N ASP C 386 -25.95 -14.84 -28.12
CA ASP C 386 -26.56 -14.13 -29.23
C ASP C 386 -25.92 -12.77 -29.36
N LEU C 387 -25.97 -12.24 -30.57
CA LEU C 387 -25.44 -10.92 -30.87
C LEU C 387 -26.49 -10.02 -31.48
N SER C 388 -27.76 -10.39 -31.32
CA SER C 388 -28.83 -9.61 -31.91
C SER C 388 -29.00 -8.31 -31.16
N CYS C 389 -28.81 -7.21 -31.87
CA CYS C 389 -28.92 -5.86 -31.35
C CYS C 389 -27.86 -5.59 -30.30
N ILE C 390 -26.66 -6.13 -30.52
CA ILE C 390 -25.50 -5.89 -29.69
C ILE C 390 -24.34 -5.28 -30.48
N ASP C 391 -24.09 -5.79 -31.69
CA ASP C 391 -23.05 -5.29 -32.57
C ASP C 391 -23.61 -4.54 -33.76
N THR C 392 -24.75 -4.97 -34.28
CA THR C 392 -25.36 -4.40 -35.47
C THR C 392 -26.85 -4.22 -35.25
N CYS C 393 -27.25 -3.61 -34.14
CA CYS C 393 -28.61 -3.12 -34.06
C CYS C 393 -28.75 -1.98 -35.04
N GLU C 394 -29.88 -1.94 -35.74
CA GLU C 394 -30.16 -0.79 -36.57
C GLU C 394 -30.25 0.48 -35.73
N LYS C 395 -30.75 0.36 -34.50
CA LYS C 395 -30.85 1.47 -33.56
C LYS C 395 -30.22 1.03 -32.25
N ASN C 396 -29.17 1.72 -31.85
CA ASN C 396 -28.65 1.68 -30.49
C ASN C 396 -28.19 0.26 -30.12
N SER C 397 -27.19 -0.21 -30.86
CA SER C 397 -26.47 -1.39 -30.43
C SER C 397 -25.88 -1.16 -29.05
N VAL C 398 -25.72 -2.25 -28.32
CA VAL C 398 -25.22 -2.18 -26.95
C VAL C 398 -23.83 -1.59 -26.90
N LEU C 399 -23.01 -1.98 -27.87
CA LEU C 399 -21.66 -1.43 -27.99
C LEU C 399 -21.73 0.07 -28.26
N GLU C 400 -22.58 0.47 -29.19
CA GLU C 400 -22.74 1.86 -29.55
C GLU C 400 -23.51 2.66 -28.52
N VAL C 401 -23.89 2.06 -27.40
CA VAL C 401 -24.63 2.75 -26.35
C VAL C 401 -23.76 2.78 -25.10
N ILE C 402 -22.91 1.78 -24.94
CA ILE C 402 -21.89 1.83 -23.90
C ILE C 402 -20.81 2.83 -24.24
N ALA C 403 -20.41 2.89 -25.50
CA ALA C 403 -19.23 3.63 -25.91
C ALA C 403 -19.52 5.06 -26.31
N TYR C 404 -20.67 5.33 -26.91
CA TYR C 404 -21.06 6.68 -27.30
C TYR C 404 -21.85 7.37 -26.21
N SER C 405 -21.61 6.99 -24.96
CA SER C 405 -22.34 7.48 -23.81
C SER C 405 -21.50 8.49 -23.06
N SER C 406 -22.07 9.00 -21.97
CA SER C 406 -21.44 10.04 -21.16
C SER C 406 -20.98 9.46 -19.84
N SER C 407 -19.82 9.95 -19.38
CA SER C 407 -19.24 9.49 -18.12
C SER C 407 -20.19 9.65 -16.94
N GLU C 408 -21.18 10.53 -17.04
CA GLU C 408 -22.24 10.57 -16.05
C GLU C 408 -22.89 9.20 -15.89
N THR C 409 -23.11 8.51 -17.00
CA THR C 409 -23.65 7.16 -16.96
C THR C 409 -22.71 6.25 -16.19
N PRO C 410 -23.11 5.69 -15.05
CA PRO C 410 -22.18 4.87 -14.28
C PRO C 410 -21.81 3.60 -15.01
N ASN C 411 -20.60 3.13 -14.71
CA ASN C 411 -20.15 1.79 -15.08
C ASN C 411 -20.04 1.63 -16.59
N ARG C 412 -19.61 2.69 -17.27
CA ARG C 412 -19.23 2.54 -18.67
C ARG C 412 -18.07 1.57 -18.79
N HIS C 413 -17.06 1.75 -17.94
CA HIS C 413 -15.87 0.95 -18.04
C HIS C 413 -16.04 -0.45 -17.48
N ASP C 414 -17.10 -0.70 -16.72
CA ASP C 414 -17.38 -2.05 -16.24
C ASP C 414 -18.28 -2.85 -17.15
N MET C 415 -19.14 -2.18 -17.93
CA MET C 415 -20.08 -2.90 -18.78
C MET C 415 -19.41 -3.74 -19.84
N LEU C 416 -18.30 -3.29 -20.40
CA LEU C 416 -17.66 -4.08 -21.45
C LEU C 416 -16.97 -5.32 -20.91
N LEU C 417 -16.79 -5.43 -19.61
CA LEU C 417 -16.27 -6.65 -19.00
C LEU C 417 -17.32 -7.73 -18.88
N VAL C 418 -18.58 -7.38 -19.10
CA VAL C 418 -19.62 -8.38 -19.21
C VAL C 418 -19.37 -9.25 -20.42
N GLU C 419 -19.46 -10.53 -20.25
CA GLU C 419 -19.42 -11.42 -21.38
C GLU C 419 -20.72 -11.29 -22.17
N PRO C 420 -20.68 -11.41 -23.50
CA PRO C 420 -19.60 -11.69 -24.44
C PRO C 420 -18.87 -10.46 -24.95
N LEU C 421 -19.14 -9.29 -24.38
CA LEU C 421 -18.66 -8.05 -24.99
C LEU C 421 -17.16 -8.02 -25.08
N ASN C 422 -16.48 -8.38 -24.00
CA ASN C 422 -15.02 -8.38 -23.98
C ASN C 422 -14.46 -9.30 -25.05
N ARG C 423 -14.91 -10.55 -25.05
CA ARG C 423 -14.49 -11.51 -26.05
C ARG C 423 -14.86 -11.06 -27.46
N LEU C 424 -15.94 -10.31 -27.59
CA LEU C 424 -16.42 -9.91 -28.90
C LEU C 424 -15.54 -8.83 -29.51
N LEU C 425 -15.02 -7.95 -28.67
CA LEU C 425 -14.22 -6.84 -29.14
C LEU C 425 -12.82 -7.30 -29.47
N GLN C 426 -12.26 -8.15 -28.62
CA GLN C 426 -11.01 -8.81 -28.92
C GLN C 426 -11.10 -9.69 -30.16
N ASP C 427 -12.30 -10.06 -30.59
CA ASP C 427 -12.47 -10.79 -31.83
C ASP C 427 -12.45 -9.86 -33.03
N LYS C 428 -13.04 -8.67 -32.87
CA LYS C 428 -12.97 -7.67 -33.92
C LYS C 428 -11.56 -7.12 -34.03
N TRP C 429 -10.91 -6.97 -32.89
CA TRP C 429 -9.54 -6.51 -32.85
C TRP C 429 -8.62 -7.46 -33.60
N ASP C 430 -8.64 -8.73 -33.22
CA ASP C 430 -7.77 -9.72 -33.83
C ASP C 430 -8.09 -9.96 -35.30
N ARG C 431 -9.33 -9.76 -35.72
CA ARG C 431 -9.73 -10.10 -37.08
C ARG C 431 -9.37 -9.02 -38.08
N PHE C 432 -9.84 -7.78 -37.85
CA PHE C 432 -9.69 -6.71 -38.82
C PHE C 432 -9.30 -5.35 -38.28
N VAL C 433 -9.49 -5.04 -36.99
CA VAL C 433 -9.28 -3.68 -36.52
C VAL C 433 -7.81 -3.46 -36.20
N LYS C 434 -7.13 -4.48 -35.68
CA LYS C 434 -5.73 -4.34 -35.31
C LYS C 434 -4.88 -3.97 -36.51
N ARG C 435 -5.10 -4.61 -37.65
CA ARG C 435 -4.34 -4.28 -38.84
C ARG C 435 -4.59 -2.84 -39.27
N ILE C 436 -5.85 -2.41 -39.21
CA ILE C 436 -6.20 -1.08 -39.68
C ILE C 436 -5.65 -0.04 -38.73
N PHE C 437 -5.59 -0.35 -37.46
CA PHE C 437 -5.11 0.58 -36.45
C PHE C 437 -3.61 0.78 -36.58
N TYR C 438 -2.89 -0.32 -36.74
CA TYR C 438 -1.47 -0.24 -37.02
C TYR C 438 -1.22 0.50 -38.32
N PHE C 439 -2.13 0.37 -39.27
CA PHE C 439 -2.01 1.13 -40.51
C PHE C 439 -2.30 2.60 -40.27
N ASN C 440 -3.36 2.88 -39.51
CA ASN C 440 -3.63 4.25 -39.11
C ASN C 440 -2.48 4.84 -38.31
N PHE C 441 -1.83 4.01 -37.52
CA PHE C 441 -0.66 4.44 -36.77
C PHE C 441 0.52 4.74 -37.67
N LEU C 442 0.69 3.97 -38.74
CA LEU C 442 1.80 4.18 -39.64
C LEU C 442 1.63 5.49 -40.40
N VAL C 443 0.42 5.75 -40.89
CA VAL C 443 0.16 6.94 -41.67
C VAL C 443 0.38 8.17 -40.82
N TYR C 444 -0.01 8.10 -39.55
CA TYR C 444 0.17 9.25 -38.69
C TYR C 444 1.63 9.47 -38.37
N CYS C 445 2.39 8.39 -38.22
CA CYS C 445 3.82 8.50 -38.07
C CYS C 445 4.49 9.02 -39.32
N LEU C 446 3.99 8.66 -40.49
CA LEU C 446 4.53 9.24 -41.71
C LEU C 446 4.09 10.67 -41.87
N TYR C 447 2.90 10.98 -41.37
CA TYR C 447 2.42 12.36 -41.36
C TYR C 447 3.33 13.23 -40.52
N MET C 448 3.63 12.78 -39.33
CA MET C 448 4.41 13.59 -38.43
C MET C 448 5.87 13.65 -38.82
N ILE C 449 6.38 12.59 -39.44
CA ILE C 449 7.69 12.65 -40.04
C ILE C 449 7.74 13.72 -41.11
N ILE C 450 6.66 13.86 -41.86
CA ILE C 450 6.61 14.81 -42.96
C ILE C 450 6.37 16.21 -42.47
N PHE C 451 5.43 16.38 -41.55
CA PHE C 451 5.22 17.69 -40.96
C PHE C 451 6.41 18.13 -40.13
N THR C 452 7.17 17.19 -39.60
CA THR C 452 8.38 17.54 -38.89
C THR C 452 9.44 18.13 -39.80
N MET C 453 9.73 17.45 -40.91
CA MET C 453 10.76 17.92 -41.82
C MET C 453 10.37 19.20 -42.52
N ALA C 454 9.11 19.31 -42.93
CA ALA C 454 8.68 20.54 -43.59
C ALA C 454 8.73 21.72 -42.64
N ALA C 455 8.65 21.45 -41.36
CA ALA C 455 8.77 22.45 -40.32
C ALA C 455 10.24 22.76 -40.05
N TYR C 456 11.05 21.73 -39.90
CA TYR C 456 12.49 21.91 -39.66
C TYR C 456 13.13 22.68 -40.78
N TYR C 457 12.80 22.34 -42.02
CA TYR C 457 13.37 22.98 -43.19
C TYR C 457 12.55 24.16 -43.67
N ARG C 458 11.88 24.83 -42.76
CA ARG C 458 11.12 26.00 -43.10
C ARG C 458 12.05 27.08 -43.64
N PRO C 459 11.57 27.89 -44.59
CA PRO C 459 12.33 29.07 -44.95
C PRO C 459 12.50 30.03 -43.78
N VAL C 460 13.65 30.70 -43.79
CA VAL C 460 14.04 31.60 -42.72
C VAL C 460 14.30 33.02 -43.21
N ASP C 461 14.38 33.24 -44.53
CA ASP C 461 14.77 34.51 -45.11
C ASP C 461 13.64 35.01 -45.99
N GLY C 462 12.92 36.00 -45.50
CA GLY C 462 11.80 36.62 -46.16
C GLY C 462 10.60 36.64 -45.25
N LEU C 463 9.44 36.85 -45.86
CA LEU C 463 8.15 36.70 -45.21
C LEU C 463 7.33 35.71 -46.03
N PRO C 464 6.38 35.02 -45.41
CA PRO C 464 5.60 34.08 -46.17
C PRO C 464 4.57 34.80 -47.02
N PRO C 465 3.94 34.12 -47.97
CA PRO C 465 4.23 32.76 -48.41
C PRO C 465 5.47 32.73 -49.28
N PHE C 466 6.25 31.67 -49.14
CA PHE C 466 7.56 31.59 -49.74
C PHE C 466 7.49 31.03 -51.15
N LYS C 467 8.63 31.07 -51.82
CA LYS C 467 8.71 30.83 -53.25
C LYS C 467 9.33 29.47 -53.53
N MET C 468 8.80 28.78 -54.53
CA MET C 468 9.39 27.55 -55.04
C MET C 468 10.50 27.94 -56.00
N GLU C 469 11.74 27.79 -55.55
CA GLU C 469 12.91 28.17 -56.33
C GLU C 469 13.75 26.96 -56.70
N LYS C 470 14.25 26.23 -55.70
CA LYS C 470 15.04 25.03 -55.91
C LYS C 470 14.12 23.81 -55.82
N THR C 471 14.70 22.63 -56.04
CA THR C 471 13.90 21.42 -56.06
C THR C 471 13.45 21.01 -54.67
N GLY C 472 14.29 21.22 -53.66
CA GLY C 472 13.90 20.88 -52.30
C GLY C 472 12.68 21.64 -51.83
N ASP C 473 12.47 22.85 -52.37
CA ASP C 473 11.26 23.60 -52.05
C ASP C 473 10.02 22.87 -52.54
N TYR C 474 10.06 22.39 -53.76
CA TYR C 474 8.93 21.64 -54.31
C TYR C 474 8.67 20.40 -53.46
N PHE C 475 9.72 19.65 -53.16
CA PHE C 475 9.59 18.47 -52.32
C PHE C 475 9.37 18.80 -50.86
N ARG C 476 9.42 20.07 -50.47
CA ARG C 476 9.06 20.50 -49.12
C ARG C 476 7.64 20.99 -49.06
N VAL C 477 7.23 21.83 -50.00
CA VAL C 477 5.88 22.38 -49.99
C VAL C 477 4.89 21.25 -50.05
N THR C 478 5.23 20.19 -50.78
CA THR C 478 4.50 18.93 -50.75
C THR C 478 4.20 18.48 -49.33
N GLY C 479 5.25 18.30 -48.53
CA GLY C 479 5.08 18.04 -47.12
C GLY C 479 4.26 19.07 -46.40
N GLU C 480 4.33 20.33 -46.83
CA GLU C 480 3.54 21.37 -46.21
C GLU C 480 2.09 21.25 -46.62
N ILE C 481 1.84 20.88 -47.88
CA ILE C 481 0.49 20.56 -48.29
C ILE C 481 -0.04 19.40 -47.45
N LEU C 482 0.64 18.27 -47.53
CA LEU C 482 0.27 17.08 -46.78
C LEU C 482 0.12 17.34 -45.29
N SER C 483 0.93 18.25 -44.77
CA SER C 483 0.78 18.65 -43.37
C SER C 483 -0.60 19.23 -43.10
N VAL C 484 -1.04 20.16 -43.95
CA VAL C 484 -2.32 20.83 -43.75
C VAL C 484 -3.48 19.84 -43.90
N LEU C 485 -3.41 18.97 -44.90
CA LEU C 485 -4.49 18.02 -45.16
C LEU C 485 -4.83 17.19 -43.94
N GLY C 486 -3.83 16.67 -43.26
CA GLY C 486 -4.07 16.03 -41.98
C GLY C 486 -4.77 16.91 -40.98
N GLY C 487 -4.40 18.18 -40.93
CA GLY C 487 -5.09 19.10 -40.04
C GLY C 487 -6.54 19.27 -40.40
N VAL C 488 -6.83 19.36 -41.69
CA VAL C 488 -8.22 19.42 -42.13
C VAL C 488 -8.96 18.15 -41.74
N TYR C 489 -8.33 17.01 -42.00
CA TYR C 489 -8.89 15.73 -41.58
C TYR C 489 -9.16 15.72 -40.08
N PHE C 490 -8.14 15.99 -39.27
CA PHE C 490 -8.34 16.02 -37.84
C PHE C 490 -9.28 17.13 -37.40
N PHE C 491 -9.41 18.18 -38.20
CA PHE C 491 -10.42 19.20 -37.93
C PHE C 491 -11.82 18.67 -38.16
N PHE C 492 -12.10 18.23 -39.38
CA PHE C 492 -13.41 17.64 -39.68
C PHE C 492 -13.68 16.44 -38.80
N ARG C 493 -12.69 15.58 -38.62
CA ARG C 493 -12.83 14.40 -37.80
C ARG C 493 -13.09 14.74 -36.33
N GLY C 494 -12.86 15.98 -35.94
CA GLY C 494 -13.12 16.45 -34.59
C GLY C 494 -14.44 17.14 -34.48
N ILE C 495 -14.76 17.96 -35.48
CA ILE C 495 -16.10 18.54 -35.57
C ILE C 495 -17.14 17.44 -35.54
N GLN C 496 -16.95 16.43 -36.39
CA GLN C 496 -17.76 15.23 -36.40
C GLN C 496 -17.99 14.70 -34.99
N TYR C 497 -16.90 14.39 -34.29
CA TYR C 497 -16.97 13.93 -32.91
C TYR C 497 -17.80 14.84 -32.03
N PHE C 498 -17.47 16.13 -32.01
CA PHE C 498 -18.11 17.04 -31.06
C PHE C 498 -19.50 17.47 -31.49
N LEU C 499 -20.03 16.94 -32.60
CA LEU C 499 -21.45 17.07 -32.93
C LEU C 499 -22.23 15.82 -32.54
N GLN C 500 -21.83 14.67 -33.09
CA GLN C 500 -22.55 13.43 -32.84
C GLN C 500 -22.27 12.86 -31.45
N ARG C 501 -21.49 13.55 -30.62
CA ARG C 501 -21.27 13.19 -29.24
C ARG C 501 -21.32 14.46 -28.40
N ARG C 502 -22.47 15.17 -28.45
CA ARG C 502 -22.68 16.51 -27.91
C ARG C 502 -22.05 16.62 -26.53
N PRO C 503 -20.90 17.29 -26.39
CA PRO C 503 -20.06 17.03 -25.23
C PRO C 503 -20.49 17.84 -24.02
N SER C 504 -20.61 17.17 -22.89
CA SER C 504 -20.81 17.87 -21.64
C SER C 504 -19.55 18.61 -21.28
N MET C 505 -19.70 19.89 -20.92
CA MET C 505 -18.57 20.81 -20.81
C MET C 505 -17.52 20.33 -19.81
N LYS C 506 -17.90 19.49 -18.86
CA LYS C 506 -16.95 18.89 -17.94
C LYS C 506 -16.38 17.58 -18.49
N THR C 507 -17.19 16.82 -19.23
CA THR C 507 -16.78 15.53 -19.78
C THR C 507 -15.67 15.65 -20.83
N LEU C 508 -15.36 16.86 -21.30
CA LEU C 508 -14.34 17.02 -22.34
C LEU C 508 -13.02 16.40 -21.93
N PHE C 509 -12.60 16.66 -20.70
CA PHE C 509 -11.29 16.24 -20.24
C PHE C 509 -11.25 14.79 -19.79
N VAL C 510 -12.38 14.23 -19.42
CA VAL C 510 -12.40 12.88 -18.86
C VAL C 510 -12.52 11.84 -19.96
N ASP C 511 -13.52 12.00 -20.84
CA ASP C 511 -13.78 11.01 -21.87
C ASP C 511 -13.07 11.29 -23.17
N SER C 512 -12.65 12.53 -23.39
CA SER C 512 -12.30 13.00 -24.72
C SER C 512 -11.04 13.86 -24.67
N TYR C 513 -10.09 13.50 -23.82
CA TYR C 513 -8.89 14.32 -23.66
C TYR C 513 -8.03 14.29 -24.92
N SER C 514 -7.98 13.17 -25.59
CA SER C 514 -7.15 13.02 -26.77
C SER C 514 -7.78 13.68 -27.98
N GLU C 515 -9.07 13.43 -28.19
CA GLU C 515 -9.83 14.09 -29.23
C GLU C 515 -9.71 15.59 -29.16
N MET C 516 -9.66 16.11 -27.94
CA MET C 516 -9.47 17.53 -27.73
C MET C 516 -8.12 17.98 -28.26
N LEU C 517 -7.10 17.15 -28.14
CA LEU C 517 -5.76 17.52 -28.54
C LEU C 517 -5.55 17.38 -30.04
N PHE C 518 -6.09 16.33 -30.65
CA PHE C 518 -6.07 16.25 -32.10
C PHE C 518 -6.82 17.41 -32.73
N PHE C 519 -7.94 17.79 -32.15
CA PHE C 519 -8.66 18.94 -32.67
C PHE C 519 -7.86 20.21 -32.49
N LEU C 520 -7.30 20.39 -31.30
CA LEU C 520 -6.47 21.54 -31.01
C LEU C 520 -5.25 21.57 -31.89
N GLN C 521 -4.66 20.40 -32.13
CA GLN C 521 -3.59 20.26 -33.10
C GLN C 521 -4.02 20.75 -34.47
N SER C 522 -5.23 20.42 -34.87
CA SER C 522 -5.77 20.87 -36.14
C SER C 522 -5.90 22.38 -36.19
N LEU C 523 -6.36 22.99 -35.10
CA LEU C 523 -6.57 24.42 -35.08
C LEU C 523 -5.28 25.17 -35.26
N PHE C 524 -4.22 24.72 -34.61
CA PHE C 524 -2.92 25.33 -34.79
C PHE C 524 -2.44 25.15 -36.22
N MET C 525 -2.81 24.07 -36.88
CA MET C 525 -2.46 23.91 -38.29
C MET C 525 -3.21 24.91 -39.16
N LEU C 526 -4.47 25.12 -38.88
CA LEU C 526 -5.27 26.00 -39.71
C LEU C 526 -4.90 27.45 -39.48
N ALA C 527 -4.65 27.82 -38.22
CA ALA C 527 -4.06 29.11 -37.93
C ALA C 527 -2.71 29.28 -38.61
N THR C 528 -2.02 28.18 -38.87
CA THR C 528 -0.72 28.25 -39.51
C THR C 528 -0.87 28.50 -41.00
N VAL C 529 -2.04 28.22 -41.56
CA VAL C 529 -2.32 28.53 -42.96
C VAL C 529 -2.92 29.92 -43.09
N VAL C 530 -3.71 30.34 -42.12
CA VAL C 530 -4.25 31.69 -42.12
C VAL C 530 -3.14 32.70 -42.03
N LEU C 531 -2.08 32.38 -41.29
CA LEU C 531 -1.00 33.29 -41.02
C LEU C 531 0.13 33.17 -42.02
N TYR C 532 0.15 32.12 -42.83
CA TYR C 532 1.16 31.94 -43.86
C TYR C 532 0.81 32.66 -45.14
N PHE C 533 -0.49 32.84 -45.39
CA PHE C 533 -0.96 33.63 -46.51
C PHE C 533 -1.31 35.04 -46.10
N SER C 534 -1.46 35.28 -44.81
CA SER C 534 -1.52 36.61 -44.25
C SER C 534 -0.13 37.19 -44.02
N HIS C 535 0.91 36.55 -44.52
CA HIS C 535 2.29 37.04 -44.58
C HIS C 535 2.95 37.15 -43.22
N LEU C 536 2.30 36.70 -42.16
CA LEU C 536 2.81 36.88 -40.82
C LEU C 536 3.70 35.70 -40.46
N LYS C 537 4.85 36.01 -39.86
CA LYS C 537 5.79 34.99 -39.41
C LYS C 537 5.26 34.16 -38.26
N GLU C 538 4.16 34.57 -37.65
CA GLU C 538 3.58 33.89 -36.50
C GLU C 538 2.98 32.54 -36.84
N TYR C 539 2.99 32.12 -38.10
CA TYR C 539 2.61 30.77 -38.45
C TYR C 539 3.46 29.74 -37.71
N VAL C 540 4.69 30.10 -37.39
CA VAL C 540 5.61 29.17 -36.77
C VAL C 540 5.17 28.87 -35.36
N ALA C 541 4.75 29.89 -34.61
CA ALA C 541 4.22 29.72 -33.27
C ALA C 541 3.14 28.66 -33.25
N SER C 542 2.11 28.85 -34.05
CA SER C 542 1.09 27.84 -34.24
C SER C 542 1.66 26.52 -34.69
N MET C 543 2.56 26.54 -35.67
CA MET C 543 3.07 25.30 -36.24
C MET C 543 3.81 24.46 -35.20
N VAL C 544 4.51 25.10 -34.27
CA VAL C 544 5.30 24.32 -33.32
C VAL C 544 4.43 23.70 -32.25
N PHE C 545 3.30 24.31 -31.93
CA PHE C 545 2.37 23.67 -31.02
C PHE C 545 1.68 22.48 -31.66
N SER C 546 1.49 22.53 -32.97
CA SER C 546 0.94 21.40 -33.70
C SER C 546 1.87 20.21 -33.67
N LEU C 547 3.16 20.45 -33.91
CA LEU C 547 4.16 19.40 -33.81
C LEU C 547 4.19 18.77 -32.44
N ALA C 548 4.33 19.58 -31.41
CA ALA C 548 4.43 19.08 -30.06
C ALA C 548 3.18 18.32 -29.66
N LEU C 549 2.02 18.86 -29.99
CA LEU C 549 0.79 18.09 -29.85
C LEU C 549 0.79 16.88 -30.76
N GLY C 550 1.22 17.07 -32.00
CA GLY C 550 1.23 16.00 -32.96
C GLY C 550 2.02 14.78 -32.51
N TRP C 551 3.21 15.00 -31.98
CA TRP C 551 4.01 13.87 -31.54
C TRP C 551 3.51 13.29 -30.23
N THR C 552 2.99 14.11 -29.35
CA THR C 552 2.42 13.61 -28.11
C THR C 552 1.16 12.82 -28.34
N ASN C 553 0.45 13.14 -29.39
CA ASN C 553 -0.72 12.40 -29.78
C ASN C 553 -0.42 11.06 -30.41
N MET C 554 0.85 10.69 -30.52
CA MET C 554 1.23 9.29 -30.65
C MET C 554 0.68 8.44 -29.53
N LEU C 555 0.64 8.99 -28.33
CA LEU C 555 0.10 8.27 -27.18
C LEU C 555 -1.34 7.84 -27.38
N TYR C 556 -2.06 8.46 -28.31
CA TYR C 556 -3.31 7.89 -28.77
C TYR C 556 -3.13 6.44 -29.14
N TYR C 557 -2.15 6.15 -29.97
CA TYR C 557 -2.03 4.83 -30.55
C TYR C 557 -1.48 3.79 -29.58
N THR C 558 -1.13 4.17 -28.36
CA THR C 558 -0.90 3.23 -27.28
C THR C 558 -2.11 2.37 -26.98
N ARG C 559 -3.31 2.80 -27.33
CA ARG C 559 -4.51 2.04 -26.99
C ARG C 559 -4.69 0.79 -27.83
N GLY C 560 -3.86 0.57 -28.81
CA GLY C 560 -3.75 -0.73 -29.39
C GLY C 560 -2.87 -1.68 -28.64
N PHE C 561 -2.35 -1.27 -27.50
CA PHE C 561 -1.40 -2.04 -26.73
C PHE C 561 -1.75 -1.88 -25.27
N GLN C 562 -1.89 -3.00 -24.60
CA GLN C 562 -2.50 -3.02 -23.29
C GLN C 562 -1.68 -2.25 -22.27
N GLN C 563 -0.43 -2.61 -22.11
CA GLN C 563 0.34 -2.09 -21.01
C GLN C 563 0.81 -0.68 -21.28
N MET C 564 0.92 -0.31 -22.55
CA MET C 564 1.18 1.06 -22.91
C MET C 564 -0.06 1.93 -22.85
N GLY C 565 -1.20 1.40 -23.27
CA GLY C 565 -2.43 2.14 -23.22
C GLY C 565 -2.92 2.39 -21.82
N ILE C 566 -2.70 1.43 -20.93
CA ILE C 566 -3.01 1.63 -19.53
C ILE C 566 -2.11 2.68 -18.94
N TYR C 567 -0.89 2.77 -19.44
CA TYR C 567 0.04 3.75 -18.97
C TYR C 567 -0.37 5.14 -19.43
N ALA C 568 -0.82 5.26 -20.66
CA ALA C 568 -1.31 6.52 -21.14
C ALA C 568 -2.61 6.94 -20.49
N VAL C 569 -3.40 5.98 -20.02
CA VAL C 569 -4.57 6.31 -19.25
C VAL C 569 -4.16 6.87 -17.90
N MET C 570 -3.17 6.27 -17.26
CA MET C 570 -2.67 6.80 -16.02
C MET C 570 -2.08 8.19 -16.19
N ILE C 571 -1.41 8.44 -17.31
CA ILE C 571 -0.88 9.76 -17.60
C ILE C 571 -2.00 10.79 -17.62
N GLU C 572 -3.06 10.53 -18.37
CA GLU C 572 -4.10 11.54 -18.51
C GLU C 572 -4.88 11.73 -17.23
N LYS C 573 -4.94 10.72 -16.37
CA LYS C 573 -5.55 10.87 -15.06
C LYS C 573 -4.68 11.73 -14.14
N MET C 574 -3.39 11.42 -14.06
CA MET C 574 -2.47 12.23 -13.25
C MET C 574 -2.48 13.69 -13.66
N ILE C 575 -2.60 13.95 -14.95
CA ILE C 575 -2.66 15.31 -15.43
C ILE C 575 -3.87 16.03 -14.85
N LEU C 576 -5.02 15.39 -14.95
CA LEU C 576 -6.27 16.03 -14.60
C LEU C 576 -6.50 16.02 -13.10
N ARG C 577 -5.99 15.00 -12.42
CA ARG C 577 -6.17 14.89 -10.98
C ARG C 577 -5.00 15.48 -10.21
N ASP C 578 -3.84 14.87 -10.31
CA ASP C 578 -2.77 15.13 -9.37
C ASP C 578 -1.97 16.37 -9.74
N LEU C 579 -1.74 16.56 -11.02
CA LEU C 579 -0.92 17.65 -11.51
C LEU C 579 -1.65 18.98 -11.47
N CYS C 580 -2.93 18.99 -11.81
CA CYS C 580 -3.68 20.23 -11.78
C CYS C 580 -3.85 20.75 -10.37
N ARG C 581 -4.16 19.86 -9.42
CA ARG C 581 -4.14 20.25 -8.02
C ARG C 581 -2.77 20.79 -7.63
N PHE C 582 -1.72 20.08 -8.00
CA PHE C 582 -0.37 20.50 -7.70
C PHE C 582 -0.06 21.87 -8.26
N MET C 583 -0.23 22.04 -9.57
CA MET C 583 0.24 23.24 -10.23
C MET C 583 -0.53 24.46 -9.77
N PHE C 584 -1.78 24.29 -9.39
CA PHE C 584 -2.53 25.35 -8.76
C PHE C 584 -1.80 25.86 -7.51
N VAL C 585 -1.59 24.97 -6.56
CA VAL C 585 -0.94 25.31 -5.32
C VAL C 585 0.48 25.76 -5.58
N TYR C 586 1.15 25.13 -6.52
CA TYR C 586 2.51 25.53 -6.87
C TYR C 586 2.58 26.97 -7.34
N ILE C 587 1.63 27.39 -8.16
CA ILE C 587 1.64 28.73 -8.74
C ILE C 587 1.24 29.77 -7.72
N VAL C 588 0.41 29.41 -6.76
CA VAL C 588 0.11 30.27 -5.63
C VAL C 588 1.37 30.58 -4.85
N PHE C 589 2.15 29.54 -4.57
CA PHE C 589 3.42 29.68 -3.91
C PHE C 589 4.41 30.44 -4.77
N LEU C 590 4.55 30.03 -6.02
CA LEU C 590 5.47 30.66 -6.96
C LEU C 590 5.20 32.14 -7.06
N PHE C 591 3.94 32.49 -7.22
CA PHE C 591 3.55 33.86 -7.38
C PHE C 591 3.55 34.59 -6.04
N GLY C 592 3.14 33.90 -4.98
CA GLY C 592 3.25 34.46 -3.64
C GLY C 592 4.65 34.89 -3.28
N PHE C 593 5.62 33.98 -3.40
CA PHE C 593 6.98 34.26 -3.01
C PHE C 593 7.73 35.10 -4.01
N SER C 594 7.30 35.10 -5.27
CA SER C 594 7.96 35.92 -6.27
C SER C 594 7.72 37.40 -6.01
N THR C 595 6.44 37.75 -5.85
CA THR C 595 6.05 39.11 -5.54
C THR C 595 6.78 39.64 -4.32
N ALA C 596 6.77 38.85 -3.27
CA ALA C 596 7.60 39.08 -2.10
C ALA C 596 9.05 39.38 -2.45
N VAL C 597 9.64 38.54 -3.30
CA VAL C 597 11.04 38.68 -3.66
C VAL C 597 11.26 39.94 -4.48
N VAL C 598 10.42 40.15 -5.49
CA VAL C 598 10.66 41.24 -6.42
C VAL C 598 10.28 42.58 -5.80
N THR C 599 9.45 42.56 -4.77
CA THR C 599 9.20 43.73 -3.95
C THR C 599 10.41 44.10 -3.11
N LEU C 600 11.23 43.14 -2.77
CA LEU C 600 12.43 43.35 -2.00
C LEU C 600 13.61 43.78 -2.85
N ILE C 601 13.57 43.48 -4.13
CA ILE C 601 14.66 43.78 -5.03
C ILE C 601 14.66 45.26 -5.36
N GLU C 602 15.86 45.84 -5.39
CA GLU C 602 16.07 47.26 -5.66
C GLU C 602 17.26 47.40 -6.61
N ASP C 603 17.02 47.93 -7.79
CA ASP C 603 18.11 48.36 -8.67
C ASP C 603 17.61 49.34 -9.73
N SER C 629 19.35 42.29 -14.30
CA SER C 629 18.37 42.87 -13.40
C SER C 629 17.13 41.98 -13.26
N TYR C 630 16.91 41.48 -12.04
CA TYR C 630 15.77 40.62 -11.73
C TYR C 630 14.62 41.42 -11.12
N ASN C 631 14.56 42.72 -11.38
CA ASN C 631 13.51 43.57 -10.84
C ASN C 631 12.28 43.50 -11.72
N SER C 632 11.78 42.28 -11.84
CA SER C 632 10.72 41.95 -12.75
C SER C 632 10.07 40.68 -12.24
N LEU C 633 8.76 40.63 -12.36
CA LEU C 633 8.02 39.50 -11.87
C LEU C 633 8.18 38.31 -12.76
N TYR C 634 8.53 38.51 -14.02
CA TYR C 634 8.81 37.36 -14.87
C TYR C 634 10.06 36.65 -14.41
N SER C 635 11.15 37.41 -14.29
CA SER C 635 12.46 36.83 -14.09
C SER C 635 12.57 36.20 -12.72
N THR C 636 11.97 36.83 -11.74
CA THR C 636 11.91 36.27 -10.40
C THR C 636 11.08 35.01 -10.38
N CYS C 637 9.92 35.04 -11.02
CA CYS C 637 9.12 33.82 -11.16
C CYS C 637 9.85 32.79 -12.00
N LEU C 638 10.64 33.26 -12.95
CA LEU C 638 11.43 32.37 -13.76
C LEU C 638 12.62 31.83 -12.98
N GLU C 639 13.20 32.62 -12.10
CA GLU C 639 14.29 32.12 -11.26
C GLU C 639 13.78 31.21 -10.17
N LEU C 640 12.60 31.47 -9.64
CA LEU C 640 12.06 30.61 -8.61
C LEU C 640 11.47 29.34 -9.14
N PHE C 641 11.14 29.29 -10.42
CA PHE C 641 10.76 28.03 -11.03
C PHE C 641 11.95 27.12 -11.22
N LYS C 642 13.14 27.67 -11.23
CA LYS C 642 14.32 26.86 -11.44
C LYS C 642 14.64 26.02 -10.23
N PHE C 643 14.26 26.47 -9.03
CA PHE C 643 14.46 25.68 -7.83
C PHE C 643 13.76 24.33 -7.94
N THR C 644 12.62 24.30 -8.60
CA THR C 644 11.84 23.08 -8.65
C THR C 644 12.29 22.14 -9.75
N ILE C 645 13.04 22.65 -10.72
CA ILE C 645 13.74 21.82 -11.68
C ILE C 645 15.23 21.69 -11.36
N GLY C 646 15.59 21.88 -10.12
CA GLY C 646 16.93 21.60 -9.67
C GLY C 646 17.98 22.57 -10.15
N MET C 647 17.57 23.79 -10.47
CA MET C 647 18.47 24.78 -11.04
C MET C 647 18.34 26.12 -10.35
N GLY C 648 18.02 26.09 -9.07
CA GLY C 648 17.92 27.29 -8.28
C GLY C 648 19.21 27.82 -7.69
N ASP C 649 19.46 29.08 -7.94
CA ASP C 649 20.54 29.83 -7.33
C ASP C 649 19.97 30.61 -6.17
N LEU C 650 20.56 30.44 -5.00
CA LEU C 650 20.14 31.17 -3.83
C LEU C 650 20.76 32.55 -3.77
N GLU C 651 21.43 32.95 -4.83
CA GLU C 651 22.24 34.15 -4.92
C GLU C 651 22.03 34.81 -6.27
N PHE C 652 20.85 34.63 -6.86
CA PHE C 652 20.61 35.19 -8.17
C PHE C 652 20.50 36.69 -8.14
N THR C 653 20.27 37.29 -6.98
CA THR C 653 20.43 38.71 -6.80
C THR C 653 21.27 38.98 -5.56
N GLU C 654 22.03 40.04 -5.68
CA GLU C 654 22.59 40.78 -4.57
C GLU C 654 21.91 42.12 -4.42
N ASN C 655 20.98 42.45 -5.32
CA ASN C 655 20.40 43.77 -5.43
C ASN C 655 19.18 43.80 -4.54
N TYR C 656 19.41 44.16 -3.30
CA TYR C 656 18.40 44.23 -2.27
C TYR C 656 19.06 44.89 -1.07
N ASP C 657 18.28 45.08 -0.01
CA ASP C 657 18.77 45.68 1.21
C ASP C 657 18.86 44.71 2.36
N PHE C 658 18.09 43.63 2.34
CA PHE C 658 17.95 42.75 3.49
C PHE C 658 18.13 41.29 3.06
N LYS C 659 19.37 40.82 3.23
CA LYS C 659 19.71 39.44 2.88
C LYS C 659 18.97 38.43 3.73
N ALA C 660 18.76 38.72 5.01
CA ALA C 660 18.02 37.80 5.85
C ALA C 660 16.66 37.52 5.28
N VAL C 661 16.01 38.56 4.76
CA VAL C 661 14.67 38.42 4.24
C VAL C 661 14.69 37.58 2.98
N PHE C 662 15.59 37.91 2.08
CA PHE C 662 15.72 37.26 0.78
C PHE C 662 15.97 35.77 0.94
N ILE C 663 16.71 35.37 1.95
CA ILE C 663 17.11 33.99 2.18
C ILE C 663 16.04 33.21 2.93
N ILE C 664 15.53 33.77 4.01
CA ILE C 664 14.41 33.18 4.73
C ILE C 664 13.26 32.90 3.79
N LEU C 665 13.02 33.83 2.89
CA LEU C 665 11.90 33.77 1.97
C LEU C 665 12.12 32.71 0.89
N LEU C 666 13.34 32.63 0.34
CA LEU C 666 13.62 31.60 -0.65
C LEU C 666 13.67 30.22 -0.05
N LEU C 667 14.25 30.10 1.13
CA LEU C 667 14.23 28.85 1.86
C LEU C 667 12.83 28.40 2.18
N ALA C 668 11.99 29.33 2.60
CA ALA C 668 10.58 29.02 2.78
C ALA C 668 9.95 28.58 1.47
N TYR C 669 10.25 29.28 0.38
CA TYR C 669 9.80 28.83 -0.94
C TYR C 669 10.32 27.43 -1.24
N VAL C 670 11.61 27.20 -1.04
CA VAL C 670 12.22 25.93 -1.39
C VAL C 670 11.65 24.80 -0.56
N ILE C 671 11.59 25.00 0.76
CA ILE C 671 11.08 24.00 1.67
C ILE C 671 9.64 23.67 1.33
N LEU C 672 8.82 24.68 1.12
CA LEU C 672 7.42 24.47 0.82
C LEU C 672 7.22 23.83 -0.54
N THR C 673 7.97 24.24 -1.54
CA THR C 673 7.75 23.79 -2.91
C THR C 673 8.61 22.60 -3.31
N TYR C 674 9.91 22.64 -3.05
CA TYR C 674 10.78 21.59 -3.55
C TYR C 674 10.77 20.40 -2.62
N ILE C 675 10.95 20.65 -1.33
CA ILE C 675 11.13 19.57 -0.38
C ILE C 675 9.80 18.94 -0.05
N LEU C 676 8.78 19.74 0.13
CA LEU C 676 7.46 19.27 0.50
C LEU C 676 6.60 18.92 -0.69
N LEU C 677 6.30 19.90 -1.52
CA LEU C 677 5.19 19.80 -2.43
C LEU C 677 5.47 18.92 -3.63
N LEU C 678 6.67 18.99 -4.20
CA LEU C 678 7.02 18.04 -5.25
C LEU C 678 7.06 16.63 -4.72
N ASN C 679 7.57 16.45 -3.52
CA ASN C 679 7.71 15.13 -2.98
C ASN C 679 6.39 14.60 -2.47
N MET C 680 5.53 15.52 -2.05
CA MET C 680 4.15 15.21 -1.76
C MET C 680 3.41 14.73 -3.01
N LEU C 681 3.69 15.35 -4.15
CA LEU C 681 3.09 14.92 -5.41
C LEU C 681 3.45 13.49 -5.76
N ILE C 682 4.72 13.16 -5.62
CA ILE C 682 5.17 11.78 -5.80
C ILE C 682 4.36 10.86 -4.93
N ALA C 683 4.16 11.28 -3.70
CA ALA C 683 3.36 10.54 -2.75
C ALA C 683 1.89 10.50 -3.13
N LEU C 684 1.36 11.61 -3.65
CA LEU C 684 -0.01 11.60 -4.14
C LEU C 684 -0.18 10.68 -5.33
N MET C 685 0.75 10.75 -6.28
CA MET C 685 0.72 9.88 -7.44
C MET C 685 0.68 8.42 -7.05
N GLY C 686 1.52 8.03 -6.10
CA GLY C 686 1.54 6.66 -5.66
C GLY C 686 0.22 6.19 -5.09
N GLU C 687 -0.46 7.07 -4.39
CA GLU C 687 -1.80 6.76 -3.91
C GLU C 687 -2.75 6.58 -5.07
N THR C 688 -2.64 7.44 -6.05
CA THR C 688 -3.46 7.38 -7.24
C THR C 688 -3.21 6.09 -8.01
N VAL C 689 -1.95 5.72 -8.19
CA VAL C 689 -1.60 4.53 -8.95
C VAL C 689 -2.15 3.27 -8.30
N ASN C 690 -2.19 3.23 -6.99
CA ASN C 690 -2.76 2.07 -6.33
C ASN C 690 -4.26 2.01 -6.51
N LYS C 691 -4.89 3.13 -6.84
CA LYS C 691 -6.32 3.22 -7.02
C LYS C 691 -6.78 3.06 -8.46
N ILE C 692 -6.16 3.77 -9.40
CA ILE C 692 -6.66 3.81 -10.77
C ILE C 692 -6.14 2.64 -11.58
N ALA C 693 -5.44 1.71 -10.95
CA ALA C 693 -4.80 0.63 -11.68
C ALA C 693 -5.82 -0.21 -12.43
N GLN C 694 -6.90 -0.59 -11.77
CA GLN C 694 -7.98 -1.33 -12.41
C GLN C 694 -8.84 -0.44 -13.26
N GLU C 695 -9.21 0.72 -12.73
CA GLU C 695 -9.95 1.73 -13.47
C GLU C 695 -9.30 2.04 -14.81
N SER C 696 -7.97 2.04 -14.84
CA SER C 696 -7.27 2.42 -16.05
C SER C 696 -7.22 1.28 -17.05
N LYS C 697 -7.23 0.04 -16.58
CA LYS C 697 -7.38 -1.08 -17.48
C LYS C 697 -8.74 -1.08 -18.14
N ASN C 698 -9.75 -0.63 -17.45
CA ASN C 698 -11.09 -0.67 -17.96
C ASN C 698 -11.42 0.54 -18.78
N ILE C 699 -10.78 1.67 -18.49
CA ILE C 699 -10.82 2.80 -19.39
C ILE C 699 -10.05 2.49 -20.65
N TRP C 700 -9.00 1.68 -20.55
CA TRP C 700 -8.27 1.28 -21.75
C TRP C 700 -9.13 0.47 -22.69
N LYS C 701 -9.79 -0.57 -22.17
CA LYS C 701 -10.63 -1.42 -22.99
C LYS C 701 -11.75 -0.66 -23.65
N LEU C 702 -12.21 0.40 -23.00
CA LEU C 702 -13.23 1.25 -23.57
C LEU C 702 -12.67 2.16 -24.64
N GLN C 703 -11.44 2.64 -24.46
CA GLN C 703 -10.77 3.35 -25.54
C GLN C 703 -10.62 2.50 -26.77
N ARG C 704 -10.21 1.24 -26.59
CA ARG C 704 -10.05 0.34 -27.70
C ARG C 704 -11.39 0.01 -28.34
N ALA C 705 -12.43 -0.14 -27.52
CA ALA C 705 -13.78 -0.36 -28.00
C ALA C 705 -14.23 0.74 -28.95
N ILE C 706 -13.98 1.99 -28.58
CA ILE C 706 -14.36 3.12 -29.42
C ILE C 706 -13.58 3.11 -30.71
N THR C 707 -12.37 2.60 -30.69
CA THR C 707 -11.60 2.45 -31.91
C THR C 707 -12.20 1.37 -32.79
N ILE C 708 -12.63 0.28 -32.18
CA ILE C 708 -13.24 -0.82 -32.91
C ILE C 708 -14.53 -0.38 -33.56
N LEU C 709 -15.28 0.47 -32.89
CA LEU C 709 -16.56 0.94 -33.40
C LEU C 709 -16.39 2.06 -34.41
N ASP C 710 -15.55 3.04 -34.11
CA ASP C 710 -15.25 4.08 -35.10
C ASP C 710 -14.61 3.49 -36.34
N THR C 711 -13.91 2.38 -36.19
CA THR C 711 -13.28 1.73 -37.33
C THR C 711 -14.31 1.04 -38.21
N GLU C 712 -15.05 0.09 -37.63
CA GLU C 712 -15.95 -0.74 -38.43
C GLU C 712 -17.03 0.08 -39.11
N LYS C 713 -17.36 1.25 -38.55
CA LYS C 713 -18.21 2.19 -39.25
C LYS C 713 -17.47 2.74 -40.46
N SER C 714 -16.39 3.46 -40.18
CA SER C 714 -15.71 4.24 -41.21
C SER C 714 -15.20 3.36 -42.34
N PHE C 715 -14.51 2.27 -41.99
CA PHE C 715 -13.87 1.44 -43.01
C PHE C 715 -14.90 0.86 -43.97
N LEU C 716 -15.83 0.05 -43.46
CA LEU C 716 -16.84 -0.52 -44.33
C LEU C 716 -17.74 0.57 -44.89
N LYS C 717 -18.60 1.13 -44.03
CA LYS C 717 -19.57 2.19 -44.32
C LYS C 717 -20.44 2.03 -45.56
N CYS C 718 -20.40 0.87 -46.23
CA CYS C 718 -21.28 0.59 -47.36
C CYS C 718 -21.79 -0.84 -47.36
N MET C 719 -20.91 -1.78 -47.03
CA MET C 719 -21.13 -3.22 -47.19
C MET C 719 -21.47 -3.88 -45.87
N ARG C 720 -20.63 -3.66 -44.87
CA ARG C 720 -20.84 -4.09 -43.49
C ARG C 720 -21.16 -5.59 -43.42
N LYS C 721 -20.24 -6.36 -43.99
CA LYS C 721 -20.38 -7.80 -44.16
C LYS C 721 -19.15 -8.59 -43.74
N ALA C 722 -17.97 -7.98 -43.75
CA ALA C 722 -16.76 -8.70 -43.40
C ALA C 722 -16.48 -8.70 -41.91
N PHE C 723 -17.01 -7.74 -41.16
CA PHE C 723 -16.82 -7.72 -39.72
C PHE C 723 -17.88 -8.53 -38.96
N ARG C 724 -18.64 -9.38 -39.65
CA ARG C 724 -19.74 -10.05 -38.98
C ARG C 724 -19.20 -11.04 -37.98
N SER C 725 -19.07 -10.58 -36.74
CA SER C 725 -18.71 -11.46 -35.64
C SER C 725 -19.81 -12.48 -35.42
N GLY C 726 -19.39 -13.73 -35.26
CA GLY C 726 -20.31 -14.83 -35.21
C GLY C 726 -20.67 -15.37 -36.57
N LYS C 727 -21.78 -16.10 -36.63
CA LYS C 727 -22.20 -16.80 -37.83
C LYS C 727 -23.67 -17.16 -37.65
N LEU C 728 -24.34 -17.48 -38.74
CA LEU C 728 -25.67 -18.08 -38.63
C LEU C 728 -25.55 -19.43 -37.95
N LEU C 729 -26.03 -19.50 -36.72
CA LEU C 729 -26.16 -20.75 -35.98
C LEU C 729 -27.62 -20.96 -35.60
N GLN C 730 -28.26 -21.95 -36.20
CA GLN C 730 -29.59 -22.37 -35.78
C GLN C 730 -29.52 -22.91 -34.35
N VAL C 731 -30.18 -22.22 -33.41
CA VAL C 731 -30.10 -22.60 -32.00
C VAL C 731 -31.30 -23.41 -31.53
N GLY C 732 -32.46 -23.21 -32.14
CA GLY C 732 -33.69 -23.81 -31.66
C GLY C 732 -34.81 -23.55 -32.62
N TYR C 733 -35.98 -23.17 -32.11
CA TYR C 733 -37.14 -23.00 -32.96
C TYR C 733 -37.99 -21.84 -32.47
N THR C 734 -38.63 -21.18 -33.42
CA THR C 734 -39.72 -20.29 -33.12
C THR C 734 -40.78 -21.07 -32.37
N PRO C 735 -41.43 -20.49 -31.34
CA PRO C 735 -42.44 -21.26 -30.60
C PRO C 735 -43.62 -21.68 -31.47
N ASP C 736 -43.83 -21.01 -32.60
CA ASP C 736 -44.75 -21.54 -33.61
C ASP C 736 -44.21 -22.80 -34.25
N GLY C 737 -42.90 -22.84 -34.51
CA GLY C 737 -42.26 -24.00 -35.10
C GLY C 737 -41.19 -23.71 -36.12
N LYS C 738 -41.09 -22.47 -36.58
CA LYS C 738 -40.03 -22.12 -37.53
C LYS C 738 -38.66 -22.31 -36.88
N ASP C 739 -37.63 -22.30 -37.71
CA ASP C 739 -36.26 -22.41 -37.22
C ASP C 739 -35.82 -21.09 -36.58
N ASP C 740 -34.93 -21.21 -35.60
CA ASP C 740 -34.40 -20.06 -34.86
C ASP C 740 -32.95 -19.85 -35.27
N TYR C 741 -32.77 -19.06 -36.33
CA TYR C 741 -31.45 -18.63 -36.77
C TYR C 741 -31.05 -17.35 -36.06
N ARG C 742 -29.85 -17.36 -35.47
CA ARG C 742 -29.33 -16.19 -34.75
C ARG C 742 -27.83 -16.05 -34.96
N TRP C 743 -27.41 -14.85 -35.32
CA TRP C 743 -25.99 -14.51 -35.26
C TRP C 743 -25.49 -14.68 -33.84
N CYS C 744 -24.52 -15.56 -33.66
CA CYS C 744 -24.13 -15.99 -32.33
C CYS C 744 -22.62 -16.08 -32.24
N PHE C 745 -22.12 -15.85 -31.03
CA PHE C 745 -20.71 -15.78 -30.74
C PHE C 745 -20.33 -16.96 -29.88
N ARG C 746 -19.43 -17.78 -30.38
CA ARG C 746 -19.02 -18.98 -29.68
C ARG C 746 -17.97 -18.68 -28.63
N VAL C 747 -18.11 -19.33 -27.48
CA VAL C 747 -17.18 -19.22 -26.38
C VAL C 747 -16.96 -20.61 -25.81
N ASP C 748 -15.70 -20.99 -25.68
CA ASP C 748 -15.32 -22.31 -25.20
C ASP C 748 -14.91 -22.20 -23.74
N GLU C 749 -15.43 -23.12 -22.92
CA GLU C 749 -15.32 -23.01 -21.48
C GLU C 749 -15.17 -24.39 -20.88
N VAL C 750 -14.65 -24.42 -19.65
CA VAL C 750 -14.36 -25.65 -18.93
C VAL C 750 -14.85 -25.51 -17.49
N ASN C 751 -15.35 -26.61 -16.94
CA ASN C 751 -15.72 -26.68 -15.54
C ASN C 751 -15.25 -28.00 -14.95
N TRP C 752 -14.99 -27.97 -13.64
CA TRP C 752 -14.56 -29.15 -12.90
C TRP C 752 -15.39 -29.34 -11.63
N THR C 753 -16.56 -28.68 -11.54
CA THR C 753 -17.54 -28.95 -10.49
C THR C 753 -18.97 -29.06 -11.00
N THR C 754 -19.22 -28.81 -12.28
CA THR C 754 -20.54 -28.95 -12.90
C THR C 754 -20.65 -30.31 -13.58
N TRP C 755 -20.18 -31.32 -12.86
CA TRP C 755 -19.93 -32.66 -13.38
C TRP C 755 -21.12 -33.24 -14.15
N ASN C 756 -22.34 -32.79 -13.87
CA ASN C 756 -23.51 -33.26 -14.59
C ASN C 756 -23.57 -32.61 -15.97
N TYR D 201 -12.16 -36.33 -37.45
CA TYR D 201 -12.64 -35.35 -36.44
C TYR D 201 -13.00 -36.07 -35.15
N TYR D 202 -13.79 -37.13 -35.31
CA TYR D 202 -14.08 -38.08 -34.26
C TYR D 202 -13.39 -39.42 -34.49
N LYS D 203 -12.39 -39.44 -35.38
CA LYS D 203 -11.79 -40.66 -35.90
C LYS D 203 -11.26 -41.57 -34.81
N GLY D 204 -11.88 -42.74 -34.67
CA GLY D 204 -11.51 -43.74 -33.69
C GLY D 204 -12.49 -43.89 -32.55
N GLN D 205 -13.60 -43.15 -32.55
CA GLN D 205 -14.51 -43.14 -31.43
C GLN D 205 -15.37 -44.38 -31.39
N THR D 206 -15.83 -44.74 -30.20
CA THR D 206 -16.71 -45.88 -29.98
C THR D 206 -17.88 -45.44 -29.11
N ALA D 207 -18.95 -46.25 -29.17
CA ALA D 207 -20.10 -46.03 -28.30
C ALA D 207 -19.76 -46.28 -26.83
N LEU D 208 -18.66 -46.98 -26.56
CA LEU D 208 -18.19 -47.09 -25.19
C LEU D 208 -17.71 -45.74 -24.67
N HIS D 209 -17.01 -44.98 -25.51
CA HIS D 209 -16.56 -43.65 -25.12
C HIS D 209 -17.74 -42.75 -24.82
N ILE D 210 -18.84 -42.92 -25.56
CA ILE D 210 -20.07 -42.19 -25.30
C ILE D 210 -20.50 -42.41 -23.85
N ALA D 211 -20.62 -43.67 -23.45
CA ALA D 211 -21.26 -43.99 -22.18
C ALA D 211 -20.49 -43.45 -20.99
N ILE D 212 -19.16 -43.38 -21.10
CA ILE D 212 -18.35 -42.89 -20.00
C ILE D 212 -18.59 -41.40 -19.82
N GLU D 213 -18.76 -40.69 -20.93
CA GLU D 213 -18.95 -39.25 -20.89
C GLU D 213 -20.39 -38.87 -20.59
N ARG D 214 -21.36 -39.70 -20.99
CA ARG D 214 -22.77 -39.44 -20.71
C ARG D 214 -23.22 -40.01 -19.36
N ARG D 215 -22.29 -40.29 -18.45
CA ARG D 215 -22.63 -40.65 -17.07
C ARG D 215 -23.40 -41.95 -17.01
N ASN D 216 -22.92 -42.95 -17.73
CA ASN D 216 -23.69 -44.17 -17.99
C ASN D 216 -22.80 -45.38 -17.81
N MET D 217 -22.68 -45.86 -16.58
CA MET D 217 -21.95 -47.10 -16.32
C MET D 217 -22.82 -48.32 -16.58
N ALA D 218 -24.15 -48.16 -16.51
CA ALA D 218 -25.04 -49.26 -16.82
C ALA D 218 -24.85 -49.76 -18.24
N LEU D 219 -24.45 -48.88 -19.15
CA LEU D 219 -24.23 -49.25 -20.55
C LEU D 219 -22.77 -49.49 -20.89
N VAL D 220 -21.83 -49.00 -20.07
CA VAL D 220 -20.43 -49.40 -20.26
C VAL D 220 -20.29 -50.89 -20.02
N THR D 221 -20.87 -51.38 -18.93
CA THR D 221 -20.89 -52.82 -18.68
C THR D 221 -21.69 -53.55 -19.74
N LEU D 222 -22.64 -52.87 -20.36
CA LEU D 222 -23.41 -53.49 -21.44
C LEU D 222 -22.55 -53.67 -22.69
N LEU D 223 -21.72 -52.67 -23.00
CA LEU D 223 -20.98 -52.71 -24.26
C LEU D 223 -19.76 -53.62 -24.16
N VAL D 224 -19.07 -53.59 -23.02
CA VAL D 224 -17.88 -54.40 -22.86
C VAL D 224 -18.24 -55.88 -22.90
N GLU D 225 -19.35 -56.25 -22.26
CA GLU D 225 -19.70 -57.66 -22.16
C GLU D 225 -20.08 -58.24 -23.51
N ASN D 226 -20.70 -57.43 -24.38
CA ASN D 226 -20.96 -57.82 -25.75
C ASN D 226 -19.72 -57.77 -26.64
N GLY D 227 -18.57 -57.42 -26.09
CA GLY D 227 -17.32 -57.47 -26.82
C GLY D 227 -16.76 -56.12 -27.25
N ALA D 228 -17.28 -55.01 -26.74
CA ALA D 228 -16.73 -53.71 -27.08
C ALA D 228 -15.31 -53.60 -26.56
N ASP D 229 -14.36 -53.46 -27.48
CA ASP D 229 -12.96 -53.35 -27.11
C ASP D 229 -12.72 -52.18 -26.16
N VAL D 230 -11.82 -52.41 -25.20
CA VAL D 230 -11.44 -51.41 -24.20
C VAL D 230 -9.97 -51.03 -24.38
N GLN D 231 -9.49 -51.08 -25.62
CA GLN D 231 -8.19 -50.55 -26.00
C GLN D 231 -8.30 -49.50 -27.08
N ALA D 232 -9.52 -49.09 -27.42
CA ALA D 232 -9.75 -48.31 -28.63
C ALA D 232 -9.08 -46.94 -28.55
N ALA D 233 -8.44 -46.56 -29.63
CA ALA D 233 -7.73 -45.29 -29.71
C ALA D 233 -8.64 -44.27 -30.41
N ALA D 234 -9.13 -43.31 -29.63
CA ALA D 234 -9.82 -42.15 -30.18
C ALA D 234 -8.79 -41.19 -30.79
N HIS D 235 -8.22 -41.62 -31.91
CA HIS D 235 -7.13 -40.88 -32.56
C HIS D 235 -7.71 -39.93 -33.61
N GLY D 236 -8.66 -39.12 -33.13
CA GLY D 236 -9.35 -38.14 -33.96
C GLY D 236 -9.05 -36.73 -33.53
N ASP D 237 -9.33 -35.79 -34.44
CA ASP D 237 -8.84 -34.42 -34.27
C ASP D 237 -9.44 -33.77 -33.03
N PHE D 238 -10.71 -34.03 -32.76
CA PHE D 238 -11.35 -33.48 -31.57
C PHE D 238 -10.73 -34.03 -30.29
N PHE D 239 -10.10 -35.20 -30.36
CA PHE D 239 -9.63 -35.91 -29.19
C PHE D 239 -8.15 -35.69 -28.93
N LYS D 240 -7.48 -34.82 -29.70
CA LYS D 240 -6.09 -34.50 -29.52
C LYS D 240 -5.98 -33.22 -28.68
N LYS D 241 -4.74 -32.78 -28.49
CA LYS D 241 -4.46 -31.58 -27.72
C LYS D 241 -5.21 -30.39 -28.29
N THR D 242 -5.80 -29.61 -27.39
CA THR D 242 -6.65 -28.49 -27.78
C THR D 242 -5.88 -27.50 -28.64
N LYS D 243 -4.86 -26.87 -28.07
CA LYS D 243 -4.02 -25.90 -28.78
C LYS D 243 -4.87 -24.83 -29.46
N GLY D 244 -5.87 -24.34 -28.74
CA GLY D 244 -6.80 -23.36 -29.26
C GLY D 244 -8.08 -23.97 -29.81
N ARG D 245 -7.99 -25.15 -30.42
CA ARG D 245 -9.18 -25.76 -30.99
C ARG D 245 -10.13 -26.21 -29.89
N PRO D 246 -11.44 -26.26 -30.17
CA PRO D 246 -12.40 -26.66 -29.13
C PRO D 246 -12.44 -28.17 -28.92
N GLY D 247 -11.57 -28.69 -28.07
CA GLY D 247 -11.40 -30.12 -27.91
C GLY D 247 -11.33 -30.51 -26.45
N PHE D 248 -11.22 -31.82 -26.23
CA PHE D 248 -10.89 -32.36 -24.91
C PHE D 248 -9.97 -33.55 -25.12
N TYR D 249 -8.72 -33.39 -24.72
CA TYR D 249 -7.78 -34.50 -24.67
C TYR D 249 -7.90 -35.19 -23.33
N PHE D 250 -7.90 -36.52 -23.36
CA PHE D 250 -8.01 -37.32 -22.16
C PHE D 250 -7.05 -38.49 -22.10
N GLY D 251 -6.50 -38.92 -23.24
CA GLY D 251 -5.55 -40.01 -23.27
C GLY D 251 -5.74 -41.01 -24.39
N GLU D 252 -6.77 -40.84 -25.22
CA GLU D 252 -6.96 -41.67 -26.40
C GLU D 252 -7.11 -43.14 -26.01
N LEU D 253 -7.83 -43.37 -24.92
CA LEU D 253 -8.04 -44.72 -24.44
C LEU D 253 -9.24 -44.67 -23.50
N PRO D 254 -10.07 -45.72 -23.43
CA PRO D 254 -11.29 -45.61 -22.61
C PRO D 254 -11.03 -45.39 -21.13
N LEU D 255 -10.18 -46.24 -20.53
CA LEU D 255 -9.75 -46.08 -19.15
C LEU D 255 -9.26 -44.68 -18.87
N SER D 256 -8.54 -44.08 -19.81
CA SER D 256 -8.02 -42.73 -19.61
C SER D 256 -9.14 -41.71 -19.46
N LEU D 257 -10.23 -41.91 -20.20
CA LEU D 257 -11.35 -40.98 -20.14
C LEU D 257 -11.99 -41.01 -18.76
N ALA D 258 -12.23 -42.19 -18.23
CA ALA D 258 -12.91 -42.31 -16.96
C ALA D 258 -12.09 -41.73 -15.82
N ALA D 259 -10.76 -41.80 -15.95
CA ALA D 259 -9.89 -41.22 -14.93
C ALA D 259 -9.91 -39.70 -14.99
N CYS D 260 -9.98 -39.15 -16.20
CA CYS D 260 -10.05 -37.71 -16.41
C CYS D 260 -11.47 -37.17 -16.33
N THR D 261 -12.44 -38.01 -16.00
CA THR D 261 -13.84 -37.64 -16.03
C THR D 261 -14.49 -37.83 -14.67
N ASN D 262 -13.75 -38.33 -13.69
CA ASN D 262 -14.22 -38.48 -12.31
C ASN D 262 -15.44 -39.41 -12.23
N GLN D 263 -15.19 -40.67 -12.61
CA GLN D 263 -15.99 -41.80 -12.15
C GLN D 263 -14.98 -42.88 -11.75
N LEU D 264 -14.48 -42.81 -10.51
CA LEU D 264 -13.60 -43.86 -10.04
C LEU D 264 -14.31 -45.19 -10.02
N GLY D 265 -15.62 -45.19 -9.76
CA GLY D 265 -16.40 -46.41 -9.85
C GLY D 265 -16.26 -47.08 -11.20
N ILE D 266 -16.38 -46.29 -12.28
CA ILE D 266 -16.20 -46.85 -13.62
C ILE D 266 -14.79 -47.37 -13.79
N VAL D 267 -13.81 -46.59 -13.34
CA VAL D 267 -12.40 -46.88 -13.61
C VAL D 267 -12.03 -48.27 -13.09
N LYS D 268 -12.38 -48.55 -11.84
CA LYS D 268 -12.10 -49.86 -11.27
C LYS D 268 -12.82 -50.95 -12.06
N PHE D 269 -14.04 -50.66 -12.51
CA PHE D 269 -14.80 -51.67 -13.24
C PHE D 269 -14.09 -52.10 -14.52
N LEU D 270 -13.35 -51.18 -15.15
CA LEU D 270 -12.68 -51.50 -16.40
C LEU D 270 -11.57 -52.51 -16.22
N LEU D 271 -11.06 -52.68 -15.00
CA LEU D 271 -9.83 -53.43 -14.77
C LEU D 271 -10.04 -54.79 -14.12
N GLN D 272 -11.15 -55.01 -13.43
CA GLN D 272 -11.53 -56.35 -12.99
C GLN D 272 -12.76 -56.90 -13.69
N ASN D 273 -13.33 -56.18 -14.66
CA ASN D 273 -14.37 -56.77 -15.49
C ASN D 273 -13.85 -58.05 -16.14
N SER D 274 -14.67 -59.10 -16.06
CA SER D 274 -14.18 -60.44 -16.40
C SER D 274 -14.07 -60.64 -17.90
N TRP D 275 -14.89 -59.93 -18.69
CA TRP D 275 -14.87 -60.14 -20.14
C TRP D 275 -13.54 -59.70 -20.73
N GLN D 276 -13.10 -58.48 -20.40
CA GLN D 276 -11.80 -58.01 -20.83
C GLN D 276 -11.42 -56.81 -19.99
N THR D 277 -10.15 -56.75 -19.61
CA THR D 277 -9.62 -55.71 -18.75
C THR D 277 -8.64 -54.86 -19.54
N ALA D 278 -8.74 -53.54 -19.34
CA ALA D 278 -7.80 -52.64 -19.98
C ALA D 278 -6.38 -52.91 -19.51
N ASP D 279 -5.43 -52.86 -20.44
CA ASP D 279 -4.02 -52.92 -20.08
C ASP D 279 -3.63 -51.65 -19.35
N ILE D 280 -3.12 -51.79 -18.13
CA ILE D 280 -2.88 -50.62 -17.28
C ILE D 280 -1.79 -49.74 -17.86
N SER D 281 -0.75 -50.35 -18.43
CA SER D 281 0.35 -49.63 -19.04
C SER D 281 0.12 -49.38 -20.52
N ALA D 282 -1.12 -49.39 -20.98
CA ALA D 282 -1.40 -49.13 -22.37
C ALA D 282 -1.32 -47.64 -22.64
N ARG D 283 -0.58 -47.27 -23.67
CA ARG D 283 -0.33 -45.89 -24.01
C ARG D 283 -0.95 -45.57 -25.37
N ASP D 284 -0.93 -44.28 -25.67
CA ASP D 284 -1.59 -43.72 -26.84
C ASP D 284 -0.56 -43.38 -27.92
N SER D 285 -1.03 -42.73 -29.00
CA SER D 285 -0.13 -42.33 -30.07
C SER D 285 0.91 -41.35 -29.58
N VAL D 286 0.54 -40.46 -28.67
CA VAL D 286 1.51 -39.58 -28.02
C VAL D 286 2.44 -40.34 -27.08
N GLY D 287 2.09 -41.58 -26.74
CA GLY D 287 2.81 -42.34 -25.76
C GLY D 287 2.31 -42.15 -24.35
N ASN D 288 1.33 -41.27 -24.14
CA ASN D 288 0.85 -40.98 -22.80
C ASN D 288 0.00 -42.12 -22.28
N THR D 289 0.42 -42.70 -21.16
CA THR D 289 -0.44 -43.57 -20.38
C THR D 289 -1.55 -42.75 -19.72
N VAL D 290 -2.41 -43.44 -18.97
CA VAL D 290 -3.44 -42.78 -18.19
C VAL D 290 -2.83 -41.76 -17.25
N LEU D 291 -1.68 -42.06 -16.64
CA LEU D 291 -1.10 -41.14 -15.69
C LEU D 291 -0.52 -39.94 -16.39
N HIS D 292 0.15 -40.16 -17.52
CA HIS D 292 0.57 -39.07 -18.38
C HIS D 292 -0.62 -38.17 -18.74
N ALA D 293 -1.66 -38.78 -19.30
CA ALA D 293 -2.83 -38.02 -19.73
C ALA D 293 -3.52 -37.36 -18.56
N LEU D 294 -3.53 -38.01 -17.41
CA LEU D 294 -4.08 -37.45 -16.20
C LEU D 294 -3.31 -36.22 -15.72
N VAL D 295 -2.06 -36.05 -16.16
CA VAL D 295 -1.34 -34.82 -15.86
C VAL D 295 -1.75 -33.72 -16.82
N GLU D 296 -1.79 -34.05 -18.12
CA GLU D 296 -2.05 -33.04 -19.14
C GLU D 296 -3.43 -32.43 -19.03
N VAL D 297 -4.34 -33.06 -18.30
CA VAL D 297 -5.65 -32.48 -18.07
C VAL D 297 -5.66 -31.59 -16.82
N ALA D 298 -4.63 -31.67 -15.99
CA ALA D 298 -4.56 -30.79 -14.83
C ALA D 298 -4.40 -29.34 -15.28
N ASP D 299 -4.98 -28.44 -14.49
CA ASP D 299 -4.99 -27.02 -14.79
C ASP D 299 -4.67 -26.16 -13.57
N ASN D 300 -4.33 -26.77 -12.44
CA ASN D 300 -3.89 -26.04 -11.26
C ASN D 300 -5.01 -25.15 -10.73
N THR D 301 -6.22 -25.70 -10.70
CA THR D 301 -7.31 -25.21 -9.89
C THR D 301 -7.59 -26.23 -8.80
N ALA D 302 -7.99 -25.73 -7.64
CA ALA D 302 -8.13 -26.59 -6.46
C ALA D 302 -9.10 -27.73 -6.72
N ASP D 303 -10.27 -27.42 -7.30
CA ASP D 303 -11.22 -28.48 -7.62
C ASP D 303 -10.66 -29.48 -8.61
N ASN D 304 -9.79 -29.04 -9.52
CA ASN D 304 -9.12 -29.98 -10.42
C ASN D 304 -7.98 -30.67 -9.70
N THR D 305 -7.22 -29.92 -8.91
CA THR D 305 -6.02 -30.47 -8.31
C THR D 305 -6.35 -31.47 -7.24
N LYS D 306 -7.37 -31.18 -6.43
CA LYS D 306 -7.85 -32.16 -5.46
C LYS D 306 -8.22 -33.45 -6.14
N PHE D 307 -8.80 -33.37 -7.34
CA PHE D 307 -9.27 -34.57 -7.99
C PHE D 307 -8.13 -35.37 -8.61
N VAL D 308 -7.30 -34.71 -9.42
CA VAL D 308 -6.27 -35.40 -10.17
C VAL D 308 -5.35 -36.15 -9.24
N THR D 309 -5.00 -35.53 -8.12
CA THR D 309 -4.22 -36.21 -7.11
C THR D 309 -5.01 -37.33 -6.48
N SER D 310 -6.30 -37.12 -6.25
CA SER D 310 -7.14 -38.16 -5.67
C SER D 310 -7.25 -39.33 -6.63
N MET D 311 -7.34 -39.06 -7.93
CA MET D 311 -7.42 -40.12 -8.92
C MET D 311 -6.06 -40.72 -9.22
N TYR D 312 -5.05 -39.89 -9.42
CA TYR D 312 -3.71 -40.37 -9.71
C TYR D 312 -3.24 -41.37 -8.68
N ASN D 313 -3.58 -41.09 -7.42
CA ASN D 313 -3.27 -42.00 -6.35
C ASN D 313 -3.82 -43.38 -6.61
N GLU D 314 -5.06 -43.45 -7.12
CA GLU D 314 -5.81 -44.68 -7.05
C GLU D 314 -5.49 -45.63 -8.20
N ILE D 315 -5.12 -45.12 -9.37
CA ILE D 315 -4.63 -45.99 -10.43
C ILE D 315 -3.33 -46.64 -10.03
N LEU D 316 -2.54 -46.00 -9.16
CA LEU D 316 -1.26 -46.58 -8.80
C LEU D 316 -1.46 -47.83 -7.96
N MET D 317 -2.23 -47.71 -6.87
CA MET D 317 -2.50 -48.88 -6.04
C MET D 317 -3.16 -49.97 -6.85
N LEU D 318 -4.17 -49.60 -7.65
CA LEU D 318 -4.84 -50.57 -8.51
C LEU D 318 -3.84 -51.29 -9.41
N GLY D 319 -2.98 -50.53 -10.07
CA GLY D 319 -1.92 -51.15 -10.84
C GLY D 319 -0.95 -51.93 -9.98
N ALA D 320 -0.79 -51.53 -8.73
CA ALA D 320 0.06 -52.29 -7.82
C ALA D 320 -0.63 -53.57 -7.37
N LYS D 321 -1.93 -53.49 -7.08
CA LYS D 321 -2.68 -54.68 -6.70
C LYS D 321 -2.76 -55.64 -7.87
N LEU D 322 -3.12 -55.16 -9.05
CA LEU D 322 -3.05 -55.97 -10.25
C LEU D 322 -1.63 -56.45 -10.50
N HIS D 323 -0.67 -55.52 -10.45
CA HIS D 323 0.69 -55.76 -10.91
C HIS D 323 1.65 -55.13 -9.89
N PRO D 324 1.99 -55.86 -8.84
CA PRO D 324 3.00 -55.33 -7.90
C PRO D 324 4.36 -55.11 -8.53
N THR D 325 4.63 -55.71 -9.69
CA THR D 325 5.94 -55.64 -10.34
C THR D 325 6.05 -54.58 -11.42
N LEU D 326 4.97 -54.26 -12.13
CA LEU D 326 5.07 -53.22 -13.14
C LEU D 326 5.29 -51.86 -12.49
N LYS D 327 6.09 -51.03 -13.13
CA LYS D 327 6.39 -49.68 -12.67
C LYS D 327 5.74 -48.68 -13.60
N LEU D 328 4.73 -47.98 -13.10
CA LEU D 328 3.93 -47.10 -13.93
C LEU D 328 4.58 -45.73 -14.08
N GLU D 329 4.97 -45.13 -12.96
CA GLU D 329 5.51 -43.78 -13.00
C GLU D 329 6.83 -43.68 -13.75
N GLU D 330 7.48 -44.80 -14.01
CA GLU D 330 8.70 -44.82 -14.80
C GLU D 330 8.43 -44.84 -16.29
N LEU D 331 7.18 -45.07 -16.69
CA LEU D 331 6.87 -45.14 -18.10
C LEU D 331 7.00 -43.79 -18.75
N THR D 332 7.46 -43.80 -19.99
CA THR D 332 7.78 -42.60 -20.72
C THR D 332 6.96 -42.55 -22.00
N ASN D 333 6.52 -41.35 -22.36
CA ASN D 333 5.72 -41.15 -23.55
C ASN D 333 6.60 -41.13 -24.78
N LYS D 334 6.05 -40.68 -25.91
CA LYS D 334 6.80 -40.64 -27.14
C LYS D 334 7.99 -39.68 -27.04
N LYS D 335 7.79 -38.55 -26.37
CA LYS D 335 8.83 -37.53 -26.33
C LYS D 335 10.01 -38.00 -25.48
N GLY D 336 9.73 -38.66 -24.36
CA GLY D 336 10.75 -39.11 -23.43
C GLY D 336 10.51 -38.57 -22.04
N MET D 337 9.26 -38.33 -21.71
CA MET D 337 8.87 -37.68 -20.46
C MET D 337 8.01 -38.62 -19.64
N THR D 338 8.20 -38.57 -18.33
CA THR D 338 7.42 -39.34 -17.38
C THR D 338 6.28 -38.50 -16.84
N PRO D 339 5.34 -39.11 -16.13
CA PRO D 339 4.27 -38.30 -15.50
C PRO D 339 4.81 -37.27 -14.53
N LEU D 340 5.93 -37.55 -13.89
CA LEU D 340 6.58 -36.59 -13.00
C LEU D 340 7.24 -35.48 -13.79
N ALA D 341 7.99 -35.83 -14.83
CA ALA D 341 8.67 -34.84 -15.64
C ALA D 341 7.66 -34.00 -16.41
N LEU D 342 6.57 -34.64 -16.84
CA LEU D 342 5.51 -33.96 -17.56
C LEU D 342 4.82 -32.93 -16.67
N ALA D 343 4.64 -33.24 -15.40
CA ALA D 343 4.01 -32.31 -14.49
C ALA D 343 4.88 -31.10 -14.25
N ALA D 344 6.19 -31.32 -14.17
CA ALA D 344 7.12 -30.23 -13.96
C ALA D 344 7.36 -29.47 -15.26
N GLY D 345 7.48 -30.19 -16.37
CA GLY D 345 7.69 -29.57 -17.66
C GLY D 345 6.50 -28.80 -18.19
N THR D 346 5.35 -28.92 -17.55
CA THR D 346 4.09 -28.37 -18.03
C THR D 346 3.42 -27.47 -17.01
N GLY D 347 3.98 -27.35 -15.82
CA GLY D 347 3.58 -26.35 -14.87
C GLY D 347 2.63 -26.80 -13.81
N LYS D 348 2.62 -28.09 -13.50
CA LYS D 348 1.52 -28.68 -12.75
C LYS D 348 1.97 -28.79 -11.29
N ILE D 349 1.74 -27.70 -10.57
CA ILE D 349 2.28 -27.53 -9.23
C ILE D 349 1.65 -28.50 -8.25
N GLY D 350 0.35 -28.73 -8.35
CA GLY D 350 -0.32 -29.57 -7.37
C GLY D 350 -0.05 -31.03 -7.59
N VAL D 351 0.01 -31.45 -8.85
CA VAL D 351 0.38 -32.82 -9.17
C VAL D 351 1.79 -33.09 -8.67
N LEU D 352 2.72 -32.19 -9.01
CA LEU D 352 4.09 -32.35 -8.59
C LEU D 352 4.21 -32.32 -7.09
N ALA D 353 3.50 -31.39 -6.45
CA ALA D 353 3.49 -31.33 -5.00
C ALA D 353 2.90 -32.57 -4.39
N TYR D 354 2.03 -33.27 -5.12
CA TYR D 354 1.51 -34.54 -4.64
C TYR D 354 2.54 -35.65 -4.78
N ILE D 355 3.11 -35.80 -5.96
CA ILE D 355 3.95 -36.94 -6.28
C ILE D 355 5.18 -36.97 -5.39
N LEU D 356 5.72 -35.80 -5.05
CA LEU D 356 6.94 -35.73 -4.26
C LEU D 356 6.67 -36.04 -2.80
N GLN D 357 5.53 -35.57 -2.32
CA GLN D 357 5.11 -35.73 -0.93
C GLN D 357 4.22 -36.95 -0.75
N ARG D 358 4.33 -37.95 -1.61
CA ARG D 358 3.39 -39.06 -1.63
C ARG D 358 3.73 -40.02 -0.51
N GLU D 359 3.08 -39.85 0.63
CA GLU D 359 3.13 -40.80 1.74
C GLU D 359 1.82 -41.57 1.73
N ILE D 360 1.93 -42.88 1.55
CA ILE D 360 0.80 -43.80 1.54
C ILE D 360 0.94 -44.71 2.75
N GLN D 361 -0.19 -44.99 3.41
CA GLN D 361 -0.22 -45.87 4.58
C GLN D 361 -1.12 -47.05 4.23
N GLU D 362 -0.51 -48.11 3.72
CA GLU D 362 -1.18 -49.36 3.38
C GLU D 362 -0.15 -50.46 3.48
N PRO D 363 -0.55 -51.71 3.70
CA PRO D 363 0.47 -52.75 3.92
C PRO D 363 1.28 -53.05 2.68
N GLU D 364 0.62 -53.10 1.52
CA GLU D 364 1.27 -53.50 0.27
C GLU D 364 1.64 -52.32 -0.61
N CYS D 365 1.17 -51.12 -0.29
CA CYS D 365 1.33 -49.95 -1.14
C CYS D 365 2.05 -48.83 -0.42
N ARG D 366 3.22 -49.17 0.16
CA ARG D 366 4.19 -48.17 0.59
C ARG D 366 5.42 -48.11 -0.29
N HIS D 367 5.69 -49.17 -1.07
CA HIS D 367 6.78 -49.13 -2.04
C HIS D 367 6.55 -48.08 -3.12
N LEU D 368 5.33 -47.57 -3.25
CA LEU D 368 5.03 -46.48 -4.15
C LEU D 368 5.20 -45.14 -3.48
N SER D 369 4.88 -45.08 -2.19
CA SER D 369 5.04 -43.86 -1.42
C SER D 369 6.46 -43.35 -1.53
N ARG D 370 6.59 -42.04 -1.49
CA ARG D 370 7.86 -41.37 -1.70
C ARG D 370 8.33 -40.59 -0.48
N LYS D 371 7.43 -40.02 0.28
CA LYS D 371 7.78 -39.29 1.49
C LYS D 371 7.63 -40.24 2.66
N PHE D 372 8.76 -40.76 3.12
CA PHE D 372 8.82 -41.73 4.21
C PHE D 372 9.21 -41.07 5.52
N THR D 373 8.56 -41.50 6.60
CA THR D 373 9.00 -41.17 7.95
C THR D 373 9.89 -42.30 8.47
N GLU D 374 11.13 -41.98 8.79
CA GLU D 374 12.06 -42.99 9.28
C GLU D 374 11.91 -43.21 10.78
N TRP D 375 11.86 -42.12 11.55
CA TRP D 375 11.69 -42.21 12.99
C TRP D 375 10.79 -41.09 13.45
N ALA D 376 10.46 -41.14 14.74
CA ALA D 376 9.57 -40.20 15.39
C ALA D 376 9.80 -40.30 16.88
N TYR D 377 9.79 -39.16 17.56
CA TYR D 377 9.98 -39.15 19.01
C TYR D 377 9.17 -37.98 19.57
N GLY D 378 7.94 -38.27 19.95
CA GLY D 378 7.08 -37.26 20.51
C GLY D 378 6.60 -36.30 19.43
N PRO D 379 6.76 -34.99 19.62
CA PRO D 379 6.39 -34.06 18.56
C PRO D 379 7.36 -34.05 17.40
N VAL D 380 8.61 -34.42 17.64
CA VAL D 380 9.62 -34.49 16.59
C VAL D 380 9.34 -35.71 15.72
N HIS D 381 9.34 -35.52 14.40
CA HIS D 381 9.37 -36.60 13.44
C HIS D 381 10.28 -36.24 12.29
N SER D 382 11.05 -37.22 11.83
CA SER D 382 12.07 -37.03 10.79
C SER D 382 11.65 -37.75 9.53
N SER D 383 11.18 -36.98 8.56
CA SER D 383 10.71 -37.49 7.28
C SER D 383 11.89 -37.92 6.39
N LEU D 384 11.53 -38.49 5.25
CA LEU D 384 12.49 -38.83 4.19
C LEU D 384 11.79 -38.71 2.87
N TYR D 385 12.30 -37.87 2.00
CA TYR D 385 11.86 -37.79 0.63
C TYR D 385 12.75 -38.65 -0.24
N ASP D 386 12.19 -39.18 -1.31
CA ASP D 386 12.98 -39.84 -2.33
C ASP D 386 13.51 -38.79 -3.29
N LEU D 387 14.62 -39.12 -3.93
CA LEU D 387 15.25 -38.25 -4.91
C LEU D 387 15.42 -38.96 -6.24
N SER D 388 14.68 -40.05 -6.45
CA SER D 388 14.81 -40.81 -7.68
C SER D 388 14.18 -40.03 -8.82
N CYS D 389 15.02 -39.72 -9.80
CA CYS D 389 14.63 -38.99 -10.99
C CYS D 389 14.19 -37.57 -10.66
N ILE D 390 14.87 -36.97 -9.68
CA ILE D 390 14.66 -35.59 -9.30
C ILE D 390 15.94 -34.76 -9.43
N ASP D 391 17.07 -35.31 -9.01
CA ASP D 391 18.36 -34.66 -9.12
C ASP D 391 19.25 -35.29 -10.16
N THR D 392 19.16 -36.60 -10.33
CA THR D 392 20.02 -37.35 -11.25
C THR D 392 19.18 -38.35 -12.03
N CYS D 393 18.07 -37.91 -12.61
CA CYS D 393 17.44 -38.73 -13.63
C CYS D 393 18.37 -38.76 -14.83
N GLU D 394 18.50 -39.93 -15.43
CA GLU D 394 19.23 -40.02 -16.68
C GLU D 394 18.56 -39.17 -17.74
N LYS D 395 17.24 -39.08 -17.71
CA LYS D 395 16.46 -38.27 -18.64
C LYS D 395 15.53 -37.39 -17.83
N ASN D 396 15.69 -36.08 -17.95
CA ASN D 396 14.71 -35.10 -17.51
C ASN D 396 14.44 -35.20 -16.01
N SER D 397 15.49 -34.95 -15.25
CA SER D 397 15.32 -34.70 -13.83
C SER D 397 14.38 -33.54 -13.62
N VAL D 398 13.68 -33.56 -12.48
CA VAL D 398 12.69 -32.55 -12.17
C VAL D 398 13.33 -31.18 -12.09
N LEU D 399 14.51 -31.11 -11.50
CA LEU D 399 15.26 -29.88 -11.43
C LEU D 399 15.62 -29.39 -12.82
N GLU D 400 16.11 -30.29 -13.66
CA GLU D 400 16.50 -29.96 -15.02
C GLU D 400 15.32 -29.78 -15.95
N VAL D 401 14.10 -29.84 -15.44
CA VAL D 401 12.89 -29.66 -16.25
C VAL D 401 12.17 -28.42 -15.76
N ILE D 402 12.30 -28.11 -14.48
CA ILE D 402 11.82 -26.85 -13.96
C ILE D 402 12.70 -25.71 -14.42
N ALA D 403 14.02 -25.92 -14.45
CA ALA D 403 14.97 -24.84 -14.65
C ALA D 403 15.34 -24.62 -16.11
N TYR D 404 15.39 -25.67 -16.91
CA TYR D 404 15.71 -25.55 -18.33
C TYR D 404 14.45 -25.39 -19.16
N SER D 405 13.39 -24.83 -18.57
CA SER D 405 12.10 -24.68 -19.19
C SER D 405 11.89 -23.26 -19.64
N SER D 406 10.74 -23.00 -20.22
CA SER D 406 10.38 -21.70 -20.78
C SER D 406 9.36 -21.01 -19.90
N SER D 407 9.49 -19.69 -19.78
CA SER D 407 8.59 -18.88 -18.98
C SER D 407 7.13 -19.05 -19.38
N GLU D 408 6.86 -19.49 -20.62
CA GLU D 408 5.51 -19.86 -21.00
C GLU D 408 4.96 -20.90 -20.03
N THR D 409 5.79 -21.86 -19.63
CA THR D 409 5.38 -22.87 -18.67
C THR D 409 5.02 -22.19 -17.35
N PRO D 410 3.77 -22.24 -16.90
CA PRO D 410 3.42 -21.54 -15.67
C PRO D 410 4.11 -22.12 -14.45
N ASN D 411 4.34 -21.25 -13.48
CA ASN D 411 4.73 -21.64 -12.13
C ASN D 411 6.11 -22.29 -12.12
N ARG D 412 7.01 -21.79 -12.96
CA ARG D 412 8.41 -22.16 -12.82
C ARG D 412 8.93 -21.73 -11.48
N HIS D 413 8.65 -20.49 -11.10
CA HIS D 413 9.18 -19.94 -9.87
C HIS D 413 8.47 -20.45 -8.63
N ASP D 414 7.30 -21.05 -8.77
CA ASP D 414 6.62 -21.64 -7.64
C ASP D 414 6.95 -23.12 -7.42
N MET D 415 7.33 -23.83 -8.47
CA MET D 415 7.60 -25.26 -8.34
C MET D 415 8.77 -25.57 -7.42
N LEU D 416 9.80 -24.74 -7.41
CA LEU D 416 10.93 -25.04 -6.56
C LEU D 416 10.65 -24.80 -5.09
N LEU D 417 9.55 -24.14 -4.76
CA LEU D 417 9.12 -24.00 -3.37
C LEU D 417 8.46 -25.25 -2.85
N VAL D 418 8.12 -26.19 -3.73
CA VAL D 418 7.66 -27.49 -3.29
C VAL D 418 8.77 -28.19 -2.55
N GLU D 419 8.45 -28.74 -1.43
CA GLU D 419 9.39 -29.61 -0.75
C GLU D 419 9.53 -30.92 -1.51
N PRO D 420 10.73 -31.52 -1.55
CA PRO D 420 12.02 -31.21 -0.95
C PRO D 420 12.92 -30.31 -1.79
N LEU D 421 12.41 -29.77 -2.88
CA LEU D 421 13.27 -29.11 -3.85
C LEU D 421 14.03 -27.95 -3.23
N ASN D 422 13.32 -27.11 -2.50
CA ASN D 422 13.95 -25.95 -1.87
C ASN D 422 15.06 -26.38 -0.93
N ARG D 423 14.74 -27.28 0.00
CA ARG D 423 15.73 -27.82 0.91
C ARG D 423 16.86 -28.51 0.19
N LEU D 424 16.57 -29.10 -0.96
CA LEU D 424 17.58 -29.87 -1.69
C LEU D 424 18.61 -28.97 -2.34
N LEU D 425 18.18 -27.82 -2.81
CA LEU D 425 19.06 -26.91 -3.51
C LEU D 425 19.92 -26.14 -2.53
N GLN D 426 19.33 -25.70 -1.42
CA GLN D 426 20.09 -25.15 -0.32
C GLN D 426 21.07 -26.14 0.27
N ASP D 427 20.88 -27.43 0.03
CA ASP D 427 21.85 -28.42 0.47
C ASP D 427 23.01 -28.53 -0.50
N LYS D 428 22.73 -28.41 -1.79
CA LYS D 428 23.78 -28.37 -2.78
C LYS D 428 24.56 -27.07 -2.67
N TRP D 429 23.85 -25.99 -2.39
CA TRP D 429 24.46 -24.69 -2.20
C TRP D 429 25.44 -24.72 -1.05
N ASP D 430 24.97 -25.13 0.12
CA ASP D 430 25.80 -25.14 1.32
C ASP D 430 26.95 -26.13 1.22
N ARG D 431 26.79 -27.21 0.45
CA ARG D 431 27.81 -28.26 0.43
C ARG D 431 28.96 -27.94 -0.51
N PHE D 432 28.66 -27.67 -1.78
CA PHE D 432 29.71 -27.52 -2.80
C PHE D 432 29.52 -26.36 -3.77
N VAL D 433 28.32 -25.83 -3.98
CA VAL D 433 28.13 -24.85 -5.05
C VAL D 433 28.51 -23.46 -4.58
N LYS D 434 28.25 -23.14 -3.32
CA LYS D 434 28.55 -21.82 -2.79
C LYS D 434 30.04 -21.51 -2.89
N ARG D 435 30.89 -22.47 -2.54
CA ARG D 435 32.32 -22.25 -2.66
C ARG D 435 32.73 -22.00 -4.10
N ILE D 436 32.17 -22.78 -5.01
CA ILE D 436 32.56 -22.68 -6.41
C ILE D 436 32.06 -21.37 -7.01
N PHE D 437 30.91 -20.91 -6.54
CA PHE D 437 30.33 -19.68 -7.05
C PHE D 437 31.11 -18.48 -6.60
N TYR D 438 31.47 -18.46 -5.32
CA TYR D 438 32.35 -17.44 -4.81
C TYR D 438 33.69 -17.48 -5.52
N PHE D 439 34.13 -18.67 -5.91
CA PHE D 439 35.35 -18.78 -6.67
C PHE D 439 35.15 -18.26 -8.08
N ASN D 440 34.04 -18.63 -8.71
CA ASN D 440 33.70 -18.07 -10.01
C ASN D 440 33.56 -16.56 -9.93
N PHE D 441 33.05 -16.07 -8.82
CA PHE D 441 32.95 -14.64 -8.61
C PHE D 441 34.29 -13.97 -8.47
N LEU D 442 35.24 -14.64 -7.83
CA LEU D 442 36.56 -14.08 -7.66
C LEU D 442 37.29 -13.96 -8.99
N VAL D 443 37.22 -15.02 -9.79
CA VAL D 443 37.91 -15.04 -11.06
C VAL D 443 37.37 -13.96 -11.98
N TYR D 444 36.07 -13.74 -11.92
CA TYR D 444 35.48 -12.72 -12.77
C TYR D 444 35.87 -11.33 -12.30
N CYS D 445 35.96 -11.15 -11.00
CA CYS D 445 36.47 -9.90 -10.46
C CYS D 445 37.93 -9.69 -10.78
N LEU D 446 38.73 -10.77 -10.81
CA LEU D 446 40.10 -10.62 -11.24
C LEU D 446 40.18 -10.40 -12.72
N TYR D 447 39.25 -10.99 -13.47
CA TYR D 447 39.16 -10.76 -14.89
C TYR D 447 38.90 -9.29 -15.19
N MET D 448 37.91 -8.72 -14.51
CA MET D 448 37.54 -7.36 -14.79
C MET D 448 38.54 -6.37 -14.26
N ILE D 449 39.21 -6.70 -13.16
CA ILE D 449 40.34 -5.91 -12.72
C ILE D 449 41.42 -5.87 -13.78
N ILE D 450 41.62 -6.98 -14.46
CA ILE D 450 42.67 -7.08 -15.45
C ILE D 450 42.27 -6.45 -16.76
N PHE D 451 41.05 -6.71 -17.21
CA PHE D 451 40.56 -6.05 -18.40
C PHE D 451 40.39 -4.55 -18.18
N THR D 452 40.16 -4.15 -16.95
CA THR D 452 40.08 -2.72 -16.66
C THR D 452 41.42 -2.03 -16.83
N MET D 453 42.48 -2.57 -16.23
CA MET D 453 43.79 -1.96 -16.31
C MET D 453 44.37 -2.01 -17.70
N ALA D 454 44.19 -3.13 -18.40
CA ALA D 454 44.70 -3.23 -19.76
C ALA D 454 44.00 -2.25 -20.69
N ALA D 455 42.78 -1.88 -20.32
CA ALA D 455 42.02 -0.88 -21.03
C ALA D 455 42.45 0.52 -20.66
N TYR D 456 42.57 0.78 -19.36
CA TYR D 456 43.01 2.08 -18.88
C TYR D 456 44.37 2.44 -19.42
N TYR D 457 45.30 1.49 -19.40
CA TYR D 457 46.66 1.71 -19.86
C TYR D 457 46.83 1.37 -21.32
N ARG D 458 45.79 1.54 -22.11
CA ARG D 458 45.88 1.30 -23.52
C ARG D 458 46.86 2.26 -24.16
N PRO D 459 47.58 1.83 -25.19
CA PRO D 459 48.36 2.79 -25.96
C PRO D 459 47.48 3.85 -26.60
N VAL D 460 48.05 5.04 -26.71
CA VAL D 460 47.37 6.21 -27.22
C VAL D 460 48.05 6.82 -28.43
N ASP D 461 49.28 6.40 -28.76
CA ASP D 461 50.09 7.03 -29.79
C ASP D 461 50.43 5.97 -30.82
N GLY D 462 49.77 6.05 -31.97
CA GLY D 462 49.93 5.15 -33.08
C GLY D 462 48.59 4.61 -33.51
N LEU D 463 48.64 3.53 -34.27
CA LEU D 463 47.48 2.73 -34.62
C LEU D 463 47.75 1.30 -34.18
N PRO D 464 46.71 0.51 -33.91
CA PRO D 464 46.95 -0.84 -33.50
C PRO D 464 47.34 -1.70 -34.69
N PRO D 465 47.83 -2.92 -34.46
CA PRO D 465 48.21 -3.48 -33.17
C PRO D 465 49.54 -2.89 -32.71
N PHE D 466 49.66 -2.69 -31.41
CA PHE D 466 50.76 -1.94 -30.84
C PHE D 466 51.93 -2.86 -30.54
N LYS D 467 53.05 -2.24 -30.16
CA LYS D 467 54.33 -2.91 -30.07
C LYS D 467 54.73 -3.14 -28.62
N MET D 468 55.32 -4.30 -28.36
CA MET D 468 55.91 -4.59 -27.07
C MET D 468 57.30 -3.98 -27.04
N GLU D 469 57.43 -2.86 -26.32
CA GLU D 469 58.67 -2.12 -26.24
C GLU D 469 59.25 -2.15 -24.84
N LYS D 470 58.52 -1.64 -23.86
CA LYS D 470 58.94 -1.64 -22.47
C LYS D 470 58.33 -2.86 -21.77
N THR D 471 58.67 -3.01 -20.49
CA THR D 471 58.22 -4.18 -19.75
C THR D 471 56.73 -4.11 -19.41
N GLY D 472 56.23 -2.91 -19.12
CA GLY D 472 54.81 -2.77 -18.82
C GLY D 472 53.94 -3.19 -19.98
N ASP D 473 54.44 -3.07 -21.21
CA ASP D 473 53.69 -3.53 -22.36
C ASP D 473 53.50 -5.04 -22.31
N TYR D 474 54.57 -5.77 -22.00
CA TYR D 474 54.48 -7.22 -21.88
C TYR D 474 53.49 -7.61 -20.79
N PHE D 475 53.61 -6.97 -19.64
CA PHE D 475 52.70 -7.23 -18.53
C PHE D 475 51.32 -6.61 -18.76
N ARG D 476 51.13 -5.85 -19.83
CA ARG D 476 49.81 -5.36 -20.20
C ARG D 476 49.15 -6.24 -21.25
N VAL D 477 49.91 -6.59 -22.29
CA VAL D 477 49.36 -7.41 -23.36
C VAL D 477 48.86 -8.72 -22.79
N THR D 478 49.56 -9.23 -21.78
CA THR D 478 49.10 -10.34 -20.97
C THR D 478 47.65 -10.15 -20.53
N GLY D 479 47.38 -9.06 -19.83
CA GLY D 479 46.03 -8.69 -19.50
C GLY D 479 45.12 -8.57 -20.69
N GLU D 480 45.66 -8.15 -21.82
CA GLU D 480 44.85 -8.04 -23.02
C GLU D 480 44.57 -9.41 -23.60
N ILE D 481 45.54 -10.32 -23.52
CA ILE D 481 45.27 -11.70 -23.88
C ILE D 481 44.19 -12.26 -22.97
N LEU D 482 44.45 -12.26 -21.66
CA LEU D 482 43.50 -12.74 -20.67
C LEU D 482 42.13 -12.09 -20.79
N SER D 483 42.10 -10.82 -21.21
CA SER D 483 40.83 -10.16 -21.46
C SER D 483 40.04 -10.88 -22.55
N VAL D 484 40.69 -11.18 -23.66
CA VAL D 484 40.01 -11.82 -24.80
C VAL D 484 39.55 -13.22 -24.43
N LEU D 485 40.37 -13.99 -23.74
CA LEU D 485 40.05 -15.37 -23.39
C LEU D 485 38.72 -15.47 -22.66
N GLY D 486 38.51 -14.60 -21.68
CA GLY D 486 37.21 -14.51 -21.05
C GLY D 486 36.09 -14.25 -22.04
N GLY D 487 36.32 -13.37 -23.00
CA GLY D 487 35.32 -13.12 -24.02
C GLY D 487 35.01 -14.35 -24.83
N VAL D 488 36.04 -15.11 -25.20
CA VAL D 488 35.83 -16.36 -25.90
C VAL D 488 35.03 -17.32 -25.03
N TYR D 489 35.42 -17.44 -23.77
CA TYR D 489 34.68 -18.26 -22.82
C TYR D 489 33.23 -17.83 -22.77
N PHE D 490 32.99 -16.55 -22.47
CA PHE D 490 31.62 -16.07 -22.41
C PHE D 490 30.93 -16.13 -23.75
N PHE D 491 31.69 -16.12 -24.84
CA PHE D 491 31.09 -16.34 -26.16
C PHE D 491 30.63 -17.78 -26.32
N PHE D 492 31.55 -18.73 -26.19
CA PHE D 492 31.18 -20.15 -26.27
C PHE D 492 30.16 -20.50 -25.21
N ARG D 493 30.36 -20.02 -23.99
CA ARG D 493 29.44 -20.30 -22.90
C ARG D 493 28.06 -19.70 -23.15
N GLY D 494 27.92 -18.80 -24.11
CA GLY D 494 26.66 -18.22 -24.47
C GLY D 494 26.03 -18.91 -25.66
N ILE D 495 26.86 -19.24 -26.65
CA ILE D 495 26.42 -20.08 -27.75
C ILE D 495 25.82 -21.36 -27.21
N GLN D 496 26.57 -22.01 -26.33
CA GLN D 496 26.10 -23.19 -25.61
C GLN D 496 24.69 -22.99 -25.06
N TYR D 497 24.52 -21.95 -24.25
CA TYR D 497 23.21 -21.62 -23.69
C TYR D 497 22.14 -21.49 -24.77
N PHE D 498 22.40 -20.65 -25.78
CA PHE D 498 21.36 -20.34 -26.75
C PHE D 498 21.17 -21.43 -27.79
N LEU D 499 21.87 -22.56 -27.68
CA LEU D 499 21.56 -23.76 -28.45
C LEU D 499 20.75 -24.75 -27.62
N GLN D 500 21.29 -25.20 -26.49
CA GLN D 500 20.63 -26.18 -25.66
C GLN D 500 19.46 -25.62 -24.86
N ARG D 501 19.14 -24.33 -25.05
CA ARG D 501 17.96 -23.71 -24.47
C ARG D 501 17.31 -22.83 -25.54
N ARG D 502 16.92 -23.45 -26.66
CA ARG D 502 16.48 -22.79 -27.90
C ARG D 502 15.53 -21.64 -27.54
N PRO D 503 15.99 -20.39 -27.63
CA PRO D 503 15.30 -19.33 -26.90
C PRO D 503 14.11 -18.78 -27.67
N SER D 504 12.98 -18.69 -27.00
CA SER D 504 11.84 -17.99 -27.56
C SER D 504 12.16 -16.50 -27.64
N MET D 505 11.89 -15.91 -28.80
CA MET D 505 12.38 -14.57 -29.12
C MET D 505 11.91 -13.52 -28.12
N LYS D 506 10.81 -13.77 -27.43
CA LYS D 506 10.34 -12.89 -26.36
C LYS D 506 10.96 -13.26 -25.01
N THR D 507 11.20 -14.53 -24.76
CA THR D 507 11.74 -15.03 -23.51
C THR D 507 13.17 -14.56 -23.26
N LEU D 508 13.85 -13.99 -24.25
CA LEU D 508 15.23 -13.57 -24.09
C LEU D 508 15.40 -12.63 -22.91
N PHE D 509 14.51 -11.65 -22.81
CA PHE D 509 14.64 -10.60 -21.82
C PHE D 509 14.12 -11.01 -20.45
N VAL D 510 13.23 -11.99 -20.40
CA VAL D 510 12.60 -12.35 -19.14
C VAL D 510 13.42 -13.38 -18.39
N ASP D 511 13.78 -14.47 -19.05
CA ASP D 511 14.48 -15.57 -18.41
C ASP D 511 16.00 -15.44 -18.50
N SER D 512 16.49 -14.67 -19.46
CA SER D 512 17.87 -14.77 -19.88
C SER D 512 18.47 -13.39 -20.11
N TYR D 513 18.09 -12.42 -19.27
CA TYR D 513 18.57 -11.06 -19.46
C TYR D 513 20.06 -10.94 -19.23
N SER D 514 20.58 -11.70 -18.26
CA SER D 514 21.98 -11.61 -17.91
C SER D 514 22.85 -12.35 -18.91
N GLU D 515 22.45 -13.56 -19.28
CA GLU D 515 23.10 -14.34 -20.32
C GLU D 515 23.22 -13.55 -21.60
N MET D 516 22.22 -12.74 -21.90
CA MET D 516 22.26 -11.88 -23.07
C MET D 516 23.36 -10.85 -22.94
N LEU D 517 23.62 -10.36 -21.74
CA LEU D 517 24.61 -9.32 -21.55
C LEU D 517 26.02 -9.87 -21.50
N PHE D 518 26.23 -11.02 -20.88
CA PHE D 518 27.53 -11.67 -20.96
C PHE D 518 27.88 -12.03 -22.39
N PHE D 519 26.90 -12.49 -23.16
CA PHE D 519 27.15 -12.78 -24.55
C PHE D 519 27.46 -11.51 -25.32
N LEU D 520 26.66 -10.49 -25.10
CA LEU D 520 26.88 -9.20 -25.73
C LEU D 520 28.22 -8.61 -25.33
N GLN D 521 28.57 -8.76 -24.06
CA GLN D 521 29.91 -8.41 -23.59
C GLN D 521 30.98 -9.13 -24.37
N SER D 522 30.77 -10.41 -24.64
CA SER D 522 31.70 -11.18 -25.44
C SER D 522 31.84 -10.63 -26.84
N LEU D 523 30.72 -10.27 -27.46
CA LEU D 523 30.75 -9.79 -28.83
C LEU D 523 31.56 -8.53 -28.97
N PHE D 524 31.40 -7.61 -28.02
CA PHE D 524 32.20 -6.40 -28.03
C PHE D 524 33.67 -6.72 -27.83
N MET D 525 33.99 -7.78 -27.11
CA MET D 525 35.38 -8.19 -26.98
C MET D 525 35.93 -8.72 -28.28
N LEU D 526 35.13 -9.50 -29.00
CA LEU D 526 35.61 -10.10 -30.23
C LEU D 526 35.70 -9.07 -31.33
N ALA D 527 34.73 -8.17 -31.40
CA ALA D 527 34.86 -7.01 -32.27
C ALA D 527 36.08 -6.18 -31.92
N THR D 528 36.51 -6.22 -30.66
CA THR D 528 37.66 -5.46 -30.24
C THR D 528 38.95 -6.11 -30.71
N VAL D 529 38.91 -7.39 -31.02
CA VAL D 529 40.06 -8.09 -31.58
C VAL D 529 40.05 -8.01 -33.10
N VAL D 530 38.87 -8.02 -33.70
CA VAL D 530 38.76 -7.86 -35.15
C VAL D 530 39.27 -6.49 -35.56
N LEU D 531 39.03 -5.49 -34.73
CA LEU D 531 39.37 -4.12 -35.04
C LEU D 531 40.75 -3.71 -34.56
N TYR D 532 41.38 -4.52 -33.71
CA TYR D 532 42.73 -4.25 -33.24
C TYR D 532 43.78 -4.78 -34.19
N PHE D 533 43.46 -5.82 -34.92
CA PHE D 533 44.32 -6.34 -35.97
C PHE D 533 43.94 -5.82 -37.33
N SER D 534 42.74 -5.28 -37.47
CA SER D 534 42.34 -4.49 -38.62
C SER D 534 42.80 -3.05 -38.50
N HIS D 535 43.65 -2.72 -37.54
CA HIS D 535 44.36 -1.45 -37.40
C HIS D 535 43.45 -0.29 -37.04
N LEU D 536 42.17 -0.53 -36.80
CA LEU D 536 41.22 0.53 -36.57
C LEU D 536 41.18 0.87 -35.10
N LYS D 537 41.18 2.17 -34.80
CA LYS D 537 41.09 2.66 -33.43
C LYS D 537 39.75 2.38 -32.79
N GLU D 538 38.76 1.96 -33.56
CA GLU D 538 37.42 1.70 -33.06
C GLU D 538 37.32 0.50 -32.16
N TYR D 539 38.41 -0.22 -31.93
CA TYR D 539 38.42 -1.27 -30.92
C TYR D 539 38.05 -0.73 -29.55
N VAL D 540 38.34 0.54 -29.30
CA VAL D 540 38.10 1.13 -28.00
C VAL D 540 36.61 1.26 -27.75
N ALA D 541 35.87 1.71 -28.76
CA ALA D 541 34.42 1.79 -28.69
C ALA D 541 33.82 0.49 -28.20
N SER D 542 34.10 -0.59 -28.92
CA SER D 542 33.72 -1.91 -28.48
C SER D 542 34.24 -2.24 -27.09
N MET D 543 35.52 -1.94 -26.84
CA MET D 543 36.13 -2.33 -25.57
C MET D 543 35.44 -1.68 -24.39
N VAL D 544 34.99 -0.43 -24.54
CA VAL D 544 34.42 0.25 -23.39
C VAL D 544 33.02 -0.22 -23.09
N PHE D 545 32.29 -0.71 -24.09
CA PHE D 545 31.00 -1.31 -23.81
C PHE D 545 31.16 -2.66 -23.12
N SER D 546 32.25 -3.36 -23.40
CA SER D 546 32.55 -4.61 -22.72
C SER D 546 32.81 -4.38 -21.25
N LEU D 547 33.62 -3.37 -20.93
CA LEU D 547 33.88 -3.00 -19.55
C LEU D 547 32.61 -2.66 -18.80
N ALA D 548 31.83 -1.73 -19.36
CA ALA D 548 30.62 -1.30 -18.71
C ALA D 548 29.64 -2.44 -18.52
N LEU D 549 29.47 -3.27 -19.54
CA LEU D 549 28.72 -4.50 -19.37
C LEU D 549 29.42 -5.42 -18.40
N GLY D 550 30.74 -5.53 -18.53
CA GLY D 550 31.50 -6.43 -17.67
C GLY D 550 31.32 -6.14 -16.20
N TRP D 551 31.39 -4.88 -15.81
CA TRP D 551 31.25 -4.56 -14.40
C TRP D 551 29.81 -4.63 -13.95
N THR D 552 28.86 -4.30 -14.81
CA THR D 552 27.47 -4.42 -14.45
C THR D 552 27.03 -5.86 -14.32
N ASN D 553 27.68 -6.73 -15.04
CA ASN D 553 27.45 -8.15 -14.93
C ASN D 553 28.02 -8.78 -13.67
N MET D 554 28.64 -7.98 -12.81
CA MET D 554 28.78 -8.36 -11.41
C MET D 554 27.46 -8.67 -10.76
N LEU D 555 26.42 -7.94 -11.12
CA LEU D 555 25.10 -8.18 -10.57
C LEU D 555 24.60 -9.58 -10.84
N TYR D 556 25.16 -10.28 -11.81
CA TYR D 556 24.97 -11.71 -11.90
C TYR D 556 25.24 -12.37 -10.57
N TYR D 557 26.38 -12.09 -9.99
CA TYR D 557 26.82 -12.82 -8.81
C TYR D 557 26.10 -12.43 -7.54
N THR D 558 25.22 -11.45 -7.58
CA THR D 558 24.25 -11.21 -6.52
C THR D 558 23.36 -12.41 -6.23
N ARG D 559 23.19 -13.31 -7.18
CA ARG D 559 22.29 -14.43 -6.98
C ARG D 559 22.83 -15.49 -6.05
N GLY D 560 24.05 -15.36 -5.60
CA GLY D 560 24.49 -16.10 -4.46
C GLY D 560 24.12 -15.50 -3.14
N PHE D 561 23.38 -14.41 -3.16
CA PHE D 561 23.03 -13.68 -1.96
C PHE D 561 21.59 -13.24 -2.09
N GLN D 562 20.82 -13.56 -1.06
CA GLN D 562 19.38 -13.47 -1.16
C GLN D 562 18.90 -12.04 -1.38
N GLN D 563 19.28 -11.15 -0.48
CA GLN D 563 18.69 -9.83 -0.49
C GLN D 563 19.27 -8.96 -1.58
N MET D 564 20.49 -9.26 -2.01
CA MET D 564 21.06 -8.62 -3.17
C MET D 564 20.55 -9.19 -4.48
N GLY D 565 20.37 -10.50 -4.53
CA GLY D 565 19.86 -11.12 -5.73
C GLY D 565 18.41 -10.78 -6.01
N ILE D 566 17.62 -10.65 -4.95
CA ILE D 566 16.25 -10.19 -5.10
C ILE D 566 16.22 -8.76 -5.57
N TYR D 567 17.22 -7.99 -5.18
CA TYR D 567 17.30 -6.61 -5.61
C TYR D 567 17.66 -6.53 -7.07
N ALA D 568 18.58 -7.37 -7.52
CA ALA D 568 18.92 -7.41 -8.93
C ALA D 568 17.80 -7.97 -9.78
N VAL D 569 16.94 -8.80 -9.20
CA VAL D 569 15.76 -9.25 -9.92
C VAL D 569 14.80 -8.08 -10.09
N MET D 570 14.61 -7.29 -9.04
CA MET D 570 13.77 -6.11 -9.14
C MET D 570 14.32 -5.13 -10.16
N ILE D 571 15.64 -4.98 -10.23
CA ILE D 571 16.26 -4.11 -11.21
C ILE D 571 15.88 -4.55 -12.61
N GLU D 572 16.05 -5.82 -12.94
CA GLU D 572 15.82 -6.25 -14.30
C GLU D 572 14.35 -6.22 -14.66
N LYS D 573 13.46 -6.34 -13.68
CA LYS D 573 12.04 -6.18 -13.93
C LYS D 573 11.68 -4.73 -14.21
N MET D 574 12.16 -3.81 -13.37
CA MET D 574 11.92 -2.38 -13.60
C MET D 574 12.41 -1.93 -14.95
N ILE D 575 13.54 -2.47 -15.40
CA ILE D 575 14.07 -2.13 -16.69
C ILE D 575 13.09 -2.51 -17.78
N LEU D 576 12.60 -3.73 -17.73
CA LEU D 576 11.81 -4.28 -18.79
C LEU D 576 10.37 -3.82 -18.71
N ARG D 577 9.89 -3.56 -17.50
CA ARG D 577 8.52 -3.13 -17.31
C ARG D 577 8.39 -1.63 -17.25
N ASP D 578 8.94 -1.01 -16.20
CA ASP D 578 8.60 0.36 -15.87
C ASP D 578 9.40 1.35 -16.66
N LEU D 579 10.67 1.07 -16.88
CA LEU D 579 11.58 1.97 -17.57
C LEU D 579 11.34 2.00 -19.07
N CYS D 580 11.08 0.86 -19.67
CA CYS D 580 10.84 0.82 -21.11
C CYS D 580 9.56 1.53 -21.46
N ARG D 581 8.49 1.31 -20.70
CA ARG D 581 7.29 2.11 -20.87
C ARG D 581 7.59 3.59 -20.72
N PHE D 582 8.32 3.94 -19.68
CA PHE D 582 8.69 5.32 -19.42
C PHE D 582 9.46 5.92 -20.58
N MET D 583 10.57 5.29 -20.96
CA MET D 583 11.48 5.89 -21.91
C MET D 583 10.85 6.02 -23.28
N PHE D 584 9.94 5.12 -23.62
CA PHE D 584 9.16 5.29 -24.82
C PHE D 584 8.41 6.61 -24.81
N VAL D 585 7.57 6.81 -23.81
CA VAL D 585 6.78 8.02 -23.69
C VAL D 585 7.69 9.22 -23.52
N TYR D 586 8.77 9.05 -22.77
CA TYR D 586 9.70 10.15 -22.58
C TYR D 586 10.29 10.62 -23.89
N ILE D 587 10.66 9.71 -24.78
CA ILE D 587 11.30 10.05 -26.04
C ILE D 587 10.32 10.64 -27.02
N VAL D 588 9.06 10.24 -26.94
CA VAL D 588 8.00 10.88 -27.71
C VAL D 588 7.90 12.34 -27.35
N PHE D 589 7.88 12.62 -26.05
CA PHE D 589 7.87 13.98 -25.54
C PHE D 589 9.15 14.71 -25.90
N LEU D 590 10.29 14.09 -25.62
CA LEU D 590 11.59 14.68 -25.89
C LEU D 590 11.71 15.07 -27.35
N PHE D 591 11.33 14.16 -28.22
CA PHE D 591 11.43 14.40 -29.64
C PHE D 591 10.30 15.29 -30.13
N GLY D 592 9.11 15.14 -29.56
CA GLY D 592 8.03 16.05 -29.87
C GLY D 592 8.35 17.50 -29.59
N PHE D 593 8.80 17.80 -28.37
CA PHE D 593 9.08 19.17 -27.99
C PHE D 593 10.39 19.69 -28.53
N SER D 594 11.32 18.81 -28.87
CA SER D 594 12.58 19.25 -29.44
C SER D 594 12.39 19.80 -30.83
N THR D 595 11.72 19.04 -31.67
CA THR D 595 11.40 19.45 -33.03
C THR D 595 10.69 20.79 -33.04
N ALA D 596 9.66 20.90 -32.21
CA ALA D 596 9.01 22.16 -31.93
C ALA D 596 10.00 23.27 -31.60
N VAL D 597 10.92 23.00 -30.70
CA VAL D 597 11.88 24.01 -30.27
C VAL D 597 12.84 24.38 -31.39
N VAL D 598 13.38 23.37 -32.06
CA VAL D 598 14.42 23.63 -33.04
C VAL D 598 13.83 24.19 -34.32
N THR D 599 12.55 23.97 -34.55
CA THR D 599 11.82 24.65 -35.61
C THR D 599 11.64 26.12 -35.32
N LEU D 600 11.61 26.50 -34.06
CA LEU D 600 11.47 27.88 -33.65
C LEU D 600 12.79 28.61 -33.61
N ILE D 601 13.88 27.90 -33.51
CA ILE D 601 15.19 28.49 -33.41
C ILE D 601 15.63 29.00 -34.78
N GLU D 602 16.24 30.17 -34.79
CA GLU D 602 16.73 30.85 -35.99
C GLU D 602 18.11 31.43 -35.71
N ASP D 603 19.11 30.96 -36.43
CA ASP D 603 20.41 31.61 -36.45
C ASP D 603 21.24 31.18 -37.66
N SER D 629 25.40 27.48 -31.14
CA SER D 629 24.21 27.35 -31.97
C SER D 629 23.45 26.06 -31.70
N TYR D 630 22.23 26.19 -31.20
CA TYR D 630 21.35 25.06 -30.91
C TYR D 630 20.38 24.77 -32.04
N ASN D 631 20.71 25.18 -33.25
CA ASN D 631 19.85 24.97 -34.41
C ASN D 631 20.09 23.57 -34.98
N SER D 632 19.85 22.60 -34.12
CA SER D 632 20.16 21.22 -34.40
C SER D 632 19.30 20.38 -33.48
N LEU D 633 18.83 19.27 -34.02
CA LEU D 633 17.95 18.41 -33.27
C LEU D 633 18.70 17.62 -32.24
N TYR D 634 20.01 17.44 -32.42
CA TYR D 634 20.77 16.78 -31.37
C TYR D 634 20.85 17.66 -30.14
N SER D 635 21.29 18.90 -30.32
CA SER D 635 21.63 19.76 -29.22
C SER D 635 20.39 20.17 -28.45
N THR D 636 19.31 20.41 -29.16
CA THR D 636 18.04 20.69 -28.53
C THR D 636 17.53 19.49 -27.75
N CYS D 637 17.60 18.32 -28.36
CA CYS D 637 17.26 17.10 -27.64
C CYS D 637 18.22 16.86 -26.49
N LEU D 638 19.46 17.26 -26.68
CA LEU D 638 20.46 17.14 -25.64
C LEU D 638 20.24 18.18 -24.55
N GLU D 639 19.78 19.37 -24.90
CA GLU D 639 19.46 20.37 -23.89
C GLU D 639 18.18 20.05 -23.16
N LEU D 640 17.21 19.47 -23.84
CA LEU D 640 15.96 19.11 -23.19
C LEU D 640 16.07 17.86 -22.36
N PHE D 641 17.06 17.02 -22.62
CA PHE D 641 17.30 15.91 -21.73
C PHE D 641 17.92 16.36 -20.43
N LYS D 642 18.50 17.53 -20.41
CA LYS D 642 19.13 18.02 -19.20
C LYS D 642 18.11 18.42 -18.16
N PHE D 643 16.92 18.85 -18.59
CA PHE D 643 15.86 19.18 -17.65
C PHE D 643 15.51 18.00 -16.76
N THR D 644 15.60 16.79 -17.30
CA THR D 644 15.18 15.63 -16.56
C THR D 644 16.27 15.09 -15.66
N ILE D 645 17.52 15.49 -15.89
CA ILE D 645 18.60 15.24 -14.97
C ILE D 645 18.96 16.49 -14.17
N GLY D 646 18.03 17.42 -14.04
CA GLY D 646 18.20 18.53 -13.17
C GLY D 646 19.17 19.57 -13.63
N MET D 647 19.41 19.65 -14.93
CA MET D 647 20.40 20.53 -15.49
C MET D 647 19.87 21.33 -16.66
N GLY D 648 18.58 21.62 -16.63
CA GLY D 648 17.94 22.41 -17.64
C GLY D 648 18.04 23.91 -17.49
N ASP D 649 18.50 24.55 -18.54
CA ASP D 649 18.50 25.99 -18.67
C ASP D 649 17.28 26.40 -19.48
N LEU D 650 16.48 27.29 -18.93
CA LEU D 650 15.33 27.80 -19.63
C LEU D 650 15.68 28.92 -20.60
N GLU D 651 16.97 29.15 -20.79
CA GLU D 651 17.51 30.27 -21.51
C GLU D 651 18.68 29.80 -22.35
N PHE D 652 18.68 28.54 -22.76
CA PHE D 652 19.80 28.04 -23.53
C PHE D 652 19.86 28.62 -24.93
N THR D 653 18.79 29.21 -25.41
CA THR D 653 18.83 30.04 -26.59
C THR D 653 18.13 31.35 -26.33
N GLU D 654 18.68 32.37 -26.96
CA GLU D 654 18.00 33.61 -27.24
C GLU D 654 17.69 33.73 -28.73
N ASN D 655 18.12 32.75 -29.52
CA ASN D 655 18.09 32.82 -30.97
C ASN D 655 16.76 32.26 -31.42
N TYR D 656 15.80 33.14 -31.49
CA TYR D 656 14.43 32.84 -31.88
C TYR D 656 13.72 34.16 -32.04
N ASP D 657 12.45 34.09 -32.41
CA ASP D 657 11.63 35.27 -32.60
C ASP D 657 10.54 35.42 -31.56
N PHE D 658 10.12 34.33 -30.93
CA PHE D 658 8.95 34.34 -30.06
C PHE D 658 9.26 33.66 -28.74
N LYS D 659 9.63 34.49 -27.76
CA LYS D 659 9.95 34.01 -26.43
C LYS D 659 8.77 33.36 -25.74
N ALA D 660 7.56 33.89 -25.93
CA ALA D 660 6.39 33.26 -25.33
C ALA D 660 6.28 31.81 -25.75
N VAL D 661 6.55 31.54 -27.01
CA VAL D 661 6.42 30.19 -27.53
C VAL D 661 7.47 29.29 -26.92
N PHE D 662 8.70 29.75 -26.93
CA PHE D 662 9.85 29.00 -26.44
C PHE D 662 9.68 28.61 -24.99
N ILE D 663 9.06 29.47 -24.20
CA ILE D 663 8.90 29.27 -22.76
C ILE D 663 7.69 28.41 -22.44
N ILE D 664 6.55 28.73 -23.03
CA ILE D 664 5.36 27.92 -22.91
C ILE D 664 5.66 26.47 -23.27
N LEU D 665 6.45 26.30 -24.31
CA LEU D 665 6.77 24.99 -24.84
C LEU D 665 7.73 24.23 -23.93
N LEU D 666 8.75 24.91 -23.39
CA LEU D 666 9.66 24.25 -22.47
C LEU D 666 9.00 23.95 -21.15
N LEU D 667 8.20 24.87 -20.64
CA LEU D 667 7.42 24.63 -19.45
C LEU D 667 6.47 23.46 -19.62
N ALA D 668 5.81 23.39 -20.75
CA ALA D 668 5.00 22.23 -21.07
C ALA D 668 5.84 20.97 -21.11
N TYR D 669 7.02 21.03 -21.72
CA TYR D 669 7.95 19.91 -21.67
C TYR D 669 8.32 19.57 -20.24
N VAL D 670 8.69 20.57 -19.45
CA VAL D 670 9.15 20.34 -18.09
C VAL D 670 8.04 19.76 -17.23
N ILE D 671 6.86 20.38 -17.28
CA ILE D 671 5.73 19.94 -16.50
C ILE D 671 5.36 18.52 -16.86
N LEU D 672 5.29 18.22 -18.15
CA LEU D 672 4.91 16.90 -18.60
C LEU D 672 5.98 15.86 -18.28
N THR D 673 7.24 16.20 -18.44
CA THR D 673 8.32 15.24 -18.29
C THR D 673 8.94 15.21 -16.90
N TYR D 674 9.29 16.35 -16.35
CA TYR D 674 10.01 16.37 -15.09
C TYR D 674 9.08 16.25 -13.91
N ILE D 675 8.02 17.06 -13.91
CA ILE D 675 7.15 17.14 -12.76
C ILE D 675 6.21 15.96 -12.73
N LEU D 676 5.67 15.60 -13.88
CA LEU D 676 4.71 14.51 -13.98
C LEU D 676 5.37 13.16 -14.18
N LEU D 677 6.07 13.00 -15.27
CA LEU D 677 6.38 11.68 -15.77
C LEU D 677 7.49 10.99 -15.00
N LEU D 678 8.53 11.72 -14.62
CA LEU D 678 9.53 11.12 -13.75
C LEU D 678 8.95 10.76 -12.40
N ASN D 679 8.08 11.60 -11.88
CA ASN D 679 7.53 11.36 -10.57
C ASN D 679 6.44 10.33 -10.62
N MET D 680 5.78 10.23 -11.76
CA MET D 680 4.89 9.14 -12.04
C MET D 680 5.62 7.81 -12.08
N LEU D 681 6.83 7.80 -12.65
CA LEU D 681 7.63 6.58 -12.67
C LEU D 681 7.98 6.10 -11.29
N ILE D 682 8.37 7.00 -10.41
CA ILE D 682 8.61 6.68 -9.02
C ILE D 682 7.37 6.02 -8.44
N ALA D 683 6.23 6.58 -8.75
CA ALA D 683 4.95 6.04 -8.33
C ALA D 683 4.65 4.71 -8.98
N LEU D 684 4.98 4.55 -10.25
CA LEU D 684 4.80 3.26 -10.89
C LEU D 684 5.71 2.20 -10.29
N MET D 685 6.97 2.55 -10.07
CA MET D 685 7.91 1.63 -9.44
C MET D 685 7.42 1.13 -8.10
N GLY D 686 6.89 2.04 -7.27
CA GLY D 686 6.37 1.65 -5.98
C GLY D 686 5.24 0.65 -6.08
N GLU D 687 4.39 0.81 -7.09
CA GLU D 687 3.35 -0.16 -7.33
C GLU D 687 3.94 -1.49 -7.70
N THR D 688 4.96 -1.46 -8.55
CA THR D 688 5.65 -2.67 -8.98
C THR D 688 6.32 -3.36 -7.81
N VAL D 689 7.01 -2.61 -6.96
CA VAL D 689 7.72 -3.19 -5.83
C VAL D 689 6.78 -3.89 -4.87
N ASN D 690 5.58 -3.37 -4.69
CA ASN D 690 4.63 -4.03 -3.82
C ASN D 690 4.12 -5.32 -4.45
N LYS D 691 4.24 -5.46 -5.76
CA LYS D 691 3.78 -6.63 -6.48
C LYS D 691 4.85 -7.69 -6.70
N ILE D 692 6.04 -7.30 -7.18
CA ILE D 692 7.03 -8.28 -7.59
C ILE D 692 7.89 -8.73 -6.42
N ALA D 693 7.54 -8.31 -5.21
CA ALA D 693 8.37 -8.61 -4.05
C ALA D 693 8.50 -10.10 -3.82
N GLN D 694 7.39 -10.83 -3.89
CA GLN D 694 7.42 -12.28 -3.76
C GLN D 694 7.89 -12.94 -5.04
N GLU D 695 7.36 -12.49 -6.17
CA GLU D 695 7.79 -12.95 -7.47
C GLU D 695 9.30 -12.88 -7.62
N SER D 696 9.93 -11.86 -7.06
CA SER D 696 11.34 -11.67 -7.23
C SER D 696 12.15 -12.57 -6.31
N LYS D 697 11.60 -12.91 -5.15
CA LYS D 697 12.23 -13.91 -4.32
C LYS D 697 12.22 -15.27 -4.98
N ASN D 698 11.20 -15.56 -5.74
CA ASN D 698 11.05 -16.86 -6.34
C ASN D 698 11.77 -16.94 -7.67
N ILE D 699 11.89 -15.82 -8.37
CA ILE D 699 12.79 -15.75 -9.50
C ILE D 699 14.23 -15.82 -9.04
N TRP D 700 14.52 -15.32 -7.85
CA TRP D 700 15.87 -15.44 -7.31
C TRP D 700 16.25 -16.89 -7.07
N LYS D 701 15.40 -17.63 -6.37
CA LYS D 701 15.67 -19.03 -6.06
C LYS D 701 15.84 -19.85 -7.31
N LEU D 702 15.17 -19.47 -8.38
CA LEU D 702 15.30 -20.15 -9.66
C LEU D 702 16.60 -19.78 -10.35
N GLN D 703 17.03 -18.53 -10.22
CA GLN D 703 18.34 -18.15 -10.70
C GLN D 703 19.43 -18.94 -10.01
N ARG D 704 19.33 -19.09 -8.70
CA ARG D 704 20.31 -19.85 -7.95
C ARG D 704 20.25 -21.33 -8.30
N ALA D 705 19.05 -21.84 -8.52
CA ALA D 705 18.87 -23.22 -8.97
C ALA D 705 19.61 -23.50 -10.26
N ILE D 706 19.51 -22.60 -11.22
CA ILE D 706 20.20 -22.76 -12.50
C ILE D 706 21.70 -22.72 -12.31
N THR D 707 22.16 -21.99 -11.31
CA THR D 707 23.58 -21.99 -10.99
C THR D 707 23.99 -23.31 -10.40
N ILE D 708 23.16 -23.87 -9.53
CA ILE D 708 23.43 -25.14 -8.90
C ILE D 708 23.49 -26.25 -9.93
N LEU D 709 22.63 -26.17 -10.94
CA LEU D 709 22.57 -27.19 -11.97
C LEU D 709 23.66 -27.01 -13.01
N ASP D 710 23.86 -25.79 -13.49
CA ASP D 710 24.96 -25.54 -14.41
C ASP D 710 26.30 -25.82 -13.75
N THR D 711 26.37 -25.69 -12.44
CA THR D 711 27.61 -25.99 -11.72
C THR D 711 27.87 -27.48 -11.65
N GLU D 712 26.93 -28.23 -11.06
CA GLU D 712 27.17 -29.65 -10.80
C GLU D 712 27.36 -30.43 -12.08
N LYS D 713 26.84 -29.93 -13.19
CA LYS D 713 27.18 -30.50 -14.48
C LYS D 713 28.63 -30.21 -14.80
N SER D 714 28.94 -28.92 -14.94
CA SER D 714 30.23 -28.49 -15.46
C SER D 714 31.38 -28.97 -14.60
N PHE D 715 31.28 -28.75 -13.28
CA PHE D 715 32.38 -29.06 -12.39
C PHE D 715 32.73 -30.54 -12.41
N LEU D 716 31.77 -31.39 -12.04
CA LEU D 716 32.06 -32.82 -12.07
C LEU D 716 32.27 -33.30 -13.50
N LYS D 717 31.18 -33.36 -14.27
CA LYS D 717 31.09 -33.77 -15.67
C LYS D 717 31.81 -35.08 -16.05
N CYS D 718 32.31 -35.84 -15.07
CA CYS D 718 32.90 -37.15 -15.34
C CYS D 718 32.54 -38.18 -14.28
N MET D 719 32.55 -37.76 -13.02
CA MET D 719 32.45 -38.62 -11.85
C MET D 719 31.06 -38.60 -11.25
N ARG D 720 30.56 -37.41 -10.97
CA ARG D 720 29.19 -37.16 -10.51
C ARG D 720 28.85 -38.04 -9.31
N LYS D 721 29.69 -37.90 -8.27
CA LYS D 721 29.64 -38.72 -7.07
C LYS D 721 29.73 -37.92 -5.78
N ALA D 722 30.32 -36.73 -5.82
CA ALA D 722 30.47 -35.93 -4.61
C ALA D 722 29.26 -35.06 -4.32
N PHE D 723 28.45 -34.74 -5.32
CA PHE D 723 27.25 -33.95 -5.09
C PHE D 723 26.04 -34.81 -4.72
N ARG D 724 26.23 -36.07 -4.37
CA ARG D 724 25.09 -36.94 -4.18
C ARG D 724 24.33 -36.51 -2.94
N SER D 725 23.34 -35.67 -3.16
CA SER D 725 22.42 -35.29 -2.10
C SER D 725 21.64 -36.50 -1.61
N GLY D 726 21.56 -36.65 -0.30
CA GLY D 726 21.00 -37.84 0.29
C GLY D 726 22.01 -38.95 0.46
N LYS D 727 21.49 -40.17 0.62
CA LYS D 727 22.32 -41.33 0.92
C LYS D 727 21.47 -42.56 0.63
N LEU D 728 22.12 -43.71 0.50
CA LEU D 728 21.37 -44.97 0.48
C LEU D 728 20.69 -45.17 1.82
N LEU D 729 19.37 -45.03 1.82
CA LEU D 729 18.53 -45.36 2.97
C LEU D 729 17.53 -46.43 2.56
N GLN D 730 17.69 -47.64 3.10
CA GLN D 730 16.69 -48.68 2.94
C GLN D 730 15.39 -48.23 3.63
N VAL D 731 14.33 -48.04 2.84
CA VAL D 731 13.07 -47.53 3.38
C VAL D 731 12.04 -48.62 3.62
N GLY D 732 12.09 -49.72 2.88
CA GLY D 732 11.06 -50.73 2.94
C GLY D 732 11.45 -51.92 2.11
N TYR D 733 10.52 -52.44 1.33
CA TYR D 733 10.77 -53.66 0.56
C TYR D 733 10.07 -53.60 -0.77
N THR D 734 10.71 -54.23 -1.75
CA THR D 734 10.05 -54.57 -2.99
C THR D 734 8.82 -55.42 -2.66
N PRO D 735 7.68 -55.22 -3.34
CA PRO D 735 6.51 -56.04 -3.00
C PRO D 735 6.71 -57.52 -3.24
N ASP D 736 7.69 -57.90 -4.06
CA ASP D 736 8.13 -59.28 -4.11
C ASP D 736 8.83 -59.69 -2.81
N GLY D 737 9.63 -58.79 -2.24
CA GLY D 737 10.33 -59.05 -1.00
C GLY D 737 11.75 -58.53 -0.92
N LYS D 738 12.32 -58.10 -2.04
CA LYS D 738 13.65 -57.53 -1.99
C LYS D 738 13.66 -56.26 -1.15
N ASP D 739 14.87 -55.80 -0.82
CA ASP D 739 15.03 -54.56 -0.08
C ASP D 739 14.78 -53.36 -0.98
N ASP D 740 14.27 -52.29 -0.39
CA ASP D 740 13.96 -51.05 -1.09
C ASP D 740 15.00 -50.00 -0.70
N TYR D 741 16.09 -49.96 -1.45
CA TYR D 741 17.10 -48.94 -1.31
C TYR D 741 16.78 -47.75 -2.20
N ARG D 742 16.78 -46.55 -1.61
CA ARG D 742 16.48 -45.33 -2.35
C ARG D 742 17.34 -44.18 -1.85
N TRP D 743 17.96 -43.47 -2.77
CA TRP D 743 18.58 -42.19 -2.46
C TRP D 743 17.51 -41.25 -1.93
N CYS D 744 17.70 -40.79 -0.70
CA CYS D 744 16.65 -40.08 0.01
C CYS D 744 17.22 -38.90 0.76
N PHE D 745 16.38 -37.88 0.90
CA PHE D 745 16.75 -36.60 1.48
C PHE D 745 16.03 -36.46 2.81
N ARG D 746 16.80 -36.33 3.87
CA ARG D 746 16.25 -36.22 5.21
C ARG D 746 15.80 -34.81 5.52
N VAL D 747 14.65 -34.71 6.18
CA VAL D 747 14.09 -33.44 6.60
C VAL D 747 13.54 -33.63 8.01
N ASP D 748 13.95 -32.75 8.92
CA ASP D 748 13.56 -32.82 10.32
C ASP D 748 12.44 -31.82 10.56
N GLU D 749 11.40 -32.26 11.27
CA GLU D 749 10.16 -31.50 11.36
C GLU D 749 9.56 -31.71 12.74
N VAL D 750 8.70 -30.79 13.13
CA VAL D 750 8.07 -30.79 14.44
C VAL D 750 6.58 -30.49 14.28
N ASN D 751 5.76 -31.12 15.11
CA ASN D 751 4.34 -30.83 15.18
C ASN D 751 3.90 -30.78 16.62
N TRP D 752 2.85 -29.99 16.86
CA TRP D 752 2.27 -29.85 18.19
C TRP D 752 0.75 -30.03 18.16
N THR D 753 0.22 -30.62 17.08
CA THR D 753 -1.19 -31.05 17.01
C THR D 753 -1.37 -32.44 16.44
N THR D 754 -0.32 -33.09 15.95
CA THR D 754 -0.36 -34.47 15.43
C THR D 754 0.07 -35.43 16.52
N TRP D 755 -0.47 -35.19 17.72
CA TRP D 755 -0.02 -35.82 18.95
C TRP D 755 0.09 -37.34 18.86
N ASN D 756 -0.66 -37.97 17.97
CA ASN D 756 -0.57 -39.42 17.80
C ASN D 756 0.68 -39.78 17.03
N POV E . 44.02 11.37 -9.62
P POV E . 42.65 12.89 -5.63
C1 POV E . 40.76 11.91 -4.13
C2 POV E . 41.07 10.43 -3.95
C3 POV E . 40.75 9.58 -5.15
C210 POV E . 32.21 8.10 0.39
C310 POV E . 31.21 8.21 -5.10
C11 POV E . 43.38 10.83 -7.18
O11 POV E . 41.97 12.67 -4.22
C211 POV E . 32.30 8.06 1.87
C311 POV E . 31.80 7.15 -4.23
C12 POV E . 43.51 11.86 -8.27
O12 POV E . 43.18 11.40 -5.85
C212 POV E . 30.96 7.96 2.54
C312 POV E . 30.83 6.55 -3.23
C13 POV E . 43.73 12.42 -10.65
O13 POV E . 41.62 13.25 -6.64
C213 POV E . 31.01 7.16 3.80
C313 POV E . 31.48 5.49 -2.32
C14 POV E . 45.50 11.14 -9.56
O14 POV E . 43.82 13.78 -5.45
C214 POV E . 29.83 7.35 4.71
C314 POV E . 30.97 5.39 -0.88
C15 POV E . 43.35 10.09 -10.04
C215 POV E . 28.48 7.12 4.08
C315 POV E . 30.05 4.23 -0.58
C216 POV E . 27.33 7.44 4.98
C316 POV E . 29.73 4.09 0.87
C217 POV E . 27.11 6.39 6.02
C218 POV E . 26.18 5.36 5.57
C21 POV E . 40.50 10.24 -1.64
O21 POV E . 40.19 9.93 -2.90
C22 POV E . 39.39 9.81 -0.73
O22 POV E . 41.52 10.77 -1.30
C23 POV E . 38.08 10.46 -1.15
C24 POV E . 36.95 9.49 -1.07
C25 POV E . 36.94 8.53 -2.21
C26 POV E . 35.62 7.83 -2.37
C27 POV E . 35.32 6.84 -1.28
C28 POV E . 34.55 7.37 -0.09
C29 POV E . 33.17 7.77 -0.44
C31 POV E . 41.53 7.47 -6.19
O31 POV E . 41.68 8.48 -5.29
C32 POV E . 40.23 7.42 -6.98
O32 POV E . 42.38 6.67 -6.40
C33 POV E . 39.21 6.39 -6.52
C34 POV E . 37.98 6.97 -5.84
C35 POV E . 36.81 7.31 -6.76
C36 POV E . 35.98 8.54 -6.36
C37 POV E . 34.66 8.30 -5.63
C38 POV E . 33.39 8.57 -6.44
C39 POV E . 32.23 9.19 -5.69
H29 POV E . 32.96 7.77 -1.39
H1 POV E . 40.27 12.11 -4.94
H1A POV E . 40.23 12.26 -3.38
H2 POV E . 42.00 10.28 -3.71
H3 POV E . 39.84 9.26 -4.99
H3A POV E . 40.80 10.12 -5.96
H310 POV E . 30.72 7.77 -5.82
H31A POV E . 30.54 8.71 -4.59
H210 POV E . 31.36 8.39 0.02
H11 POV E . 44.21 10.31 -7.12
H11A POV E . 42.66 10.19 -7.36
H211 POV E . 32.84 7.28 2.14
H21A POV E . 32.76 8.84 2.22
H311 POV E . 32.10 6.45 -4.83
H31B POV E . 32.59 7.50 -3.79
H12 POV E . 44.13 12.59 -8.02
H12A POV E . 42.64 12.24 -8.49
H22 POV E . 39.30 8.84 -0.79
H212 POV E . 30.67 8.86 2.77
H22A POV E . 39.62 10.07 0.18
H21B POV E . 30.31 7.59 1.93
H32 POV E . 39.76 8.27 -7.15
H312 POV E . 30.43 7.27 -2.71
H32A POV E . 40.52 7.10 -7.86
H31C POV E . 30.08 6.17 -3.75
H13 POV E . 42.78 12.44 -10.82
H13A POV E . 44.02 13.29 -10.29
H13B POV E . 44.22 12.24 -11.48
H23 POV E . 37.89 11.22 -0.58
H213 POV E . 31.04 6.22 3.54
H23A POV E . 38.14 10.83 -2.06
H21C POV E . 31.84 7.37 4.27
H33 POV E . 38.92 5.88 -7.30
H313 POV E . 31.42 4.61 -2.73
H33A POV E . 39.66 5.76 -5.92
H31D POV E . 32.43 5.68 -2.28
H14 POV E . 45.78 11.11 -8.62
H14A POV E . 45.72 10.31 -10.01
H14B POV E . 45.95 11.90 -10.00
H24 POV E . 37.03 8.98 -0.25
H214 POV E . 29.93 6.73 5.47
H24A POV E . 36.10 9.96 -1.05
H21D POV E . 29.85 8.25 5.08
H34 POV E . 38.23 7.77 -5.34
H314 POV E . 31.74 5.34 -0.28
H34A POV E . 37.65 6.33 -5.18
H31E POV E . 30.49 6.21 -0.65
H15 POV E . 43.64 9.34 -9.49
H15A POV E . 42.38 10.20 -9.93
H15B POV E . 43.56 9.93 -10.98
H25 POV E . 37.65 7.88 -2.05
H215 POV E . 28.38 7.64 3.26
H25A POV E . 37.16 9.00 -3.03
H21E POV E . 28.42 6.17 3.82
H35 POV E . 37.18 7.45 -7.65
H315 POV E . 29.22 4.34 -1.07
H35A POV E . 36.24 6.53 -6.81
H31F POV E . 30.48 3.41 -0.88
H26 POV E . 34.92 8.49 -2.42
H216 POV E . 27.48 8.30 5.41
H26A POV E . 35.63 7.34 -3.22
H21F POV E . 26.52 7.52 4.45
H36 POV E . 36.50 9.14 -5.79
H316 POV E . 28.77 4.20 1.03
H36A POV E . 35.80 9.03 -7.18
H31G POV E . 29.99 3.21 1.21
H31H POV E . 30.21 4.76 1.41
H27 POV E . 34.81 6.11 -1.69
H217 POV E . 27.96 5.94 6.22
H27A POV E . 36.16 6.46 -0.96
H21G POV E . 26.77 6.79 6.84
H37 POV E . 34.63 7.37 -5.33
H37A POV E . 34.65 8.86 -4.83
H28 POV E . 34.55 6.69 0.61
H218 POV E . 26.07 4.69 6.26
H28A POV E . 34.98 8.15 0.28
H21H POV E . 25.30 5.76 5.38
H21J POV E . 26.50 4.93 4.75
H38 POV E . 33.59 9.17 -7.17
H38A POV E . 33.08 7.74 -6.82
H39 POV E . 31.78 9.77 -6.32
H39A POV E . 32.57 9.76 -4.98
C11 ZEI F . 25.82 8.84 10.74
C12 ZEI F . 26.66 8.54 9.78
C13 ZEI F . 27.89 9.24 9.46
C18 ZEI F . 29.47 11.03 9.86
C19 ZEI F . 28.30 10.36 10.17
C20 ZEI F . 22.61 8.01 13.98
C1 ZEI F . 20.51 6.86 16.66
C14 ZEI F . 28.70 8.80 8.43
C15 ZEI F . 29.88 9.45 8.11
C16 ZEI F . 30.25 10.56 8.83
C3 ZEI F . 21.48 7.51 14.59
C4 ZEI F . 20.45 6.97 13.83
C5 ZEI F . 20.57 6.95 12.45
C6 ZEI F . 21.69 7.44 11.84
C7 ZEI F . 22.72 7.97 12.60
C9 ZEI F . 24.59 8.07 10.97
N8 ZEI F . 23.91 8.47 12.06
O10 ZEI F . 24.22 7.14 10.25
O2 ZEI F . 21.53 7.53 15.95
CL17 ZEI F . 31.71 11.41 8.41
H1 ZEI F . 25.95 9.57 11.37
H2 ZEI F . 26.47 7.78 9.20
H3 ZEI F . 29.73 11.80 10.38
H4 ZEI F . 27.75 10.71 10.89
H5 ZEI F . 23.32 8.37 14.55
H6 ZEI F . 20.49 5.91 16.45
H7 ZEI F . 19.64 7.26 16.50
H8 ZEI F . 20.72 6.94 17.60
H9 ZEI F . 28.45 8.01 7.93
H10 ZEI F . 30.44 9.13 7.39
H11 ZEI F . 19.64 6.60 14.23
H12 ZEI F . 19.85 6.58 11.93
H13 ZEI F . 21.77 7.39 10.87
H14 ZEI F . 24.26 9.13 12.52
N POV G . 26.04 6.55 24.89
P POV G . 25.07 9.24 27.88
C1 POV G . 26.03 11.64 27.44
C2 POV G . 26.59 12.38 28.62
C3 POV G . 25.56 12.95 29.53
C210 POV G . 29.70 20.73 28.84
C310 POV G . 32.68 18.14 33.32
C11 POV G . 25.34 8.99 25.24
O11 POV G . 24.89 10.81 27.75
C211 POV G . 30.70 21.39 29.72
C311 POV G . 33.68 18.86 34.24
C12 POV G . 26.44 8.00 24.98
O12 POV G . 24.57 8.73 26.45
C212 POV G . 30.25 21.75 31.13
C312 POV G . 33.81 20.36 34.01
C13 POV G . 24.72 6.37 24.23
O13 POV G . 26.49 8.89 28.10
C213 POV G . 31.38 22.36 31.95
C313 POV G . 35.10 20.95 34.59
C14 POV G . 27.07 5.84 24.08
O14 POV G . 24.04 8.78 28.83
C214 POV G . 31.44 23.88 31.89
C314 POV G . 36.27 21.07 33.60
C15 POV G . 26.00 5.95 26.24
C215 POV G . 32.83 24.51 32.09
C315 POV G . 36.53 19.85 32.75
C216 POV G . 33.72 23.86 33.14
C316 POV G . 37.74 20.04 31.90
C217 POV G . 35.02 24.60 33.43
C218 POV G . 34.84 26.00 33.98
C21 POV G . 28.58 13.37 27.77
O21 POV G . 27.30 13.54 28.10
C22 POV G . 29.18 14.64 27.28
O22 POV G . 29.16 12.33 27.85
C23 POV G . 30.67 14.72 27.58
C24 POV G . 30.97 15.00 29.03
C25 POV G . 32.18 15.91 29.26
C26 POV G . 31.95 17.04 30.24
C27 POV G . 30.82 17.99 29.88
C28 POV G . 30.89 18.56 28.49
C29 POV G . 29.81 19.56 28.26
C31 POV G . 26.57 12.80 31.77
O31 POV G . 25.68 12.37 30.84
C32 POV G . 27.36 14.02 31.39
O32 POV G . 26.74 12.24 32.82
C33 POV G . 28.22 14.57 32.54
C34 POV G . 27.40 15.20 33.64
C35 POV G . 28.09 16.38 34.34
C36 POV G . 27.87 17.75 33.71
C37 POV G . 29.05 18.32 32.94
C38 POV G . 30.23 18.75 33.82
C39 POV G . 31.36 17.73 33.95
H29 POV G . 29.13 19.30 27.61
H1 POV G . 25.75 12.29 26.76
H1A POV G . 26.72 11.07 27.08
H2 POV G . 27.17 11.81 29.16
H3 POV G . 25.56 13.93 29.44
H3A POV G . 24.69 12.67 29.20
H310 POV G . 32.50 18.70 32.53
H31A POV G . 33.12 17.33 32.97
H210 POV G . 28.87 21.25 28.67
H11 POV G . 25.77 9.86 25.35
H11A POV G . 24.77 9.07 24.46
H211 POV G . 31.48 20.81 29.80
H21A POV G . 31.04 22.20 29.29
H311 POV G . 33.42 18.71 35.17
H31B POV G . 34.55 18.44 34.13
H12 POV G . 27.14 8.04 25.65
H12A POV G . 26.80 8.22 24.11
H22 POV G . 29.03 14.67 26.32
H212 POV G . 29.50 22.36 31.08
H22A POV G . 28.72 15.37 27.71
H21B POV G . 29.92 20.94 31.58
H32 POV G . 27.92 13.78 30.63
H312 POV G . 33.77 20.55 33.05
H32A POV G . 26.74 14.73 31.15
H31C POV G . 33.04 20.81 34.42
H13 POV G . 24.71 6.95 23.44
H13A POV G . 24.63 5.44 23.95
H13B POV G . 24.01 6.61 24.85
H23 POV G . 31.07 13.87 27.34
H213 POV G . 31.31 22.06 32.88
H23A POV G . 31.08 15.38 27.00
H21C POV G . 32.23 22.00 31.62
H33 POV G . 28.76 13.84 32.92
H313 POV G . 34.91 21.85 34.95
H33A POV G . 28.85 15.22 32.19
H31D POV G . 35.39 20.41 35.35
H14 POV G . 26.77 5.84 23.16
H14A POV G . 27.93 6.29 24.19
H14B POV G . 27.15 4.93 24.43
H24 POV G . 30.17 15.35 29.46
H214 POV G . 31.08 24.17 31.03
H24A POV G . 31.14 14.14 29.46
H21D POV G . 30.83 24.25 32.58
H34 POV G . 26.53 15.49 33.30
H314 POV G . 36.14 21.85 33.03
H34A POV G . 27.21 14.52 34.31
H31E POV G . 37.09 21.26 34.11
H15 POV G . 26.91 5.83 26.54
H15A POV G . 25.56 6.58 26.85
H15B POV G . 25.50 5.12 26.20
H25 POV G . 32.89 15.35 29.63
H215 POV G . 33.30 24.53 31.23
H25A POV G . 32.53 16.27 28.43
H21E POV G . 32.70 25.44 32.34
H35 POV G . 27.79 16.43 35.27
H315 POV G . 36.67 19.08 33.33
H35A POV G . 29.05 16.21 34.38
H31F POV G . 35.76 19.66 32.18
H26 POV G . 31.77 16.65 31.12
H216 POV G . 33.21 23.76 33.98
H26A POV G . 32.78 17.55 30.32
H21F POV G . 33.95 22.97 32.85
H36 POV G . 27.10 17.70 33.11
H316 POV G . 37.55 19.69 30.99
H36A POV G . 27.62 18.39 34.41
H31G POV G . 37.98 20.98 31.82
H31H POV G . 38.50 19.55 32.25
H27 POV G . 29.96 17.55 29.99
H217 POV G . 35.56 24.09 34.05
H27A POV G . 30.83 18.72 30.53
H21G POV G . 35.54 24.68 32.60
H37 POV G . 29.35 17.66 32.29
H37A POV G . 28.74 19.09 32.44
H28 POV G . 31.77 18.96 28.34
H218 POV G . 34.60 26.63 33.28
H28A POV G . 30.78 17.84 27.84
H21H POV G . 34.12 26.01 34.64
H21J POV G . 35.67 26.30 34.41
H38 POV G . 30.59 19.59 33.47
H38A POV G . 29.89 18.97 34.72
H39 POV G . 31.09 16.89 33.54
H39A POV G . 31.49 17.52 34.90
N POV H . 14.57 -9.00 5.54
P POV H . 17.99 -6.42 4.31
C1 POV H . 19.68 -6.51 6.32
C2 POV H . 21.13 -6.16 6.50
C3 POV H . 21.34 -5.22 7.64
C210 POV H . 27.78 -0.75 0.64
C310 POV H . 30.87 -4.27 3.57
C11 POV H . 15.43 -6.65 4.85
O11 POV H . 19.14 -5.77 5.21
C211 POV H . 28.88 -0.28 1.50
C311 POV H . 32.19 -4.07 2.84
C12 POV H . 15.00 -7.60 5.95
O12 POV H . 16.71 -6.07 5.18
C212 POV H . 30.01 0.37 0.74
C312 POV H . 32.29 -2.82 1.97
C13 POV H . 13.95 -9.68 6.70
O13 POV H . 18.18 -7.89 4.33
C213 POV H . 30.69 -0.57 -0.21
C313 POV H . 32.63 -1.54 2.75
C14 POV H . 13.57 -8.97 4.42
O14 POV H . 17.91 -5.71 3.01
C214 POV H . 30.51 -0.28 -1.68
C314 POV H . 33.76 -0.70 2.17
C15 POV H . 15.76 -9.80 5.11
C215 POV H . 30.31 -1.50 -2.53
C315 POV H . 35.06 -1.40 1.85
C216 POV H . 31.38 -2.57 -2.40
C316 POV H . 35.41 -2.49 2.83
C217 POV H . 32.76 -2.15 -2.86
C218 POV H . 33.69 -1.67 -1.80
C21 POV H . 21.95 -6.33 4.24
O21 POV H . 21.58 -5.53 5.26
C22 POV H . 22.30 -5.53 3.02
O22 POV H . 21.96 -7.53 4.30
C23 POV H . 23.02 -6.31 1.93
C24 POV H . 24.54 -6.17 1.96
C25 POV H . 25.05 -4.87 1.36
C26 POV H . 26.51 -4.58 1.67
C27 POV H . 27.45 -4.49 0.48
C28 POV H . 28.31 -3.22 0.46
C29 POV H . 27.49 -2.00 0.32
C31 POV H . 23.66 -5.22 8.27
O31 POV H . 22.67 -4.66 7.57
C32 POV H . 24.96 -4.51 8.08
O32 POV H . 23.51 -6.18 8.99
C33 POV H . 25.04 -3.60 6.87
C34 POV H . 26.36 -2.83 6.80
C35 POV H . 27.54 -3.67 6.38
C36 POV H . 27.71 -3.76 4.89
C37 POV H . 28.33 -2.52 4.26
C38 POV H . 29.76 -2.22 4.70
C39 POV H . 30.70 -3.41 4.83
H29 POV H . 26.60 -2.18 -0.03
H1 POV H . 19.56 -7.47 6.16
H1A POV H . 19.19 -6.27 7.14
H2 POV H . 21.66 -6.97 6.69
H3 POV H . 20.66 -4.52 7.60
H3A POV H . 21.22 -5.70 8.49
H310 POV H . 30.14 -4.09 2.95
H31A POV H . 30.78 -5.20 3.83
H210 POV H . 27.24 -0.05 0.25
H11 POV H . 15.54 -7.12 4.00
H11A POV H . 14.75 -5.96 4.69
H211 POV H . 28.49 0.37 2.12
H21A POV H . 29.24 -1.00 2.05
H311 POV H . 32.92 -4.06 3.49
H31B POV H . 32.34 -4.86 2.27
H12 POV H . 14.24 -7.22 6.44
H12A POV H . 15.74 -7.72 6.58
H22 POV H . 21.46 -5.17 2.68
H212 POV H . 29.67 1.16 0.27
H22A POV H . 22.88 -4.78 3.32
H21B POV H . 30.67 0.69 1.38
H32 POV H . 25.15 -3.99 8.88
H312 POV H . 32.92 -2.97 1.25
H32A POV H . 25.65 -5.21 7.99
H31C POV H . 31.42 -2.69 1.54
H13 POV H . 13.09 -9.26 6.89
H13A POV H . 13.82 -10.63 6.47
H13B POV H . 14.54 -9.63 7.48
H23 POV H . 22.80 -7.26 1.99
H213 POV H . 31.65 -0.58 -0.02
H23A POV H . 22.70 -6.01 1.06
H21C POV H . 30.36 -1.48 -0.04
H33 POV H . 24.94 -4.13 6.06
H313 POV H . 31.85 -0.96 2.76
H33A POV H . 24.31 -2.97 6.88
H31D POV H . 32.84 -1.75 3.68
H14 POV H . 14.03 -9.13 3.57
H14A POV H . 12.91 -9.69 4.55
H14B POV H . 13.11 -8.11 4.40
H24 POV H . 24.85 -6.24 2.88
H214 POV H . 29.73 0.29 -1.78
H24A POV H . 24.94 -6.90 1.45
H21D POV H . 31.28 0.23 -2.00
H34 POV H . 26.27 -2.08 6.18
H314 POV H . 33.44 -0.25 1.36
H34A POV H . 26.55 -2.43 7.67
H31E POV H . 33.94 0.02 2.81
H15 POV H . 15.49 -10.61 4.63
H15A POV H . 16.30 -9.25 4.50
H15B POV H . 16.29 -10.02 5.89
H25 POV H . 24.90 -4.88 0.39
H215 POV H . 29.44 -1.86 -2.30
H25A POV H . 24.51 -4.14 1.71
H21E POV H . 30.25 -1.24 -3.47
H35 POV H . 28.35 -3.30 6.78
H315 POV H . 35.02 -1.78 0.95
H35A POV H . 27.45 -4.57 6.74
H31F POV H . 35.79 -0.74 1.85
H26 POV H . 26.57 -3.77 2.20
H216 POV H . 31.43 -2.89 -1.47
H26A POV H . 26.85 -5.30 2.26
H21F POV H . 31.12 -3.35 -2.91
H36 POV H . 28.23 -4.55 4.65
H316 POV H . 35.18 -2.24 3.75
H36A POV H . 26.82 -3.90 4.49
H31G POV H . 34.93 -3.33 2.63
H31H POV H . 36.37 -2.70 2.81
H27 POV H . 28.03 -5.28 0.49
H217 POV H . 33.17 -2.90 -3.32
H27A POV H . 26.96 -4.54 -0.36
H21G POV H . 32.67 -1.43 -3.51
H37 POV H . 28.29 -2.62 3.30
H37A POV H . 27.78 -1.74 4.48
H28 POV H . 28.90 -3.19 1.24
H218 POV H . 33.84 -0.71 -1.90
H28A POV H . 28.91 -3.26 -0.31
H21H POV H . 33.34 -1.83 -0.89
H21J POV H . 34.55 -2.14 -1.87
H38 POV H . 30.14 -1.58 4.07
H38A POV H . 29.73 -1.75 5.56
H39 POV H . 30.38 -3.98 5.56
H39A POV H . 31.57 -3.07 5.11
C310 POV I . 44.00 19.58 22.35
C311 POV I . 44.02 18.88 21.02
C312 POV I . 42.73 18.19 20.68
C313 POV I . 41.62 19.12 20.23
C314 POV I . 40.29 18.95 20.95
C315 POV I . 39.07 19.20 20.11
C316 POV I . 38.84 20.63 19.76
C34 POV I . 47.69 21.45 26.37
C35 POV I . 46.43 22.14 25.90
C36 POV I . 45.60 21.31 24.94
C37 POV I . 45.31 19.93 25.45
C38 POV I . 44.07 19.26 24.85
C39 POV I . 44.28 18.65 23.48
H310 POV I . 44.65 20.30 22.34
H31A POV I . 43.13 19.98 22.46
H311 POV I . 44.23 19.51 20.31
H31B POV I . 44.73 18.21 21.03
H312 POV I . 42.95 17.57 19.95
H31C POV I . 42.47 17.65 21.44
H313 POV I . 41.90 20.04 20.40
H31D POV I . 41.46 19.04 19.28
H34 POV I . 48.01 20.83 25.69
H314 POV I . 40.24 18.06 21.33
H34A POV I . 47.49 20.91 27.17
H31E POV I . 40.28 19.59 21.68
H35 POV I . 45.89 22.35 26.69
H315 POV I . 39.11 18.65 19.31
H35A POV I . 46.67 22.98 25.49
H31F POV I . 38.29 18.88 20.61
H36 POV I . 44.76 21.78 24.74
H316 POV I . 38.10 20.72 19.13
H36A POV I . 46.08 21.24 24.09
H31G POV I . 38.61 21.15 20.54
H31H POV I . 39.63 21.03 19.35
H37 POV I . 46.09 19.38 25.26
H37A POV I . 45.24 19.95 26.42
H38 POV I . 43.77 18.56 25.48
H38A POV I . 43.35 19.90 24.81
H39 POV I . 43.72 17.86 23.38
H39A POV I . 45.21 18.35 23.40
N POV J . 35.06 36.39 9.41
P POV J . 31.44 33.90 11.87
C1 POV J . 31.37 33.22 14.43
C2 POV J . 30.68 32.09 15.15
C3 POV J . 31.43 30.81 15.01
C210 POV J . 24.81 29.45 14.19
C310 POV J . 21.75 25.11 16.62
C11 POV J . 33.42 34.67 10.37
O11 POV J . 31.52 32.84 13.06
C211 POV J . 23.46 29.11 14.73
C311 POV J . 22.25 24.44 15.38
C12 POV J . 34.78 35.34 10.45
O12 POV J . 33.01 34.12 11.63
C212 POV J . 23.00 27.72 14.43
C312 POV J . 21.28 23.50 14.79
C13 POV J . 36.54 36.57 9.27
O13 POV J . 30.84 33.23 10.69
C213 POV J . 21.62 27.59 13.84
C313 POV J . 21.28 22.16 15.49
C14 POV J . 34.49 36.02 8.07
O14 POV J . 30.88 35.19 12.34
C214 POV J . 21.64 27.30 12.36
C314 POV J . 20.72 21.06 14.65
C15 POV J . 34.46 37.70 9.84
C215 POV J . 21.79 25.82 12.05
C315 POV J . 19.23 21.11 14.54
C216 POV J . 21.84 25.49 10.58
C316 POV J . 18.52 20.65 15.70
C217 POV J . 20.82 26.19 9.74
C218 POV J . 19.40 26.04 10.18
C21 POV J . 28.36 32.80 14.63
O21 POV J . 29.38 31.90 14.52
C22 POV J . 28.41 33.65 15.89
O22 POV J . 27.50 32.88 13.81
C23 POV J . 27.42 34.81 15.91
C24 POV J . 26.50 34.89 17.11
C25 POV J . 25.74 33.63 17.45
C26 POV J . 24.97 33.01 16.29
C27 POV J . 24.60 31.59 16.55
C28 POV J . 25.73 30.61 16.21
C29 POV J . 25.74 30.14 14.80
C31 POV J . 30.86 28.54 15.42
O31 POV J . 30.69 29.82 15.75
C32 POV J . 29.99 27.66 16.26
O32 POV J . 31.58 28.16 14.55
C33 POV J . 28.60 28.24 16.42
C34 POV J . 27.52 27.20 16.32
C35 POV J . 27.43 26.31 17.53
C36 POV J . 26.27 26.63 18.44
C37 POV J . 25.10 25.66 18.38
C38 POV J . 24.00 25.99 17.45
C39 POV J . 22.79 25.15 17.73
H29 POV J . 26.54 30.37 14.30
H1 POV J . 30.86 34.05 14.46
H1A POV J . 32.26 33.39 14.81
H2 POV J . 30.65 32.23 16.12
H3 POV J . 31.49 30.58 14.06
H3A POV J . 32.31 30.90 15.41
H310 POV J . 21.43 26.01 16.43
H31A POV J . 20.98 24.60 16.94
H210 POV J . 24.99 29.12 13.29
H11 POV J . 32.75 35.35 10.13
H11A POV J . 33.40 34.00 9.66
H211 POV J . 23.49 29.18 15.70
H21A POV J . 22.80 29.76 14.43
H311 POV J . 22.48 25.09 14.70
H31B POV J . 23.08 23.98 15.60
H12 POV J . 35.49 34.67 10.35
H12A POV J . 34.89 35.76 11.33
H22 POV J . 28.28 33.04 16.65
H212 POV J . 23.65 27.27 13.85
H22A POV J . 29.27 34.11 16.02
H21B POV J . 23.02 27.24 15.27
H32 POV J . 29.95 26.77 15.84
H312 POV J . 20.40 23.90 14.82
H32A POV J . 30.41 27.57 17.13
H31C POV J . 21.51 23.39 13.85
H13 POV J . 36.90 35.78 8.82
H13A POV J . 36.71 37.37 8.72
H13B POV J . 36.95 36.68 10.15
H23 POV J . 27.93 35.63 15.89
H213 POV J . 21.15 26.86 14.27
H23A POV J . 26.88 34.80 15.09
H21C POV J . 21.09 28.38 14.03
H33 POV J . 28.55 28.67 17.29
H313 POV J . 22.17 21.92 15.76
H33A POV J . 28.45 28.93 15.74
H31D POV J . 20.74 22.25 16.30
H14 POV J . 33.53 36.20 8.06
H14A POV J . 34.94 36.55 7.38
H14B POV J . 34.65 35.06 7.92
H24 POV J . 27.01 35.17 17.90
H214 POV J . 20.83 27.67 11.98
H24A POV J . 25.84 35.60 16.95
H21D POV J . 22.39 27.79 11.94
H34 POV J . 26.67 27.63 16.14
H314 POV J . 21.01 20.20 15.04
H34A POV J . 27.70 26.65 15.53
H31E POV J . 21.12 21.10 13.76
H15 POV J . 35.14 38.25 10.30
H15A POV J . 34.17 38.20 9.04
H15B POV J . 33.68 37.51 10.41
H25 POV J . 25.09 33.84 18.16
H215 POV J . 22.59 25.48 12.45
H25A POV J . 26.35 32.98 17.83
H21E POV J . 21.03 25.34 12.46
H35 POV J . 27.40 25.38 17.27
H315 POV J . 18.95 22.03 14.37
H35A POV J . 28.25 26.41 18.06
H31F POV J . 18.92 20.59 13.77
H26 POV J . 24.16 33.53 16.11
H216 POV J . 21.71 24.53 10.46
H26A POV J . 25.49 33.00 15.46
H21F POV J . 22.73 25.70 10.24
H36 POV J . 26.61 26.62 19.35
H316 POV J . 17.62 20.39 15.48
H36A POV J . 25.94 27.53 18.26
H31G POV J . 18.99 19.87 16.07
H31H POV J . 18.49 21.36 16.38
H27 POV J . 24.36 31.50 17.50
H217 POV J . 21.02 27.14 9.73
H27A POV J . 23.80 31.42 16.03
H21G POV J . 20.92 25.87 8.83
H37 POV J . 25.43 24.76 18.17
H37A POV J . 24.69 25.61 19.26
H28 POV J . 26.59 31.01 16.43
H218 POV J . 18.88 26.79 9.85
H28A POV J . 25.66 29.81 16.77
H21H POV J . 19.01 25.23 9.80
H21J POV J . 19.28 26.01 11.15
H38 POV J . 23.78 26.93 17.53
H38A POV J . 24.31 25.84 16.54
H39 POV J . 22.36 25.48 18.55
H39A POV J . 23.09 24.24 17.91
N POV K . 39.37 32.57 13.51
P POV K . 38.18 36.32 15.91
C1 POV K . 36.79 35.74 18.08
C2 POV K . 37.93 35.52 19.03
C3 POV K . 38.30 34.08 19.10
C210 POV K . 32.73 31.82 24.49
C310 POV K . 35.15 27.15 27.58
C11 POV K . 40.01 34.74 14.81
O11 POV K . 37.19 35.39 16.74
C211 POV K . 31.47 31.00 24.36
C311 POV K . 35.03 28.65 27.76
C12 POV K . 38.93 33.84 14.23
O12 POV K . 39.50 35.41 15.98
C212 POV K . 30.87 30.57 25.69
C312 POV K . 34.27 29.06 29.01
C13 POV K . 40.13 32.90 12.26
O13 POV K . 37.70 36.43 14.50
C213 POV K . 30.97 29.08 25.98
C313 POV K . 32.87 28.47 29.13
C14 POV K . 40.25 31.71 14.38
O14 POV K . 38.42 37.55 16.69
C214 POV K . 29.93 28.58 26.98
C314 POV K . 32.70 27.50 30.29
C15 POV K . 38.15 31.79 13.13
C215 POV K . 29.53 27.13 26.83
C315 POV K . 31.27 27.46 30.86
C216 POV K . 28.81 26.78 25.53
C316 POV K . 30.29 26.66 30.05
C217 POV K . 27.59 27.64 25.27
C218 POV K . 27.90 28.75 24.32
C21 POV K . 38.32 36.76 21.08
O21 POV K . 37.51 35.96 20.35
C22 POV K . 37.73 37.09 22.41
O22 POV K . 39.40 37.14 20.69
C23 POV K . 38.49 36.46 23.56
C24 POV K . 37.74 36.47 24.90
C25 POV K . 36.42 35.70 24.91
C26 POV K . 36.51 34.24 24.54
C27 POV K . 35.16 33.56 24.52
C28 POV K . 35.06 32.31 25.41
C29 POV K . 33.74 31.58 25.30
C31 POV K . 38.05 32.25 20.60
O31 POV K . 37.75 33.52 20.33
C32 POV K . 37.42 31.82 21.88
O32 POV K . 38.76 31.58 19.90
C33 POV K . 37.29 30.31 22.05
C34 POV K . 35.86 29.84 21.95
C35 POV K . 35.69 28.37 22.28
C36 POV K . 34.35 28.08 22.87
C37 POV K . 34.34 28.16 24.38
C38 POV K . 34.97 26.96 25.05
C39 POV K . 34.38 26.62 26.40
H29 POV K . 33.64 30.83 25.93
H1 POV K . 36.50 36.68 18.08
H1A POV K . 36.04 35.18 18.36
H2 POV K . 38.73 35.99 18.70
H3 POV K . 37.94 33.60 18.34
H3A POV K . 39.27 33.98 19.14
H310 POV K . 36.10 26.91 27.45
H31A POV K . 34.86 26.68 28.39
H210 POV K . 32.75 32.61 23.92
H11 POV K . 40.79 34.24 15.10
H11A POV K . 40.33 35.37 14.14
H211 POV K . 30.83 31.55 23.89
H21A POV K . 31.61 30.23 23.79
H311 POV K . 35.91 29.06 27.79
H31B POV K . 34.57 29.02 26.99
H12 POV K . 38.41 34.36 13.58
H12A POV K . 38.33 33.56 14.95
H22 POV K . 37.74 38.07 22.51
H212 POV K . 31.29 31.05 26.44
H22A POV K . 36.79 36.79 22.39
H21B POV K . 29.92 30.85 25.71
H32 POV K . 37.95 32.19 22.62
H312 POV K . 34.80 28.84 29.80
H32A POV K . 36.53 32.23 21.90
H31C POV K . 34.17 30.04 29.00
H13 POV K . 40.45 32.07 11.87
H13A POV K . 39.51 33.35 11.65
H13B POV K . 40.89 33.49 12.46
H23 POV K . 38.73 35.53 23.33
H213 POV K . 30.86 28.58 25.14
H23A POV K . 39.34 36.92 23.66
H21C POV K . 31.85 28.87 26.30
H33 POV K . 37.82 29.85 21.36
H313 POV K . 32.23 29.20 29.21
H33A POV K . 37.66 30.06 22.92
H31D POV K . 32.65 27.99 28.30
H14 POV K . 41.16 32.04 14.33
H14A POV K . 39.92 31.77 15.30
H14B POV K . 40.21 30.79 14.05
H24 POV K . 38.33 36.11 25.59
H214 POV K . 29.13 29.14 26.95
H24A POV K . 37.57 37.39 25.16
H21D POV K . 30.29 28.70 27.89
H34 POV K . 35.56 30.00 21.04
H314 POV K . 33.31 27.72 31.03
H34A POV K . 35.30 30.37 22.54
H31E POV K . 32.94 26.59 29.99
H15 POV K . 38.33 31.21 12.35
H15A POV K . 37.92 31.18 13.86
H15B POV K . 37.41 32.40 12.96
H25 POV K . 36.05 35.75 25.82
H215 POV K . 30.32 26.57 26.91
H25A POV K . 35.77 36.14 24.32
H21E POV K . 28.94 26.88 27.56
H35 POV K . 35.82 27.83 21.48
H315 POV K . 31.29 27.12 31.78
H35A POV K . 36.37 28.11 22.91
H31F POV K . 30.94 28.37 30.93
H26 POV K . 36.90 34.15 23.65
H216 POV K . 28.53 25.84 25.56
H26A POV K . 37.11 33.78 25.16
H21F POV K . 29.43 26.86 24.78
H36 POV K . 33.69 28.72 22.53
H316 POV K . 30.74 26.17 29.33
H36A POV K . 34.06 27.20 22.59
H31G POV K . 29.80 26.01 30.60
H31H POV K . 29.63 27.27 29.65
H27 POV K . 34.48 34.20 24.79
H217 POV K . 27.27 28.03 26.10
H27A POV K . 34.95 33.32 23.60
H21G POV K . 26.87 27.09 24.90
H37 POV K . 34.85 28.95 24.63
H37A POV K . 33.42 28.29 24.68
H28 POV K . 35.25 32.55 26.35
H218 POV K . 27.12 29.34 24.23
H28A POV K . 35.76 31.68 25.16
H21H POV K . 28.14 28.40 23.44
H21J POV K . 28.64 29.30 24.63
H38 POV K . 34.90 26.18 24.47
H38A POV K . 35.92 27.13 25.15
H39 POV K . 34.33 25.65 26.50
H39A POV K . 33.46 26.95 26.47
N POV L . 7.12 13.38 25.07
P POV L . 7.14 13.36 20.34
C1 POV L . 6.74 15.84 21.18
C2 POV L . 7.44 17.14 20.97
C3 POV L . 8.24 17.12 19.71
C210 POV L . 14.07 19.50 22.99
C310 POV L . 19.37 18.08 18.26
C11 POV L . 6.63 12.35 22.73
O11 POV L . 7.66 14.76 20.94
C211 POV L . 14.18 19.87 21.54
C311 POV L . 19.07 19.48 18.78
C12 POV L . 6.80 13.58 23.60
O12 POV L . 7.51 12.44 21.59
C212 POV L . 15.60 19.81 20.97
C312 POV L . 20.13 20.51 18.54
C13 POV L . 8.31 12.49 25.26
O13 POV L . 5.67 13.38 20.15
C213 POV L . 16.49 21.02 21.25
C313 POV L . 21.07 20.69 19.71
C14 POV L . 7.41 14.72 25.65
O14 POV L . 8.02 13.02 19.20
C214 POV L . 16.42 21.52 22.69
C314 POV L . 22.03 21.86 19.56
C15 POV L . 5.94 12.79 25.78
C215 POV L . 17.55 22.42 23.14
C315 POV L . 21.59 23.19 20.09
C216 POV L . 18.79 21.64 23.58
C316 POV L . 21.15 23.23 21.50
C217 POV L . 18.87 21.12 25.00
C218 POV L . 17.61 20.84 25.75
C21 POV L . 8.64 18.68 22.37
O21 POV L . 8.32 17.41 22.11
C22 POV L . 9.58 18.78 23.53
O22 POV L . 8.24 19.62 21.74
C23 POV L . 8.97 18.42 24.87
C24 POV L . 9.69 19.00 26.09
C25 POV L . 11.06 18.42 26.43
C26 POV L . 12.14 18.83 25.45
C27 POV L . 13.56 18.80 25.98
C28 POV L . 14.58 18.09 25.08
C29 POV L . 14.60 18.45 23.60
C31 POV L . 10.60 17.16 20.14
O31 POV L . 9.50 16.43 19.90
C32 POV L . 11.81 16.28 20.26
O32 POV L . 10.61 18.35 20.25
C33 POV L . 12.91 16.70 19.31
C34 POV L . 14.30 16.70 19.93
C35 POV L . 14.88 15.33 20.18
C36 POV L . 16.39 15.30 20.21
C37 POV L . 16.95 15.11 18.82
C38 POV L . 18.30 15.73 18.46
C39 POV L . 18.64 17.06 19.10
H29 POV L . 15.08 17.81 23.04
H1 POV L . 5.99 15.73 20.56
H1A POV L . 6.41 15.81 22.10
H2 POV L . 6.77 17.85 20.88
H3 POV L . 7.72 16.65 19.03
H3A POV L . 8.40 18.03 19.40
H310 POV L . 19.10 17.99 17.33
H31A POV L . 20.34 17.93 18.30
H210 POV L . 13.55 20.13 23.52
H11 POV L . 6.85 11.53 23.22
H11A POV L . 5.70 12.26 22.46
H211 POV L . 13.59 19.28 21.02
H21A POV L . 13.81 20.76 21.39
H311 POV L . 18.24 19.79 18.38
H31B POV L . 18.90 19.46 19.74
H12 POV L . 5.98 14.11 23.58
H12A POV L . 7.54 14.14 23.27
H22 POV L . 10.32 18.17 23.31
H212 POV L . 16.06 19.02 21.29
H22A POV L . 9.95 19.69 23.57
H21B POV L . 15.53 19.71 20.00
H32 POV L . 12.11 16.31 21.18
H312 POV L . 20.65 20.23 17.75
H32A POV L . 11.52 15.38 20.03
H31C POV L . 19.71 21.36 18.32
H13 POV L . 8.80 12.77 26.06
H13A POV L . 8.00 11.57 25.34
H13B POV L . 8.89 12.56 24.46
H23 POV L . 8.06 18.76 24.89
H213 POV L . 17.41 20.79 21.03
H23A POV L . 8.89 17.44 24.94
H21C POV L . 16.22 21.74 20.64
H33 POV L . 12.93 16.09 18.55
H313 POV L . 20.53 20.79 20.51
H33A POV L . 12.71 17.58 18.96
H31D POV L . 21.58 19.87 19.81
H14 POV L . 6.79 15.38 25.28
H14A POV L . 7.33 14.68 26.62
H14B POV L . 8.34 14.96 25.42
H24 POV L . 9.79 19.96 25.95
H214 POV L . 16.43 20.75 23.28
H24A POV L . 9.12 18.90 26.87
H21D POV L . 15.57 21.99 22.83
H34 POV L . 14.26 17.15 20.80
H314 POV L . 22.22 21.99 18.61
H34A POV L . 14.89 17.22 19.37
H31E POV L . 22.89 21.65 19.98
H15 POV L . 6.19 12.54 26.70
H15A POV L . 5.25 13.48 25.84
H15B POV L . 5.60 12.02 25.28
H25 POV L . 11.31 18.73 27.32
H215 POV L . 17.80 23.01 22.40
H25A POV L . 10.99 17.45 26.46
H21E POV L . 17.26 22.99 23.87
H35 POV L . 14.57 15.03 21.04
H315 POV L . 22.36 23.78 20.04
H35A POV L . 14.53 14.71 19.51
H31F POV L . 20.89 23.55 19.51
H26 POV L . 12.10 18.26 24.67
H216 POV L . 19.54 22.26 23.49
H26A POV L . 11.96 19.75 25.14
H21F POV L . 18.94 20.91 22.96
H36 POV L . 16.71 16.07 20.70
H316 POV L . 21.42 22.42 21.96
H36A POV L . 16.68 14.53 20.73
H31G POV L . 21.55 23.99 21.98
H31H POV L . 20.17 23.32 21.56
H27 POV L . 13.87 19.72 26.13
H217 POV L . 19.37 21.78 25.52
H27A POV L . 13.57 18.37 26.85
H21G POV L . 19.38 20.29 25.01
H37 POV L . 17.09 14.15 18.73
H37A POV L . 16.24 15.30 18.20
H28 POV L . 14.48 17.13 25.21
H218 POV L . 17.09 20.12 25.34
H28A POV L . 15.46 18.30 25.44
H21H POV L . 17.05 21.64 25.79
H21J POV L . 17.83 20.57 26.67
H38 POV L . 18.94 15.11 18.81
H38A POV L . 18.44 15.76 17.49
H39 POV L . 19.30 16.79 19.75
H39A POV L . 17.88 17.49 19.54
N POV M . 35.07 39.43 15.27
P POV M . 31.19 41.57 15.26
C1 POV M . 29.83 39.42 15.98
C2 POV M . 29.35 38.24 15.18
C3 POV M . 30.42 37.17 15.02
C210 POV M . 20.69 32.05 11.92
C310 POV M . 27.87 31.47 21.22
C11 POV M . 33.49 41.05 16.50
O11 POV M . 31.02 39.98 15.37
C211 POV M . 20.70 31.23 13.14
C311 POV M . 27.41 30.52 20.14
C12 POV M . 34.88 40.74 16.04
O12 POV M . 32.78 41.70 15.42
C212 POV M . 19.36 31.28 13.83
C312 POV M . 26.85 29.24 20.69
C13 POV M . 34.02 39.31 14.21
O13 POV M . 30.51 42.25 16.39
C213 POV M . 18.53 30.03 13.71
C313 POV M . 25.37 29.09 20.46
C14 POV M . 36.42 39.44 14.62
O14 POV M . 30.86 41.96 13.88
C214 POV M . 18.19 29.65 12.29
C314 POV M . 24.51 30.02 21.28
C15 POV M . 34.98 38.25 16.20
C215 POV M . 17.63 28.24 12.18
C315 POV M . 24.61 29.85 22.78
C216 POV M . 16.46 27.97 13.10
C316 POV M . 24.51 28.42 23.26
C217 POV M . 15.50 26.88 12.64
C218 POV M . 14.23 27.39 12.07
C21 POV M . 27.93 38.35 13.13
O21 POV M . 28.98 38.80 13.87
C22 POV M . 27.47 36.96 13.49
O22 POV M . 27.39 39.02 12.29
C23 POV M . 26.51 36.33 12.48
C24 POV M . 25.04 36.55 12.83
C25 POV M . 24.52 35.65 13.95
C26 POV M . 23.00 35.56 13.98
C27 POV M . 22.47 34.20 13.54
C28 POV M . 21.03 34.19 13.09
C29 POV M . 20.85 33.34 11.88
C31 POV M . 31.00 36.61 17.25
O31 POV M . 31.35 37.22 16.12
C32 POV M . 32.06 36.74 18.30
O32 POV M . 29.93 36.05 17.41
C33 POV M . 33.09 35.62 18.24
C34 POV M . 33.32 34.91 19.56
C35 POV M . 32.11 34.15 20.10
C36 POV M . 31.63 33.02 19.21
C37 POV M . 30.46 32.27 19.81
C38 POV M . 29.13 32.92 19.54
C39 POV M . 28.17 32.87 20.71
H29 POV M . 20.85 33.79 11.02
H1 POV M . 30.05 39.19 16.91
H1A POV M . 29.12 40.10 16.01
H2 POV M . 28.61 37.86 15.69
H3 POV M . 30.00 36.28 14.97
H3A POV M . 30.91 37.33 14.19
H310 POV M . 27.17 31.53 21.89
H31A POV M . 28.66 31.10 21.65
H210 POV M . 20.54 31.57 11.07
H11 POV M . 33.03 40.21 16.73
H11A POV M . 33.50 41.59 17.32
H211 POV M . 20.89 30.31 12.86
H21A POV M . 21.41 31.49 13.77
H311 POV M . 26.74 30.95 19.58
H31B POV M . 28.17 30.30 19.56
H12 POV M . 35.51 40.71 16.79
H12A POV M . 35.18 41.44 15.43
H22 POV M . 28.24 36.36 13.56
H212 POV M . 19.50 31.49 14.78
H22A POV M . 27.00 37.02 14.33
H21B POV M . 18.85 32.03 13.46
H32 POV M . 32.50 37.59 18.16
H312 POV M . 27.34 28.49 20.30
H32A POV M . 31.62 36.76 19.17
H31C POV M . 27.04 29.22 21.64
H13 POV M . 33.15 39.07 14.61
H13A POV M . 33.94 40.17 13.77
H13B POV M . 34.28 38.63 13.55
H23 POV M . 26.68 36.70 11.59
H213 POV M . 18.99 29.29 14.15
H23A POV M . 26.69 35.37 12.42
H21C POV M . 17.71 30.20 14.21
H33 POV M . 32.84 34.97 17.55
H313 POV M . 25.18 29.28 19.52
H33A POV M . 33.94 36.01 17.94
H31D POV M . 25.10 28.16 20.62
H14 POV M . 37.11 39.48 15.32
H14A POV M . 36.53 38.61 14.09
H14B POV M . 36.48 40.22 14.02
H24 POV M . 24.92 37.48 13.11
H214 POV M . 18.96 29.72 11.70
H24A POV M . 24.50 36.41 12.03
H21D POV M . 17.53 30.29 11.95
H34 POV M . 33.60 35.56 20.23
H314 POV M . 23.58 29.92 20.99
H34A POV M . 34.07 34.28 19.45
H31E POV M . 24.77 30.94 21.06
H15 POV M . 35.39 38.46 17.06
H15A POV M . 34.05 38.02 16.37
H15B POV M . 35.43 37.48 15.78
H25 POV M . 24.88 34.75 13.84
H215 POV M . 17.39 28.03 11.26
H25A POV M . 24.84 35.98 14.80
H21E POV M . 18.34 27.62 12.42
H35 POV M . 32.33 33.78 20.97
H315 POV M . 23.91 30.38 23.22
H35A POV M . 31.37 34.77 20.24
H31F POV M . 25.46 30.24 23.07
H26 POV M . 22.69 35.74 14.89
H216 POV M . 15.98 28.81 13.24
H26A POV M . 22.64 36.26 13.40
H21F POV M . 16.82 27.73 13.97
H36 POV M . 31.35 33.38 18.34
H316 POV M . 23.76 27.98 22.82
H36A POV M . 32.36 32.39 19.05
H31G POV M . 25.32 27.92 23.05
H31H POV M . 24.36 28.37 24.23
H27 POV M . 22.57 33.58 14.29
H217 POV M . 15.28 26.27 13.37
H27A POV M . 23.03 33.85 12.81
H21G POV M . 15.94 26.33 11.94
H37 POV M . 30.45 31.37 19.42
H37A POV M . 30.61 32.17 20.76
H28 POV M . 20.45 33.92 13.83
H218 POV M . 14.35 27.68 11.14
H28A POV M . 20.75 35.09 12.86
H21H POV M . 13.88 28.15 12.59
H21J POV M . 13.54 26.70 12.08
H38 POV M . 29.28 33.85 19.29
H38A POV M . 28.71 32.49 18.78
H39 POV M . 27.33 33.29 20.43
H39A POV M . 28.54 33.40 21.44
C13 DU0 N . 39.66 5.43 14.43
C15 DU0 N . 40.80 6.85 11.02
C17 DU0 N . 47.32 8.66 10.37
C20 DU0 N . 50.09 9.25 9.81
C21 DU0 N . 51.54 9.37 9.38
C22 DU0 N . 51.88 10.78 8.98
C24 DU0 N . 53.95 12.04 8.74
C26 DU0 N . 55.87 12.82 10.23
C01 DU0 N . 44.60 8.14 9.01
C02 DU0 N . 44.82 9.21 10.09
C03 DU0 N . 45.97 8.83 11.04
C04 DU0 N . 45.39 7.70 11.89
C05 DU0 N . 43.96 8.17 12.13
C06 DU0 N . 43.64 9.27 11.10
C07 DU0 N . 42.20 8.99 10.67
C08 DU0 N . 41.29 10.20 10.72
C09 DU0 N . 41.78 7.83 11.59
C11 DU0 N . 40.99 7.44 13.79
C12 DU0 N . 39.94 6.45 13.35
C14 DU0 N . 40.40 5.81 12.05
C18 DU0 N . 48.40 8.32 11.40
C19 DU0 N . 49.79 8.60 10.93
C25 DU0 N . 54.79 11.77 9.96
C27 DU0 N . 56.23 12.85 11.70
C51 DU0 N . 57.11 12.57 9.39
C75 DU0 N . 50.92 11.29 7.93
C76 DU0 N . 49.50 11.25 8.48
C77 DU0 N . 49.05 9.85 8.88
C78 DU0 N . 48.95 8.96 7.63
C79 DU0 N . 47.69 9.95 9.62
C80 DU0 N . 46.55 10.46 8.74
C81 DU0 N . 45.21 10.54 9.46
O10 DU0 N . 41.29 8.41 12.78
O16 DU0 N . 43.00 7.14 11.85
O23 DU0 N . 53.21 10.84 8.43
O28 DU0 N . 56.49 11.54 12.18
O52 DU0 N . 57.91 11.51 9.90
H1 DU0 N . 39.49 4.56 14.04
H2 DU0 N . 38.86 5.72 14.91
H3 DU0 N . 40.41 5.38 15.04
H4 DU0 N . 39.98 7.31 10.72
H5 DU0 N . 41.18 6.39 10.25
H6 DU0 N . 47.29 7.91 9.74
H7 DU0 N . 52.14 9.08 10.09
H8 DU0 N . 51.71 8.76 8.63
H9 DU0 N . 51.80 11.38 9.75
H10 DU0 N . 53.33 12.78 8.90
H11 DU0 N . 54.51 12.27 7.98
H12 DU0 N . 55.50 13.70 9.99
H13 DU0 N . 44.29 7.29 9.38
H14 DU0 N . 43.93 8.47 8.38
H15 DU0 N . 45.40 7.94 8.47
H16 DU0 N . 46.08 9.58 11.66
H17 DU0 N . 45.42 6.83 11.43
H18 DU0 N . 45.86 7.59 12.73
H19 DU0 N . 43.84 8.49 13.04
H20 DU0 N . 43.69 10.13 11.56
H21 DU0 N . 42.11 8.64 9.77
H22 DU0 N . 40.38 9.94 10.49
H23 DU0 N . 41.32 10.61 11.60
H24 DU0 N . 41.55 10.88 10.07
H25 DU0 N . 40.67 7.92 14.58
H26 DU0 N . 41.82 6.98 14.05
H27 DU0 N . 39.10 6.91 13.19
H28 DU0 N . 39.71 5.21 11.69
H29 DU0 N . 41.18 5.25 12.24
H30 DU0 N . 48.25 8.82 12.22
H31 DU0 N . 48.33 7.37 11.63
H32 DU0 N . 50.51 8.29 11.50
H33 DU0 N . 54.21 11.67 10.73
H34 DU0 N . 55.22 10.89 9.82
H35 DU0 N . 57.05 13.37 11.87
H36 DU0 N . 55.54 13.25 12.26
H37 DU0 N . 56.88 12.35 8.46
H38 DU0 N . 57.68 13.37 9.39
H39 DU0 N . 51.15 12.21 7.68
H40 DU0 N . 51.01 10.76 7.11
H41 DU0 N . 49.47 11.84 9.26
H42 DU0 N . 48.90 11.63 7.80
H43 DU0 N . 48.54 8.10 7.82
H44 DU0 N . 48.42 9.41 6.93
H45 DU0 N . 49.82 8.77 7.23
H46 DU0 N . 47.79 10.62 10.33
H47 DU0 N . 46.73 11.35 8.41
H48 DU0 N . 46.41 9.91 7.94
H49 DU0 N . 44.51 10.82 8.83
H50 DU0 N . 45.26 11.24 10.14
H51 DU0 N . 55.82 11.31 12.65
H52 DU0 N . 57.38 10.95 10.27
N POV O . 30.42 11.82 -34.28
P POV O . 32.02 8.17 -34.51
C1 POV O . 31.20 5.89 -35.69
C2 POV O . 29.84 5.67 -35.04
C3 POV O . 28.99 6.91 -35.02
C210 POV O . 25.10 0.19 -27.62
C310 POV O . 20.30 2.52 -28.77
C11 POV O . 31.11 10.09 -36.06
O11 POV O . 32.09 6.60 -34.79
C211 POV O . 25.70 -1.06 -27.06
C311 POV O . 19.91 2.42 -27.32
C12 POV O . 30.04 10.64 -35.16
O12 POV O . 31.27 8.68 -35.82
C212 POV O . 25.48 -1.26 -25.55
C312 POV O . 18.95 1.28 -26.99
C13 POV O . 30.84 13.00 -35.10
O13 POV O . 31.18 8.42 -33.31
C213 POV O . 24.78 -2.56 -25.17
C313 POV O . 19.66 0.05 -26.49
C14 POV O . 29.21 12.20 -33.48
O14 POV O . 33.38 8.74 -34.56
C214 POV O . 23.72 -2.40 -24.11
C314 POV O . 18.76 -1.14 -26.27
C15 POV O . 31.52 11.46 -33.34
C215 POV O . 22.70 -3.49 -24.03
C315 POV O . 17.59 -0.89 -25.34
C216 POV O . 21.36 -3.03 -23.50
C316 POV O . 16.33 -0.48 -26.06
C217 POV O . 20.82 -3.89 -22.41
C218 POV O . 19.66 -3.28 -21.70
C21 POV O . 30.51 4.01 -33.47
O21 POV O . 30.08 5.26 -33.66
C22 POV O . 30.74 3.75 -32.01
O22 POV O . 30.68 3.21 -34.33
C23 POV O . 30.46 2.32 -31.59
C24 POV O . 29.04 1.85 -31.88
C25 POV O . 27.97 2.73 -31.26
C26 POV O . 26.56 2.23 -31.42
C27 POV O . 26.32 0.77 -31.04
C28 POV O . 26.61 0.42 -29.61
C29 POV O . 25.49 0.80 -28.70
C31 POV O . 26.74 7.55 -34.92
O31 POV O . 27.60 6.54 -35.01
C32 POV O . 25.32 7.07 -34.95
O32 POV O . 27.06 8.71 -34.84
C33 POV O . 24.80 6.53 -33.64
C34 POV O . 24.20 5.14 -33.77
C35 POV O . 23.91 4.46 -32.45
C36 POV O . 22.79 5.09 -31.64
C37 POV O . 21.73 4.10 -31.16
C38 POV O . 22.25 2.93 -30.36
C39 POV O . 21.77 2.88 -28.92
H29 POV O . 25.00 1.61 -28.98
H1 POV O . 31.62 5.02 -35.87
H1A POV O . 31.08 6.37 -36.53
H2 POV O . 29.34 4.99 -35.52
H3 POV O . 29.22 7.45 -34.24
H3A POV O . 29.14 7.43 -35.83
H310 POV O . 20.12 1.67 -29.21
H31A POV O . 19.77 3.20 -29.20
H210 POV O . 24.33 0.55 -27.12
H11 POV O . 30.84 10.19 -36.99
H11A POV O . 31.97 10.56 -35.98
H211 POV O . 25.34 -1.80 -27.58
H21A POV O . 26.66 -1.09 -27.24
H311 POV O . 20.72 2.28 -26.80
H31B POV O . 19.53 3.27 -27.01
H12 POV O . 29.74 9.94 -34.54
H12A POV O . 29.27 10.92 -35.69
H22 POV O . 31.68 3.97 -31.84
H212 POV O . 26.34 -1.26 -25.10
H22A POV O . 30.19 4.38 -31.50
H21B POV O . 24.99 -0.50 -25.20
H32 POV O . 24.79 7.83 -35.24
H312 POV O . 18.34 1.60 -26.28
H32A POV O . 25.28 6.37 -35.65
H31C POV O . 18.40 1.04 -27.76
H13 POV O . 30.07 13.28 -35.64
H13A POV O . 31.08 13.71 -34.47
H13B POV O . 31.60 12.79 -35.66
H23 POV O . 31.06 1.73 -32.08
H213 POV O . 24.38 -2.98 -25.95
H23A POV O . 30.65 2.19 -30.64
H21C POV O . 25.46 -3.16 -24.82
H33 POV O . 25.51 6.51 -32.97
H313 POV O . 20.34 -0.20 -27.13
H33A POV O . 24.11 7.14 -33.31
H31D POV O . 20.11 0.26 -25.65
H14 POV O . 29.45 12.94 -32.88
H14A POV O . 28.89 11.44 -32.97
H14B POV O . 28.51 12.50 -34.10
H24 POV O . 28.90 1.80 -32.84
H214 POV O . 24.18 -2.41 -23.25
H24A POV O . 28.97 0.95 -31.52
H21D POV O . 23.27 -1.54 -24.23
H34 POV O . 23.38 5.17 -34.30
H314 POV O . 18.41 -1.44 -27.13
H34A POV O . 24.84 4.58 -34.25
H31E POV O . 19.28 -1.87 -25.91
H15 POV O . 32.34 11.26 -33.83
H15A POV O . 31.70 12.23 -32.77
H15B POV O . 31.24 10.69 -32.81
H25 POV O . 28.16 2.86 -30.31
H215 POV O . 22.56 -3.89 -24.92
H25A POV O . 28.02 3.61 -31.68
H21E POV O . 23.04 -4.20 -23.45
H35 POV O . 23.72 3.52 -32.63
H315 POV O . 17.40 -1.69 -24.82
H35A POV O . 24.73 4.47 -31.92
H31F POV O . 17.83 -0.18 -24.70
H26 POV O . 25.97 2.80 -30.89
H216 POV O . 21.42 -2.12 -23.17
H26A POV O . 26.31 2.35 -32.36
H21F POV O . 20.72 -3.02 -24.24
H36 POV O . 23.17 5.53 -30.86
H316 POV O . 15.56 -0.55 -25.46
H36A POV O . 22.36 5.78 -32.18
H31G POV O . 16.38 0.44 -26.37
H31H POV O . 16.17 -1.05 -26.84
H27 POV O . 25.37 0.59 -31.19
H217 POV O . 20.54 -4.76 -22.78
H27A POV O . 26.82 0.19 -31.62
H21G POV O . 21.52 -4.05 -21.76
H37 POV O . 21.08 4.59 -30.63
H37A POV O . 21.26 3.75 -31.94
H28 POV O . 26.81 -0.53 -29.55
H218 POV O . 19.98 -2.75 -20.94
H28A POV O . 27.42 0.88 -29.32
H21H POV O . 19.17 -2.68 -22.30
H21J POV O . 19.05 -3.96 -21.40
H38 POV O . 21.99 2.11 -30.81
H38A POV O . 23.23 2.93 -30.33
H39 POV O . 21.94 3.73 -28.49
H39A POV O . 22.31 2.22 -28.44
NA NA P . 20.22 20.09 -10.48
N POV Q . 45.08 14.09 -1.52
P POV Q . 45.69 13.67 2.42
C1 POV Q . 46.14 11.51 3.96
C2 POV Q . 44.96 10.63 3.64
C3 POV Q . 44.69 10.51 2.17
C210 POV Q . 35.72 7.73 7.36
C310 POV Q . 34.85 4.48 3.08
C11 POV Q . 46.82 13.10 0.12
O11 POV Q . 45.82 12.91 3.82
C211 POV Q . 35.36 7.87 8.81
C311 POV Q . 33.36 4.74 3.17
C12 POV Q . 45.58 12.89 -0.72
O12 POV Q . 46.55 12.72 1.48
C212 POV Q . 33.90 8.26 9.08
C312 POV Q . 32.54 3.63 3.81
C13 POV Q . 46.10 14.57 -2.50
O13 POV Q . 44.27 13.65 1.98
C213 POV Q . 33.14 7.30 9.97
C313 POV Q . 32.29 3.86 5.28
C14 POV Q . 43.86 13.68 -2.27
O14 POV Q . 46.41 14.95 2.47
C214 POV Q . 31.73 7.01 9.51
C314 POV Q . 31.58 2.73 5.97
C15 POV Q . 44.73 15.23 -0.60
C215 POV Q . 31.11 5.75 10.04
C315 POV Q . 30.27 2.32 5.35
C216 POV Q . 30.09 5.14 9.11
C316 POV Q . 30.40 1.20 4.36
C217 POV Q . 28.79 4.81 9.77
C218 POV Q . 27.71 4.51 8.80
C21 POV Q . 43.67 11.11 5.60
O21 POV Q . 43.78 11.23 4.26
C22 POV Q . 42.45 11.81 6.09
O22 POV Q . 44.46 10.53 6.28
C23 POV Q . 41.82 11.13 7.30
C24 POV Q . 41.42 9.69 7.08
C25 POV Q . 40.47 9.49 5.91
C26 POV Q . 39.96 8.09 5.74
C27 POV Q . 39.36 7.43 6.97
C28 POV Q . 38.19 8.13 7.58
C29 POV Q . 36.93 7.83 6.85
C31 POV Q . 43.67 9.06 0.63
O31 POV Q . 44.02 9.26 1.89
C32 POV Q . 43.02 7.72 0.46
O32 POV Q . 43.87 9.84 -0.26
C33 POV Q . 41.56 7.65 0.85
C34 POV Q . 41.27 6.54 1.83
C35 POV Q . 39.90 6.59 2.47
C36 POV Q . 38.74 6.32 1.52
C37 POV Q . 37.77 5.26 2.01
C38 POV Q . 37.16 5.51 3.37
C39 POV Q . 35.66 5.73 3.36
H29 POV Q . 37.03 7.70 5.89
H1 POV Q . 46.42 11.38 4.88
H1A POV Q . 46.90 11.25 3.38
H2 POV Q . 45.09 9.72 3.99
H3 POV Q . 44.15 11.27 1.86
H3A POV Q . 45.53 10.48 1.67
H310 POV Q . 35.09 3.77 3.71
H31A POV Q . 35.06 4.15 2.19
H210 POV Q . 34.98 7.52 6.76
H11 POV Q . 47.53 12.51 -0.22
H11A POV Q . 47.17 14.00 0.06
H211 POV Q . 35.60 7.02 9.23
H21A POV Q . 35.95 8.53 9.22
H311 POV Q . 33.23 5.55 3.70
H31B POV Q . 33.00 4.95 2.28
H12 POV Q . 44.83 12.63 -0.15
H12A POV Q . 45.72 12.18 -1.37
H22 POV Q . 42.72 12.72 6.32
H212 POV Q . 33.88 9.14 9.51
H22A POV Q . 41.81 11.85 5.35
H21B POV Q . 33.44 8.38 8.22
H32 POV Q . 43.11 7.51 -0.50
H312 POV Q . 31.68 3.59 3.35
H32A POV Q . 43.55 7.08 0.98
H31C POV Q . 32.97 2.76 3.69
H13 POV Q . 46.26 13.85 -3.15
H13A POV Q . 45.73 15.36 -2.96
H13B POV Q . 46.94 14.80 -2.06
H23 POV Q . 42.47 11.16 8.02
H213 POV Q . 33.62 6.46 10.07
H23A POV Q . 41.04 11.65 7.61
H21C POV Q . 33.07 7.72 10.86
H33 POV Q . 41.28 8.50 1.24
H313 POV Q . 33.15 4.00 5.73
H33A POV Q . 41.02 7.53 0.05
H31D POV Q . 31.76 4.67 5.38
H14 POV Q . 43.50 14.45 -2.75
H14A POV Q . 43.19 13.34 -1.64
H14B POV Q . 44.11 12.97 -2.89
H24 POV Q . 42.21 9.15 6.94
H214 POV Q . 31.17 7.74 9.83
H24A POV Q . 40.99 9.39 7.89
H21D POV Q . 31.71 7.00 8.53
H34 POV Q . 41.38 5.68 1.39
H314 POV Q . 32.18 1.95 6.01
H34A POV Q . 41.93 6.58 2.55
H31E POV Q . 31.42 2.99 6.91
H15 POV Q . 45.52 15.56 -0.15
H15A POV Q . 44.37 15.96 -1.15
H15B POV Q . 44.05 14.91 0.04
H25 POV Q . 39.73 10.10 5.97
H215 POV Q . 31.81 5.08 10.22
H25A POV Q . 40.96 9.72 5.09
H21E POV Q . 30.68 5.95 10.88
H35 POV Q . 39.87 5.97 3.21
H315 POV Q . 29.63 2.06 6.05
H35A POV Q . 39.80 7.49 2.85
H31F POV Q . 29.88 3.10 4.90
H26 POV Q . 39.28 8.09 5.04
H216 POV Q . 29.91 5.73 8.35
H26A POV Q . 40.70 7.54 5.40
H21F POV Q . 30.47 4.32 8.73
H36 POV Q . 38.24 7.15 1.38
H316 POV Q . 29.52 0.81 4.15
H36A POV Q . 39.11 6.05 0.66
H31G POV Q . 30.78 1.51 3.51
H31H POV Q . 30.98 0.49 4.71
H27 POV Q . 39.07 6.54 6.72
H217 POV Q . 28.91 4.06 10.37
H27A POV Q . 40.06 7.32 7.65
H21G POV Q . 28.51 5.58 10.31
H37 POV Q . 37.06 5.15 1.36
H37A POV Q . 38.25 4.41 2.04
H28 POV Q . 38.13 7.89 8.53
H218 POV Q . 27.23 5.33 8.57
H28A POV Q . 38.34 9.10 7.57
H21H POV Q . 28.08 4.12 7.99
H21J POV Q . 27.08 3.87 9.19
H38 POV Q . 37.37 4.74 3.94
H38A POV Q . 37.56 6.29 3.79
H39 POV Q . 35.44 6.41 2.70
H39A POV Q . 35.39 6.09 4.23
N POV R . 22.66 40.97 6.77
P POV R . 19.40 42.96 7.89
C1 POV R . 18.00 43.06 10.18
C2 POV R . 17.64 41.60 10.40
C3 POV R . 18.82 40.68 10.21
C210 POV R . 9.95 34.69 9.44
C310 POV R . 13.07 30.73 11.44
C11 POV R . 21.89 42.60 8.62
O11 POV R . 18.13 43.37 8.78
C211 POV R . 8.52 35.12 9.31
C311 POV R . 12.38 29.72 10.56
C12 POV R . 22.08 41.18 8.16
O12 POV R . 20.52 42.81 9.00
C212 POV R . 7.68 34.26 8.37
C312 POV R . 11.33 28.86 11.26
C13 POV R . 24.02 41.58 6.63
O13 POV R . 19.14 41.65 7.24
C213 POV R . 6.44 33.63 8.98
C313 POV R . 9.93 29.41 11.13
C14 POV R . 22.76 39.50 6.53
O14 POV R . 19.79 44.12 7.06
C214 POV R . 6.23 32.19 8.59
C314 POV R . 8.89 28.66 11.93
C15 POV R . 21.76 41.57 5.72
C215 POV R . 5.34 31.39 9.51
C315 POV R . 8.83 27.18 11.65
C216 POV R . 5.66 29.91 9.50
C316 POV R . 9.65 26.36 12.59
C217 POV R . 4.47 29.04 9.32
C218 POV R . 4.82 27.62 9.02
C21 POV R . 15.37 41.66 9.66
O21 POV R . 16.62 41.24 9.43
C22 POV R . 14.45 41.24 8.56
O22 POV R . 15.05 42.30 10.62
C23 POV R . 13.03 40.97 9.03
C24 POV R . 12.92 39.91 10.11
C25 POV R . 13.52 38.59 9.73
C26 POV R . 13.32 37.47 10.74
C27 POV R . 11.90 37.25 11.22
C28 POV R . 10.90 36.91 10.15
C29 POV R . 10.95 35.46 9.80
C31 POV R . 19.59 38.57 10.88
O31 POV R . 18.64 39.49 11.01
C32 POV R . 19.35 37.40 11.78
O32 POV R . 20.54 38.69 10.15
C33 POV R . 18.35 36.39 11.26
C34 POV R . 17.23 36.12 12.25
C35 POV R . 16.07 35.34 11.69
C36 POV R . 16.38 33.90 11.33
C37 POV R . 15.40 32.88 11.91
C38 POV R . 13.94 33.12 11.56
C39 POV R . 13.30 32.04 10.72
H29 POV R . 11.84 35.06 9.86
H1 POV R . 17.27 43.63 10.52
H1A POV R . 18.80 43.27 10.68
H2 POV R . 17.30 41.46 11.31
H3 POV R . 18.90 40.45 9.27
H3A POV R . 19.63 41.10 10.53
H310 POV R . 12.54 30.87 12.25
H31A POV R . 13.93 30.37 11.72
H210 POV R . 10.13 33.76 9.23
H11 POV R . 22.45 42.76 9.41
H11A POV R . 22.18 43.27 7.95
H211 POV R . 8.16 35.12 10.22
H21A POV R . 8.47 36.05 9.04
H311 POV R . 11.92 30.21 9.85
H31B POV R . 13.03 29.15 10.12
H12 POV R . 21.21 40.73 8.14
H12A POV R . 22.67 40.70 8.78
H22 POV R . 14.45 41.97 7.91
H212 POV R . 7.37 34.81 7.62
H22A POV R . 14.83 40.44 8.14
H21B POV R . 8.24 33.57 7.97
H32 POV R . 20.21 36.98 11.88
H312 POV R . 11.35 27.97 10.86
H32A POV R . 19.06 37.76 12.64
H31C POV R . 11.54 28.75 12.21
H13 POV R . 24.61 41.11 7.28
H13A POV R . 24.32 41.41 5.71
H13B POV R . 24.00 42.53 6.81
H23 POV R . 12.66 41.80 9.40
H213 POV R . 6.47 33.69 9.95
H23A POV R . 12.46 40.72 8.27
H21C POV R . 5.67 34.14 8.67
H33 POV R . 17.95 36.70 10.42
H313 POV R . 9.93 30.34 11.43
H33A POV R . 18.81 35.57 11.06
H31D POV R . 9.68 29.40 10.19
H14 POV R . 23.11 39.36 5.63
H14A POV R . 21.89 39.08 6.62
H14B POV R . 23.38 39.12 7.19
H24 POV R . 13.33 40.24 10.93
H214 POV R . 5.77 32.20 7.73
H24A POV R . 11.96 39.80 10.29
H21D POV R . 7.08 31.74 8.50
H34 POV R . 17.60 35.64 13.03
H314 POV R . 9.07 28.80 12.88
H34A POV R . 16.89 36.97 12.57
H31E POV R . 8.01 29.06 11.75
H15 POV R . 21.69 42.53 5.84
H15A POV R . 22.16 41.39 4.85
H15B POV R . 20.89 41.14 5.79
H25 POV R . 13.19 38.30 8.86
H215 POV R . 5.42 31.72 10.42
H25A POV R . 14.49 38.71 9.64
H21E POV R . 4.42 31.51 9.22
H35 POV R . 15.34 35.37 12.34
H315 POV R . 7.89 26.88 11.70
H35A POV R . 15.76 35.81 10.89
H31F POV R . 9.13 27.01 10.74
H26 POV R . 13.65 36.64 10.35
H216 POV R . 6.31 29.70 8.80
H26A POV R . 13.90 37.67 11.51
H21F POV R . 6.09 29.69 10.35
H36 POV R . 16.37 33.80 10.36
H316 POV R . 9.43 25.41 12.52
H36A POV R . 17.28 33.68 11.64
H31G POV R . 10.61 26.44 12.40
H31H POV R . 9.51 26.64 13.52
H27 POV R . 11.91 36.51 11.85
H217 POV R . 3.91 29.07 10.13
H27A POV R . 11.59 38.04 11.71
H21G POV R . 3.93 29.37 8.58
H37 POV R . 15.65 31.99 11.61
H37A POV R . 15.50 32.88 12.88
H28 POV R . 10.01 37.18 10.46
H218 POV R . 4.90 27.50 8.06
H28A POV R . 11.07 37.44 9.36
H21H POV R . 5.67 27.39 9.44
H21J POV R . 4.14 27.02 9.37
H38 POV R . 13.44 33.19 12.40
H38A POV R . 13.83 33.96 11.10
H39 POV R . 13.86 31.88 9.93
H39A POV R . 12.45 32.38 10.38
N POV S . 29.13 35.43 7.72
P POV S . 25.10 36.75 6.24
C1 POV S . 22.84 35.48 6.51
C2 POV S . 22.69 35.15 7.99
C3 POV S . 23.53 34.00 8.45
C210 POV S . 14.65 29.03 6.76
C310 POV S . 19.16 25.91 5.53
C11 POV S . 26.61 35.76 8.22
O11 POV S . 23.52 36.73 6.34
C211 POV S . 13.37 29.72 7.00
C311 POV S . 18.51 26.30 6.81
C12 POV S . 27.74 35.83 7.22
O12 POV S . 25.40 36.44 7.79
C212 POV S . 12.18 28.91 6.60
C312 POV S . 17.14 25.69 7.06
C13 POV S . 30.01 35.21 6.52
O13 POV S . 25.58 35.66 5.37
C213 POV S . 11.00 29.16 7.50
C313 POV S . 16.52 26.13 8.41
C14 POV S . 29.71 36.52 8.56
O14 POV S . 25.53 38.14 5.95
C214 POV S . 9.68 28.72 6.92
C314 POV S . 14.99 26.30 8.44
C15 POV S . 29.08 34.16 8.52
C215 POV S . 9.63 27.28 6.46
C315 POV S . 14.22 25.23 9.15
C216 POV S . 8.33 26.92 5.78
C316 POV S . 12.77 25.57 9.35
C217 POV S . 7.21 26.75 6.73
C218 POV S . 7.11 25.37 7.20
C21 POV S . 20.36 35.60 8.22
O21 POV S . 21.32 34.69 8.18
C22 POV S . 19.04 34.93 8.20
O22 POV S . 20.55 36.78 8.25
C23 POV S . 18.90 34.02 7.01
C24 POV S . 18.23 32.74 7.37
C25 POV S . 19.14 31.79 8.07
C26 POV S . 18.60 30.39 8.13
C27 POV S . 17.39 30.24 9.01
C28 POV S . 16.05 30.37 8.33
C29 POV S . 15.79 29.29 7.36
C31 POV S . 24.63 33.22 10.53
O31 POV S . 23.99 34.18 9.82
C32 POV S . 24.74 31.82 9.92
O32 POV S . 25.14 33.44 11.60
C33 POV S . 23.77 30.79 10.45
C34 POV S . 22.67 30.38 9.48
C35 POV S . 23.01 29.21 8.56
C36 POV S . 22.39 29.27 7.15
C37 POV S . 21.13 28.45 6.89
C38 POV S . 21.33 27.19 6.04
C39 POV S . 20.24 26.86 5.04
H29 POV S . 16.55 28.71 7.17
H1 POV S . 23.37 34.84 6.01
H1A POV S . 21.96 35.53 6.06
H2 POV S . 22.87 35.92 8.56
H3 POV S . 22.95 33.21 8.38
H3A POV S . 24.32 33.91 7.89
H310 POV S . 19.52 25.01 5.65
H31A POV S . 18.46 25.81 4.85
H210 POV S . 14.64 28.30 6.12
H11 POV S . 26.89 36.21 9.05
H11A POV S . 26.40 34.84 8.46
H211 POV S . 13.29 29.96 7.94
H21A POV S . 13.34 30.56 6.50
H311 POV S . 19.11 26.01 7.51
H31B POV S . 18.48 27.27 6.87
H12 POV S . 27.86 36.74 6.87
H12A POV S . 27.58 35.23 6.47
H22 POV S . 18.95 34.40 9.03
H212 POV S . 11.93 29.16 5.69
H22A POV S . 18.34 35.62 8.19
H21B POV S . 12.39 27.97 6.60
H32 POV S . 24.76 31.76 8.95
H312 POV S . 16.56 25.92 6.31
H32A POV S . 25.62 31.53 10.22
H31C POV S . 17.25 24.72 7.02
H13 POV S . 29.73 34.38 6.07
H13A POV S . 29.90 35.97 5.91
H13B POV S . 30.95 35.14 6.79
H23 POV S . 18.38 34.46 6.31
H213 POV S . 11.15 28.68 8.31
H23A POV S . 19.77 33.82 6.61
H21C POV S . 10.97 30.11 7.70
H33 POV S . 24.28 29.99 10.71
H313 POV S . 16.78 25.51 9.12
H33A POV S . 23.37 31.14 11.28
H31D POV S . 16.92 26.99 8.66
H14 POV S . 29.00 37.13 8.82
H14A POV S . 30.13 36.12 9.34
H14B POV S . 30.38 36.99 8.02
H24 POV S . 17.48 32.92 7.97
H214 POV S . 9.00 28.85 7.61
H24A POV S . 17.87 32.31 6.57
H21D POV S . 9.44 29.30 6.17
H34 POV S . 22.41 31.13 8.94
H314 POV S . 14.79 27.16 8.87
H34A POV S . 21.89 30.12 10.00
H31E POV S . 14.65 26.37 7.53
H15 POV S . 28.65 34.30 9.38
H15A POV S . 28.57 33.49 8.02
H15B POV S . 29.99 33.84 8.63
H25 POV S . 19.29 32.13 8.97
H215 POV S . 10.35 27.08 5.85
H25A POV S . 20.00 31.79 7.62
H21E POV S . 9.73 26.70 7.24
H35 POV S . 23.98 29.15 8.50
H315 POV S . 14.26 24.40 8.63
H35A POV S . 22.71 28.39 9.01
H31F POV S . 14.61 25.06 10.02
H26 POV S . 18.39 30.11 7.22
H216 POV S . 8.11 27.62 5.12
H26A POV S . 19.30 29.81 8.47
H21F POV S . 8.46 26.08 5.28
H36 POV S . 22.18 30.20 6.91
H316 POV S . 12.21 24.88 8.94
H36A POV S . 23.09 28.99 6.53
H31G POV S . 12.55 25.60 10.30
H31H POV S . 12.56 26.43 8.96
H27 POV S . 17.46 29.35 9.42
H217 POV S . 7.35 27.31 7.52
H27A POV S . 17.46 30.90 9.72
H21G POV S . 6.36 27.02 6.34
H37 POV S . 20.74 28.18 7.74
H37A POV S . 20.49 29.04 6.45
H28 POV S . 15.36 30.40 9.02
H218 POV S . 6.37 25.30 7.84
H28A POV S . 15.98 31.21 7.85
H21H POV S . 6.92 24.78 6.44
H21J POV S . 7.94 25.08 7.63
H38 POV S . 22.15 27.25 5.54
H38A POV S . 21.41 26.43 6.64
H39 POV S . 20.69 26.45 4.28
H39A POV S . 19.84 27.68 4.72
C11 ZEI T . 2.68 28.86 4.55
C12 ZEI T . 3.89 28.97 5.06
C13 ZEI T . 4.77 30.11 4.93
C18 ZEI T . 5.29 32.31 4.08
C19 ZEI T . 4.43 31.24 4.19
C20 ZEI T . -1.71 27.38 4.31
C1 ZEI T . -5.14 26.39 4.74
C14 ZEI T . 6.02 30.10 5.54
C15 ZEI T . 6.88 31.17 5.43
C16 ZEI T . 6.51 32.26 4.70
C3 ZEI T . -2.79 26.54 4.33
C4 ZEI T . -2.64 25.17 4.27
C5 ZEI T . -1.35 24.65 4.18
C6 ZEI T . -0.26 25.49 4.16
C7 ZEI T . -0.43 26.86 4.21
C9 ZEI T . 1.86 27.65 4.73
N8 ZEI T . 0.63 27.77 4.21
O10 ZEI T . 2.26 26.65 5.31
O2 ZEI T . -3.99 27.19 4.50
CL17 ZEI T . 7.60 33.60 4.53
H1 ZEI T . 2.24 29.55 4.03
H2 ZEI T . 4.24 28.24 5.59
H3 ZEI T . 5.01 33.08 3.55
H4 ZEI T . 3.57 31.27 3.74
H5 ZEI T . -1.87 28.34 4.35
H6 ZEI T . -5.04 25.88 5.56
H7 ZEI T . -5.35 25.81 3.98
H8 ZEI T . -5.88 27.02 4.86
H9 ZEI T . 6.28 29.33 6.07
H10 ZEI T . 7.75 31.14 5.88
H11 ZEI T . -3.38 24.54 4.29
H12 ZEI T . -1.23 23.69 4.13
H13 ZEI T . 0.63 25.10 4.11
H14 ZEI T . 0.44 28.53 3.83
N POV U . -10.07 34.22 8.41
P POV U . -12.90 35.91 5.94
C1 POV U . -11.87 37.54 4.14
C2 POV U . -12.61 38.83 3.89
C3 POV U . -13.83 38.66 3.04
C210 POV U . -10.65 45.04 -2.19
C310 POV U . -13.56 48.19 1.96
C11 POV U . -10.46 34.88 5.97
O11 POV U . -12.72 36.41 4.44
C211 POV U . -10.94 46.51 -2.24
C311 POV U . -13.87 49.69 1.85
C12 POV U . -9.84 35.19 7.30
O12 POV U . -11.89 34.69 6.01
C212 POV U . -12.36 46.91 -2.58
C312 POV U . -13.47 50.35 0.54
C13 POV U . -10.09 32.81 7.92
O13 POV U . -12.50 36.98 6.89
C213 POV U . -12.54 48.43 -2.53
C313 POV U . -13.37 51.88 0.63
C14 POV U . -8.98 34.37 9.40
O14 POV U . -14.25 35.33 6.04
C214 POV U . -12.33 49.12 -3.88
C314 POV U . -11.97 52.43 0.92
C15 POV U . -11.36 34.51 9.09
C215 POV U . -11.82 50.57 -3.82
C315 POV U . -11.22 51.74 2.03
C216 POV U . -12.43 51.45 -2.73
C316 POV U . -9.90 52.39 2.29
C217 POV U . -12.02 52.92 -2.78
C218 POV U . -12.46 53.63 -4.04
C21 POV U . -10.88 40.46 3.78
O21 POV U . -11.72 39.67 3.11
C22 POV U . -10.06 41.28 2.85
O22 POV U . -10.80 40.49 4.97
C23 POV U . -9.66 42.61 3.45
C24 POV U . -10.79 43.60 3.50
C25 POV U . -10.37 45.05 3.24
C26 POV U . -11.25 45.79 2.25
C27 POV U . -11.34 45.18 0.86
C28 POV U . -10.01 44.87 0.21
C29 POV U . -10.20 44.37 -1.17
C31 POV U . -15.40 40.36 3.90
O31 POV U . -15.00 39.07 3.78
C32 POV U . -14.60 41.35 3.11
O32 POV U . -16.31 40.69 4.60
C33 POV U . -15.19 42.77 3.13
C34 POV U . -16.48 42.89 2.34
C35 POV U . -16.68 44.26 1.67
C36 POV U . -16.09 44.41 0.27
C37 POV U . -14.83 45.25 0.19
C38 POV U . -15.04 46.76 0.41
C39 POV U . -14.76 47.24 1.83
H29 POV U . -9.95 43.43 -1.32
H1 POV U . -11.34 37.32 3.36
H1A POV U . -11.29 37.67 4.91
H2 POV U . -12.88 39.24 4.72
H3 POV U . -13.66 39.07 2.16
H3A POV U . -13.94 37.71 2.88
H310 POV U . -12.90 47.96 1.28
H31A POV U . -13.13 48.03 2.82
H210 POV U . -10.82 44.55 -3.02
H11 POV U . -10.29 35.65 5.40
H11A POV U . -10.01 34.13 5.56
H211 POV U . -10.72 46.89 -1.37
H21A POV U . -10.33 46.94 -2.86
H311 POV U . -14.84 49.83 1.98
H31B POV U . -13.44 50.15 2.59
H12 POV U . -10.12 36.06 7.64
H12A POV U . -8.88 35.20 7.16
H22 POV U . -9.27 40.75 2.63
H212 POV U . -12.60 46.57 -3.47
H22A POV U . -10.59 41.42 2.05
H21B POV U . -12.97 46.50 -1.94
H32 POV U . -13.69 41.36 3.46
H312 POV U . -12.62 49.99 0.24
H32A POV U . -14.61 41.08 2.17
H31C POV U . -14.13 50.13 -0.15
H13 POV U . -9.33 32.71 7.32
H13A POV U . -9.97 32.21 8.69
H13B POV U . -10.93 32.63 7.49
H23 POV U . -9.36 42.45 4.36
H213 POV U . -13.43 48.64 -2.19
H23A POV U . -8.90 42.97 2.97
H21C POV U . -11.91 48.79 -1.88
H33 POV U . -15.36 43.03 4.06
H313 POV U . -13.70 52.28 -0.20
H33A POV U . -14.54 43.41 2.78
H31D POV U . -13.97 52.20 1.33
H14 POV U . -8.27 33.72 9.17
H14A POV U . -8.64 35.28 9.38
H14B POV U . -9.33 34.19 10.29
H24 POV U . -11.49 43.32 2.89
H214 POV U . -11.69 48.60 -4.40
H24A POV U . -11.18 43.56 4.39
H21D POV U . -13.17 49.11 -4.38
H34 POV U . -16.54 42.19 1.67
H314 POV U . -11.43 52.41 0.10
H34A POV U . -17.22 42.73 2.95
H31E POV U . -12.04 53.37 1.16
H15 POV U . -11.24 35.31 9.64
H15A POV U . -12.04 34.70 8.43
H15B POV U . -11.62 33.74 9.63
H25 POV U . -10.42 45.54 4.08
H215 POV U . -10.85 50.58 -3.73
H25A POV U . -9.44 45.12 2.95
H21E POV U . -12.02 51.00 -4.68
H35 POV U . -17.64 44.46 1.60
H315 POV U . -11.74 51.75 2.85
H35A POV U . -16.30 44.94 2.24
H31F POV U . -11.05 50.80 1.80
H26 POV U . -12.15 45.87 2.63
H216 POV U . -13.40 51.38 -2.76
H26A POV U . -10.91 46.71 2.17
H21F POV U . -12.14 51.11 -1.86
H36 POV U . -15.89 43.52 -0.08
H316 POV U . -9.21 51.71 2.43
H36A POV U . -16.77 44.80 -0.32
H31G POV U . -9.64 52.96 1.54
H31H POV U . -9.95 52.95 3.10
H27 POV U . -11.86 44.35 0.91
H217 POV U . -12.38 53.39 -2.01
H27A POV U . -11.85 45.80 0.29
H21G POV U . -11.05 53.00 -2.72
H37 POV U . -14.17 44.90 0.82
H37A POV U . -14.44 45.12 -0.71
H28 POV U . -9.45 45.67 0.22
H218 POV U . -11.88 53.40 -4.79
H28A POV U . -9.56 44.19 0.73
H21H POV U . -13.37 53.39 -4.28
H21J POV U . -12.43 54.61 -3.90
H38 POV U . -14.50 47.25 -0.22
H38A POV U . -15.97 46.97 0.18
H39 POV U . -14.58 46.48 2.42
H39A POV U . -15.57 47.67 2.19
N POV V . 0.64 9.95 15.00
P POV V . 3.48 13.23 14.05
C1 POV V . 2.44 15.41 15.07
C2 POV V . 2.96 16.78 15.43
C3 POV V . 2.12 17.86 14.81
C210 POV V . 11.63 21.73 12.75
C310 POV V . 10.07 23.99 17.57
C11 POV V . 1.85 11.36 13.19
O11 POV V . 3.26 14.82 14.06
C211 POV V . 11.37 23.18 12.87
C311 POV V . 11.33 24.80 17.88
C12 POV V . 0.59 11.08 13.98
O12 POV V . 2.18 12.77 13.27
C212 POV V . 12.59 24.02 12.68
C312 POV V . 12.26 25.03 16.69
C13 POV V . -0.75 9.67 15.49
O13 POV V . 3.38 12.76 15.44
C213 POV V . 13.67 23.79 13.72
C313 POV V . 11.86 26.20 15.78
C14 POV V . 1.20 8.68 14.42
O14 POV V . 4.68 12.90 13.25
C214 POV V . 14.94 23.17 13.22
C314 POV V . 12.96 27.19 15.46
C15 POV V . 1.47 10.36 16.17
C215 POV V . 15.49 22.09 14.13
C315 POV V . 13.73 27.78 16.63
C216 POV V . 15.73 22.54 15.57
C316 POV V . 12.91 27.98 17.88
C217 POV V . 16.81 23.59 15.74
C218 POV V . 16.33 24.99 15.83
C21 POV V . 5.32 16.34 15.65
O21 POV V . 4.33 16.87 14.91
C22 POV V . 6.64 16.46 14.94
O22 POV V . 5.15 15.85 16.73
C23 POV V . 7.86 16.18 15.81
C24 POV V . 8.53 17.43 16.34
C25 POV V . 9.40 18.16 15.35
C26 POV V . 9.79 19.57 15.80
C27 POV V . 11.28 19.82 15.97
C28 POV V . 11.79 21.05 15.18
C29 POV V . 11.66 20.84 13.72
C31 POV V . 2.60 19.94 15.90
O31 POV V . 2.83 19.11 14.87
C32 POV V . 3.42 21.19 15.80
O32 POV V . 1.82 19.71 16.78
C33 POV V . 4.62 21.12 14.88
C34 POV V . 5.32 22.48 14.74
C35 POV V . 6.14 22.86 15.95
C36 POV V . 7.54 22.29 15.93
C37 POV V . 8.48 23.04 15.02
C38 POV V . 8.77 24.49 15.39
C39 POV V . 8.96 24.78 16.88
H29 POV V . 11.54 19.90 13.49
H1 POV V . 2.44 14.83 15.87
H1A POV V . 1.53 15.50 14.75
H2 POV V . 2.96 16.92 16.39
H3 POV V . 1.93 17.61 13.88
H3A POV V . 1.27 17.92 15.28
H310 POV V . 10.32 23.21 17.03
H31A POV V . 9.71 23.63 18.42
H210 POV V . 11.80 21.42 11.85
H11 POV V . 2.61 10.87 13.57
H11A POV V . 1.76 11.07 12.26
H211 POV V . 10.70 23.41 12.20
H21A POV V . 10.98 23.40 13.74
H311 POV V . 11.07 25.67 18.26
H31B POV V . 11.83 24.34 18.59
H12 POV V . -0.14 10.86 13.37
H12A POV V . 0.34 11.89 14.47
H22 POV V . 6.60 15.81 14.20
H212 POV V . 12.94 23.89 11.77
H22A POV V . 6.69 17.36 14.57
H21B POV V . 12.32 24.95 12.74
H32 POV V . 2.84 21.92 15.52
H312 POV V . 13.17 25.14 17.02
H32A POV V . 3.74 21.38 16.71
H31C POV V . 12.26 24.21 16.16
H13 POV V . -1.26 9.28 14.75
H13A POV V . -0.68 9.05 16.23
H13B POV V . -1.17 10.51 15.80
H23 POV V . 7.61 15.60 16.55
H213 POV V . 13.88 24.63 14.15
H23A POV V . 8.51 15.68 15.28
H21C POV V . 13.28 23.21 14.40
H33 POV V . 5.25 20.45 15.21
H313 POV V . 11.55 25.83 14.93
H33A POV V . 4.33 20.83 13.99
H31D POV V . 11.10 26.68 16.17
H14 POV V . 2.13 8.59 14.69
H14A POV V . 0.69 7.91 14.74
H14B POV V . 1.14 8.71 13.45
H24 POV V . 7.85 18.03 16.69
H214 POV V . 14.77 22.75 12.35
H24A POV V . 9.10 17.19 17.11
H21D POV V . 15.61 23.86 13.08
H34 POV V . 5.90 22.46 13.95
H314 POV V . 13.60 26.79 14.84
H34A POV V . 4.66 23.17 14.57
H31E POV V . 12.56 27.93 14.96
H15 POV V . 1.69 9.58 16.73
H15A POV V . 2.30 10.74 15.85
H15B POV V . 0.99 11.04 16.68
H25 POV V . 10.19 17.62 15.17
H215 POV V . 14.86 21.36 14.11
H25A POV V . 8.91 18.22 14.51
H21E POV V . 16.34 21.76 13.77
H35 POV V . 6.19 23.84 16.00
H315 POV V . 14.50 27.20 16.84
H35A POV V . 5.70 22.55 16.76
H31F POV V . 14.12 28.64 16.36
H26 POV V . 9.42 20.21 15.16
H216 POV V . 14.90 22.84 15.96
H26A POV V . 9.36 19.75 16.65
H21F POV V . 15.98 21.76 16.11
H36 POV V . 7.89 22.26 16.84
H316 POV V . 12.01 28.30 17.65
H36A POV V . 7.48 21.37 15.63
H31G POV V . 12.82 27.15 18.39
H31H POV V . 13.33 28.64 18.46
H27 POV V . 11.46 19.95 16.92
H217 POV V . 17.34 23.37 16.53
H27A POV V . 11.81 19.04 15.71
H21G POV V . 17.42 23.55 14.98
H37 POV V . 9.32 22.53 14.98
H37A POV V . 8.13 23.04 14.10
H28 POV V . 11.36 21.87 15.49
H218 POV V . 16.56 25.47 15.01
H28A POV V . 12.74 21.18 15.38
H21H POV V . 15.36 25.06 15.97
H21J POV V . 16.77 25.45 16.58
H38 POV V . 9.58 24.77 14.92
H38A POV V . 8.05 25.05 15.05
H39 POV V . 8.11 24.60 17.34
H39A POV V . 9.13 25.74 16.97
C310 POV W . 1.35 52.94 4.23
C311 POV W . 2.47 52.08 4.72
C312 POV W . 2.16 50.60 4.74
C313 POV W . 2.16 49.95 3.36
C314 POV W . 0.92 49.15 3.03
C315 POV W . 1.14 47.93 2.18
C316 POV W . 1.52 48.21 0.76
C34 POV W . -0.41 58.42 4.66
C35 POV W . -0.50 57.53 3.45
C36 POV W . -0.09 56.09 3.70
C37 POV W . -0.81 55.47 4.88
C38 POV W . -0.90 53.95 4.86
C39 POV W . 0.37 53.24 5.33
H310 POV W . 1.70 53.77 3.87
H31A POV W . 0.89 52.48 3.51
H311 POV W . 3.26 52.22 4.14
H31B POV W . 2.71 52.35 5.62
H312 POV W . 2.84 50.19 5.29
H31C POV W . 1.32 50.48 5.20
H313 POV W . 2.23 50.63 2.68
H31D POV W . 2.92 49.36 3.27
H34 POV W . 0.30 58.10 5.25
H314 POV W . 0.46 48.89 3.85
H34A POV W . -1.25 58.37 5.17
H31E POV W . 0.33 49.74 2.52
H35 POV W . -1.43 57.53 3.12
H315 POV W . 1.81 47.35 2.60
H35A POV W . 0.05 57.90 2.74
H31F POV W . 0.31 47.41 2.16
H36 POV W . -0.25 55.54 2.90
H316 POV W . 1.76 47.40 0.28
H36A POV W . 0.87 56.06 3.88
H31G POV W . 0.78 48.60 0.27
H31H POV W . 2.28 48.82 0.72
H37 POV W . -0.34 55.75 5.68
H37A POV W . -1.71 55.86 4.94
H38 POV W . -1.65 53.67 5.42
H38A POV W . -1.11 53.65 3.95
H39 POV W . 0.12 52.40 5.77
H39A POV W . 0.83 53.79 5.99
N POV X . 10.50 47.69 -16.21
P POV X . 6.48 44.79 -15.26
C1 POV X . 4.11 45.56 -14.35
C2 POV X . 3.04 44.84 -13.57
C3 POV X . 3.38 44.78 -12.11
C210 POV X . 1.06 38.65 -13.88
C310 POV X . -2.84 35.39 -10.99
C11 POV X . 8.75 46.06 -15.27
O11 POV X . 5.36 44.88 -14.13
C211 POV X . -0.05 37.67 -14.09
C311 POV X . -1.56 34.96 -10.33
C12 POV X . 9.33 47.45 -15.26
O12 POV X . 7.38 46.02 -14.81
C212 POV X . -0.09 36.57 -13.06
C312 POV X . -1.54 33.51 -9.99
C13 POV X . 11.28 48.87 -15.73
O13 POV X . 7.23 43.53 -15.07
C213 POV X . -0.20 35.17 -13.62
C313 POV X . -2.27 33.23 -8.70
C14 POV X . 11.40 46.49 -16.27
O14 POV X . 5.92 45.12 -16.59
C214 POV X . 1.10 34.41 -13.56
C314 POV X . -1.86 31.93 -8.06
C15 POV X . 9.97 47.99 -17.58
C215 POV X . 1.30 33.71 -12.21
C315 POV X . -2.43 30.72 -8.75
C216 POV X . 2.62 32.97 -12.09
C316 POV X . -3.84 30.52 -8.49
C217 POV X . 2.99 32.14 -13.26
C218 POV X . 1.97 31.12 -13.68
C21 POV X . 2.56 43.11 -15.27
O21 POV X . 3.01 43.45 -14.04
C22 POV X . 1.53 44.08 -15.85
O22 POV X . 2.92 42.11 -15.83
C23 POV X . 1.18 43.80 -17.31
C24 POV X . -0.30 43.65 -17.65
C25 POV X . -1.06 42.64 -16.81
C26 POV X . -0.42 41.26 -16.71
C27 POV X . -0.95 40.47 -15.58
C28 POV X . -0.23 40.77 -14.26
C29 POV X . 0.99 39.95 -14.02
C31 POV X . 2.56 43.50 -10.29
O31 POV X . 2.30 44.08 -11.46
C32 POV X . 1.36 42.79 -9.77
O32 POV X . 3.62 43.55 -9.74
C33 POV X . 0.66 42.01 -10.87
C34 POV X . 0.20 40.65 -10.41
C35 POV X . -1.01 40.70 -9.51
C36 POV X . -2.30 40.39 -10.20
C37 POV X . -2.93 39.05 -9.85
C38 POV X . -2.50 37.90 -10.69
C39 POV X . -3.37 36.70 -10.45
H29 POV X . 1.82 40.46 -13.96
H1 POV X . 3.92 45.55 -15.31
H1A POV X . 4.19 46.49 -14.06
H2 POV X . 2.18 45.30 -13.59
H3 POV X . 4.24 44.32 -12.00
H3A POV X . 3.43 45.69 -11.75
H310 POV X . -2.72 35.45 -11.96
H31A POV X . -3.50 34.70 -10.82
H210 POV X . 1.92 38.26 -13.63
H11 POV X . 8.73 45.73 -16.19
H11A POV X . 9.31 45.44 -14.76
H211 POV X . -0.89 38.15 -14.01
H21A POV X . -0.02 37.30 -14.99
H311 POV X . -0.80 35.13 -10.91
H31B POV X . -1.44 35.50 -9.53
H12 POV X . 9.66 47.68 -14.38
H12A POV X . 8.63 48.11 -15.50
H22 POV X . 0.74 44.02 -15.28
H212 POV X . 0.69 36.62 -12.48
H22A POV X . 1.83 45.00 -15.87
H21B POV X . -0.88 36.74 -12.51
H32 POV X . 1.63 42.19 -9.04
H312 POV X . -1.94 33.02 -10.73
H32A POV X . 0.75 43.46 -9.42
H31C POV X . -0.60 33.24 -9.93
H13 POV X . 11.77 48.61 -14.92
H13A POV X . 11.92 49.11 -16.44
H13B POV X . 10.69 49.62 -15.54
H23 POV X . 1.51 44.56 -17.83
H213 POV X . -0.87 34.67 -13.11
H23A POV X . 1.66 43.02 -17.65
H21C POV X . -0.55 35.18 -14.53
H33 POV X . -0.11 42.52 -11.17
H313 POV X . -2.13 33.94 -8.05
H33A POV X . 1.26 41.90 -11.64
H31D POV X . -3.23 33.20 -8.89
H14 POV X . 11.00 45.82 -16.86
H14A POV X . 12.26 46.77 -16.63
H14B POV X . 11.51 46.13 -15.37
H24 POV X . -0.74 44.51 -17.59
H214 POV X . 1.10 33.76 -14.28
H24A POV X . -0.37 43.37 -18.58
H21D POV X . 1.84 35.02 -13.71
H34 POV X . 0.00 40.10 -11.19
H314 POV X . -2.13 31.95 -7.12
H34A POV X . 0.94 40.22 -9.94
H31E POV X . -0.89 31.87 -8.06
H15 POV X . 9.91 48.96 -17.72
H15A POV X . 10.61 47.64 -18.24
H15B POV X . 9.11 47.54 -17.69
H25 POV X . -1.95 42.55 -17.19
H215 POV X . 1.28 34.38 -11.49
H25A POV X . -1.19 43.01 -15.91
H21E POV X . 0.57 33.10 -12.05
H35 POV X . -0.89 40.12 -8.74
H315 POV X . -2.32 30.82 -9.71
H35A POV X . -1.08 41.60 -9.14
H31F POV X . -1.94 29.92 -8.51
H26 POV X . -0.57 40.77 -17.55
H216 POV X . 2.58 32.39 -11.30
H26A POV X . 0.55 41.31 -16.59
H21F POV X . 3.33 33.61 -11.92
H36 POV X . -2.93 41.09 -9.91
H316 POV X . -4.07 29.58 -8.63
H36A POV X . -2.20 40.47 -11.16
H31G POV X . -4.02 30.75 -7.55
H31H POV X . -4.39 31.07 -9.07
H27 POV X . -1.91 40.66 -15.47
H217 POV X . 3.14 32.71 -14.04
H27A POV X . -0.88 39.53 -15.82
H21G POV X . 3.83 31.70 -13.06
H37 POV X . -2.74 38.84 -8.92
H37A POV X . -3.89 39.12 -9.94
H28 POV X . 0.00 41.72 -14.23
H218 POV X . 2.10 30.89 -14.62
H28A POV X . -0.83 40.60 -13.50
H21H POV X . 2.07 30.30 -13.16
H21J POV X . 1.05 31.42 -13.56
H38 POV X . -2.55 38.16 -11.63
H38A POV X . -1.57 37.69 -10.49
H39 POV X . -4.25 36.88 -10.82
H39A POV X . -3.48 36.61 -9.47
N POV Y . 8.41 51.18 -10.44
P POV Y . 6.08 52.93 -14.02
C1 POV Y . 3.48 52.52 -13.83
C2 POV Y . 3.12 53.74 -13.03
C3 POV Y . 3.07 53.43 -11.55
C210 POV Y . -4.41 50.40 -11.32
C310 POV Y . -6.52 51.62 -5.72
C11 POV Y . 7.73 53.20 -11.95
O11 POV Y . 4.82 52.12 -13.50
C211 POV Y . -4.92 49.00 -11.16
C311 POV Y . -6.60 52.24 -7.09
C12 POV Y . 7.68 51.70 -11.69
O12 POV Y . 6.52 53.61 -12.64
C212 POV Y . -6.43 48.91 -10.86
C312 POV Y . -8.01 52.37 -7.64
C13 POV Y . 9.88 51.38 -10.56
O13 POV Y . 7.13 52.00 -14.49
C213 POV Y . -6.76 48.47 -9.44
C313 POV Y . -8.79 51.06 -7.68
C14 POV Y . 7.93 51.86 -9.19
O14 POV Y . 5.59 54.00 -14.92
C214 POV Y . -8.18 47.88 -9.33
C314 POV Y . -10.00 51.01 -6.76
C15 POV Y . 8.12 49.70 -10.32
C215 POV Y . -8.34 46.85 -8.22
C315 POV Y . -11.14 50.13 -7.27
C216 POV Y . -7.53 45.57 -8.38
C316 POV Y . -10.92 48.65 -7.08
C217 POV Y . -7.75 44.87 -9.69
C218 POV Y . -6.68 45.18 -10.68
C21 POV Y . 1.58 55.48 -13.71
O21 POV Y . 1.78 54.18 -13.44
C22 POV Y . 0.16 55.74 -14.12
O22 POV Y . 2.43 56.32 -13.65
C23 POV Y . -0.60 56.56 -13.07
C24 POV Y . -2.11 56.56 -13.25
C25 POV Y . -2.78 55.19 -13.12
C26 POV Y . -2.55 54.46 -11.81
C27 POV Y . -3.19 53.09 -11.80
C28 POV Y . -4.15 52.85 -10.63
C29 POV Y . -4.69 51.44 -10.55
C31 POV Y . 1.47 53.05 -9.87
O31 POV Y . 1.69 53.28 -11.16
C32 POV Y . 0.00 52.92 -9.59
O32 POV Y . 2.33 52.99 -9.04
C33 POV Y . -0.34 52.24 -8.28
C34 POV Y . -0.91 50.86 -8.47
C35 POV Y . -1.42 50.22 -7.21
C36 POV Y . -2.59 49.32 -7.45
C37 POV Y . -3.93 50.02 -7.34
C38 POV Y . -4.36 50.28 -5.92
C39 POV Y . -5.87 50.26 -5.70
H29 POV Y . -5.35 51.29 -9.84
H1 POV Y . 3.43 52.70 -14.79
H1A POV Y . 2.84 51.81 -13.60
H2 POV Y . 3.79 54.44 -13.14
H3 POV Y . 3.57 52.61 -11.38
H3A POV Y . 3.47 54.16 -11.05
H310 POV Y . -6.02 52.20 -5.12
H31A POV Y . -7.42 51.53 -5.34
H210 POV Y . -3.82 50.51 -12.08
H11 POV Y . 7.78 53.72 -11.13
H11A POV Y . 8.53 53.43 -12.47
H211 POV Y . -4.73 48.53 -11.98
H21A POV Y . -4.42 48.52 -10.47
H311 POV Y . -6.19 53.13 -7.07
H31B POV Y . -6.08 51.70 -7.71
H12 POV Y . 8.08 51.24 -12.44
H12A POV Y . 6.75 51.42 -11.60
H22 POV Y . 0.17 56.22 -14.96
H212 POV Y . -6.84 49.78 -11.01
H22A POV Y . -0.27 54.87 -14.25
H21B POV Y . -6.82 48.31 -11.51
H32 POV Y . -0.39 53.82 -9.60
H312 POV Y . -8.49 53.04 -7.13
H32A POV Y . -0.38 52.41 -10.33
H31C POV Y . -7.95 52.71 -8.56
H13 POV Y . 10.29 51.09 -9.71
H13A POV Y . 10.20 50.82 -11.29
H13B POV Y . 10.09 52.32 -10.72
H23 POV Y . -0.37 56.23 -12.17
H213 POV Y . -6.11 47.81 -9.15
H23A POV Y . -0.27 57.48 -13.10
H21C POV Y . -6.67 49.22 -8.84
H33 POV Y . 0.44 52.18 -7.71
H313 POV Y . -9.08 50.90 -8.61
H33A POV Y . -1.00 52.79 -7.80
H31D POV Y . -8.21 50.32 -7.46
H14 POV Y . 8.40 52.70 -9.09
H14A POV Y . 6.96 52.03 -9.28
H14B POV Y . 8.11 51.28 -8.43
H24 POV Y . -2.50 57.16 -12.58
H214 POV Y . -8.44 47.47 -10.17
H24A POV Y . -2.33 56.95 -14.12
H21D POV Y . -8.80 48.60 -9.17
H34 POV Y . -0.20 50.29 -8.85
H314 POV Y . -10.37 51.91 -6.62
H34A POV Y . -1.63 50.88 -9.14
H31E POV Y . -9.72 50.69 -5.89
H15 POV Y . 8.84 49.26 -9.82
H15A POV Y . 7.30 49.58 -9.81
H15B POV Y . 8.02 49.32 -11.21
H25 POV Y . -3.75 55.31 -13.22
H215 POV Y . -8.12 47.27 -7.36
H25A POV Y . -2.51 54.61 -13.87
H21E POV Y . -9.28 46.60 -8.17
H35 POV Y . -0.72 49.73 -6.77
H315 POV Y . -11.99 50.38 -6.85
H35A POV Y . -1.70 50.92 -6.59
H31F POV Y . -11.27 50.29 -8.23
H26 POV Y . -1.58 54.35 -11.68
H216 POV Y . -7.77 44.95 -7.66
H26A POV Y . -2.88 55.00 -11.07
H21F POV Y . -6.58 45.77 -8.27
H36 POV Y . -2.52 48.93 -8.36
H316 POV Y . -10.13 48.48 -6.52
H36A POV Y . -2.57 48.58 -6.82
H31G POV Y . -11.69 48.23 -6.64
H31H POV Y . -10.81 48.22 -7.95
H27 POV Y . -3.67 52.95 -12.64
H217 POV Y . -8.60 45.14 -10.09
H27A POV Y . -2.48 52.42 -11.79
H21G POV Y . -7.79 43.91 -9.56
H37 POV Y . -3.85 50.88 -7.80
H37A POV Y . -4.60 49.50 -7.83
H28 POV Y . -4.88 53.51 -10.66
H218 POV Y . -6.89 44.80 -11.55
H28A POV Y . -3.68 53.02 -9.79
H21H POV Y . -5.82 44.83 -10.37
H21J POV Y . -6.57 46.14 -10.81
H38 POV Y . -3.95 49.63 -5.32
H38A POV Y . -4.03 51.15 -5.65
H39 POV Y . -6.07 49.84 -4.84
H39A POV Y . -6.30 49.70 -6.38
N POV Z . -17.97 22.43 -5.85
P POV Z . -13.76 20.37 -6.41
C1 POV Z . -14.44 21.53 -8.67
C2 POV Z . -13.82 22.57 -9.56
C3 POV Z . -12.33 22.62 -9.35
C210 POV Z . -12.47 29.68 -8.57
C310 POV Z . -6.04 31.15 -5.60
C11 POV Z . -16.20 20.59 -5.42
O11 POV Z . -13.92 21.65 -7.34
C211 POV Z . -11.09 29.29 -9.04
C311 POV Z . -6.50 31.75 -6.91
C12 POV Z . -16.79 21.63 -6.34
O12 POV Z . -14.78 20.80 -5.26
C212 POV Z . -9.95 30.14 -8.44
C312 POV Z . -5.71 32.95 -7.38
C13 POV Z . -17.69 23.07 -4.52
O13 POV Z . -14.26 19.15 -7.09
C213 POV Z . -9.70 31.50 -9.10
C313 POV Z . -6.33 34.27 -7.00
C14 POV Z . -18.24 23.51 -6.85
O14 POV Z . -12.39 20.38 -5.87
C214 POV Z . -10.97 32.29 -9.39
C314 POV Z . -5.67 35.48 -7.64
C15 POV Z . -19.19 21.57 -5.73
C215 POV Z . -10.79 33.77 -9.64
C315 POV Z . -6.21 35.94 -8.96
C216 POV Z . -10.72 34.59 -8.37
C316 POV Z . -7.67 36.24 -9.00
C217 POV Z . -12.01 35.04 -7.68
C218 POV Z . -13.26 34.24 -7.90
C21 POV Z . -14.39 24.79 -10.25
O21 POV Z . -14.41 23.87 -9.27
C22 POV Z . -15.01 26.09 -9.79
O22 POV Z . -13.92 24.61 -11.35
C23 POV Z . -16.51 26.03 -9.59
C24 POV Z . -17.22 27.38 -9.63
C25 POV Z . -16.96 28.34 -8.48
C26 POV Z . -15.58 28.95 -8.50
C27 POV Z . -15.42 30.28 -7.79
C28 POV Z . -14.23 30.37 -6.83
C29 POV Z . -12.87 29.91 -7.32
C31 POV Z . -11.67 24.66 -8.30
O31 POV Z . -12.00 23.38 -8.16
C32 POV Z . -11.32 25.28 -6.99
O32 POV Z . -11.66 25.25 -9.35
C33 POV Z . -9.94 25.92 -7.01
C34 POV Z . -9.89 27.28 -6.34
C35 POV Z . -9.99 27.24 -4.84
C36 POV Z . -9.34 28.42 -4.14
C37 POV Z . -7.87 28.17 -3.92
C38 POV Z . -6.90 29.35 -3.95
C39 POV Z . -7.20 30.47 -4.91
H29 POV Z . -12.21 29.76 -6.61
H1 POV Z . -14.25 20.63 -8.98
H1A POV Z . -15.41 21.67 -8.69
H2 POV Z . -13.96 22.31 -10.50
H3 POV Z . -12.01 21.70 -9.24
H3A POV Z . -11.90 23.01 -10.14
H310 POV Z . -5.34 30.49 -5.74
H31A POV Z . -5.66 31.85 -5.02
H210 POV Z . -13.11 29.78 -9.29
H11 POV Z . -16.61 20.61 -4.53
H11A POV Z . -16.38 19.69 -5.77
H211 POV Z . -10.94 28.34 -8.82
H21A POV Z . -11.03 29.34 -10.01
H311 POV Z . -6.46 31.07 -7.60
H31B POV Z . -7.44 32.02 -6.85
H12 POV Z . -17.08 21.20 -7.17
H12A POV Z . -16.11 22.30 -6.56
H22 POV Z . -14.56 26.29 -8.94
H212 POV Z . -10.09 30.28 -7.49
H22A POV Z . -14.78 26.78 -10.44
H21B POV Z . -9.13 29.63 -8.51
H32 POV Z . -12.00 25.94 -6.75
H312 POV Z . -4.82 32.89 -6.99
H32A POV Z . -11.31 24.56 -6.34
H31C POV Z . -5.63 32.90 -8.35
H13 POV Z . -18.16 23.93 -4.46
H13A POV Z . -18.02 22.47 -3.81
H13B POV Z . -16.73 23.19 -4.41
H23 POV Z . -16.91 25.47 -10.29
H213 POV Z . -9.12 32.03 -8.52
H23A POV Z . -16.72 25.56 -8.75
H21C POV Z . -9.22 31.35 -9.94
H33 POV Z . -9.31 25.34 -6.56
H313 POV Z . -7.29 34.23 -7.22
H33A POV Z . -9.65 25.99 -7.94
H31D POV Z . -6.28 34.37 -6.03
H14 POV Z . -18.14 23.14 -7.74
H14A POV Z . -19.14 23.85 -6.72
H14B POV Z . -17.59 24.23 -6.70
H24 POV Z . -16.97 27.82 -10.47
H214 POV Z . -11.56 32.21 -8.62
H24A POV Z . -18.19 27.23 -9.70
H21D POV Z . -11.44 31.88 -10.15
H34 POV Z . -10.63 27.82 -6.66
H314 POV Z . -4.74 35.27 -7.79
H34A POV Z . -9.06 27.73 -6.62
H31E POV Z . -5.68 36.24 -7.03
H15 POV Z . -19.91 22.04 -5.28
H15A POV Z . -19.49 21.36 -6.64
H15B POV Z . -18.96 20.74 -5.27
H25 POV Z . -17.62 29.07 -8.53
H215 POV Z . -9.97 33.90 -10.15
H25A POV Z . -17.12 27.87 -7.65
H21E POV Z . -11.52 34.10 -10.19
H35 POV Z . -10.92 27.24 -4.59
H315 POV Z . -5.77 36.77 -9.17
H35A POV Z . -9.60 26.40 -4.52
H31F POV Z . -6.00 35.28 -9.65
H26 POV Z . -14.95 28.32 -8.10
H216 POV Z . -10.25 35.42 -8.60
H26A POV Z . -15.29 29.07 -9.42
H21F POV Z . -10.17 34.11 -7.71
H36 POV Z . -9.57 29.23 -4.64
H316 POV Z . -8.03 36.29 -8.10
H36A POV Z . -9.75 28.54 -3.27
H31G POV Z . -7.84 37.09 -9.44
H31H POV Z . -8.14 35.54 -9.50
H27 POV Z . -15.33 30.99 -8.46
H217 POV Z . -12.19 35.94 -7.99
H27A POV Z . -16.23 30.48 -7.29
H21G POV Z . -11.86 35.07 -6.72
H37 POV Z . -7.79 27.81 -3.03
H37A POV Z . -7.61 27.44 -4.49
H28 POV Z . -14.47 29.92 -6.00
H218 POV Z . -13.19 33.35 -7.52
H28A POV Z . -14.14 31.32 -6.59
H21H POV Z . -13.46 34.16 -8.84
H21J POV Z . -14.00 34.69 -7.46
H38 POV Z . -6.97 29.73 -3.05
H38A POV Z . -5.98 29.04 -4.04
H39 POV Z . -7.56 31.14 -4.33
H39A POV Z . -7.86 30.22 -5.58
N POV AA . 5.53 51.59 -18.20
P POV AA . 4.06 49.47 -21.81
C1 POV AA . 2.61 47.78 -20.38
C2 POV AA . 3.01 46.52 -19.64
C3 POV AA . 3.51 46.81 -18.24
C210 POV AA . 1.53 35.57 -18.23
C310 POV AA . -3.66 44.99 -13.48
C11 POV AA . 3.89 51.58 -20.19
O11 POV AA . 3.74 48.68 -20.46
C211 POV AA . 0.35 35.74 -17.37
C311 POV AA . -2.99 43.74 -12.97
C12 POV AA . 4.90 52.35 -19.36
O12 POV AA . 4.61 50.84 -21.21
C212 POV AA . -0.84 35.01 -17.93
C312 POV AA . -3.84 42.99 -12.01
C13 POV AA . 6.01 50.25 -18.67
O13 POV AA . 2.81 49.71 -22.56
C213 POV AA . -1.21 33.75 -17.19
C313 POV AA . -4.31 41.65 -12.53
C14 POV AA . 6.71 52.37 -17.70
O14 POV AA . 5.18 48.79 -22.48
C214 POV AA . -0.13 32.69 -17.18
C314 POV AA . -5.33 41.74 -13.64
C15 POV AA . 4.56 51.41 -17.08
C215 POV AA . -0.39 31.59 -16.17
C315 POV AA . -6.65 42.41 -13.27
C216 POV AA . -1.77 30.95 -16.30
C316 POV AA . -7.26 41.90 -11.98
C217 POV AA . -1.85 29.52 -15.77
C218 POV AA . -1.83 28.50 -16.86
C21 POV AA . 4.21 44.57 -20.60
O21 POV AA . 4.06 45.91 -20.45
C22 POV AA . 3.56 43.75 -19.50
O22 POV AA . 4.79 44.06 -21.52
C23 POV AA . 3.98 42.28 -19.49
C24 POV AA . 3.04 41.38 -20.27
C25 POV AA . 1.75 41.02 -19.54
C26 POV AA . 1.05 39.80 -20.13
C27 POV AA . 1.04 38.60 -19.21
C28 POV AA . 0.83 37.26 -19.89
C29 POV AA . 1.75 36.23 -19.33
C31 POV AA . 1.72 47.99 -17.21
O31 POV AA . 2.95 48.05 -17.73
C32 POV AA . 1.28 49.35 -16.73
O32 POV AA . 1.05 47.00 -17.16
C33 POV AA . 1.69 49.63 -15.30
C34 POV AA . 0.55 50.07 -14.39
C35 POV AA . -0.54 49.01 -14.18
C36 POV AA . -0.06 47.75 -13.49
C37 POV AA . -1.18 46.77 -13.25
C38 POV AA . -1.47 45.89 -14.44
C39 POV AA . -2.95 45.62 -14.67
H29 POV AA . 2.57 36.06 -19.84
H1 POV AA . 1.87 48.25 -19.95
H1A POV AA . 2.33 47.53 -21.29
H2 POV AA . 2.18 46.00 -19.57
H3 POV AA . 3.28 46.08 -17.63
H3A POV AA . 4.48 46.91 -18.25
H310 POV AA . -4.57 44.76 -13.75
H31A POV AA . -3.73 45.63 -12.75
H210 POV AA . 2.18 34.90 -17.96
H11 POV AA . 3.42 50.95 -19.61
H11A POV AA . 3.21 52.16 -20.57
H211 POV AA . 0.59 35.37 -16.49
H21A POV AA . 0.13 36.68 -17.22
H311 POV AA . -2.76 43.16 -13.73
H31B POV AA . -2.15 43.98 -12.54
H12 POV AA . 4.49 53.16 -18.99
H12A POV AA . 5.63 52.62 -19.95
H22 POV AA . 3.78 44.12 -18.63
H212 POV AA . -1.61 35.61 -17.95
H22A POV AA . 2.60 43.77 -19.67
H21B POV AA . -0.64 34.76 -18.86
H32 POV AA . 1.68 50.01 -17.33
H312 POV AA . -3.35 42.86 -11.18
H32A POV AA . 0.30 49.40 -16.84
H31C POV AA . -4.61 43.54 -11.78
H13 POV AA . 5.26 49.64 -18.77
H13A POV AA . 6.44 50.37 -19.53
H13B POV AA . 6.65 49.87 -18.04
H23 POV AA . 4.89 42.20 -19.85
H213 POV AA . -1.46 33.98 -16.27
H23A POV AA . 4.03 41.98 -18.56
H21C POV AA . -2.01 33.39 -17.62
H33 POV AA . 2.13 48.85 -14.91
H313 POV AA . -3.55 41.16 -12.89
H33A POV AA . 2.37 50.35 -15.31
H31D POV AA . -4.67 41.10 -11.80
H14 POV AA . 6.40 53.24 -17.37
H14A POV AA . 7.15 51.88 -16.99
H14B POV AA . 7.34 52.50 -18.44
H24 POV AA . 2.80 41.82 -21.11
H214 POV AA . 0.74 33.07 -16.98
H24A POV AA . 3.52 40.57 -20.53
H21D POV AA . -0.07 32.30 -18.07
H34 POV AA . 0.13 50.87 -14.77
H314 POV AA . -5.50 40.85 -13.98
H34A POV AA . 0.91 50.33 -13.53
H31E POV AA . -4.93 42.24 -14.37
H15 POV AA . 3.99 52.21 -16.98
H15A POV AA . 3.97 50.66 -17.26
H15B POV AA . 5.06 51.24 -16.25
H25 POV AA . 1.95 40.84 -18.59
H215 POV AA . 0.29 30.90 -16.22
H25A POV AA . 1.15 41.78 -19.56
H21E POV AA . -0.33 31.98 -15.28
H35 POV AA . -1.26 49.41 -13.66
H315 POV AA . -7.31 42.28 -13.98
H35A POV AA . -0.94 48.77 -15.04
H31F POV AA . -6.50 43.37 -13.21
H26 POV AA . 0.13 40.04 -20.34
H216 POV AA . -2.03 30.97 -17.24
H26A POV AA . 1.49 39.57 -20.98
H21F POV AA . -2.41 31.51 -15.82
H36 POV AA . 0.61 47.32 -14.03
H316 POV AA . -7.23 40.92 -11.95
H36A POV AA . 0.34 47.99 -12.64
H31G POV AA . -6.77 42.25 -11.20
H31H POV AA . -8.20 42.17 -11.89
H27 POV AA . 0.33 38.73 -18.54
H217 POV AA . -2.67 29.39 -15.26
H27A POV AA . 1.88 38.56 -18.71
H21G POV AA . -1.10 29.33 -15.16
H37 POV AA . -0.93 46.21 -12.50
H37A POV AA . -1.98 47.26 -12.98
H28 POV AA . -0.11 36.99 -19.81
H218 POV AA . -0.94 28.47 -17.26
H28A POV AA . 1.01 37.34 -20.84
H21H POV AA . -2.49 28.70 -17.55
H21J POV AA . -2.03 27.61 -16.51
H38 POV AA . -1.09 46.31 -15.25
H38A POV AA . -1.01 45.05 -14.33
H39 POV AA . -3.03 45.04 -15.44
H39A POV AA . -3.39 46.47 -14.89
C13 DU0 BA . 5.18 39.86 14.05
C15 DU0 BA . 8.85 39.89 12.86
C17 DU0 BA . 12.49 45.53 13.99
C20 DU0 BA . 14.27 47.72 14.60
C21 DU0 BA . 15.32 48.72 15.06
C22 DU0 BA . 15.95 49.44 13.90
C24 DU0 BA . 17.18 51.51 13.65
C26 DU0 BA . 16.77 54.02 13.96
C01 DU0 BA . 12.45 42.58 13.11
C02 DU0 BA . 11.68 43.69 12.38
C03 DU0 BA . 11.30 44.84 13.33
C04 DU0 BA . 10.18 44.25 14.20
C05 DU0 BA . 9.39 43.44 13.19
C06 DU0 BA . 10.26 43.24 11.94
C07 DU0 BA . 9.98 41.78 11.52
C08 DU0 BA . 9.65 41.62 10.04
C09 DU0 BA . 8.87 41.35 12.48
C11 DU0 BA . 6.51 41.51 12.75
C12 DU0 BA . 6.36 40.06 13.13
C14 DU0 BA . 7.65 39.57 13.74
C18 DU0 BA . 12.02 46.68 14.88
C19 DU0 BA . 13.08 47.68 15.17
C25 DU0 BA . 16.45 52.59 14.40
C27 DU0 BA . 15.62 54.96 14.27
C51 DU0 BA . 18.05 54.53 14.62
C75 DU0 BA . 16.50 48.45 12.90
C76 DU0 BA . 15.38 47.56 12.38
C77 DU0 BA . 14.69 46.76 13.49
C78 DU0 BA . 15.68 45.74 14.08
C79 DU0 BA . 13.43 46.07 12.91
C80 DU0 BA . 13.77 45.00 11.85
C81 DU0 BA . 12.54 44.30 11.28
O10 DU0 BA . 7.64 41.72 11.89
O16 DU0 BA . 9.10 42.12 13.65
O23 DU0 BA . 17.01 50.28 14.34
O28 DU0 BA . 15.18 54.80 15.61
O52 DU0 BA . 17.84 54.90 15.97
H1 DU0 BA . 5.36 39.16 14.71
H2 DU0 BA . 4.42 39.57 13.51
H3 DU0 BA . 4.96 40.70 14.49
H4 DU0 BA . 8.81 39.33 12.06
H5 DU0 BA . 9.67 39.66 13.34
H6 DU0 BA . 12.98 44.90 14.56
H7 DU0 BA . 14.91 49.38 15.67
H8 DU0 BA . 16.00 48.27 15.58
H9 DU0 BA . 15.27 49.97 13.44
H10 DU0 BA . 16.83 51.43 12.73
H11 DU0 BA . 18.13 51.73 13.58
H12 DU0 BA . 16.91 54.01 12.98
H13 DU0 BA . 11.90 42.12 13.78
H14 DU0 BA . 12.75 41.93 12.45
H15 DU0 BA . 13.26 42.88 13.57
H16 DU0 BA . 10.87 45.53 12.79
H17 DU0 BA . 10.54 43.69 14.92
H18 DU0 BA . 9.63 44.95 14.61
H19 DU0 BA . 8.55 43.88 12.95
H20 DU0 BA . 9.95 43.85 11.24
H21 DU0 BA . 10.72 41.16 11.67
H22 DU0 BA . 9.44 40.69 9.85
H23 DU0 BA . 8.91 42.19 9.80
H24 DU0 BA . 10.41 41.86 9.46
H25 DU0 BA . 5.72 41.82 12.27
H26 DU0 BA . 6.60 42.07 13.54
H27 DU0 BA . 6.16 39.53 12.33
H28 DU0 BA . 7.62 38.61 13.93
H29 DU0 BA . 7.78 40.03 14.59
H30 DU0 BA . 11.27 47.14 14.47
H31 DU0 BA . 11.69 46.30 15.72
H32 DU0 BA . 12.86 48.35 15.84
H33 DU0 BA . 15.49 52.42 14.33
H34 DU0 BA . 16.67 52.49 15.35
H35 DU0 BA . 15.88 55.89 14.17
H36 DU0 BA . 14.86 54.82 13.67
H37 DU0 BA . 18.75 53.85 14.61
H38 DU0 BA . 18.37 55.32 14.14
H39 DU0 BA . 16.91 48.93 12.15
H40 DU0 BA . 17.22 47.93 13.31
H41 DU0 BA . 14.72 48.14 11.94
H42 DU0 BA . 15.76 46.96 11.71
H43 DU0 BA . 15.24 45.13 14.70
H44 DU0 BA . 16.12 45.23 13.38
H45 DU0 BA . 16.41 46.17 14.58
H46 DU0 BA . 12.91 46.75 12.43
H47 DU0 BA . 14.23 45.39 11.08
H48 DU0 BA . 14.37 44.31 12.17
H49 DU0 BA . 12.83 43.61 10.65
H50 DU0 BA . 12.02 44.95 10.76
H51 DU0 BA . 14.44 54.37 15.57
H52 DU0 BA . 17.22 54.40 16.29
N POV CA . 9.39 41.76 -18.09
P POV CA . 9.06 38.56 -21.19
C1 POV CA . 7.71 36.32 -21.02
C2 POV CA . 6.30 36.69 -20.62
C3 POV CA . 6.13 37.06 -19.17
C210 POV CA . 3.25 27.20 -18.78
C310 POV CA . 6.01 28.81 -14.18
C11 POV CA . 7.88 40.15 -19.41
O11 POV CA . 8.29 37.34 -21.86
C211 POV CA . 2.53 26.60 -19.94
C311 POV CA . 4.61 29.06 -14.63
C12 POV CA . 9.27 40.65 -19.10
O12 POV CA . 7.79 39.31 -20.59
C212 POV CA . 2.29 25.14 -19.78
C312 POV CA . 3.73 27.82 -14.68
C13 POV CA . 10.83 41.85 -17.66
O13 POV CA . 9.96 38.05 -20.12
C213 POV CA . 1.00 24.70 -20.40
C313 POV CA . 2.30 28.11 -15.19
C14 POV CA . 9.01 43.07 -18.71
O14 POV CA . 9.63 39.38 -22.28
C214 POV CA . 0.87 23.22 -20.64
C314 POV CA . 1.62 27.01 -16.01
C15 POV CA . 8.54 41.52 -16.88
C215 POV CA . 1.11 22.35 -19.43
C315 POV CA . 0.55 26.22 -15.30
C216 POV CA . 1.12 20.88 -19.75
C316 POV CA . -0.21 25.29 -16.19
C217 POV CA . -0.25 20.34 -19.97
C218 POV CA . -0.84 19.84 -18.73
C21 POV CA . 5.13 35.16 -22.02
O21 POV CA . 5.48 35.51 -20.79
C22 POV CA . 4.46 33.83 -22.01
O22 POV CA . 5.31 35.84 -22.99
C23 POV CA . 5.37 32.78 -21.39
C24 POV CA . 4.60 31.87 -20.49
C25 POV CA . 4.28 32.50 -19.18
C26 POV CA . 3.89 31.49 -18.13
C27 POV CA . 2.55 30.85 -18.37
C28 POV CA . 2.56 29.57 -19.16
C29 POV CA . 3.24 28.46 -18.45
C31 POV CA . 4.66 38.48 -17.77
O31 POV CA . 5.12 38.08 -18.99
C32 POV CA . 5.13 37.71 -16.55
O32 POV CA . 3.94 39.42 -17.64
C33 POV CA . 4.13 36.73 -15.96
C34 POV CA . 4.48 35.25 -16.18
C35 POV CA . 5.33 34.61 -15.10
C36 POV CA . 6.33 33.54 -15.59
C37 POV CA . 5.91 32.07 -15.42
C38 POV CA . 6.67 31.29 -14.34
C39 POV CA . 7.01 29.86 -14.65
H29 POV CA . 3.70 28.72 -17.63
H1 POV CA . 8.32 36.24 -20.27
H1A POV CA . 7.74 35.46 -21.51
H2 POV CA . 5.95 37.43 -21.17
H3 POV CA . 5.89 36.23 -18.73
H3A POV CA . 6.98 37.41 -18.82
H310 POV CA . 6.00 28.76 -13.21
H31A POV CA . 6.29 27.93 -14.49
H210 POV CA . 3.77 26.58 -18.24
H11 POV CA . 7.29 40.92 -19.59
H11A POV CA . 7.47 39.68 -18.65
H211 POV CA . 1.66 27.05 -20.04
H21A POV CA . 3.01 26.75 -20.77
H311 POV CA . 4.23 29.68 -13.99
H31B POV CA . 4.61 29.52 -15.49
H12 POV CA . 9.71 40.98 -19.91
H12A POV CA . 9.80 39.92 -18.72
H22 POV CA . 3.64 33.90 -21.48
H212 POV CA . 3.00 24.65 -20.23
H22A POV CA . 4.25 33.58 -22.93
H21B POV CA . 2.31 24.88 -18.85
H32 POV CA . 6.01 37.27 -16.60
H312 POV CA . 4.17 27.15 -15.23
H32A POV CA . 5.21 38.40 -15.87
H31C POV CA . 3.71 27.45 -13.77
H13 POV CA . 11.03 41.08 -17.09
H13A POV CA . 11.40 41.83 -18.45
H13B POV CA . 11.00 42.68 -17.15
H23 POV CA . 5.81 32.26 -22.08
H213 POV CA . 0.28 24.96 -19.79
H23A POV CA . 6.10 33.21 -20.88
H21C POV CA . 0.87 25.18 -21.24
H33 POV CA . 4.07 36.89 -15.00
H313 POV CA . 1.71 28.35 -14.44
H33A POV CA . 3.26 36.92 -16.34
H31D POV CA . 2.33 28.91 -15.76
H14 POV CA . 8.50 42.89 -19.53
H14A POV CA . 8.45 43.56 -18.08
H14B POV CA . 9.82 43.57 -18.92
H24 POV CA . 3.77 31.63 -20.92
H214 POV CA . -0.03 23.05 -20.98
H24A POV CA . 5.11 31.05 -20.33
H21D POV CA . 1.49 22.96 -21.35
H34 POV CA . 4.93 35.15 -17.04
H314 POV CA . 1.20 27.42 -16.79
H34A POV CA . 3.65 34.75 -16.23
H31E POV CA . 2.28 26.38 -16.33
H15 POV CA . 7.59 41.62 -17.08
H15A POV CA . 8.69 40.60 -16.56
H15B POV CA . 8.80 42.14 -16.18
H25 POV CA . 3.55 33.14 -19.33
H215 POV CA . 1.96 22.57 -19.00
H25A POV CA . 5.04 33.01 -18.87
H21E POV CA . 0.41 22.52 -18.78
H35 POV CA . 5.83 35.32 -14.65
H315 POV CA . 0.97 25.68 -14.59
H35A POV CA . 4.73 34.23 -14.45
H31F POV CA . -0.08 26.83 -14.87
H26 POV CA . 4.58 30.82 -18.08
H216 POV CA . 1.68 20.72 -20.54
H26A POV CA . 3.85 31.95 -17.27
H21F POV CA . 1.54 20.39 -19.01
H36 POV CA . 6.54 33.67 -16.53
H316 POV CA . -0.09 24.36 -15.91
H36A POV CA . 7.16 33.69 -15.11
H31G POV CA . -1.17 25.48 -16.16
H31H POV CA . 0.08 25.38 -17.13
H27 POV CA . 2.16 30.67 -17.49
H217 POV CA . -0.83 21.03 -20.31
H27A POV CA . 1.98 31.49 -18.82
H21G POV CA . -0.23 19.62 -20.62
H37 POV CA . 4.97 32.03 -15.22
H37A POV CA . 6.03 31.62 -16.27
H28 POV CA . 1.65 29.33 -19.38
H218 POV CA . -1.74 19.51 -18.90
H28A POV CA . 3.03 29.68 -20.01
H21H POV CA . -0.30 19.11 -18.37
H21J POV CA . -0.88 20.55 -18.06
H38 POV CA . 7.51 31.73 -14.14
H38A POV CA . 6.13 31.29 -13.53
H39 POV CA . 7.86 29.68 -14.22
H39A POV CA . 7.17 29.76 -15.60
C11 ZEI DA . -0.11 16.75 -24.08
C12 ZEI DA . -0.02 17.96 -23.59
C13 ZEI DA . 0.60 19.11 -24.25
C18 ZEI DA . 1.80 20.10 -26.09
C19 ZEI DA . 1.22 19.01 -25.49
C20 ZEI DA . -1.97 12.55 -24.69
C1 ZEI DA . -3.96 9.61 -25.25
C14 ZEI DA . 0.60 20.35 -23.62
C15 ZEI DA . 1.18 21.46 -24.22
C16 ZEI DA . 1.78 21.31 -25.44
C3 ZEI DA . -2.55 11.34 -24.41
C4 ZEI DA . -2.56 10.83 -23.12
C5 ZEI DA . -1.97 11.57 -22.11
C6 ZEI DA . -1.37 12.79 -22.38
C7 ZEI DA . -1.37 13.28 -23.68
C9 ZEI DA . -0.75 15.65 -23.34
N8 ZEI DA . -0.82 14.52 -24.04
O10 ZEI DA . -1.19 15.77 -22.19
O2 ZEI DA . -3.16 10.75 -25.49
CL17 ZEI DA . 2.54 22.69 -26.19
H1 ZEI DA . 0.23 16.49 -24.95
H2 ZEI DA . -0.40 18.16 -22.73
H3 ZEI DA . 2.21 20.01 -26.96
H4 ZEI DA . 1.24 18.15 -25.95
H5 ZEI DA . -1.99 12.88 -25.61
H6 ZEI DA . -4.70 9.81 -24.64
H7 ZEI DA . -3.43 8.86 -24.91
H8 ZEI DA . -4.35 9.35 -26.11
H9 ZEI DA . 0.16 20.45 -22.76
H10 ZEI DA . 1.16 22.32 -23.76
H11 ZEI DA . -2.97 9.98 -22.88
H12 ZEI DA . -1.95 11.22 -21.21
H13 ZEI DA . -0.98 13.29 -21.66
H14 ZEI DA . -0.49 14.53 -24.85
N POV EA . -8.68 10.79 -33.93
P POV EA . -7.57 8.22 -36.97
C1 POV EA . -5.35 8.96 -38.19
C2 POV EA . -5.33 8.84 -39.68
C3 POV EA . -5.12 7.46 -40.17
C210 POV EA . 1.54 10.46 -45.11
C310 POV EA . -3.15 11.39 -48.69
C11 POV EA . -6.62 9.70 -34.99
O11 POV EA . -6.09 7.94 -37.51
C211 POV EA . 1.60 10.86 -46.55
C311 POV EA . -3.06 11.74 -50.19
C12 POV EA . -7.50 10.91 -34.83
O12 POV EA . -7.30 8.51 -35.43
C212 POV EA . 1.32 9.79 -47.57
C312 POV EA . -1.64 11.79 -50.76
C13 POV EA . -8.39 9.95 -32.74
O13 POV EA . -8.13 9.41 -37.64
C213 POV EA . 1.33 10.32 -49.00
C313 POV EA . -1.53 12.58 -52.06
C14 POV EA . -9.07 12.14 -33.46
O14 POV EA . -8.29 6.93 -37.02
C214 POV EA . 2.69 10.20 -49.70
C314 POV EA . -1.10 14.04 -51.91
C15 POV EA . -9.83 10.20 -34.66
C215 POV EA . 2.99 11.27 -50.77
C315 POV EA . -1.83 14.83 -50.83
C216 POV EA . 1.84 11.65 -51.67
C316 POV EA . -1.41 16.25 -50.82
C217 POV EA . 2.21 12.59 -52.82
C218 POV EA . 3.20 12.02 -53.81
C21 POV EA . -4.31 10.87 -40.41
O21 POV EA . -4.16 9.57 -40.15
C22 POV EA . -3.05 11.47 -40.90
O22 POV EA . -5.34 11.47 -40.25
C23 POV EA . -3.29 12.64 -41.84
C24 POV EA . -3.74 12.20 -43.21
C25 POV EA . -3.18 13.05 -44.36
C26 POV EA . -2.61 12.26 -45.52
C27 POV EA . -1.48 11.31 -45.17
C28 POV EA . -0.34 11.93 -44.40
C29 POV EA . 0.76 10.96 -44.19
C31 POV EA . -6.42 7.33 -42.27
O31 POV EA . -6.26 7.02 -40.96
C32 POV EA . -5.27 8.06 -42.90
O32 POV EA . -7.42 7.07 -42.87
C33 POV EA . -5.42 8.23 -44.42
C34 POV EA . -5.27 6.92 -45.19
C35 POV EA . -4.64 7.08 -46.58
C36 POV EA . -3.12 6.99 -46.61
C37 POV EA . -2.41 8.33 -46.83
C38 POV EA . -2.55 8.92 -48.24
C39 POV EA . -3.65 9.98 -48.38
H29 POV EA . 0.91 10.69 -43.27
H1 POV EA . -4.44 8.95 -37.86
H1A POV EA . -5.77 9.82 -37.97
H2 POV EA . -6.15 9.17 -40.09
H3 POV EA . -4.23 7.37 -40.56
H3A POV EA . -5.12 6.88 -39.39
H310 POV EA . -2.27 11.52 -48.27
H31A POV EA . -3.74 12.03 -48.27
H210 POV EA . 2.15 9.74 -44.84
H11 POV EA . -5.95 9.92 -35.66
H11A POV EA . -6.12 9.55 -34.16
H211 POV EA . 0.96 11.59 -46.69
H21A POV EA . 2.47 11.26 -46.75
H311 POV EA . -3.57 11.11 -50.71
H31B POV EA . -3.48 12.61 -50.32
H12 POV EA . -7.84 11.21 -35.70
H12A POV EA . -6.95 11.60 -34.44
H22 POV EA . -2.55 11.77 -40.10
H212 POV EA . 1.97 9.06 -47.48
H22A POV EA . -2.54 10.78 -41.35
H21B POV EA . 0.44 9.39 -47.39
H32 POV EA . -5.17 8.93 -42.47
H312 POV EA . -1.03 12.18 -50.09
H32A POV EA . -4.46 7.52 -42.77
H31C POV EA . -1.33 10.87 -50.91
H13 POV EA . -7.52 10.22 -32.40
H13A POV EA . -9.08 10.10 -32.06
H13B POV EA . -8.39 9.00 -32.99
H23 POV EA . -3.98 13.20 -41.45
H213 POV EA . 0.65 9.87 -49.53
H23A POV EA . -2.49 13.18 -41.90
H21C POV EA . 1.08 11.27 -48.97
H33 POV EA . -6.29 8.62 -44.60
H313 POV EA . -0.89 12.14 -52.66
H33A POV EA . -4.76 8.87 -44.75
H31D POV EA . -2.39 12.57 -52.53
H14 POV EA . -8.60 12.30 -32.61
H14A POV EA . -8.81 12.80 -34.14
H14B POV EA . -10.04 12.17 -33.35
H24 POV EA . -3.53 11.26 -43.33
H214 POV EA . 3.39 10.24 -49.01
H24A POV EA . -4.71 12.26 -43.23
H21D POV EA . 2.76 9.31 -50.11
H34 POV EA . -4.77 6.28 -44.65
H314 POV EA . -0.14 14.10 -51.76
H34A POV EA . -6.16 6.54 -45.29
H31E POV EA . -1.25 14.52 -52.76
H15 POV EA . -10.18 10.89 -35.26
H15A POV EA . -9.51 9.46 -35.21
H15B POV EA . -10.49 9.88 -34.02
H25 POV EA . -3.91 13.59 -44.72
H215 POV EA . 3.36 12.07 -50.33
H25A POV EA . -2.51 13.69 -44.06
H21E POV EA . 3.72 10.93 -51.33
H35 POV EA . -4.99 6.39 -47.18
H315 POV EA . -2.79 14.78 -50.98
H35A POV EA . -4.92 7.93 -46.95
H31F POV EA . -1.64 14.45 -49.95
H26 POV EA . -3.34 11.76 -45.92
H216 POV EA . 1.43 10.85 -52.04
H26A POV EA . -2.31 12.89 -46.20
H21F POV EA . 1.15 12.10 -51.14
H36 POV EA . -2.80 6.61 -45.78
H316 POV EA . -1.28 16.56 -49.89
H36A POV EA . -2.85 6.38 -47.33
H31G POV EA . -0.57 16.39 -51.31
H31H POV EA . -2.09 16.83 -51.23
H27 POV EA . -1.82 10.56 -44.66
H217 POV EA . 1.40 12.85 -53.31
H27A POV EA . -1.13 10.94 -46.01
H21G POV EA . 2.59 13.42 -52.46
H37 POV EA . -2.72 8.96 -46.16
H37A POV EA . -1.45 8.18 -46.65
H28 POV EA . -0.03 12.74 -44.86
H218 POV EA . 4.10 12.03 -53.45
H28A POV EA . -0.67 12.21 -43.52
H21H POV EA . 2.98 11.08 -54.02
H21J POV EA . 3.18 12.53 -54.64
H38 POV EA . -1.69 9.30 -48.52
H38A POV EA . -2.74 8.19 -48.87
H39 POV EA . -4.17 10.03 -47.55
H39A POV EA . -4.29 9.69 -49.06
N POV FA . -12.12 11.40 -6.80
P POV FA . -9.69 14.68 -8.61
C1 POV FA . -10.87 15.24 -10.88
C2 POV FA . -10.82 16.40 -11.84
C3 POV FA . -10.55 15.94 -13.25
C210 POV FA . -4.13 24.25 -12.88
C310 POV FA . -8.92 26.08 -14.94
C11 POV FA . -9.83 12.19 -7.75
O11 POV FA . -9.65 15.19 -10.12
C211 POV FA . -4.23 24.76 -14.26
C311 POV FA . -8.57 27.56 -15.08
C12 POV FA . -11.12 11.43 -7.96
O12 POV FA . -9.62 13.10 -8.85
C212 POV FA . -3.44 26.02 -14.50
C312 POV FA . -7.08 27.88 -15.03
C13 POV FA . -13.19 10.40 -7.10
O13 POV FA . -11.02 15.01 -8.04
C213 POV FA . -3.91 27.19 -13.66
C313 POV FA . -6.35 27.68 -16.36
C14 POV FA . -11.47 11.02 -5.50
O14 POV FA . -8.46 15.10 -7.90
C214 POV FA . -2.95 27.67 -12.62
C314 POV FA . -5.47 28.83 -16.83
C15 POV FA . -12.77 12.74 -6.66
C215 POV FA . -3.60 28.03 -11.31
C315 POV FA . -6.10 30.22 -16.87
C216 POV FA . -4.72 29.04 -11.40
C316 POV FA . -7.56 30.20 -17.26
C217 POV FA . -4.30 30.41 -11.87
C218 POV FA . -4.49 30.69 -13.33
C21 POV FA . -10.02 18.16 -10.41
O21 POV FA . -9.75 17.29 -11.40
C22 POV FA . -8.80 18.93 -10.03
O22 POV FA . -11.11 18.29 -9.91
C23 POV FA . -9.06 20.17 -9.15
C24 POV FA . -9.14 21.47 -9.93
C25 POV FA . -7.78 22.04 -10.31
C26 POV FA . -7.85 23.15 -11.35
C27 POV FA . -7.32 24.51 -10.91
C28 POV FA . -6.29 25.10 -11.88
C29 POV FA . -5.05 24.29 -11.94
C31 POV FA . -11.10 17.70 -14.77
O31 POV FA . -10.17 17.07 -14.05
C32 POV FA . -10.54 18.86 -15.55
O32 POV FA . -12.27 17.37 -14.81
C33 POV FA . -9.19 19.36 -15.08
C34 POV FA . -8.63 20.46 -15.99
C35 POV FA . -9.31 21.79 -15.83
C36 POV FA . -8.73 22.63 -14.72
C37 POV FA . -7.42 23.31 -15.11
C38 POV FA . -7.51 24.33 -16.23
C39 POV FA . -8.72 25.25 -16.21
H29 POV FA . -4.96 23.69 -11.19
H1 POV FA . -11.63 15.33 -10.26
H1A POV FA . -10.98 14.42 -11.39
H2 POV FA . -11.68 16.87 -11.86
H3 POV FA . -9.84 15.27 -13.22
H3A POV FA . -11.35 15.51 -13.61
H310 POV FA . -8.40 25.70 -14.21
H31A POV FA . -9.86 26.00 -14.68
H210 POV FA . -3.27 23.85 -12.65
H11 POV FA . -9.88 12.74 -6.94
H11A POV FA . -9.08 11.59 -7.63
H211 POV FA . -3.90 24.05 -14.85
H21A POV FA . -5.16 24.92 -14.52
H311 POV FA . -8.95 27.90 -15.91
H31B POV FA . -9.01 28.05 -14.35
H12 POV FA . -10.91 10.48 -8.15
H12A POV FA . -11.59 11.80 -8.72
H22 POV FA . -8.22 18.31 -9.55
H212 POV FA . -2.49 25.84 -14.35
H22A POV FA . -8.35 19.21 -10.86
H21B POV FA . -3.54 26.27 -15.45
H32 POV FA . -10.48 18.59 -16.49
H312 POV FA . -6.95 28.79 -14.71
H32A POV FA . -11.19 19.58 -15.48
H31C POV FA . -6.67 27.30 -14.38
H13 POV FA . -12.79 9.51 -7.05
H13A POV FA . -13.90 10.51 -6.43
H13B POV FA . -13.57 10.57 -8.00
H23 POV FA . -9.90 20.04 -8.66
H213 POV FA . -4.13 27.94 -14.26
H23A POV FA . -8.35 20.23 -8.48
H21C POV FA . -4.75 26.93 -13.23
H33 POV FA . -9.27 19.71 -14.17
H313 POV FA . -5.76 26.90 -16.28
H33A POV FA . -8.55 18.63 -15.06
H31D POV FA . -6.99 27.47 -17.07
H14 POV FA . -11.28 11.84 -4.99
H14A POV FA . -12.08 10.45 -4.98
H14B POV FA . -10.64 10.54 -5.67
H24 POV FA . -9.67 21.32 -10.74
H214 POV FA . -2.30 26.96 -12.45
H24A POV FA . -9.60 22.14 -9.40
H21D POV FA . -2.46 28.44 -12.97
H34 POV FA . -7.68 20.56 -15.83
H314 POV FA . -4.67 28.87 -16.26
H34A POV FA . -8.71 20.18 -16.93
H31E POV FA . -5.15 28.62 -17.73
H15 POV FA . -13.23 12.82 -5.80
H15A POV FA . -12.07 13.42 -6.68
H15B POV FA . -13.38 12.88 -7.41
H25 POV FA . -7.33 22.35 -9.49
H215 POV FA . -3.94 27.19 -10.94
H25A POV FA . -7.24 21.31 -10.66
H21E POV FA . -2.92 28.35 -10.68
H35 POV FA . -9.25 22.28 -16.68
H315 POV FA . -6.01 30.63 -15.98
H35A POV FA . -10.26 21.66 -15.64
H31F POV FA . -5.61 30.77 -17.49
H26 POV FA . -7.38 22.86 -12.15
H216 POV FA . -5.44 28.70 -11.96
H26A POV FA . -8.79 23.26 -11.61
H21F POV FA . -5.13 29.15 -10.52
H36 POV FA . -9.37 23.30 -14.43
H316 POV FA . -7.73 29.54 -17.97
H36A POV FA . -8.56 22.05 -13.96
H31G POV FA . -8.14 29.98 -16.50
H31H POV FA . -7.84 31.08 -17.58
H27 POV FA . -8.09 25.11 -10.82
H217 POV FA . -4.79 31.09 -11.36
H27A POV FA . -6.92 24.45 -10.02
H21G POV FA . -3.35 30.55 -11.69
H37 POV FA . -7.06 23.72 -14.31
H37A POV FA . -6.77 22.63 -15.38
H28 POV FA . -6.69 25.26 -12.75
H218 POV FA . -3.62 30.78 -13.77
H28A POV FA . -6.03 26.00 -11.56
H21H POV FA . -4.99 29.97 -13.78
H21J POV FA . -4.97 31.52 -13.45
H38 POV FA . -6.70 24.89 -16.21
H38A POV FA . -7.48 23.86 -17.10
H39 POV FA . -9.52 24.70 -16.37
H39A POV FA . -8.64 25.86 -16.98
C310 POV GA . 1.87 26.17 -46.19
C311 POV GA . 1.86 26.89 -44.87
C312 POV GA . 1.56 25.99 -43.69
C313 POV GA . 2.73 25.09 -43.28
C314 POV GA . 2.41 23.63 -43.15
C315 POV GA . 3.14 22.89 -42.06
C316 POV GA . 4.60 22.68 -42.33
C34 POV GA . 1.22 27.37 -51.81
C35 POV GA . 2.19 26.38 -51.19
C36 POV GA . 2.02 26.19 -49.70
C37 POV GA . 0.59 25.88 -49.30
C38 POV GA . 0.43 25.13 -47.98
C39 POV GA . 0.49 26.01 -46.75
H310 POV GA . 2.44 26.65 -46.81
H31A POV GA . 2.27 25.30 -46.06
H311 POV GA . 2.73 27.32 -44.71
H31B POV GA . 1.18 27.58 -44.90
H312 POV GA . 1.32 26.58 -42.95
H31C POV GA . 0.77 25.46 -43.91
H313 POV GA . 3.43 25.16 -43.95
H31D POV GA . 3.10 25.40 -42.43
H34 POV GA . 0.99 28.06 -51.15
H314 POV GA . 1.44 23.50 -43.02
H34A POV GA . 0.40 26.91 -52.04
H31E POV GA . 2.65 23.20 -43.98
H35 POV GA . 2.08 25.52 -51.64
H315 POV GA . 3.02 23.36 -41.21
H35A POV GA . 3.10 26.67 -51.37
H31F POV GA . 2.73 22.01 -41.94
H36 POV GA . 2.60 25.47 -49.38
H316 POV GA . 5.05 22.30 -41.55
H36A POV GA . 2.29 27.00 -49.23
H31G POV GA . 4.74 22.05 -43.07
H31H POV GA . 5.04 23.53 -42.56
H37 POV GA . 0.11 26.72 -49.25
H37A POV GA . 0.17 25.38 -50.03
H38 POV GA . -0.44 24.65 -48.01
H38A POV GA . 1.11 24.43 -47.92
H39 POV GA . -0.09 25.64 -46.06
H39A POV GA . 0.15 26.90 -46.97
N POV HA . 23.66 22.12 -40.00
P POV HA . 20.76 18.10 -39.03
C1 POV HA . 18.98 16.98 -40.64
C2 POV HA . 17.73 16.17 -40.36
C3 POV HA . 16.58 17.05 -40.00
C210 POV HA . 16.55 11.74 -35.74
C310 POV HA . 11.95 8.48 -34.20
C11 POV HA . 21.90 20.44 -39.18
O11 POV HA . 19.26 17.76 -39.47
C211 POV HA . 16.17 10.35 -35.36
C311 POV HA . 11.89 9.57 -33.17
C12 POV HA . 22.28 21.52 -40.18
O12 POV HA . 20.88 19.55 -39.69
C212 POV HA . 15.12 10.26 -34.29
C312 POV HA . 11.45 9.11 -31.83
C13 POV HA . 23.70 23.47 -40.64
O13 POV HA . 20.80 18.22 -37.56
C213 POV HA . 15.43 9.32 -33.14
C313 POV HA . 9.96 8.96 -31.72
C14 POV HA . 24.01 22.26 -38.54
O14 POV HA . 21.73 17.22 -39.72
C214 POV HA . 15.87 10.05 -31.89
C314 POV HA . 9.45 9.00 -30.31
C15 POV HA . 24.68 21.25 -40.65
C215 POV HA . 14.70 10.47 -31.02
C315 POV HA . 9.70 7.70 -29.58
C216 POV HA . 15.08 11.23 -29.78
C316 POV HA . 8.82 6.63 -29.97
C217 POV HA . 16.23 10.65 -29.01
C218 POV HA . 16.06 9.22 -28.60
C21 POV HA . 18.86 14.28 -39.24
O21 POV HA . 18.01 15.33 -39.19
C22 POV HA . 19.02 13.65 -40.61
O22 POV HA . 19.43 13.87 -38.26
C23 POV HA . 20.15 12.62 -40.70
C24 POV HA . 19.78 11.24 -41.24
C25 POV HA . 18.60 10.57 -40.57
C26 POV HA . 18.68 10.50 -39.05
C27 POV HA . 17.35 10.23 -38.43
C28 POV HA . 16.51 11.50 -38.23
C29 POV HA . 16.77 12.21 -36.94
C31 POV HA . 14.47 16.63 -38.99
O31 POV HA . 15.46 16.17 -39.76
C32 POV HA . 13.41 15.59 -38.82
O32 POV HA . 14.45 17.72 -38.50
C33 POV HA . 14.01 14.22 -38.56
C34 POV HA . 13.27 13.45 -37.50
C35 POV HA . 11.94 12.93 -37.96
C36 POV HA . 11.93 11.46 -38.31
C37 POV HA . 11.23 10.55 -37.34
C38 POV HA . 12.07 9.99 -36.25
C39 POV HA . 11.35 8.88 -35.52
H29 POV HA . 17.13 13.11 -37.03
H1 POV HA . 19.75 16.41 -40.83
H1A POV HA . 18.85 17.56 -41.40
H2 POV HA . 17.42 15.68 -41.15
H3 POV HA . 16.81 17.56 -39.19
H3A POV HA . 16.36 17.64 -40.74
H310 POV HA . 12.87 8.19 -34.31
H31A POV HA . 11.44 7.72 -33.85
H210 POV HA . 16.66 12.36 -34.98
H11 POV HA . 22.68 19.88 -39.00
H11A POV HA . 21.64 20.82 -38.32
H211 POV HA . 15.78 9.93 -36.15
H21A POV HA . 16.95 9.82 -35.13
H311 POV HA . 12.74 10.01 -33.06
H31B POV HA . 11.27 10.25 -33.50
H12 POV HA . 21.66 22.26 -40.12
H12A POV HA . 22.24 21.15 -41.09
H22 POV HA . 18.16 13.25 -40.84
H212 POV HA . 14.93 11.15 -33.93
H22A POV HA . 19.27 14.28 -41.31
H21B POV HA . 14.30 9.95 -34.71
H32 POV HA . 12.83 15.86 -38.08
H312 POV HA . 11.89 8.25 -31.64
H32A POV HA . 12.89 15.57 -39.64
H31C POV HA . 11.79 9.74 -31.17
H13 POV HA . 23.16 24.09 -40.10
H13A POV HA . 24.63 23.78 -40.67
H13B POV HA . 23.33 23.42 -41.55
H23 POV HA . 20.83 12.98 -41.29
H213 POV HA . 14.64 8.80 -32.93
H23A POV HA . 20.59 12.50 -39.83
H21C POV HA . 16.11 8.67 -33.41
H33 POV HA . 13.98 13.72 -39.40
H313 POV HA . 9.52 9.67 -32.22
H33A POV HA . 14.95 14.31 -38.30
H31D POV HA . 9.70 8.12 -32.14
H14 POV HA . 24.30 21.40 -38.19
H14A POV HA . 24.74 22.92 -38.46
H14B POV HA . 23.22 22.59 -38.06
H24 POV HA . 19.61 11.30 -42.20
H214 POV HA . 16.47 9.44 -31.41
H24A POV HA . 20.55 10.65 -41.14
H21D POV HA . 16.39 10.83 -32.14
H34 POV HA . 13.83 12.72 -37.18
H314 POV HA . 8.49 9.19 -30.34
H34A POV HA . 13.14 14.04 -36.74
H31E POV HA . 9.86 9.74 -29.85
H15 POV HA . 24.86 21.55 -41.57
H15A POV HA . 25.51 21.30 -40.15
H15B POV HA . 24.36 20.32 -40.64
H25 POV HA . 18.53 9.66 -40.92
H215 POV HA . 14.09 11.03 -31.52
H25A POV HA . 17.78 11.02 -40.84
H21E POV HA . 14.19 9.67 -30.75
H35 POV HA . 11.25 13.11 -37.30
H315 POV HA . 10.62 7.42 -29.74
H35A POV HA . 11.67 13.42 -38.76
H31F POV HA . 9.63 7.84 -28.62
H26 POV HA . 19.31 9.81 -38.78
H216 POV HA . 14.32 11.29 -29.18
H26A POV HA . 18.99 11.34 -38.66
H21F POV HA . 15.31 12.15 -30.03
H36 POV HA . 11.47 11.39 -39.16
H316 POV HA . 8.76 5.98 -29.25
H36A POV HA . 12.85 11.16 -38.45
H31G POV HA . 7.94 7.00 -30.14
H31H POV HA . 9.16 6.19 -30.78
H27 POV HA . 16.85 9.60 -39.01
H217 POV HA . 17.03 10.70 -29.55
H27A POV HA . 17.52 9.76 -37.60
H21G POV HA . 16.36 11.21 -28.23
H37 POV HA . 10.49 11.03 -36.92
H37A POV HA . 10.85 9.79 -37.81
H28 POV HA . 16.68 12.11 -38.98
H218 POV HA . 16.94 8.83 -28.45
H28A POV HA . 15.57 11.28 -38.25
H21H POV HA . 15.57 9.17 -27.75
H21J POV HA . 15.60 8.66 -29.25
H38 POV HA . 12.90 9.64 -36.63
H38A POV HA . 12.31 10.69 -35.63
H39 POV HA . 11.31 8.10 -36.11
H39A POV HA . 10.43 9.18 -35.37
N POV IA . 17.90 24.53 -43.32
P POV IA . 20.24 21.91 -46.32
C1 POV IA . 18.89 19.77 -47.07
C2 POV IA . 18.13 20.38 -48.22
C3 POV IA . 16.77 20.83 -47.78
C210 POV IA . 12.96 13.75 -48.29
C310 POV IA . 7.14 15.07 -49.62
C11 POV IA . 19.16 24.23 -45.59
O11 POV IA . 19.15 20.78 -46.08
C211 POV IA . 12.45 12.79 -47.25
C311 POV IA . 8.39 14.69 -50.38
C12 POV IA . 18.75 23.64 -44.25
O12 POV IA . 19.27 23.15 -46.57
C212 POV IA . 11.52 11.71 -47.79
C312 POV IA . 8.27 13.40 -51.17
C13 POV IA . 18.69 25.72 -42.88
O13 POV IA . 21.04 22.11 -45.08
C213 POV IA . 10.06 11.86 -47.36
C313 POV IA . 7.85 12.19 -50.35
C14 POV IA . 16.65 24.99 -43.99
O14 POV IA . 20.93 21.61 -47.58
C214 POV IA . 9.28 10.55 -47.43
C314 POV IA . 6.47 11.62 -50.72
C15 POV IA . 17.54 23.71 -42.11
C215 POV IA . 8.11 10.45 -46.46
C315 POV IA . 6.34 10.11 -50.49
C216 POV IA . 8.49 10.44 -44.98
C316 POV IA . 6.13 9.72 -49.05
C217 POV IA . 9.50 9.39 -44.61
C218 POV IA . 10.89 9.95 -44.55
C21 POV IA . 18.23 19.64 -50.52
O21 POV IA . 17.95 19.34 -49.24
C22 POV IA . 17.97 18.46 -51.42
O22 POV IA . 18.63 20.71 -50.90
C23 POV IA . 16.79 18.69 -52.35
C24 POV IA . 16.28 17.42 -53.03
C25 POV IA . 15.74 16.34 -52.09
C26 POV IA . 14.61 16.77 -51.17
C27 POV IA . 14.18 15.67 -50.23
C28 POV IA . 12.69 15.32 -50.28
C29 POV IA . 12.24 14.31 -49.25
C31 POV IA . 14.51 20.14 -47.94
O31 POV IA . 15.79 19.86 -48.20
C32 POV IA . 13.61 19.06 -48.43
O32 POV IA . 14.16 21.16 -47.39
C33 POV IA . 12.22 19.05 -47.81
C34 POV IA . 12.02 17.92 -46.84
C35 POV IA . 10.61 17.80 -46.35
C36 POV IA . 10.22 16.37 -46.08
C37 POV IA . 9.59 15.68 -47.26
C38 POV IA . 8.15 16.08 -47.51
C39 POV IA . 7.29 14.98 -48.12
H29 POV IA . 11.31 14.04 -49.32
H1 POV IA . 19.74 19.39 -47.37
H1A POV IA . 18.34 19.06 -46.69
H2 POV IA . 18.59 21.17 -48.55
H3 POV IA . 16.75 20.94 -46.80
H3A POV IA . 16.56 21.70 -48.20
H310 POV IA . 6.88 15.98 -49.85
H31A POV IA . 6.39 14.49 -49.89
H210 POV IA . 13.92 13.92 -48.23
H11 POV IA . 18.49 24.85 -45.94
H11A POV IA . 19.99 24.73 -45.52
H211 POV IA . 13.23 12.37 -46.85
H21A POV IA . 12.02 13.27 -46.51
H311 POV IA . 8.65 15.41 -50.99
H31B POV IA . 9.12 14.59 -49.74
H12 POV IA . 19.55 23.41 -43.75
H12A POV IA . 18.24 22.83 -44.39
H22 POV IA . 18.78 18.31 -51.95
H212 POV IA . 11.55 11.69 -48.76
H22A POV IA . 17.83 17.68 -50.85
H21B POV IA . 11.86 10.84 -47.51
H32 POV IA . 13.55 19.15 -49.40
H312 POV IA . 7.66 13.54 -51.91
H32A POV IA . 14.07 18.21 -48.22
H31C POV IA . 9.15 13.20 -51.56
H13 POV IA . 18.10 26.28 -42.33
H13A POV IA . 19.44 25.40 -42.34
H13B POV IA . 19.02 26.23 -43.64
H23 POV IA . 16.06 19.12 -51.85
H213 POV IA . 10.03 12.21 -46.45
H23A POV IA . 17.05 19.33 -53.03
H21C POV IA . 9.63 12.53 -47.92
H33 POV IA . 12.06 19.90 -47.35
H313 POV IA . 8.54 11.49 -50.44
H33A POV IA . 11.56 18.99 -48.54
H31D POV IA . 7.83 12.41 -49.40
H14 POV IA . 16.85 25.79 -44.51
H14A POV IA . 16.33 24.28 -44.57
H14B POV IA . 15.99 25.21 -43.30
H24 POV IA . 15.57 17.67 -53.66
H214 POV IA . 9.87 9.79 -47.28
H24A POV IA . 16.99 17.04 -53.58
H21D POV IA . 8.91 10.44 -48.34
H34 POV IA . 12.62 18.06 -46.09
H314 POV IA . 6.27 11.80 -51.66
H34A POV IA . 12.29 17.08 -47.26
H31E POV IA . 5.80 12.09 -50.20
H15 POV IA . 17.37 24.30 -41.34
H15A POV IA . 16.70 23.23 -42.29
H15B POV IA . 18.25 23.06 -41.92
H25 POV IA . 15.40 15.60 -52.63
H215 POV IA . 7.49 11.18 -46.63
H25A POV IA . 16.47 15.98 -51.54
H21E POV IA . 7.63 9.62 -46.63
H35 POV IA . 10.47 18.32 -45.54
H315 POV IA . 5.62 9.75 -51.03
H35A POV IA . 9.99 18.16 -47.02
H31F POV IA . 7.16 9.67 -50.80
H26 POV IA . 14.90 17.54 -50.64
H216 POV IA . 7.69 10.31 -44.45
H26A POV IA . 13.85 17.07 -51.70
H21F POV IA . 8.84 11.32 -44.74
H36 POV IA . 11.01 15.87 -45.80
H316 POV IA . 5.95 10.50 -48.48
H36A POV IA . 9.59 16.36 -45.33
H31G POV IA . 5.37 9.11 -48.95
H31H POV IA . 6.91 9.25 -48.71
H27 POV IA . 14.71 14.86 -50.42
H217 POV IA . 9.51 8.68 -45.28
H27A POV IA . 14.43 15.93 -49.32
H21G POV IA . 9.28 9.00 -43.75
H37 POV IA . 10.12 15.92 -48.04
H37A POV IA . 9.68 14.71 -47.14
H28 POV IA . 12.45 15.03 -51.19
H218 POV IA . 11.54 9.23 -44.39
H28A POV IA . 12.17 16.13 -50.13
H21H POV IA . 10.97 10.61 -43.83
H21J POV IA . 11.14 10.38 -45.38
H38 POV IA . 7.75 16.39 -46.68
H38A POV IA . 8.15 16.85 -48.12
H39 POV IA . 6.40 15.02 -47.73
H39A POV IA . 7.66 14.11 -47.89
N POV JA . -0.59 -6.82 -28.55
P POV JA . 1.59 -4.68 -24.94
C1 POV JA . 3.41 -5.69 -26.55
C2 POV JA . 4.58 -5.13 -27.31
C3 POV JA . 5.05 -3.85 -26.69
C210 POV JA . 4.97 -0.50 -32.95
C310 POV JA . 5.30 6.48 -31.12
C11 POV JA . -0.36 -6.06 -26.08
O11 POV JA . 2.47 -4.64 -26.27
C211 POV JA . 5.95 0.20 -32.07
C311 POV JA . 6.33 5.82 -32.03
C12 POV JA . 0.30 -6.46 -27.38
O12 POV JA . 0.15 -4.79 -25.63
C212 POV JA . 6.01 1.73 -32.26
C312 POV JA . 7.21 6.74 -32.81
C13 POV JA . -1.59 -5.74 -28.84
O13 POV JA . 1.86 -5.91 -24.17
C213 POV JA . 6.84 2.23 -33.45
C313 POV JA . 6.71 7.03 -34.20
C14 POV JA . 0.29 -6.99 -29.74
O14 POV JA . 1.72 -3.37 -24.29
C214 POV JA . 6.61 1.46 -34.74
C314 POV JA . 7.69 7.79 -35.08
C15 POV JA . -1.31 -8.11 -28.29
C215 POV JA . 7.06 2.14 -36.01
C315 POV JA . 8.67 6.99 -35.87
C216 POV JA . 6.04 3.12 -36.56
C316 POV JA . 8.10 5.95 -36.77
C217 POV JA . 4.89 2.59 -37.44
C218 POV JA . 4.46 1.19 -37.29
C21 POV JA . 5.15 -4.89 -29.63
O21 POV JA . 4.19 -4.89 -28.70
C22 POV JA . 4.59 -4.60 -30.99
O22 POV JA . 6.31 -5.07 -29.40
C23 POV JA . 3.74 -5.73 -31.58
C24 POV JA . 3.61 -5.71 -33.10
C25 POV JA . 2.78 -4.58 -33.71
C26 POV JA . 3.47 -3.23 -33.65
C27 POV JA . 3.02 -2.21 -34.68
C28 POV JA . 2.70 -0.82 -34.12
C29 POV JA . 3.71 -0.17 -33.17
C31 POV JA . 4.61 -1.96 -28.10
O31 POV JA . 4.21 -2.74 -27.08
C32 POV JA . 3.66 -0.84 -28.33
O32 POV JA . 5.61 -2.15 -28.74
C33 POV JA . 4.35 0.51 -28.32
C34 POV JA . 3.90 1.44 -29.43
C35 POV JA . 2.51 2.00 -29.25
C36 POV JA . 2.29 3.33 -29.94
C37 POV JA . 2.73 4.47 -29.05
C38 POV JA . 3.30 5.74 -29.68
C39 POV JA . 4.13 5.58 -30.92
H29 POV JA . 3.35 0.59 -32.67
H1 POV JA . 3.69 -6.07 -25.70
H1A POV JA . 3.01 -6.39 -27.10
H2 POV JA . 5.33 -5.76 -27.26
H3 POV JA . 5.01 -3.95 -25.72
H3A POV JA . 5.98 -3.67 -26.95
H310 POV JA . 5.69 6.67 -30.25
H31A POV JA . 5.03 7.34 -31.51
H210 POV JA . 5.33 -1.27 -33.41
H11 POV JA . -1.34 -5.98 -26.17
H11A POV JA . -0.22 -6.75 -25.39
H211 POV JA . 5.74 -0.01 -31.14
H21A POV JA . 6.86 -0.15 -32.20
H311 POV JA . 6.90 5.23 -31.49
H31B POV JA . 5.88 5.22 -32.66
H12 POV JA . 0.86 -7.24 -27.22
H12A POV JA . 0.85 -5.73 -27.70
H22 POV JA . 4.05 -3.79 -30.88
H212 POV JA . 5.12 2.09 -32.34
H22A POV JA . 5.34 -4.41 -31.60
H21B POV JA . 6.40 2.13 -31.45
H32 POV JA . 3.20 -0.99 -29.18
H312 POV JA . 7.28 7.58 -32.31
H32A POV JA . 3.00 -0.88 -27.60
H31C POV JA . 8.10 6.36 -32.87
H13 POV JA . -1.76 -5.71 -29.80
H13A POV JA . -2.42 -5.95 -28.35
H13B POV JA . -1.24 -4.89 -28.51
H23 POV JA . 4.15 -6.59 -31.33
H213 POV JA . 6.64 3.18 -33.59
H23A POV JA . 2.86 -5.73 -31.15
H21C POV JA . 7.79 2.18 -33.20
H33 POV JA . 4.18 0.95 -27.47
H313 POV JA . 6.46 6.18 -34.63
H33A POV JA . 5.31 0.36 -28.37
H31D POV JA . 5.88 7.55 -34.13
H14 POV JA . 1.11 -7.47 -29.48
H14A POV JA . -0.19 -7.50 -30.43
H14B POV JA . 0.52 -6.10 -30.09
H24 POV JA . 4.50 -5.67 -33.48
H214 POV JA . 5.65 1.31 -34.82
H24A POV JA . 3.21 -6.55 -33.39
H21D POV JA . 7.04 0.58 -34.67
H34 POV JA . 3.91 0.95 -30.27
H314 POV JA . 8.22 8.38 -34.52
H34A POV JA . 4.55 2.16 -29.51
H31E POV JA . 7.21 8.38 -35.71
H15 POV JA . -1.99 -8.26 -28.97
H15A POV JA . -0.65 -8.84 -28.36
H15B POV JA . -1.68 -8.10 -27.40
H25 POV JA . 2.59 -4.80 -34.64
H215 POV JA . 7.89 2.62 -35.84
H25A POV JA . 1.92 -4.54 -33.24
H21E POV JA . 7.26 1.48 -36.70
H35 POV JA . 1.88 1.38 -29.63
H315 POV JA . 9.15 7.61 -36.45
H35A POV JA . 2.32 2.08 -28.29
H31F POV JA . 9.32 6.57 -35.27
H26 POV JA . 3.33 -2.84 -32.77
H216 POV JA . 6.52 3.75 -37.13
H26A POV JA . 4.43 -3.36 -33.76
H21F POV JA . 5.65 3.63 -35.83
H36 POV JA . 2.71 3.30 -30.82
H316 POV JA . 7.13 6.08 -36.86
H36A POV JA . 1.34 3.45 -30.12
H31G POV JA . 8.49 6.01 -37.66
H31H POV JA . 8.27 5.06 -36.41
H27 POV JA . 3.71 -2.12 -35.36
H217 POV JA . 5.17 2.72 -38.37
H27A POV JA . 2.22 -2.54 -35.14
H21G POV JA . 4.11 3.15 -37.29
H37 POV JA . 1.93 4.76 -28.59
H37A POV JA . 3.28 4.10 -28.35
H28 POV JA . 1.81 -0.85 -33.71
H218 POV JA . 4.07 1.01 -36.41
H28A POV JA . 2.61 -0.22 -34.89
H21H POV JA . 5.20 0.57 -37.42
H21J POV JA . 3.78 0.98 -37.96
H38 POV JA . 2.51 6.25 -29.94
H38A POV JA . 3.76 6.29 -29.02
H39 POV JA . 3.51 5.82 -31.62
H39A POV JA . 4.42 4.64 -31.07
N POV KA . 23.62 19.08 -45.87
P POV KA . 25.97 15.40 -45.04
C1 POV KA . 23.90 14.15 -44.00
C2 POV KA . 23.29 14.22 -42.61
C3 POV KA . 22.29 15.36 -42.49
C210 POV KA . 20.37 8.84 -33.31
C310 POV KA . 14.72 11.00 -43.39
C11 POV KA . 24.66 16.92 -46.81
O11 POV KA . 24.55 15.40 -44.30
C211 POV KA . 19.08 8.38 -33.86
C311 POV KA . 14.43 11.20 -41.93
C12 POV KA . 24.43 18.40 -46.96
O12 POV KA . 25.82 16.70 -45.95
C212 POV KA . 18.97 6.87 -33.80
C312 POV KA . 13.12 10.62 -41.51
C13 POV KA . 24.12 18.66 -44.52
O13 POV KA . 26.10 14.19 -45.90
C213 POV KA . 18.02 6.36 -32.75
C313 POV KA . 13.25 9.42 -40.58
C14 POV KA . 23.77 20.56 -46.00
O14 POV KA . 27.00 15.68 -44.03
C214 POV KA . 18.39 6.74 -31.33
C314 POV KA . 13.80 8.19 -41.24
C15 POV KA . 22.16 18.72 -45.99
C215 POV KA . 17.27 6.48 -30.34
C315 POV KA . 12.95 7.61 -42.36
C216 POV KA . 16.74 5.06 -30.37
C316 POV KA . 11.48 7.47 -42.02
C217 POV KA . 16.09 4.59 -29.07
C218 POV KA . 16.97 3.68 -28.28
C21 POV KA . 24.49 13.89 -40.46
O21 POV KA . 24.42 14.44 -41.70
C22 POV KA . 23.15 13.50 -39.88
O22 POV KA . 25.53 13.72 -39.87
C23 POV KA . 23.18 13.19 -38.39
C24 POV KA . 23.38 11.72 -38.08
C25 POV KA . 22.13 10.85 -38.23
C26 POV KA . 22.24 9.51 -37.53
C27 POV KA . 21.30 9.37 -36.35
C28 POV KA . 21.69 8.32 -35.32
C29 POV KA . 21.50 8.82 -33.94
C31 POV KA . 20.70 14.92 -44.20
O31 POV KA . 21.71 15.69 -43.77
C32 POV KA . 20.21 15.38 -45.54
O32 POV KA . 20.26 13.99 -43.59
C33 POV KA . 19.13 16.46 -45.44
C34 POV KA . 17.86 16.14 -46.22
C35 POV KA . 17.09 14.92 -45.73
C36 POV KA . 16.57 15.04 -44.31
C37 POV KA . 15.76 13.84 -43.89
C38 POV KA . 16.62 12.70 -43.38
C39 POV KA . 16.14 11.33 -43.80
H29 POV KA . 22.29 9.17 -33.50
H1 POV KA . 23.24 13.97 -44.69
H1A POV KA . 24.57 13.42 -44.00
H2 POV KA . 22.81 13.38 -42.49
H3 POV KA . 21.58 15.12 -41.85
H3A POV KA . 22.74 16.17 -42.15
H310 POV KA . 14.52 10.07 -43.62
H31A POV KA . 14.08 11.54 -43.92
H210 POV KA . 20.35 9.17 -32.39
H11 POV KA . 23.87 16.51 -46.38
H11A POV KA . 24.75 16.47 -47.67
H211 POV KA . 18.38 8.79 -33.32
H21A POV KA . 18.95 8.68 -34.78
H311 POV KA . 15.15 10.81 -41.40
H31B POV KA . 14.43 12.16 -41.73
H12 POV KA . 24.00 18.60 -47.82
H12A POV KA . 25.30 18.84 -46.96
H22 POV KA . 22.50 14.21 -40.01
H212 POV KA . 18.71 6.53 -34.67
H22A POV KA . 22.88 12.68 -40.33
H21B POV KA . 19.86 6.51 -33.60
H32 POV KA . 20.97 15.73 -46.02
H312 POV KA . 12.59 11.32 -41.09
H32A POV KA . 19.87 14.59 -46.02
H31C POV KA . 12.64 10.35 -42.33
H13 POV KA . 23.82 17.74 -44.31
H13A POV KA . 25.10 18.67 -44.55
H13B POV KA . 23.80 19.28 -43.83
H23 POV KA . 23.89 13.71 -37.95
H213 POV KA . 17.12 6.66 -32.94
H23A POV KA . 22.34 13.50 -37.98
H21C POV KA . 18.01 5.39 -32.82
H33 POV KA . 18.91 16.62 -44.50
H313 POV KA . 13.87 9.66 -39.87
H33A POV KA . 19.52 17.29 -45.78
H31D POV KA . 12.40 9.23 -40.16
H14 POV KA . 23.40 20.84 -46.86
H14A POV KA . 23.27 21.00 -45.27
H14B POV KA . 24.71 20.80 -45.93
H24 POV KA . 24.07 11.37 -38.68
H214 POV KA . 18.63 7.69 -31.27
H24A POV KA . 23.73 11.64 -37.17
H21D POV KA . 19.18 6.23 -31.06
H34 POV KA . 18.09 16.01 -47.16
H314 POV KA . 13.94 7.51 -40.55
H34A POV KA . 17.28 16.92 -46.19
H31E POV KA . 14.67 8.41 -41.61
H15 POV KA . 21.89 18.67 -46.93
H15A POV KA . 21.99 17.84 -45.60
H15B POV KA . 21.63 19.39 -45.51
H25 POV KA . 21.35 11.34 -37.88
H215 POV KA . 17.55 6.72 -29.43
H25A POV KA . 21.96 10.71 -39.18
H21E POV KA . 16.53 7.07 -30.56
H35 POV KA . 16.34 14.76 -46.33
H315 POV KA . 13.28 6.73 -42.62
H35A POV KA . 17.66 14.13 -45.78
H31F POV KA . 13.04 8.18 -43.14
H26 POV KA . 22.04 8.80 -38.18
H216 POV KA . 17.47 4.46 -30.61
H26A POV KA . 23.17 9.40 -37.23
H21F POV KA . 16.08 5.00 -31.10
H36 POV KA . 17.31 15.14 -43.69
H316 POV KA . 11.39 7.08 -41.12
H36A POV KA . 16.01 15.84 -44.24
H31G POV KA . 11.03 8.33 -42.01
H31H POV KA . 11.01 6.88 -42.64
H27 POV KA . 20.41 9.15 -36.69
H217 POV KA . 15.27 4.12 -29.25
H27A POV KA . 21.22 10.22 -35.88
H21G POV KA . 15.87 5.37 -28.51
H37 POV KA . 15.16 14.12 -43.18
H37A POV KA . 15.22 13.53 -44.64
H28 POV KA . 21.19 7.50 -35.49
H218 POV KA . 17.73 4.19 -27.93
H28A POV KA . 22.63 8.09 -35.44
H21H POV KA . 17.31 2.95 -28.83
H21J POV KA . 16.49 3.29 -27.53
H38 POV KA . 17.53 12.83 -43.68
H38A POV KA . 16.64 12.73 -42.40
H39 POV KA . 16.74 10.66 -43.40
H39A POV KA . 16.22 11.25 -44.78
C13 DU0 LA . -6.42 27.70 -31.68
C15 DU0 LA . -3.72 30.07 -30.26
C17 DU0 LA . -2.58 35.91 -33.58
C20 DU0 LA . -2.14 38.53 -34.69
C21 DU0 LA . -1.99 39.99 -35.06
C22 DU0 LA . -0.60 40.30 -35.57
C24 DU0 LA . 0.37 42.07 -36.91
C26 DU0 LA . 0.14 43.00 -39.29
C01 DU0 LA . -2.10 34.18 -31.07
C02 DU0 LA . -1.69 33.75 -32.48
C03 DU0 LA . -2.58 34.38 -33.56
C04 DU0 LA . -3.91 33.63 -33.40
C05 DU0 LA . -3.45 32.19 -33.15
C06 DU0 LA . -1.96 32.25 -32.75
C07 DU0 LA . -1.85 31.21 -31.62
C08 DU0 LA . -0.70 30.23 -31.79
C09 DU0 LA . -3.24 30.57 -31.60
C11 DU0 LA . -4.51 28.91 -32.73
C12 DU0 LA . -5.04 28.31 -31.45
C14 DU0 LA . -5.07 29.38 -30.38
C18 DU0 LA . -3.47 36.43 -34.70
C19 DU0 LA . -3.17 37.84 -35.11
C25 DU0 LA . -0.52 42.31 -38.10
C27 DU0 LA . -0.56 42.65 -40.59
C51 DU0 LA . 0.18 44.50 -39.11
C75 DU0 LA . 0.45 39.87 -34.57
C76 DU0 LA . 0.33 38.36 -34.33
C77 DU0 LA . -1.05 37.96 -33.78
C78 DU0 LA . -1.24 38.54 -32.37
C79 DU0 LA . -1.15 36.40 -33.78
C80 DU0 LA . -0.15 35.74 -32.81
C81 DU0 LA . -0.26 34.22 -32.79
O10 DU0 LA . -3.23 29.51 -32.55
O16 DU0 LA . -4.11 31.60 -32.03
O23 DU0 LA . -0.44 41.70 -35.80
O28 DU0 LA . -1.96 42.82 -40.47
O52 DU0 LA . -1.09 45.11 -39.37
H1 DU0 LA . -6.99 27.83 -30.91
H2 DU0 LA . -6.30 26.73 -31.80
H3 DU0 LA . -6.83 28.08 -32.48
H4 DU0 LA . -3.07 29.44 -29.88
H5 DU0 LA . -3.81 30.82 -29.63
H6 DU0 LA . -2.95 36.26 -32.74
H7 DU0 LA . -2.65 40.23 -35.75
H8 DU0 LA . -2.19 40.56 -34.30
H9 DU0 LA . -0.44 39.80 -36.40
H10 DU0 LA . 1.02 41.37 -37.10
H11 DU0 LA . 0.86 42.89 -36.69
H12 DU0 LA . 1.07 42.67 -39.34
H13 DU0 LA . -2.98 33.84 -30.81
H14 DU0 LA . -1.45 33.84 -30.42
H15 DU0 LA . -2.13 35.16 -30.93
H16 DU0 LA . -2.23 34.11 -34.42
H17 DU0 LA . -4.45 33.97 -32.67
H18 DU0 LA . -4.45 33.67 -34.22
H19 DU0 LA . -3.56 31.63 -33.94
H20 DU0 LA . -1.42 31.97 -33.51
H21 DU0 LA . -1.72 31.57 -30.73
H22 DU0 LA . -0.71 29.57 -31.08
H23 DU0 LA . -0.75 29.80 -32.67
H24 DU0 LA . 0.17 30.68 -31.74
H25 DU0 LA . -4.42 28.22 -33.41
H26 DU0 LA . -5.13 29.58 -33.10
H27 DU0 LA . -4.48 27.58 -31.16
H28 DU0 LA . -5.34 29.00 -29.52
H29 DU0 LA . -5.73 30.05 -30.63
H30 DU0 LA . -3.39 35.86 -35.49
H31 DU0 LA . -4.41 36.37 -34.41
H32 DU0 LA . -3.79 38.24 -35.74
H33 DU0 LA . -0.91 41.45 -38.37
H34 DU0 LA . -1.29 42.85 -37.80
H35 DU0 LA . -0.26 43.22 -41.33
H36 DU0 LA . -0.38 41.72 -40.87
H37 DU0 LA . 0.44 44.75 -38.19
H38 DU0 LA . 0.82 44.91 -39.73
H39 DU0 LA . 1.34 40.07 -34.91
H40 DU0 LA . 0.34 40.38 -33.74
H41 DU0 LA . 0.49 37.91 -35.18
H42 DU0 LA . 1.04 38.11 -33.70
H43 DU0 LA . -2.04 38.20 -31.93
H44 DU0 LA . -0.46 38.34 -31.80
H45 DU0 LA . -1.31 39.52 -32.37
H46 DU0 LA . -0.89 36.10 -34.67
H47 DU0 LA . 0.76 35.94 -33.04
H48 DU0 LA . -0.26 36.05 -31.88
H49 DU0 LA . 0.36 33.86 -32.13
H50 DU0 LA . 0.02 33.87 -33.65
H51 DU0 LA . -2.30 42.03 -40.42
H52 DU0 LA . -1.69 44.55 -39.14
NA NA MA . 18.33 18.24 -9.50
N POV NA . 7.93 38.69 -25.99
P POV NA . 5.67 37.47 -29.06
C1 POV NA . 3.01 37.45 -29.45
C2 POV NA . 2.52 36.64 -28.26
C3 POV NA . 3.13 37.09 -26.96
C210 POV NA . -0.69 27.16 -25.54
C310 POV NA . -1.47 28.74 -20.39
C11 POV NA . 6.10 39.60 -27.57
O11 POV NA . 4.34 37.05 -29.85
C211 POV NA . -1.18 26.17 -26.56
C311 POV NA . -1.10 27.36 -19.90
C12 POV NA . 6.45 38.90 -26.27
O12 POV NA . 5.16 38.78 -28.30
C212 POV NA . -0.78 24.72 -26.27
C312 POV NA . -2.27 26.47 -19.51
C13 POV NA . 8.69 39.98 -25.94
O13 POV NA . 6.01 36.42 -28.07
C213 POV NA . -1.95 23.74 -26.16
C313 POV NA . -2.72 25.56 -20.62
C14 POV NA . 8.05 38.01 -24.66
O14 POV NA . 6.70 37.93 -30.02
C214 POV NA . -1.83 22.75 -25.03
C314 POV NA . -3.95 24.76 -20.31
C15 POV NA . 8.55 37.81 -27.04
C215 POV NA . -3.10 22.11 -24.58
C315 POV NA . -3.88 23.92 -19.04
C216 POV NA . -3.10 21.71 -23.12
C316 POV NA . -4.43 24.63 -17.84
C217 POV NA . -3.55 20.31 -22.88
C218 POV NA . -3.26 19.84 -21.51
C21 POV NA . 2.19 34.56 -29.40
O21 POV NA . 2.90 35.25 -28.49
C22 POV NA . 2.72 33.18 -29.54
O22 POV NA . 1.26 35.02 -30.00
C23 POV NA . 1.63 32.15 -29.86
C24 POV NA . 0.53 32.07 -28.84
C25 POV NA . 1.00 31.80 -27.44
C26 POV NA . -0.10 31.59 -26.41
C27 POV NA . -1.18 30.59 -26.79
C28 POV NA . -0.71 29.18 -27.03
C29 POV NA . -0.50 28.45 -25.75
C31 POV NA . 2.67 37.07 -24.65
O31 POV NA . 2.23 36.77 -25.88
C32 POV NA . 1.64 36.74 -23.62
O32 POV NA . 3.74 37.55 -24.43
C33 POV NA . 1.57 35.28 -23.22
C34 POV NA . 0.17 34.71 -23.33
C35 POV NA . 0.09 33.21 -23.21
C36 POV NA . 0.42 32.66 -21.84
C37 POV NA . -0.64 31.72 -21.27
C38 POV NA . -0.97 30.52 -22.14
C39 POV NA . -0.60 29.18 -21.56
H29 POV NA . -0.21 28.99 -25.01
H1 POV NA . 2.43 37.28 -30.23
H1A POV NA . 2.96 38.39 -29.23
H2 POV NA . 1.55 36.71 -28.17
H3 POV NA . 3.99 36.64 -26.83
H3A POV NA . 3.24 38.05 -26.95
H310 POV NA . -2.41 28.74 -20.66
H31A POV NA . -1.37 29.37 -19.66
H210 POV NA . -0.53 26.81 -24.66
H11 POV NA . 5.67 40.45 -27.37
H11A POV NA . 6.89 39.81 -28.11
H211 POV NA . -2.14 26.28 -26.61
H21A POV NA . -0.86 26.41 -27.45
H311 POV NA . -0.62 26.91 -20.63
H31B POV NA . -0.46 27.42 -19.16
H12 POV NA . 6.04 38.02 -26.24
H12A POV NA . 6.11 39.42 -25.51
H22 POV NA . 3.37 33.21 -30.27
H212 POV NA . -0.20 24.39 -26.98
H22A POV NA . 3.17 32.94 -28.71
H21B POV NA . -0.24 24.68 -25.46
H32 POV NA . 1.88 37.28 -22.85
H312 POV NA . -1.99 25.93 -18.74
H32A POV NA . 0.78 37.04 -23.97
H31C POV NA . -3.03 27.00 -19.21
H13 POV NA . 8.34 40.50 -25.19
H13A POV NA . 9.63 39.75 -25.76
H13B POV NA . 8.61 40.47 -26.77
H23 POV NA . 1.24 32.39 -30.72
H213 POV NA . -2.79 24.22 -26.09
H23A POV NA . 2.03 31.25 -29.98
H21C POV NA . -1.97 23.23 -27.00
H33 POV NA . 2.17 34.75 -23.78
H313 POV NA . -2.89 26.08 -21.42
H33A POV NA . 1.88 35.19 -22.30
H31D POV NA . -1.99 24.94 -20.83
H14 POV NA . 9.00 37.82 -24.49
H14A POV NA . 7.54 37.18 -24.66
H14B POV NA . 7.70 38.61 -23.98
H24 POV NA . 0.01 32.90 -28.85
H214 POV NA . -1.27 22.03 -25.35
H24A POV NA . -0.07 31.35 -29.13
H21D POV NA . -1.40 23.19 -24.27
H34 POV NA . -0.41 35.12 -22.64
H314 POV NA . -4.71 25.37 -20.25
H34A POV NA . -0.20 34.97 -24.20
H31E POV NA . -4.14 24.16 -21.06
H15 POV NA . 8.55 38.25 -27.90
H15A POV NA . 9.47 37.64 -26.78
H15B POV NA . 8.04 36.97 -27.07
H25 POV NA . 1.60 31.02 -27.43
H215 POV NA . -3.86 22.72 -24.73
H25A POV NA . 1.52 32.57 -27.13
H21E POV NA . -3.26 21.32 -25.13
H35 POV NA . -0.81 32.93 -23.47
H315 POV NA . -4.36 23.09 -19.18
H35A POV NA . 0.71 32.84 -23.87
H31F POV NA . -2.94 23.69 -18.87
H26 POV NA . 0.31 31.30 -25.57
H216 POV NA . -2.22 21.82 -22.74
H26A POV NA . -0.51 32.46 -26.24
H21F POV NA . -3.70 22.31 -22.64
H36 POV NA . 1.27 32.18 -21.88
H316 POV NA . -4.57 24.01 -17.10
H36A POV NA . 0.55 33.40 -21.22
H31G POV NA . -3.81 25.32 -17.52
H31H POV NA . -5.28 25.07 -18.03
H27 POV NA . -1.81 30.55 -26.04
H217 POV NA . -4.51 20.23 -23.05
H27A POV NA . -1.67 30.91 -27.56
H21G POV NA . -3.09 19.72 -23.52
H37 POV NA . -0.34 31.39 -20.39
H37A POV NA . -1.45 32.23 -21.12
H28 POV NA . -1.36 28.74 -27.62
H218 POV NA . -2.37 19.41 -21.48
H28A POV NA . 0.13 29.20 -27.53
H21H POV NA . -3.27 20.58 -20.87
H21J POV NA . -3.93 19.18 -21.23
H38 POV NA . -1.94 30.54 -22.30
H38A POV NA . -0.54 30.60 -23.01
H39 POV NA . 0.33 29.20 -21.26
H39A POV NA . -0.65 28.51 -22.26
N POV OA . 24.32 17.77 -35.42
P POV OA . 26.62 14.74 -33.06
C1 POV OA . 25.68 12.76 -31.63
C2 POV OA . 24.73 11.99 -32.53
C3 POV OA . 23.40 12.66 -32.74
C210 POV OA . 20.80 6.20 -25.21
C310 POV OA . 18.08 11.14 -24.85
C11 POV OA . 24.67 15.29 -34.79
O11 POV OA . 26.76 13.30 -32.40
C211 POV OA . 21.48 4.89 -25.09
C311 POV OA . 17.88 9.96 -25.73
C12 POV OA . 25.06 16.73 -34.59
O12 POV OA . 25.61 14.34 -34.22
C212 POV OA . 21.12 4.14 -23.86
C312 POV OA . 17.40 8.70 -25.01
C13 POV OA . 24.57 19.12 -34.82
O13 POV OA . 26.00 15.68 -32.10
C213 POV OA . 21.03 2.67 -24.09
C313 POV OA . 17.25 7.48 -25.96
C14 POV OA . 24.83 17.76 -36.83
O14 POV OA . 27.91 15.08 -33.68
C214 POV OA . 21.04 1.81 -22.85
C314 POV OA . 17.58 6.10 -25.36
C15 POV OA . 22.84 17.52 -35.43
C215 POV OA . 19.98 2.17 -21.82
C315 POV OA . 16.40 5.24 -25.02
C216 POV OA . 20.12 1.40 -20.54
C316 POV OA . 16.79 3.83 -24.63
C217 POV OA . 19.65 -0.01 -20.68
C218 POV OA . 18.25 -0.15 -20.31
C21 POV OA . 25.30 9.78 -31.85
O21 POV OA . 24.39 10.76 -31.84
C22 POV OA . 24.87 8.68 -30.93
O22 POV OA . 26.31 9.80 -32.49
C23 POV OA . 24.62 9.21 -29.54
C24 POV OA . 23.39 8.61 -28.95
C25 POV OA . 22.14 9.22 -29.47
C26 POV OA . 20.94 8.91 -28.64
C27 POV OA . 20.49 7.48 -28.70
C28 POV OA . 21.07 6.54 -27.66
C29 POV OA . 20.60 6.88 -26.30
C31 POV OA . 21.63 12.76 -34.49
O31 POV OA . 22.89 12.40 -34.07
C32 POV OA . 20.68 13.33 -33.45
O32 POV OA . 21.30 12.68 -35.64
C33 POV OA . 19.61 12.36 -32.95
C34 POV OA . 19.81 11.90 -31.50
C35 POV OA . 19.17 12.76 -30.44
C36 POV OA . 19.93 12.86 -29.11
C37 POV OA . 19.45 11.96 -27.95
C38 POV OA . 18.75 12.69 -26.80
C39 POV OA . 19.05 12.19 -25.41
H29 POV OA . 20.08 7.71 -26.24
H1 POV OA . 25.27 13.53 -31.19
H1A POV OA . 26.04 12.19 -30.92
H2 POV OA . 25.12 11.80 -33.40
H3 POV OA . 22.81 12.30 -32.07
H3A POV OA . 23.50 13.63 -32.66
H310 POV OA . 17.21 11.55 -24.69
H31A POV OA . 18.39 10.84 -23.97
H210 POV OA . 20.46 6.58 -24.37
H11 POV OA . 24.63 15.09 -35.75
H11A POV OA . 23.76 15.10 -34.45
H211 POV OA . 21.27 4.36 -25.88
H21A POV OA . 22.45 5.01 -25.09
H311 POV OA . 17.20 10.21 -26.37
H31B POV OA . 18.70 9.78 -26.24
H12 POV OA . 26.01 16.87 -34.79
H12A POV OA . 24.89 17.01 -33.67
H22 POV OA . 24.04 8.30 -31.29
H212 POV OA . 21.79 4.30 -23.18
H22A POV OA . 25.57 8.01 -30.91
H21B POV OA . 20.26 4.46 -23.50
H32 POV OA . 21.07 13.79 -32.69
H312 POV OA . 18.03 8.50 -24.29
H32A POV OA . 20.18 14.00 -33.96
H31C POV OA . 16.56 8.92 -24.57
H13 POV OA . 24.09 19.19 -33.98
H13A POV OA . 25.54 19.21 -34.66
H13B POV OA . 24.28 19.83 -35.44
H23 POV OA . 25.38 9.01 -28.96
H213 POV OA . 20.20 2.48 -24.57
H23A POV OA . 24.54 10.18 -29.53
H21C POV OA . 21.77 2.40 -24.67
H33 POV OA . 18.74 12.81 -33.02
H313 POV OA . 16.35 7.45 -26.33
H33A POV OA . 19.58 11.60 -33.56
H31D POV OA . 17.84 7.61 -26.73
H14 POV OA . 25.31 16.93 -36.98
H14A POV OA . 24.07 17.83 -37.44
H14B POV OA . 25.42 18.53 -36.94
H24 POV OA . 23.36 7.65 -29.16
H214 POV OA . 20.92 0.89 -23.12
H24A POV OA . 23.40 8.70 -27.97
H21D POV OA . 21.92 1.88 -22.43
H34 POV OA . 20.77 11.83 -31.32
H314 POV OA . 18.14 5.62 -26.00
H34A POV OA . 19.44 11.00 -31.42
H31E POV OA . 18.12 6.21 -24.55
H15 POV OA . 22.61 16.73 -35.95
H15A POV OA . 22.54 17.39 -34.52
H15B POV OA . 22.39 18.31 -35.80
H25 POV OA . 22.00 8.90 -30.38
H215 POV OA . 20.01 3.12 -21.61
H25A POV OA . 22.26 10.19 -29.54
H21E POV OA . 19.11 1.98 -22.21
H35 POV OA . 19.05 13.66 -30.80
H315 POV OA . 15.91 5.63 -24.27
H35A POV OA . 18.27 12.42 -30.29
H31F POV OA . 15.80 5.18 -25.78
H26 POV OA . 21.14 9.16 -27.71
H216 POV OA . 21.05 1.42 -20.25
H26A POV OA . 20.20 9.46 -28.94
H21F POV OA . 19.59 1.84 -19.85
H36 POV OA . 20.88 12.67 -29.24
H316 POV OA . 16.49 3.64 -23.71
H36A POV OA . 19.87 13.79 -28.83
H31G POV OA . 16.37 3.18 -25.22
H31H POV OA . 17.75 3.72 -24.68
H27 POV OA . 19.52 7.47 -28.62
H217 POV OA . 19.74 -0.31 -21.60
H27A POV OA . 20.72 7.12 -29.58
H21G POV OA . 20.18 -0.61 -20.12
H37 POV OA . 18.85 11.30 -28.31
H37A POV OA . 20.23 11.48 -27.61
H28 POV OA . 20.83 5.63 -27.89
H218 POV OA . 17.97 -1.08 -20.43
H28A POV OA . 22.04 6.58 -27.64
H21H POV OA . 18.11 0.10 -19.38
H21J POV OA . 17.69 0.42 -20.88
H38 POV OA . 18.99 13.63 -26.81
H38A POV OA . 17.79 12.62 -26.94
H39 POV OA . 19.02 12.97 -24.82
H39A POV OA . 19.95 11.85 -25.37
C11 ZEI PA . 23.05 -3.26 -17.88
C12 ZEI PA . 22.78 -2.45 -18.87
C13 ZEI PA . 23.73 -1.75 -19.71
C18 ZEI PA . 26.00 -1.17 -20.29
C19 ZEI PA . 25.11 -1.85 -19.49
C20 ZEI PA . 22.37 -6.83 -15.00
C1 ZEI PA . 21.69 -9.93 -13.30
C14 ZEI PA . 23.30 -0.93 -20.74
C15 ZEI PA . 24.19 -0.24 -21.54
C16 ZEI PA . 25.54 -0.37 -21.30
C3 ZEI PA . 21.74 -7.70 -14.13
C4 ZEI PA . 20.54 -7.36 -13.54
C5 ZEI PA . 19.98 -6.13 -13.81
C6 ZEI PA . 20.60 -5.25 -14.68
C7 ZEI PA . 21.80 -5.61 -15.28
C9 ZEI PA . 22.00 -3.92 -17.09
N8 ZEI PA . 22.49 -4.79 -16.19
O10 ZEI PA . 20.80 -3.71 -17.26
O2 ZEI PA . 22.37 -8.90 -14.01
CL17 ZEI PA . 26.66 0.50 -22.29
H1 ZEI PA . 23.95 -3.50 -17.61
H2 ZEI PA . 21.84 -2.28 -19.11
H3 ZEI PA . 26.96 -1.27 -20.12
H4 ZEI PA . 25.45 -2.39 -18.77
H5 ZEI PA . 23.21 -7.12 -15.41
H6 ZEI PA . 20.86 -10.16 -13.73
H7 ZEI PA . 21.56 -9.69 -12.37
H8 ZEI PA . 22.27 -10.72 -13.35
H9 ZEI PA . 22.35 -0.85 -20.92
H10 ZEI PA . 23.86 0.31 -22.26
H11 ZEI PA . 20.06 -7.95 -12.93
H12 ZEI PA . 19.15 -5.88 -13.39
H13 ZEI PA . 20.17 -4.40 -14.89
H14 ZEI PA . 23.35 -4.87 -16.15
N POV QA . 27.47 -16.92 -17.42
P POV QA . 30.43 -18.49 -15.01
C1 POV QA . 32.56 -16.96 -14.86
C2 POV QA . 33.90 -17.65 -14.91
C3 POV QA . 34.29 -18.30 -13.64
C210 POV QA . 41.94 -13.90 -14.02
C310 POV QA . 43.15 -18.75 -17.30
C11 POV QA . 29.22 -16.23 -15.69
O11 POV QA . 31.54 -17.70 -14.18
C211 POV QA . 43.28 -14.31 -14.53
C311 POV QA . 44.56 -19.17 -17.76
C12 POV QA . 28.82 -16.33 -17.13
O12 POV QA . 29.21 -17.48 -14.96
C212 POV QA . 43.97 -15.46 -13.80
C312 POV QA . 45.70 -18.30 -17.25
C13 POV QA . 26.46 -16.53 -16.40
O13 POV QA . 30.89 -18.70 -16.40
C213 POV QA . 45.30 -15.83 -14.45
C313 POV QA . 46.98 -18.43 -18.06
C14 POV QA . 27.02 -16.41 -18.75
O14 POV QA . 30.03 -19.65 -14.19
C214 POV QA . 46.51 -15.12 -13.84
C314 POV QA . 47.18 -17.39 -19.17
C15 POV QA . 27.57 -18.40 -17.48
C215 POV QA . 47.70 -14.87 -14.78
C315 POV QA . 45.98 -17.14 -20.05
C216 POV QA . 48.04 -16.01 -15.73
C316 POV QA . 46.28 -16.18 -21.15
C217 POV QA . 49.31 -15.81 -16.55
C218 POV QA . 50.57 -15.70 -15.72
C21 POV QA . 35.19 -16.28 -16.37
O21 POV QA . 34.91 -16.61 -15.12
C22 POV QA . 36.24 -15.23 -16.42
O22 POV QA . 34.66 -16.74 -17.33
C23 POV QA . 37.09 -15.32 -17.67
C24 POV QA . 38.08 -16.46 -17.64
C25 POV QA . 39.43 -16.15 -18.30
C26 POV QA . 40.64 -16.55 -17.49
C27 POV QA . 40.74 -15.93 -16.10
C28 POV QA . 40.62 -14.43 -16.07
C29 POV QA . 40.82 -13.89 -14.70
C31 POV QA . 35.57 -20.30 -14.34
O31 POV QA . 34.45 -19.73 -13.85
C32 POV QA . 36.73 -19.36 -14.57
O32 POV QA . 35.65 -21.46 -14.62
C33 POV QA . 38.02 -20.05 -14.96
C34 POV QA . 38.65 -20.85 -13.82
C35 POV QA . 40.19 -20.88 -13.85
C36 POV QA . 40.88 -19.74 -13.12
C37 POV QA . 41.53 -18.70 -14.02
C38 POV QA . 42.76 -19.17 -14.78
C39 POV QA . 42.51 -19.63 -16.22
H29 POV QA . 40.04 -13.49 -14.29
H1 POV QA . 32.68 -16.10 -14.41
H1A POV QA . 32.27 -16.81 -15.77
H2 POV QA . 33.93 -18.32 -15.62
H3 POV QA . 35.03 -17.82 -13.23
H3A POV QA . 33.55 -18.22 -13.03
H310 POV QA . 43.17 -17.83 -16.98
H31A POV QA . 42.57 -18.75 -18.08
H210 POV QA . 41.91 -13.62 -13.08
H11 POV QA . 30.15 -15.91 -15.67
H11A POV QA . 28.70 -15.54 -15.24
H211 POV QA . 43.20 -14.56 -15.47
H21A POV QA . 43.89 -13.54 -14.53
H311 POV QA . 44.73 -20.09 -17.48
H31B POV QA . 44.56 -19.17 -18.73
H12 POV QA . 29.46 -16.83 -17.66
H12A POV QA . 28.78 -15.42 -17.46
H22 POV QA . 35.79 -14.36 -16.38
H212 POV QA . 44.10 -15.22 -12.87
H22A POV QA . 36.81 -15.34 -15.63
H21B POV QA . 43.38 -16.24 -13.82
H32 POV QA . 36.46 -18.71 -15.26
H312 POV QA . 45.41 -17.36 -17.25
H32A POV QA . 36.91 -18.90 -13.72
H31C POV QA . 45.88 -18.52 -16.31
H13 POV QA . 26.57 -15.57 -16.24
H13A POV QA . 25.57 -16.71 -16.76
H13B POV QA . 26.60 -17.06 -15.59
H23 POV QA . 36.49 -15.44 -18.43
H213 POV QA . 45.44 -16.79 -14.40
H23A POV QA . 37.55 -14.47 -17.82
H21C POV QA . 45.25 -15.60 -15.40
H33 POV QA . 37.85 -20.66 -15.70
H313 POV QA . 47.76 -18.38 -17.46
H33A POV QA . 38.67 -19.40 -15.28
H31D POV QA . 47.02 -19.31 -18.47
H14 POV QA . 26.48 -15.62 -18.60
H14A POV QA . 27.80 -16.23 -19.30
H14B POV QA . 26.49 -17.12 -19.18
H24 POV QA . 38.19 -16.76 -16.73
H214 POV QA . 46.20 -14.25 -13.49
H24A POV QA . 37.67 -17.20 -18.11
H21D POV QA . 46.81 -15.62 -13.07
H34 POV QA . 38.34 -20.51 -12.95
H314 POV QA . 47.47 -16.54 -18.78
H34A POV QA . 38.31 -21.76 -13.87
H31E POV QA . 47.91 -17.67 -19.76
H15 POV QA . 28.00 -18.64 -18.32
H15A POV QA . 28.13 -18.71 -16.74
H15B POV QA . 26.68 -18.78 -17.41
H25 POV QA . 39.48 -16.64 -19.13
H215 POV QA . 47.55 -14.05 -15.29
H25A POV QA . 39.52 -15.21 -18.54
H21E POV QA . 48.49 -14.69 -14.23
H35 POV QA . 40.50 -21.73 -13.45
H315 POV QA . 45.68 -17.99 -20.44
H35A POV QA . 40.49 -20.90 -14.77
H31F POV QA . 45.23 -16.79 -19.53
H26 POV QA . 40.63 -17.53 -17.38
H216 POV QA . 48.10 -16.84 -15.24
H26A POV QA . 41.44 -16.33 -17.99
H21F POV QA . 47.30 -16.12 -16.37
H36 POV QA . 40.25 -19.29 -12.53
H316 POV QA . 45.54 -15.56 -21.26
H36A POV QA . 41.58 -20.10 -12.54
H31G POV QA . 47.10 -15.68 -20.95
H31H POV QA . 46.42 -16.65 -22.00
H27 POV QA . 40.06 -16.31 -15.52
H217 POV QA . 49.42 -16.54 -17.19
H27A POV QA . 41.60 -16.18 -15.72
H21G POV QA . 49.24 -14.99 -17.08
H37 POV QA . 40.85 -18.37 -14.65
H37A POV QA . 41.77 -17.93 -13.46
H28 POV QA . 41.24 -14.03 -16.70
H218 POV QA . 50.65 -14.83 -15.30
H28A POV QA . 39.71 -14.18 -16.36
H21H POV QA . 50.57 -16.37 -15.01
H21J POV QA . 51.36 -15.86 -16.28
H38 POV QA . 43.43 -18.45 -14.78
H38A POV QA . 43.17 -19.91 -14.28
H39 POV QA . 41.55 -19.65 -16.39
H39A POV QA . 42.81 -20.55 -16.32
N POV RA . 1.82 -7.51 -16.28
P POV RA . 4.81 -4.95 -18.36
C1 POV RA . 6.37 -6.63 -19.64
C2 POV RA . 7.37 -6.49 -20.77
C3 POV RA . 8.70 -7.10 -20.41
C210 POV RA . 12.00 1.75 -25.02
C310 POV RA . 11.92 -2.12 -28.96
C11 POV RA . 3.75 -5.78 -16.10
O11 POV RA . 6.23 -5.36 -18.98
C211 POV RA . 13.24 1.29 -25.66
C311 POV RA . 12.34 -1.24 -30.14
C12 POV RA . 3.29 -7.22 -16.00
O12 POV RA . 4.91 -5.70 -16.96
C212 POV RA . 13.93 2.35 -26.49
C312 POV RA . 12.99 0.08 -29.77
C13 POV RA . 1.52 -8.92 -15.89
O13 POV RA . 3.76 -5.60 -19.17
C213 POV RA . 13.09 2.85 -27.64
C313 POV RA . 14.47 -0.01 -29.43
C14 POV RA . 0.91 -6.59 -15.50
O14 POV RA . 4.76 -3.49 -18.12
C214 POV RA . 12.63 4.28 -27.52
C314 POV RA . 15.38 0.99 -30.15
C15 POV RA . 1.53 -7.36 -17.74
C215 POV RA . 11.21 4.49 -27.97
C315 POV RA . 15.26 1.07 -31.66
C216 POV RA . 10.89 4.02 -29.38
C316 POV RA . 14.96 -0.24 -32.33
C217 POV RA . 11.63 4.76 -30.48
C218 POV RA . 12.87 4.08 -30.97
C21 POV RA . 6.62 -4.47 -21.83
O21 POV RA . 7.53 -5.07 -21.05
C22 POV RA . 6.89 -3.01 -21.95
O22 POV RA . 5.70 -5.05 -22.34
C23 POV RA . 6.11 -2.29 -23.04
C24 POV RA . 6.89 -2.11 -24.34
C25 POV RA . 7.88 -0.97 -24.30
C26 POV RA . 8.89 -0.99 -25.44
C27 POV RA . 8.87 0.22 -26.38
C28 POV RA . 10.24 0.86 -26.59
C29 POV RA . 10.77 1.45 -25.34
C31 POV RA . 9.98 -7.44 -22.40
O31 POV RA . 9.70 -6.65 -21.35
C32 POV RA . 11.03 -6.82 -23.28
O32 POV RA . 9.46 -8.49 -22.61
C33 POV RA . 11.27 -5.33 -23.09
C34 POV RA . 12.43 -4.81 -23.93
C35 POV RA . 12.12 -4.69 -25.40
C36 POV RA . 11.48 -3.38 -25.77
C37 POV RA . 12.46 -2.23 -25.86
C38 POV RA . 13.52 -2.33 -26.94
C39 POV RA . 13.06 -2.89 -28.29
H29 POV RA . 10.08 1.58 -24.67
H1 POV RA . 5.50 -6.91 -19.98
H1A POV RA . 6.70 -7.29 -19.00
H2 POV RA . 7.05 -6.97 -21.56
H3 POV RA . 8.92 -6.82 -19.50
H3A POV RA . 8.63 -8.07 -20.40
H310 POV RA . 11.46 -1.56 -28.31
H31A POV RA . 11.26 -2.77 -29.27
H210 POV RA . 12.14 2.36 -24.27
H11 POV RA . 3.06 -5.23 -16.51
H11A POV RA . 3.92 -5.40 -15.22
H211 POV RA . 13.85 0.98 -24.96
H21A POV RA . 13.08 0.52 -26.23
H311 POV RA . 12.94 -1.76 -30.71
H31B POV RA . 11.55 -1.07 -30.69
H12 POV RA . 3.46 -7.55 -15.09
H12A POV RA . 3.80 -7.77 -16.63
H22 POV RA . 6.67 -2.62 -21.08
H212 POV RA . 14.21 3.09 -25.91
H22A POV RA . 7.85 -2.89 -22.10
H21B POV RA . 14.75 1.97 -26.86
H32 POV RA . 11.87 -7.29 -23.13
H312 POV RA . 12.83 0.73 -30.49
H32A POV RA . 10.76 -6.98 -24.20
H31C POV RA . 12.52 0.43 -28.99
H13 POV RA . 1.56 -8.98 -14.91
H13A POV RA . 0.61 -9.13 -16.21
H13B POV RA . 2.15 -9.53 -16.31
H23 POV RA . 5.28 -2.78 -23.24
H213 POV RA . 13.60 2.76 -28.46
H23A POV RA . 5.83 -1.42 -22.71
H21C POV RA . 12.30 2.28 -27.71
H33 POV RA . 10.45 -4.84 -23.33
H313 POV RA . 14.59 0.16 -28.48
H33A POV RA . 11.45 -5.14 -22.15
H31D POV RA . 14.80 -0.91 -29.60
H14 POV RA . 0.61 -5.87 -16.10
H14A POV RA . 0.13 -7.10 -15.19
H14B POV RA . 1.38 -6.23 -14.74
H24 POV RA . 7.36 -2.94 -24.55
H214 POV RA . 12.70 4.56 -26.59
H24A POV RA . 6.27 -1.94 -25.07
H21D POV RA . 13.23 4.86 -28.05
H34 POV RA . 12.71 -3.94 -23.59
H314 POV RA . 15.24 1.88 -29.78
H34A POV RA . 13.20 -5.40 -23.82
H31E POV RA . 16.30 0.74 -29.93
H15 POV RA . 0.57 -7.33 -17.90
H15A POV RA . 1.93 -6.52 -18.05
H15B POV RA . 1.95 -8.11 -18.22
H25 POV RA . 7.39 -0.12 -24.28
H215 POV RA . 10.64 4.02 -27.33
H25A POV RA . 8.36 -1.02 -23.46
H21E POV RA . 10.97 5.44 -27.90
H35 POV RA . 12.95 -4.80 -25.91
H315 POV RA . 14.56 1.71 -31.89
H35A POV RA . 11.52 -5.42 -25.67
H31F POV RA . 16.09 1.43 -32.03
H26 POV RA . 9.78 -1.10 -25.08
H216 POV RA . 11.06 3.06 -29.45
H26A POV RA . 8.72 -1.78 -25.99
H21F POV RA . 9.94 4.12 -29.55
H36 POV RA . 10.99 -3.47 -26.61
H316 POV RA . 15.45 -0.98 -31.89
H36A POV RA . 10.81 -3.17 -25.09
H31G POV RA . 14.01 -0.45 -32.29
H31H POV RA . 15.22 -0.23 -33.27
H27 POV RA . 8.51 -0.09 -27.25
H217 POV RA . 11.03 4.89 -31.23
H27A POV RA . 8.24 0.89 -26.06
H21G POV RA . 11.90 5.63 -30.16
H37 POV RA . 11.94 -1.41 -25.97
H37A POV RA . 12.93 -2.13 -25.00
H28 POV RA . 10.86 0.23 -27.00
H218 POV RA . 13.65 4.61 -30.74
H28A POV RA . 10.15 1.58 -27.25
H21H POV RA . 12.99 3.19 -30.61
H21J POV RA . 12.84 4.01 -31.95
H38 POV RA . 13.90 -1.45 -27.09
H38A POV RA . 14.25 -2.89 -26.61
H39 POV RA . 12.79 -3.82 -28.17
H39A POV RA . 13.83 -2.89 -28.88
C310 POV SA . 44.54 -7.24 -28.04
C311 POV SA . 43.44 -6.36 -28.54
C312 POV SA . 42.18 -6.47 -27.74
C313 POV SA . 42.22 -5.76 -26.38
C314 POV SA . 41.83 -6.60 -25.20
C315 POV SA . 41.11 -5.88 -24.09
C316 POV SA . 41.98 -4.92 -23.31
C34 POV SA . 49.39 -9.65 -30.07
C35 POV SA . 49.17 -9.07 -28.68
C36 POV SA . 47.74 -8.64 -28.41
C37 POV SA . 46.74 -9.74 -28.70
C38 POV SA . 45.41 -9.62 -27.96
C39 POV SA . 44.44 -8.64 -28.56
H310 POV SA . 45.41 -6.86 -28.30
H31A POV SA . 44.52 -7.25 -27.08
H311 POV SA . 43.74 -5.43 -28.53
H31B POV SA . 43.24 -6.61 -29.46
H312 POV SA . 41.47 -6.07 -28.28
H31C POV SA . 41.96 -7.42 -27.64
H313 POV SA . 43.14 -5.46 -26.22
H31D POV SA . 41.65 -4.97 -26.40
H34 POV SA . 48.77 -9.26 -30.70
H314 POV SA . 41.27 -7.35 -25.48
H34A POV SA . 49.21 -10.62 -30.04
H31E POV SA . 42.65 -6.97 -24.81
H35 POV SA . 49.44 -9.73 -28.02
H315 POV SA . 40.34 -5.40 -24.46
H35A POV SA . 49.77 -8.31 -28.56
H31F POV SA . 40.75 -6.53 -23.46
H36 POV SA . 47.65 -8.36 -27.49
H316 POV SA . 41.44 -4.39 -22.69
H36A POV SA . 47.52 -7.87 -28.97
H31G POV SA . 42.63 -5.41 -22.78
H31H POV SA . 42.44 -4.31 -23.90
H37 POV SA . 46.56 -9.73 -29.66
H37A POV SA . 47.15 -10.60 -28.52
H38 POV SA . 45.00 -10.51 -27.91
H38A POV SA . 45.59 -9.36 -27.03
H39 POV SA . 43.52 -8.95 -28.41
H39A POV SA . 44.57 -8.61 -29.53
N POV TA . 48.26 10.81 -14.26
P POV TA . 45.74 7.19 -11.82
C1 POV TA . 46.27 4.59 -11.77
C2 POV TA . 45.39 3.39 -11.55
C3 POV TA . 44.64 3.03 -12.79
C210 POV TA . 40.32 2.54 -7.58
C310 POV TA . 36.58 -1.83 -6.48
C11 POV TA . 46.59 9.05 -13.44
O11 POV TA . 45.43 5.67 -12.21
C211 POV TA . 39.68 1.78 -6.46
C311 POV TA . 35.74 -0.95 -7.36
C12 POV TA . 47.76 9.38 -14.34
O12 POV TA . 46.50 7.63 -13.14
C212 POV TA . 38.25 1.40 -6.72
C312 POV TA . 34.30 -0.92 -6.98
C13 POV TA . 48.99 11.15 -15.53
O13 POV TA . 44.45 7.92 -11.74
C213 POV TA . 37.28 1.73 -5.59
C313 POV TA . 33.55 -2.13 -7.49
C14 POV TA . 47.13 11.78 -14.08
O14 POV TA . 46.69 7.27 -10.70
C214 POV TA . 36.43 2.93 -5.90
C314 POV TA . 32.06 -1.91 -7.58
C15 POV TA . 49.21 10.94 -13.10
C215 POV TA . 35.18 2.58 -6.70
C315 POV TA . 31.38 -1.95 -6.24
C216 POV TA . 34.30 3.76 -7.06
C316 POV TA . 31.24 -3.28 -5.70
C217 POV TA . 34.06 4.72 -5.95
C218 POV TA . 33.48 4.13 -4.70
C21 POV TA . 44.71 3.94 -9.25
O21 POV TA . 44.39 3.74 -10.54
C22 POV TA . 45.94 3.19 -8.77
O22 POV TA . 44.05 4.64 -8.52
C23 POV TA . 46.42 3.58 -7.37
C24 POV TA . 46.61 2.45 -6.37
C25 POV TA . 45.43 1.52 -6.20
C26 POV TA . 44.10 2.22 -5.92
C27 POV TA . 42.93 1.32 -6.19
C28 POV TA . 42.51 1.31 -7.67
C29 POV TA . 41.54 2.38 -8.04
C31 POV TA . 42.76 1.62 -13.22
O31 POV TA . 43.84 1.87 -12.46
C32 POV TA . 42.04 0.41 -12.73
O32 POV TA . 42.43 2.30 -14.15
C33 POV TA . 41.93 0.40 -11.23
C34 POV TA . 40.59 -0.07 -10.74
C35 POV TA . 40.38 -1.55 -10.89
C36 POV TA . 40.55 -2.33 -9.62
C37 POV TA . 39.28 -2.86 -9.00
C38 POV TA . 38.61 -1.97 -8.01
C39 POV TA . 37.54 -2.70 -7.25
H29 POV TA . 41.86 3.03 -8.70
H1 POV TA . 46.73 4.87 -10.95
H1A POV TA . 46.94 4.41 -12.45
H2 POV TA . 45.91 2.58 -11.35
H3 POV TA . 44.07 3.79 -13.06
H3A POV TA . 45.26 2.78 -13.51
H310 POV TA . 37.06 -1.28 -5.83
H31A POV TA . 35.97 -2.41 -5.98
H210 POV TA . 39.75 3.22 -7.99
H11 POV TA . 46.73 9.49 -12.57
H11A POV TA . 45.75 9.38 -13.79
H211 POV TA . 40.16 0.94 -6.35
H21A POV TA . 39.77 2.26 -5.63
H311 POV TA . 36.05 -0.04 -7.35
H31B POV TA . 35.84 -1.27 -8.27
H12 POV TA . 47.51 9.24 -15.27
H12A POV TA . 48.51 8.80 -14.13
H22 POV TA . 45.73 2.24 -8.82
H212 POV TA . 37.93 1.80 -7.55
H22A POV TA . 46.73 3.36 -9.32
H21B POV TA . 38.23 0.44 -6.84
H32 POV TA . 41.16 0.41 -13.14
H312 POV TA . 34.25 -0.87 -6.01
H32A POV TA . 42.54 -0.37 -13.03
H31C POV TA . 33.92 -0.10 -7.32
H13 POV TA . 48.33 11.23 -16.24
H13A POV TA . 49.46 12.00 -15.40
H13B POV TA . 49.63 10.44 -15.75
H23 POV TA . 47.29 4.01 -7.48
H213 POV TA . 36.68 0.97 -5.45
H23A POV TA . 45.84 4.26 -6.97
H21C POV TA . 37.76 1.85 -4.75
H33 POV TA . 42.62 -0.18 -10.87
H313 POV TA . 33.87 -2.39 -8.37
H33A POV TA . 42.10 1.30 -10.88
H31D POV TA . 33.72 -2.88 -6.89
H14 POV TA . 46.85 11.78 -13.14
H14A POV TA . 47.44 12.68 -14.33
H14B POV TA . 46.38 11.51 -14.65
H24 POV TA . 47.40 1.93 -6.60
H214 POV TA . 36.19 3.35 -5.05
H24A POV TA . 46.80 2.85 -5.49
H21D POV TA . 36.95 3.59 -6.40
H34 POV TA . 40.46 0.19 -9.80
H314 POV TA . 31.69 -2.59 -8.18
H34A POV TA . 39.90 0.41 -11.24
H31E POV TA . 31.90 -1.05 -8.02
H15 POV TA . 50.14 10.83 -13.41
H15A POV TA . 49.13 11.84 -12.74
H15B POV TA . 48.97 10.28 -12.43
H25 POV TA . 45.62 0.92 -5.45
H215 POV TA . 35.44 2.15 -7.54
H25A POV TA . 45.35 0.96 -6.99
H21E POV TA . 34.65 1.93 -6.21
H35 POV TA . 39.52 -1.74 -11.29
H315 POV TA . 31.89 -1.42 -5.60
H35A POV TA . 41.04 -1.88 -11.53
H31F POV TA . 30.50 -1.54 -6.30
H26 POV TA . 44.06 2.52 -5.00
H216 POV TA . 33.43 3.43 -7.37
H26A POV TA . 43.96 3.00 -6.49
H21F POV TA . 34.70 4.24 -7.80
H36 POV TA . 41.10 -3.11 -9.85
H316 POV TA . 30.52 -3.30 -5.04
H36A POV TA . 41.04 -1.81 -8.96
H31G POV TA . 31.03 -3.89 -6.42
H31H POV TA . 32.07 -3.56 -5.27
H27 POV TA . 43.17 0.40 -5.92
H217 POV TA . 34.89 5.14 -5.69
H27A POV TA . 42.21 1.61 -5.61
H21G POV TA . 33.47 5.43 -6.29
H37 POV TA . 38.63 -3.07 -9.70
H37A POV TA . 39.47 -3.69 -8.53
H28 POV TA . 43.31 1.38 -8.23
H218 POV TA . 33.70 4.71 -3.94
H28A POV TA . 42.08 0.46 -7.89
H21H POV TA . 32.51 4.09 -4.77
H21J POV TA . 33.81 3.25 -4.50
H38 POV TA . 39.28 -1.62 -7.39
H38A POV TA . 38.22 -1.21 -8.48
H39 POV TA . 37.96 -3.32 -6.64
H39A POV TA . 37.03 -3.23 -7.90
N POV UA . 48.93 5.90 -19.30
P POV UA . 52.38 5.28 -16.31
C1 POV UA . 52.24 2.95 -15.06
C2 POV UA . 52.98 2.11 -16.06
C3 POV UA . 52.04 1.44 -17.02
C210 POV UA . 50.13 -4.89 -12.39
C310 POV UA . 48.87 -9.46 -16.26
C11 POV UA . 51.47 5.75 -18.76
O11 POV UA . 51.57 4.03 -15.75
C211 POV UA . 48.88 -5.25 -11.64
C311 POV UA . 50.07 -8.97 -15.45
C12 POV UA . 50.04 5.77 -18.26
O12 POV UA . 52.28 4.95 -17.87
C212 POV UA . 48.84 -6.69 -11.14
C312 POV UA . 50.59 -9.99 -14.44
C13 POV UA . 48.98 7.23 -19.98
O13 POV UA . 51.65 6.53 -15.99
C213 POV UA . 47.83 -7.58 -11.84
C313 POV UA . 49.55 -10.48 -13.44
C14 POV UA . 49.01 4.82 -20.33
O14 POV UA . 53.79 5.13 -15.88
C214 POV UA . 47.43 -8.81 -11.03
C314 POV UA . 49.23 -11.97 -13.57
C15 POV UA . 47.61 5.78 -18.58
C215 POV UA . 46.04 -9.34 -11.32
C315 POV UA . 48.81 -12.64 -12.27
C216 POV UA . 44.89 -8.39 -10.99
C316 POV UA . 47.39 -12.34 -11.83
C217 POV UA . 44.91 -7.90 -9.57
C218 POV UA . 45.51 -6.54 -9.45
C21 POV UA . 55.01 0.86 -15.63
O21 POV UA . 53.71 1.08 -15.33
C22 POV UA . 55.58 -0.24 -14.80
O22 POV UA . 55.62 1.48 -16.47
C23 POV UA . 55.91 -1.48 -15.63
C24 POV UA . 56.17 -2.74 -14.79
C25 POV UA . 54.99 -3.21 -13.95
C26 POV UA . 53.72 -3.51 -14.72
C27 POV UA . 52.58 -3.92 -13.82
C28 POV UA . 51.93 -5.28 -14.15
C29 POV UA . 50.72 -5.62 -13.32
C31 POV UA . 51.12 -0.70 -17.40
O31 POV UA . 51.89 0.06 -16.62
C32 POV UA . 51.05 -2.10 -16.88
O32 POV UA . 50.57 -0.30 -18.40
C33 POV UA . 49.89 -2.92 -17.40
C34 POV UA . 48.82 -3.16 -16.37
C35 POV UA . 47.75 -4.12 -16.81
C36 POV UA . 47.19 -4.92 -15.68
C37 POV UA . 47.90 -6.23 -15.46
C38 POV UA . 47.54 -7.30 -16.47
C39 POV UA . 47.59 -8.72 -15.94
H29 POV UA . 50.34 -6.51 -13.49
H1 POV UA . 52.84 3.32 -14.39
H1A POV UA . 51.59 2.37 -14.62
H2 POV UA . 53.57 2.68 -16.60
H3 POV UA . 51.18 1.89 -17.00
H3A POV UA . 52.41 1.47 -17.93
H310 POV UA . 49.04 -9.36 -17.20
H31A POV UA . 48.72 -10.42 -16.09
H210 POV UA . 50.51 -4.03 -12.13
H11 POV UA . 51.56 5.36 -19.65
H11A POV UA . 51.83 6.66 -18.85
H211 POV UA . 48.82 -4.64 -10.88
H21A POV UA . 48.08 -5.05 -12.17
H311 POV UA . 50.79 -8.72 -16.05
H31B POV UA . 49.81 -8.17 -14.97
H12 POV UA . 49.94 6.53 -17.65
H12A POV UA . 49.86 4.94 -17.76
H22 POV UA . 56.40 0.09 -14.37
H212 POV UA . 49.73 -7.10 -11.23
H22A POV UA . 54.94 -0.46 -14.10
H21B POV UA . 48.66 -6.68 -10.17
H32 POV UA . 51.89 -2.55 -17.10
H312 POV UA . 51.00 -10.72 -14.92
H32A POV UA . 50.98 -2.03 -15.91
H31C POV UA . 51.31 -9.55 -13.93
H13 POV UA . 48.30 7.25 -20.67
H13A POV UA . 48.80 7.91 -19.30
H13B POV UA . 49.87 7.38 -20.38
H23 POV UA . 55.20 -1.65 -16.26
H213 POV UA . 47.04 -7.06 -12.07
H23A POV UA . 56.71 -1.29 -16.17
H21C POV UA . 48.21 -7.88 -12.70
H33 POV UA . 49.48 -2.48 -18.17
H313 POV UA . 49.87 -10.30 -12.54
H33A POV UA . 50.23 -3.78 -17.73
H31D POV UA . 48.72 -9.99 -13.55
H14 POV UA . 49.66 5.10 -21.02
H14A POV UA . 49.32 4.00 -19.90
H14B POV UA . 48.13 4.71 -20.74
H24 POV UA . 56.44 -3.46 -15.39
H214 POV UA . 47.49 -8.60 -10.08
H24A POV UA . 56.93 -2.58 -14.20
H21D POV UA . 48.06 -9.53 -11.19
H34 POV UA . 48.41 -2.30 -16.14
H314 POV UA . 49.99 -12.47 -13.94
H34A POV UA . 49.23 -3.49 -15.55
H31E POV UA . 48.51 -12.07 -14.24
H15 POV UA . 46.90 6.25 -19.09
H15A POV UA . 47.35 4.84 -18.54
H15B POV UA . 47.69 6.14 -17.67
H25 POV UA . 55.24 -4.04 -13.48
H215 POV UA . 45.98 -9.59 -12.27
H25A POV UA . 54.79 -2.57 -13.24
H21E POV UA . 45.90 -10.16 -10.81
H35 POV UA . 47.02 -3.63 -17.24
H315 POV UA . 48.94 -13.60 -12.32
H35A POV UA . 48.11 -4.73 -17.47
H31F POV UA . 49.41 -12.33 -11.55
H26 POV UA . 53.43 -2.72 -15.22
H216 POV UA . 44.04 -8.85 -11.15
H26A POV UA . 53.89 -4.22 -15.37
H21F POV UA . 44.90 -7.63 -11.59
H36 POV UA . 47.25 -4.40 -14.85
H316 POV UA . 46.89 -11.89 -12.54
H36A POV UA . 46.24 -5.10 -15.84
H31G POV UA . 46.91 -13.17 -11.62
H31H POV UA . 47.40 -11.79 -11.03
H27 POV UA . 52.90 -3.95 -12.90
H217 POV UA . 45.42 -8.50 -9.00
H27A POV UA . 51.89 -3.22 -13.84
H21G POV UA . 44.00 -7.88 -9.20
H37 POV UA . 48.86 -6.06 -15.54
H37A POV UA . 47.74 -6.53 -14.55
H28 POV UA . 52.62 -5.99 -14.11
H218 POV UA . 45.59 -6.27 -8.52
H28A POV UA . 51.65 -5.26 -15.08
H21H POV UA . 44.95 -5.88 -9.93
H21J POV UA . 46.39 -6.50 -9.83
H38 POV UA . 46.65 -7.12 -16.82
H38A POV UA . 48.15 -7.23 -17.23
H39 POV UA . 46.85 -9.24 -16.30
H39A POV UA . 47.46 -8.72 -14.97
N POV VA . 24.55 -15.92 2.45
P POV VA . 22.51 -11.70 1.90
C1 POV VA . 24.65 -11.41 3.41
C2 POV VA . 25.89 -10.57 3.32
C3 POV VA . 25.67 -9.38 2.45
C210 POV VA . 31.54 -10.71 -1.32
C310 POV VA . 30.72 -6.60 -7.20
C11 POV VA . 22.52 -14.33 2.17
O11 POV VA . 24.09 -11.57 2.08
C211 POV VA . 31.26 -9.24 -1.41
C311 POV VA . 31.91 -6.47 -6.26
C12 POV VA . 23.94 -14.55 2.65
O12 POV VA . 22.47 -13.17 1.29
C212 POV VA . 31.61 -8.61 -2.77
C312 POV VA . 33.09 -5.70 -6.81
C13 POV VA . 24.47 -16.36 1.02
O13 POV VA . 21.81 -11.69 3.21
C213 POV VA . 33.08 -8.26 -3.01
C313 POV VA . 34.15 -6.59 -7.42
C14 POV VA . 26.00 -15.82 2.84
O14 POV VA . 22.10 -10.73 0.85
C214 POV VA . 34.06 -9.34 -2.56
C314 POV VA . 35.44 -5.85 -7.78
C15 POV VA . 23.88 -16.94 3.32
C215 POV VA . 35.46 -9.25 -3.14
C315 POV VA . 36.50 -5.79 -6.75
C216 POV VA . 35.58 -9.86 -4.52
C316 POV VA . 36.96 -7.09 -6.18
C217 POV VA . 35.81 -11.36 -4.64
C218 POV VA . 35.34 -12.27 -3.55
C21 POV VA . 28.24 -11.03 3.09
O21 POV VA . 26.99 -11.39 2.77
C22 POV VA . 29.24 -11.94 2.43
O22 POV VA . 28.53 -10.10 3.78
C23 POV VA . 29.26 -13.36 2.99
C24 POV VA . 30.57 -14.13 2.74
C25 POV VA . 30.85 -14.54 1.30
C26 POV VA . 31.24 -13.39 0.40
C27 POV VA . 32.06 -13.74 -0.83
C28 POV VA . 31.56 -13.13 -2.14
C29 POV VA . 31.22 -11.65 -2.18
C31 POV VA . 26.92 -9.51 0.41
O31 POV VA . 25.77 -9.72 1.05
C32 POV VA . 26.81 -9.88 -1.03
O32 POV VA . 27.92 -9.10 0.94
C33 POV VA . 27.24 -8.74 -1.94
C34 POV VA . 28.11 -9.16 -3.10
C35 POV VA . 27.40 -9.93 -4.18
C36 POV VA . 28.05 -9.85 -5.55
C37 POV VA . 27.55 -8.64 -6.30
C38 POV VA . 28.49 -7.90 -7.25
C39 POV VA . 29.95 -7.85 -6.89
H29 POV VA . 30.69 -11.38 -2.95
H1 POV VA . 23.97 -10.98 3.97
H1A POV VA . 24.89 -12.27 3.79
H2 POV VA . 26.12 -10.24 4.21
H3 POV VA . 24.78 -9.03 2.64
H3A POV VA . 26.32 -8.68 2.67
H310 POV VA . 30.12 -5.83 -7.10
H31A POV VA . 31.03 -6.60 -8.13
H210 POV VA . 32.04 -10.97 -0.51
H11 POV VA . 22.19 -15.10 1.65
H11A POV VA . 21.92 -14.23 2.92
H211 POV VA . 30.31 -9.09 -1.21
H21A POV VA . 31.74 -8.75 -0.72
H311 POV VA . 31.62 -6.04 -5.44
H31B POV VA . 32.22 -7.36 -6.01
H12 POV VA . 23.98 -14.38 3.61
H12A POV VA . 24.55 -13.93 2.20
H22 POV VA . 28.98 -11.96 1.48
H212 POV VA . 31.31 -9.19 -3.50
H22A POV VA . 30.12 -11.54 2.50
H21B POV VA . 31.09 -7.78 -2.87
H32 POV VA . 27.36 -10.67 -1.20
H312 POV VA . 32.75 -5.08 -7.48
H32A POV VA . 25.88 -10.08 -1.20
H31C POV VA . 33.48 -5.19 -6.08
H13 POV VA . 25.26 -16.90 0.80
H13A POV VA . 23.65 -16.90 0.91
H13B POV VA . 24.43 -15.57 0.45
H23 POV VA . 29.15 -13.30 3.96
H213 POV VA . 33.21 -8.07 -3.96
H23A POV VA . 28.49 -13.87 2.66
H21C POV VA . 33.27 -7.43 -2.53
H33 POV VA . 26.44 -8.31 -2.31
H313 POV VA . 34.34 -7.32 -6.80
H33A POV VA . 27.69 -8.06 -1.41
H31D POV VA . 33.78 -6.99 -8.24
H14 POV VA . 26.07 -15.28 3.65
H14A POV VA . 26.34 -16.72 3.01
H14B POV VA . 26.49 -15.40 2.10
H24 POV VA . 31.31 -13.57 3.05
H214 POV VA . 33.69 -10.20 -2.85
H24A POV VA . 30.58 -14.93 3.29
H21D POV VA . 34.09 -9.35 -1.59
H34 POV VA . 28.83 -9.73 -2.76
H314 POV VA . 35.21 -4.93 -8.01
H34A POV VA . 28.54 -8.37 -3.48
H31E POV VA . 35.83 -6.24 -8.60
H15 POV VA . 24.17 -17.84 3.08
H15A POV VA . 24.16 -16.77 4.25
H15B POV VA . 22.91 -16.84 3.25
H25 POV VA . 31.59 -15.19 1.31
H215 POV VA . 35.71 -8.30 -3.18
H25A POV VA . 30.07 -15.00 0.95
H21E POV VA . 36.08 -9.68 -2.53
H35 POV VA . 27.40 -10.86 -3.93
H315 POV VA . 37.29 -5.40 -7.17
H35A POV VA . 26.47 -9.64 -4.21
H31F POV VA . 36.22 -5.20 -6.02
H26 POV VA . 30.42 -12.94 0.10
H216 POV VA . 36.36 -9.45 -4.93
H26A POV VA . 31.74 -12.74 0.91
H21F POV VA . 34.79 -9.61 -5.05
H36 POV VA . 29.02 -9.90 -5.43
H316 POV VA . 36.62 -7.83 -6.72
H36A POV VA . 27.82 -10.63 -6.07
H31G POV VA . 37.93 -7.15 -6.16
H31H POV VA . 36.63 -7.19 -5.26
H27 POV VA . 32.98 -13.45 -0.69
H217 POV VA . 36.77 -11.51 -4.74
H27A POV VA . 32.09 -14.71 -0.92
H21G POV VA . 35.39 -11.68 -5.47
H37 POV VA . 26.83 -8.96 -6.86
H37A POV VA . 27.11 -8.06 -5.66
H28 POV VA . 30.81 -13.68 -2.46
H218 POV VA . 34.38 -12.26 -3.46
H28A POV VA . 32.27 -13.29 -2.80
H21H POV VA . 35.74 -12.01 -2.70
H21J POV VA . 35.64 -13.19 -3.74
H38 POV VA . 28.44 -8.41 -8.07
H38A POV VA . 28.15 -7.01 -7.47
H39 POV VA . 30.32 -8.50 -7.48
H39A POV VA . 30.12 -8.09 -5.96
N POV WA . 53.19 6.87 -12.26
P POV WA . 53.14 7.47 -7.85
C1 POV WA . 51.17 5.76 -7.50
C2 POV WA . 49.67 5.92 -7.67
C3 POV WA . 49.22 5.69 -9.11
C210 POV WA . 39.55 5.33 -3.06
C310 POV WA . 46.26 -2.57 -8.61
C11 POV WA . 54.28 6.34 -9.98
O11 POV WA . 51.86 6.68 -8.37
C211 POV WA . 39.42 3.87 -3.26
C311 POV WA . 44.86 -2.06 -8.74
C12 POV WA . 54.46 6.75 -11.42
O12 POV WA . 54.01 7.53 -9.19
C212 POV WA . 39.18 3.17 -1.95
C312 POV WA . 43.85 -3.17 -8.73
C13 POV WA . 52.16 7.67 -11.49
O13 POV WA . 53.84 6.69 -6.81
C213 POV WA . 37.78 2.64 -1.78
C313 POV WA . 42.97 -3.18 -7.50
C14 POV WA . 53.51 7.60 -13.53
O14 POV WA . 52.71 8.86 -7.55
C214 POV WA . 36.70 3.71 -1.78
C314 POV WA . 43.68 -3.58 -6.24
C15 POV WA . 52.63 5.52 -12.58
C215 POV WA . 35.31 3.14 -1.92
C315 POV WA . 44.24 -5.00 -6.22
C216 POV WA . 34.97 2.06 -0.91
C316 POV WA . 43.27 -6.06 -6.69
C217 POV WA . 33.48 1.93 -0.62
C218 POV WA . 33.08 2.57 0.65
C21 POV WA . 48.25 7.66 -6.60
O21 POV WA . 49.39 7.30 -7.27
C22 POV WA . 47.11 6.69 -6.77
O22 POV WA . 48.17 8.66 -5.94
C23 POV WA . 45.76 7.23 -6.30
C24 POV WA . 45.43 6.87 -4.85
C25 POV WA . 44.92 5.46 -4.66
C26 POV WA . 44.21 5.24 -3.34
C27 POV WA . 42.73 4.95 -3.49
C28 POV WA . 41.89 5.23 -2.26
C29 POV WA . 40.62 5.92 -2.64
C31 POV WA . 50.00 3.50 -9.61
O31 POV WA . 50.15 4.81 -9.80
C32 POV WA . 51.03 2.73 -10.39
O32 POV WA . 49.18 3.01 -8.89
C33 POV WA . 50.57 2.40 -11.81
C34 POV WA . 50.68 0.93 -12.17
C35 POV WA . 49.78 0.00 -11.36
C36 POV WA . 48.30 0.25 -11.52
C37 POV WA . 47.45 -0.72 -10.75
C38 POV WA . 47.26 -0.32 -9.30
C39 POV WA . 47.29 -1.49 -8.33
H29 POV WA . 40.62 6.89 -2.56
H1 POV WA . 51.48 4.86 -7.71
H1A POV WA . 51.39 5.96 -6.57
H2 POV WA . 49.27 5.21 -7.12
H3 POV WA . 48.33 5.30 -9.14
H3A POV WA . 49.21 6.54 -9.59
H310 POV WA . 46.30 -3.22 -7.88
H31A POV WA . 46.52 -3.05 -9.42
H210 POV WA . 38.76 5.86 -3.27
H11 POV WA . 53.51 5.74 -9.91
H11A POV WA . 55.05 5.84 -9.65
H211 POV WA . 38.66 3.74 -3.86
H21A POV WA . 40.19 3.48 -3.71
H311 POV WA . 44.67 -1.45 -8.00
H31B POV WA . 44.77 -1.55 -9.56
H12 POV WA . 55.05 6.12 -11.89
H12A POV WA . 54.88 7.63 -11.44
H22 POV WA . 47.00 6.44 -7.70
H212 POV WA . 39.82 2.43 -1.86
H22A POV WA . 47.31 5.91 -6.21
H21B POV WA . 39.36 3.79 -1.22
H32 POV WA . 51.83 3.27 -10.43
H312 POV WA . 43.31 -3.09 -9.54
H32A POV WA . 51.23 1.91 -9.89
H31C POV WA . 44.33 -4.02 -8.80
H13 POV WA . 51.76 7.13 -10.80
H13A POV WA . 52.62 8.44 -11.09
H13B POV WA . 51.47 7.99 -12.10
H23 POV WA . 45.74 8.20 -6.40
H213 POV WA . 37.58 1.97 -2.46
H23A POV WA . 45.05 6.89 -6.88
H21C POV WA . 37.75 2.17 -0.91
H33 POV WA . 49.66 2.71 -11.94
H313 POV WA . 42.61 -2.28 -7.36
H33A POV WA . 51.12 2.91 -12.44
H31D POV WA . 42.19 -3.76 -7.65
H14 POV WA . 54.14 7.06 -14.04
H14A POV WA . 52.69 7.71 -14.05
H14B POV WA . 53.89 8.47 -13.32
H24 POV WA . 46.24 6.99 -4.31
H214 POV WA . 36.86 4.35 -2.51
H24A POV WA . 44.77 7.51 -4.52
H21D POV WA . 36.77 4.22 -0.95
H34 POV WA . 51.60 0.64 -12.07
H314 POV WA . 43.06 -3.47 -5.49
H34A POV WA . 50.47 0.82 -13.12
H31E POV WA . 44.41 -2.96 -6.10
H15 POV WA . 53.34 4.88 -12.75
H15A POV WA . 52.11 5.18 -11.82
H15B POV WA . 52.04 5.60 -13.36
H25 POV WA . 44.32 5.21 -5.40
H215 POV WA . 34.64 3.86 -1.88
H25A POV WA . 45.68 4.83 -4.71
H21E POV WA . 35.23 2.74 -2.82
H35 POV WA . 49.96 -0.93 -11.60
H315 POV WA . 44.54 -5.23 -5.32
H35A POV WA . 50.00 0.07 -10.40
H31F POV WA . 45.05 -5.01 -6.78
H26 POV WA . 44.63 4.50 -2.86
H216 POV WA . 35.46 2.25 -0.08
H26A POV WA . 44.33 6.05 -2.79
H21F POV WA . 35.31 1.21 -1.24
H36 POV WA . 48.08 1.16 -11.22
H316 POV WA . 42.39 -5.92 -6.27
H36A POV WA . 48.05 0.20 -12.46
H31G POV WA . 43.16 -6.04 -7.66
H31H POV WA . 43.58 -6.96 -6.45
H27 POV WA . 42.62 4.01 -3.73
H217 POV WA . 33.23 0.98 -0.57
H27A POV WA . 42.36 5.48 -4.23
H21G POV WA . 32.95 2.32 -1.35
H37 POV WA . 46.57 -0.77 -11.17
H37A POV WA . 47.84 -1.61 -10.79
H28 POV WA . 41.72 4.40 -1.77
H218 POV WA . 33.17 3.54 0.57
H28A POV WA . 42.37 5.80 -1.64
H21H POV WA . 33.63 2.26 1.39
H21J POV WA . 32.14 2.37 0.86
H38 POV WA . 47.94 0.33 -9.05
H38A POV WA . 46.40 0.14 -9.21
H39 POV WA . 47.14 -1.13 -7.42
H39A POV WA . 48.18 -1.88 -8.34
C13 DU0 XA . 28.10 -6.75 -31.29
C15 DU0 XA . 28.25 -2.97 -32.09
C17 DU0 XA . 32.27 -0.97 -37.21
C20 DU0 XA . 33.71 0.05 -39.48
C21 DU0 XA . 34.25 0.64 -40.78
C22 DU0 XA . 35.35 1.65 -40.51
C24 DU0 XA . 37.15 2.60 -41.83
C26 DU0 XA . 39.26 1.78 -43.01
C01 DU0 XA . 30.08 -0.23 -35.16
C02 DU0 XA . 31.49 -0.73 -34.76
C03 DU0 XA . 32.10 -1.63 -35.83
C04 DU0 XA . 31.31 -2.94 -35.71
C05 DU0 XA . 31.16 -3.08 -34.21
C06 DU0 XA . 31.46 -1.72 -33.57
C07 DU0 XA . 30.39 -1.59 -32.45
C08 DU0 XA . 30.96 -1.19 -31.10
C09 DU0 XA . 29.71 -2.96 -32.49
C11 DU0 XA . 29.99 -5.18 -31.68
C12 DU0 XA . 28.56 -5.31 -31.23
C14 DU0 XA . 27.70 -4.39 -32.06
C18 DU0 XA . 32.93 -1.94 -38.19
C19 DU0 XA . 33.56 -1.25 -39.36
C25 DU0 XA . 37.83 1.47 -42.56
C27 DU0 XA . 40.07 0.50 -43.15
C51 DU0 XA . 39.27 2.55 -44.34
C75 DU0 XA . 34.88 2.71 -39.55
C76 DU0 XA . 34.46 2.07 -38.24
C77 DU0 XA . 33.33 1.05 -38.40
C78 DU0 XA . 32.04 1.78 -38.83
C79 DU0 XA . 33.13 0.29 -37.06
C80 DU0 XA . 32.65 1.19 -35.91
C81 DU0 XA . 32.44 0.46 -34.59
O10 DU0 XA . 30.45 -3.83 -31.64
O16 DU0 XA . 29.81 -3.38 -33.82
O23 DU0 XA . 35.76 2.28 -41.72
O28 DU0 XA . 39.37 -0.47 -43.91
O52 DU0 XA . 38.99 1.69 -45.44
H1 DU0 XA . 27.17 -6.79 -31.57
H2 DU0 XA . 28.17 -7.13 -30.41
H3 DU0 XA . 28.66 -7.25 -31.90
H4 DU0 XA . 28.13 -2.58 -31.20
H5 DU0 XA . 27.72 -2.44 -32.72
H6 DU0 XA . 31.41 -0.73 -37.57
H7 DU0 XA . 34.59 -0.07 -41.35
H8 DU0 XA . 33.53 1.07 -41.28
H9 DU0 XA . 36.11 1.19 -40.10
H10 DU0 XA . 37.54 2.71 -40.93
H11 DU0 XA . 37.26 3.43 -42.31
H12 DU0 XA . 39.68 2.34 -42.34
H13 DU0 XA . 29.44 -0.97 -35.21
H14 DU0 XA . 29.78 0.41 -34.49
H15 DU0 XA . 30.05 0.22 -36.01
H16 DU0 XA . 33.01 -1.85 -35.55
H17 DU0 XA . 30.45 -2.89 -36.17
H18 DU0 XA . 31.80 -3.70 -36.10
H19 DU0 XA . 31.75 -3.77 -33.85
H20 DU0 XA . 32.34 -1.75 -33.17
H21 DU0 XA . 29.70 -0.94 -32.63
H22 DU0 XA . 30.26 -1.18 -30.44
H23 DU0 XA . 31.67 -1.80 -30.84
H24 DU0 XA . 31.35 -0.30 -31.12
H25 DU0 XA . 30.57 -5.71 -31.10
H26 DU0 XA . 30.11 -5.53 -32.59
H27 DU0 XA . 28.47 -5.05 -30.30
H28 DU0 XA . 26.77 -4.39 -31.75
H29 DU0 XA . 27.69 -4.72 -32.99
H30 DU0 XA . 33.62 -2.46 -37.75
H31 DU0 XA . 32.25 -2.56 -38.51
H32 DU0 XA . 33.87 -1.83 -40.08
H33 DU0 XA . 37.83 0.67 -41.99
H34 DU0 XA . 37.29 1.25 -43.34
H35 DU0 XA . 40.91 0.66 -43.62
H36 DU0 XA . 40.31 0.12 -42.29
H37 DU0 XA . 38.60 3.25 -44.33
H38 DU0 XA . 40.15 2.95 -44.49
H39 DU0 XA . 35.60 3.36 -39.39
H40 DU0 XA . 34.14 3.22 -39.95
H41 DU0 XA . 35.25 1.62 -37.86
H42 DU0 XA . 34.19 2.78 -37.62
H43 DU0 XA . 31.27 1.18 -38.82
H44 DU0 XA . 31.86 2.54 -38.25
H45 DU0 XA . 32.11 2.14 -39.73
H46 DU0 XA . 34.01 -0.03 -36.77
H47 DU0 XA . 33.29 1.90 -35.72
H48 DU0 XA . 31.82 1.66 -36.12
H49 DU0 XA . 32.09 1.08 -33.93
H50 DU0 XA . 33.31 0.15 -34.27
H51 DU0 XA . 39.10 -1.06 -43.34
H52 DU0 XA . 38.48 1.08 -45.17
#